data_9JMP
#
_entry.id   9JMP
#
_cell.length_a   1.00
_cell.length_b   1.00
_cell.length_c   1.00
_cell.angle_alpha   90.00
_cell.angle_beta   90.00
_cell.angle_gamma   90.00
#
_symmetry.space_group_name_H-M   'P 1'
#
loop_
_entity.id
_entity.type
_entity.pdbx_description
1 polymer 'Spike glycoprotein,Fibritin'
2 branched 2-acetamido-2-deoxy-beta-D-glucopyranose-(1-4)-2-acetamido-2-deoxy-beta-D-glucopyranose
3 branched beta-D-mannopyranose-(1-4)-2-acetamido-2-deoxy-beta-D-glucopyranose-(1-4)-2-acetamido-2-deoxy-beta-D-glucopyranose
4 non-polymer 2-acetamido-2-deoxy-beta-D-glucopyranose
5 non-polymer 'LINOLEIC ACID'
#
_entity_poly.entity_id   1
_entity_poly.type   'polypeptide(L)'
_entity_poly.pdbx_seq_one_letter_code
;MRLSVCLLMFLLTPIKGDVDSGPPSSATSCKEADMRNSSSEFFNKQWPMPINASKADGIIYPTGKSYSNISLTLQGLFPK
HGDLGEQYIYSVGHSDSNYDYLGKLFVSDYATKVVPFNNGFVVRIGAAANATGSVIISTVQKTIKKIYPAFMLGSSVGNF
SNGVSGRYFNHTLLLLPDGCGTRLWALYCVIEPRNGSYCPGNSNYNTFAVFDTPHTDCTSAGYNTNATLNSFKEYFDLQN
CSFIYSFNITEDENAEWFGITQNTQGVHLYSSRKGDLYGSNMFLFATLPVYDGIKYYTVIPRSIRSKYSERQAWAAFYIY
SLHKLTYLLDFSVDGYIRRAVDCGHDDLSQLYCSYESFDVGSGVYSVSSFEVHSRGQFIEQPNSVECDFTKLLSGTPPQV
YNFNRLVFTNCNYNLTKLLSLFMVNEFSCDGISPDAIARGCYSSLTVDYFAYPLSMKSYMQPGSAGVISQYNYKQSFANP
TCRIFATAPANLTITKPSSYSFISKCSRLTGDNSHIETPIVINPGEYSICKNFAPNGFSQDGDYFTRQLSQLEGGGILVG
VGSVTPMTDTLQMGFIISVQYGTDTNSVCPMMDLGNSTTITDKLGVCVEYNLYGVSGRGVFINCTAVGVKQQRFVYDGFD
NLIGYYSDDGNYYCVRPCVSVPLSVVYDKTTNSHATIFGSVACEHITTMLHQFSRTTQASLRMRDVSNSGPLQTAVGCVI
GLVNSSMVVDNCQLPLGQSLCAVPSTTRSSSQLQLATINYTQPQLLSPLNSSGFVVQVPTNFSFGITQEYIQTTIQKVTV
DCKQYVCNGFQKCEQLLREYGQFCAKINQALHGANLMQDESVANLFSDIKTHKSQPLNAGLNGDFNLTLLQVPQVSTSQY
SHRSPIEDLLFNKVTIADPGYMQGYDDCMKQGPPSARDLICAQYVAGYKVLPPLYDPNMEGAYTSSLLGSIAGAGWTAGL
SPFAAIPFPQSIFYRMNGIGITQQVLSENQKLIANKFNQALGAMQTGFTTTPLAFSKVQDAVNANAQALSKLASELSNTF
GAISSSISDILKRLDPPEQEAQIDRLINGRLTSLNAFVAQQLVRSETAARSAQLASDKVNECVKSQSKRNGFCGSGTHIV
SFVINAPNGFYFFHVGYVPTNHVNVTAAYGLCNTDTPPRCIAPIDGYFVLNNTTTRDVVDQWYYTGSSFFNPEPITMANA
RYVSQDVKFENLTNQLPPPLLNNQTDLDFKEELEEFFKNVSSQGPNFQEISKINTTLLDLSTEMKVLNEVVKQLNESYID
LKELGNYSYYQKWPGSGYIPEAPRDGQAYVRKDGEWVLLSTFLLEVLFQGPGHHHHHHHHSAWSHPQFEKGGGSGGGGSG
GSAWSHPQFEKSA
;
_entity_poly.pdbx_strand_id   A,B,C
#
# COMPACT_ATOMS: atom_id res chain seq x y z
N ASP A 18 14.45 48.99 -20.97
CA ASP A 18 13.64 49.09 -22.18
C ASP A 18 14.52 49.25 -23.41
N VAL A 19 14.16 48.52 -24.47
CA VAL A 19 14.91 48.57 -25.72
C VAL A 19 14.42 49.77 -26.54
N ASP A 20 15.18 50.13 -27.58
CA ASP A 20 14.85 51.25 -28.45
C ASP A 20 14.14 50.74 -29.69
N SER A 21 13.00 51.35 -30.01
CA SER A 21 12.17 50.92 -31.13
C SER A 21 12.36 51.80 -32.36
N GLY A 22 13.43 52.59 -32.41
CA GLY A 22 13.67 53.49 -33.51
C GLY A 22 12.89 54.78 -33.36
N PRO A 23 12.94 55.63 -34.39
CA PRO A 23 12.25 56.92 -34.32
C PRO A 23 10.76 56.75 -34.51
N PRO A 24 9.94 57.60 -33.89
CA PRO A 24 8.49 57.54 -34.11
C PRO A 24 8.14 58.03 -35.50
N SER A 25 6.95 57.62 -35.95
CA SER A 25 6.49 58.00 -37.28
C SER A 25 6.18 59.49 -37.32
N SER A 26 6.71 60.16 -38.34
CA SER A 26 6.60 61.62 -38.46
C SER A 26 5.36 62.06 -39.21
N ALA A 27 4.52 61.14 -39.68
CA ALA A 27 3.30 61.51 -40.37
C ALA A 27 2.30 62.11 -39.40
N THR A 28 1.71 63.24 -39.78
CA THR A 28 0.77 63.95 -38.93
C THR A 28 -0.68 63.51 -39.15
N SER A 29 -0.92 62.59 -40.07
CA SER A 29 -2.27 62.13 -40.38
C SER A 29 -2.28 60.62 -40.55
N CYS A 30 -3.47 60.04 -40.38
CA CYS A 30 -3.69 58.62 -40.54
C CYS A 30 -4.56 58.37 -41.77
N LYS A 31 -4.29 57.25 -42.45
CA LYS A 31 -5.06 56.90 -43.64
C LYS A 31 -6.47 56.48 -43.25
N GLU A 32 -7.44 56.89 -44.07
CA GLU A 32 -8.83 56.51 -43.82
C GLU A 32 -9.08 55.09 -44.30
N ALA A 33 -9.97 54.39 -43.58
CA ALA A 33 -10.30 53.01 -43.87
C ALA A 33 -11.81 52.88 -44.03
N ASP A 34 -12.22 51.91 -44.83
CA ASP A 34 -13.63 51.64 -45.09
C ASP A 34 -14.05 50.43 -44.26
N MET A 35 -14.62 50.69 -43.09
CA MET A 35 -15.13 49.60 -42.26
C MET A 35 -16.41 49.05 -42.85
N ARG A 36 -16.47 47.73 -43.02
CA ARG A 36 -17.67 47.02 -43.41
C ARG A 36 -17.99 45.97 -42.37
N ASN A 37 -19.27 45.85 -42.04
CA ASN A 37 -19.69 44.90 -41.02
C ASN A 37 -19.48 43.47 -41.50
N SER A 38 -19.21 42.57 -40.56
CA SER A 38 -19.04 41.16 -40.89
C SER A 38 -20.35 40.55 -41.36
N SER A 39 -21.46 40.96 -40.76
CA SER A 39 -22.78 40.52 -41.23
C SER A 39 -23.12 41.14 -42.58
N SER A 40 -22.60 42.34 -42.85
CA SER A 40 -22.87 43.00 -44.12
C SER A 40 -22.08 42.33 -45.24
N GLU A 41 -22.44 42.70 -46.47
CA GLU A 41 -21.92 42.09 -47.68
C GLU A 41 -20.43 42.47 -47.85
N PHE A 42 -19.78 41.79 -48.80
CA PHE A 42 -18.39 41.90 -49.28
C PHE A 42 -17.42 41.15 -48.38
N PHE A 43 -17.87 40.58 -47.27
CA PHE A 43 -16.98 39.80 -46.42
C PHE A 43 -17.58 38.51 -45.88
N ASN A 44 -18.88 38.29 -46.00
CA ASN A 44 -19.50 37.08 -45.43
C ASN A 44 -19.55 35.94 -46.44
N LYS A 45 -18.43 35.65 -47.09
CA LYS A 45 -18.32 34.53 -48.01
C LYS A 45 -17.56 33.42 -47.29
N GLN A 46 -18.16 32.24 -47.22
CA GLN A 46 -17.70 31.18 -46.34
C GLN A 46 -17.00 30.09 -47.14
N TRP A 47 -15.78 29.75 -46.72
CA TRP A 47 -15.13 28.50 -47.13
C TRP A 47 -14.95 27.69 -45.86
N PRO A 48 -15.85 26.76 -45.55
CA PRO A 48 -15.74 26.01 -44.28
C PRO A 48 -14.58 25.02 -44.32
N MET A 49 -13.64 25.19 -43.40
CA MET A 49 -12.48 24.32 -43.28
C MET A 49 -12.38 23.86 -41.83
N PRO A 50 -13.17 22.87 -41.44
CA PRO A 50 -13.19 22.45 -40.03
C PRO A 50 -11.94 21.68 -39.65
N ILE A 51 -11.76 21.51 -38.34
CA ILE A 51 -10.64 20.74 -37.83
C ILE A 51 -10.92 19.26 -38.04
N ASN A 52 -10.03 18.59 -38.77
CA ASN A 52 -10.13 17.16 -39.02
C ASN A 52 -9.00 16.46 -38.27
N ALA A 53 -9.36 15.72 -37.22
CA ALA A 53 -8.37 15.03 -36.42
C ALA A 53 -7.70 13.88 -37.17
N SER A 54 -8.38 13.31 -38.16
CA SER A 54 -7.80 12.23 -38.96
C SER A 54 -6.63 12.73 -39.81
N LYS A 55 -6.57 14.03 -40.10
CA LYS A 55 -5.45 14.63 -40.78
C LYS A 55 -4.47 15.28 -39.81
N ALA A 56 -4.72 15.16 -38.50
CA ALA A 56 -3.91 15.78 -37.44
C ALA A 56 -3.80 17.29 -37.65
N ASP A 57 -4.93 17.93 -37.87
CA ASP A 57 -4.96 19.37 -38.11
C ASP A 57 -4.79 20.12 -36.80
N GLY A 58 -3.82 21.03 -36.78
CA GLY A 58 -3.58 21.87 -35.61
C GLY A 58 -3.03 21.15 -34.40
N ILE A 59 -2.14 20.19 -34.58
CA ILE A 59 -1.57 19.43 -33.48
C ILE A 59 -0.19 20.01 -33.16
N ILE A 60 0.00 20.39 -31.90
CA ILE A 60 1.27 20.89 -31.43
C ILE A 60 2.12 19.72 -30.95
N TYR A 61 3.33 19.61 -31.48
CA TYR A 61 4.21 18.51 -31.12
C TYR A 61 4.73 18.68 -29.69
N PRO A 62 5.07 17.57 -29.02
CA PRO A 62 5.80 17.67 -27.74
C PRO A 62 7.13 18.40 -27.92
N THR A 63 7.49 19.19 -26.92
CA THR A 63 8.55 20.18 -27.07
C THR A 63 9.95 19.67 -26.73
N GLY A 64 10.07 18.46 -26.19
CA GLY A 64 11.39 18.02 -25.76
C GLY A 64 11.80 16.64 -26.24
N LYS A 65 10.94 15.97 -27.00
CA LYS A 65 11.20 14.60 -27.40
C LYS A 65 10.39 14.27 -28.66
N SER A 66 10.73 13.15 -29.27
CA SER A 66 10.00 12.61 -30.40
C SER A 66 9.69 11.15 -30.15
N TYR A 67 8.60 10.67 -30.72
CA TYR A 67 8.19 9.28 -30.63
C TYR A 67 8.15 8.68 -32.03
N SER A 68 8.49 7.40 -32.12
CA SER A 68 8.57 6.71 -33.41
C SER A 68 7.71 5.46 -33.39
N ASN A 69 6.78 5.37 -34.35
CA ASN A 69 6.04 4.15 -34.66
C ASN A 69 5.23 3.64 -33.47
N ILE A 70 4.63 4.56 -32.71
CA ILE A 70 3.73 4.19 -31.61
C ILE A 70 2.52 5.11 -31.64
N SER A 71 1.46 4.65 -31.00
CA SER A 71 0.26 5.45 -30.77
C SER A 71 0.18 5.76 -29.28
N LEU A 72 0.01 7.03 -28.95
CA LEU A 72 0.02 7.46 -27.57
C LEU A 72 -1.18 8.35 -27.28
N THR A 73 -1.70 8.23 -26.06
CA THR A 73 -2.74 9.11 -25.56
C THR A 73 -2.06 10.22 -24.76
N LEU A 74 -2.28 11.46 -25.16
CA LEU A 74 -1.62 12.61 -24.55
C LEU A 74 -2.65 13.61 -24.07
N GLN A 75 -2.30 14.31 -23.00
CA GLN A 75 -3.11 15.39 -22.46
C GLN A 75 -2.41 16.71 -22.73
N GLY A 76 -3.11 17.63 -23.39
CA GLY A 76 -2.51 18.91 -23.71
C GLY A 76 -3.52 19.88 -24.28
N LEU A 77 -3.05 20.87 -25.05
CA LEU A 77 -3.90 21.88 -25.64
C LEU A 77 -4.12 21.53 -27.12
N PHE A 78 -5.32 21.08 -27.45
CA PHE A 78 -5.67 20.63 -28.78
C PHE A 78 -6.99 21.24 -29.22
N PRO A 79 -7.16 21.49 -30.51
CA PRO A 79 -8.45 21.98 -31.00
C PRO A 79 -9.49 20.87 -31.01
N LYS A 80 -10.75 21.29 -30.93
CA LYS A 80 -11.86 20.35 -30.98
C LYS A 80 -12.07 19.83 -32.40
N HIS A 81 -12.41 18.56 -32.52
CA HIS A 81 -12.69 17.98 -33.82
C HIS A 81 -13.97 18.54 -34.40
N GLY A 82 -13.95 18.84 -35.70
CA GLY A 82 -15.11 19.40 -36.35
C GLY A 82 -15.41 20.84 -35.99
N ASP A 83 -14.42 21.57 -35.48
CA ASP A 83 -14.60 22.97 -35.11
C ASP A 83 -14.40 23.83 -36.36
N LEU A 84 -15.43 24.61 -36.70
CA LEU A 84 -15.33 25.47 -37.88
C LEU A 84 -14.37 26.62 -37.66
N GLY A 85 -14.27 27.12 -36.44
CA GLY A 85 -13.40 28.23 -36.15
C GLY A 85 -13.98 29.54 -36.68
N GLU A 86 -13.11 30.54 -36.70
CA GLU A 86 -13.44 31.86 -37.24
C GLU A 86 -12.51 32.16 -38.39
N GLN A 87 -13.07 32.61 -39.51
CA GLN A 87 -12.29 32.94 -40.69
C GLN A 87 -12.17 34.45 -40.84
N TYR A 88 -11.03 34.90 -41.33
CA TYR A 88 -10.72 36.31 -41.51
C TYR A 88 -10.17 36.51 -42.91
N ILE A 89 -10.63 37.55 -43.59
CA ILE A 89 -10.23 37.86 -44.95
C ILE A 89 -9.51 39.20 -44.95
N TYR A 90 -8.34 39.23 -45.58
CA TYR A 90 -7.60 40.46 -45.81
C TYR A 90 -7.76 40.86 -47.27
N SER A 91 -8.23 42.08 -47.50
CA SER A 91 -8.58 42.56 -48.83
C SER A 91 -7.58 43.61 -49.30
N VAL A 92 -7.85 44.15 -50.48
CA VAL A 92 -7.03 45.18 -51.11
C VAL A 92 -7.75 46.51 -50.96
N GLY A 93 -6.98 47.59 -50.80
CA GLY A 93 -7.56 48.90 -50.60
C GLY A 93 -8.17 49.47 -51.87
N HIS A 94 -8.99 50.51 -51.70
CA HIS A 94 -9.69 51.12 -52.81
C HIS A 94 -8.74 51.89 -53.67
N SER A 95 -8.63 51.53 -54.94
CA SER A 95 -7.78 52.24 -55.87
C SER A 95 -8.65 52.56 -57.03
N ASP A 96 -8.24 53.49 -57.87
CA ASP A 96 -9.10 53.92 -58.99
C ASP A 96 -8.65 53.46 -60.36
N SER A 97 -9.62 53.08 -61.19
CA SER A 97 -9.29 52.60 -62.51
C SER A 97 -9.00 53.79 -63.36
N ASN A 98 -7.79 53.90 -63.86
CA ASN A 98 -7.43 55.07 -64.62
C ASN A 98 -6.02 54.98 -65.13
N TYR A 101 -4.26 55.30 -59.22
CA TYR A 101 -3.51 55.50 -57.99
C TYR A 101 -4.03 54.61 -56.87
N LEU A 102 -3.53 54.81 -55.67
CA LEU A 102 -3.95 54.05 -54.49
C LEU A 102 -4.60 55.02 -53.51
N GLY A 103 -5.77 54.66 -53.00
CA GLY A 103 -6.53 55.55 -52.16
C GLY A 103 -6.88 55.00 -50.79
N LYS A 104 -8.17 54.86 -50.53
CA LYS A 104 -8.66 54.46 -49.22
C LYS A 104 -8.35 52.99 -48.93
N LEU A 105 -8.45 52.62 -47.66
CA LEU A 105 -8.24 51.25 -47.22
C LEU A 105 -9.57 50.51 -47.16
N PHE A 106 -9.50 49.19 -47.32
CA PHE A 106 -10.67 48.31 -47.28
C PHE A 106 -10.41 47.24 -46.22
N VAL A 107 -11.15 47.31 -45.12
CA VAL A 107 -10.99 46.40 -43.99
C VAL A 107 -12.37 46.00 -43.49
N SER A 108 -12.39 45.10 -42.52
CA SER A 108 -13.60 44.70 -41.81
C SER A 108 -13.48 45.14 -40.36
N ASP A 109 -14.47 44.76 -39.55
CA ASP A 109 -14.47 45.14 -38.14
C ASP A 109 -13.70 44.14 -37.29
N TYR A 110 -12.46 43.84 -37.71
CA TYR A 110 -11.64 42.90 -36.96
C TYR A 110 -11.03 43.54 -35.72
N ALA A 111 -10.71 44.83 -35.80
CA ALA A 111 -10.09 45.53 -34.67
C ALA A 111 -11.11 45.85 -33.57
N THR A 112 -12.37 46.02 -33.92
CA THR A 112 -13.38 46.35 -32.92
C THR A 112 -13.72 45.14 -32.04
N LYS A 113 -13.81 43.95 -32.65
CA LYS A 113 -14.15 42.76 -31.89
C LYS A 113 -12.95 42.30 -31.08
N VAL A 114 -13.19 41.99 -29.80
CA VAL A 114 -12.17 41.52 -28.88
C VAL A 114 -12.50 40.08 -28.50
N VAL A 115 -11.52 39.19 -28.67
CA VAL A 115 -11.73 37.76 -28.46
C VAL A 115 -10.98 37.32 -27.20
N PRO A 116 -11.60 36.51 -26.34
CA PRO A 116 -10.86 35.99 -25.18
C PRO A 116 -9.76 35.03 -25.60
N PHE A 117 -8.60 35.16 -24.94
CA PHE A 117 -7.46 34.31 -25.28
C PHE A 117 -7.65 32.88 -24.80
N ASN A 118 -8.13 32.72 -23.56
CA ASN A 118 -8.38 31.42 -22.92
C ASN A 118 -7.08 30.63 -22.88
N ASN A 119 -6.99 29.46 -23.48
CA ASN A 119 -5.77 28.65 -23.47
C ASN A 119 -4.86 28.93 -24.66
N GLY A 120 -5.30 29.74 -25.61
CA GLY A 120 -4.55 30.04 -26.80
C GLY A 120 -5.36 29.74 -28.03
N PHE A 121 -4.73 29.84 -29.19
CA PHE A 121 -5.40 29.55 -30.45
C PHE A 121 -4.38 29.05 -31.45
N VAL A 122 -4.87 28.34 -32.46
CA VAL A 122 -4.05 27.90 -33.58
C VAL A 122 -4.59 28.51 -34.85
N VAL A 123 -3.68 28.80 -35.78
CA VAL A 123 -4.02 29.50 -37.02
C VAL A 123 -3.66 28.62 -38.20
N ARG A 124 -4.60 28.46 -39.13
CA ARG A 124 -4.36 27.79 -40.40
C ARG A 124 -4.14 28.86 -41.46
N ILE A 125 -2.96 28.87 -42.08
CA ILE A 125 -2.53 29.96 -42.95
C ILE A 125 -2.38 29.44 -44.36
N GLY A 126 -2.99 30.13 -45.31
CA GLY A 126 -2.79 29.87 -46.73
C GLY A 126 -3.28 28.54 -47.24
N ALA A 127 -4.44 28.08 -46.77
CA ALA A 127 -5.00 26.81 -47.24
C ALA A 127 -5.56 26.91 -48.64
N ALA A 128 -5.95 28.11 -49.09
CA ALA A 128 -6.56 28.32 -50.39
C ALA A 128 -5.54 28.75 -51.45
N ALA A 129 -4.25 28.63 -51.16
CA ALA A 129 -3.23 29.04 -52.10
C ALA A 129 -3.21 28.14 -53.33
N ASN A 130 -2.58 28.64 -54.40
CA ASN A 130 -2.54 28.00 -55.70
C ASN A 130 -3.94 27.72 -56.25
N ALA A 131 -4.87 28.64 -55.99
CA ALA A 131 -6.24 28.48 -56.44
C ALA A 131 -6.76 29.82 -56.95
N THR A 132 -7.80 29.74 -57.78
CA THR A 132 -8.41 30.91 -58.38
C THR A 132 -9.50 31.44 -57.45
N GLY A 133 -9.43 32.73 -57.14
CA GLY A 133 -10.43 33.34 -56.28
C GLY A 133 -10.52 34.83 -56.54
N SER A 134 -11.57 35.43 -56.01
CA SER A 134 -11.80 36.85 -56.19
C SER A 134 -10.82 37.68 -55.35
N VAL A 135 -10.73 38.96 -55.68
CA VAL A 135 -9.83 39.88 -54.98
C VAL A 135 -10.63 40.63 -53.92
N ILE A 136 -11.80 40.07 -53.56
CA ILE A 136 -12.69 40.49 -52.48
C ILE A 136 -13.31 41.87 -52.73
N ILE A 137 -12.48 42.89 -52.99
CA ILE A 137 -13.00 44.24 -53.19
C ILE A 137 -13.78 44.34 -54.50
N SER A 138 -13.47 43.49 -55.48
CA SER A 138 -14.17 43.54 -56.76
C SER A 138 -14.51 42.13 -57.19
N THR A 139 -14.97 42.00 -58.44
CA THR A 139 -15.49 40.76 -58.99
C THR A 139 -14.42 39.85 -59.56
N VAL A 140 -13.36 40.43 -60.12
CA VAL A 140 -12.41 39.68 -60.95
C VAL A 140 -11.68 38.60 -60.14
N GLN A 141 -11.33 37.52 -60.83
CA GLN A 141 -10.75 36.33 -60.21
C GLN A 141 -9.25 36.32 -60.47
N LYS A 142 -8.47 36.04 -59.43
CA LYS A 142 -7.01 36.01 -59.54
C LYS A 142 -6.48 34.82 -58.77
N THR A 143 -5.19 34.57 -58.91
CA THR A 143 -4.53 33.51 -58.16
C THR A 143 -4.38 33.93 -56.71
N ILE A 144 -4.71 33.03 -55.79
CA ILE A 144 -4.72 33.33 -54.36
C ILE A 144 -3.32 33.11 -53.81
N LYS A 145 -2.80 34.11 -53.12
CA LYS A 145 -1.51 34.02 -52.45
C LYS A 145 -1.72 33.95 -50.94
N LYS A 146 -0.66 33.56 -50.24
CA LYS A 146 -0.72 33.37 -48.80
C LYS A 146 -0.36 34.67 -48.08
N ILE A 147 -1.15 35.02 -47.06
CA ILE A 147 -0.93 36.21 -46.27
C ILE A 147 -0.87 35.81 -44.80
N TYR A 148 0.07 36.41 -44.06
CA TYR A 148 0.23 36.11 -42.65
C TYR A 148 -0.64 37.04 -41.80
N PRO A 149 -1.26 36.51 -40.75
CA PRO A 149 -2.07 37.36 -39.87
C PRO A 149 -1.21 38.25 -38.99
N ALA A 150 -1.81 39.35 -38.56
CA ALA A 150 -1.21 40.26 -37.60
C ALA A 150 -2.09 40.31 -36.36
N PHE A 151 -1.47 40.17 -35.19
CA PHE A 151 -2.20 40.03 -33.94
C PHE A 151 -1.83 41.14 -32.96
N MET A 152 -2.69 41.29 -31.95
CA MET A 152 -2.43 42.18 -30.83
C MET A 152 -3.06 41.58 -29.58
N LEU A 153 -2.22 41.22 -28.61
CA LEU A 153 -2.66 40.50 -27.42
C LEU A 153 -2.32 41.32 -26.18
N GLY A 154 -3.20 41.27 -25.18
CA GLY A 154 -2.97 42.02 -23.97
C GLY A 154 -3.76 41.46 -22.81
N SER A 155 -3.68 42.15 -21.68
CA SER A 155 -4.32 41.73 -20.43
C SER A 155 -5.51 42.59 -20.05
N SER A 156 -5.47 43.90 -20.32
CA SER A 156 -6.57 44.79 -19.98
C SER A 156 -6.96 45.58 -21.23
N VAL A 157 -8.25 45.63 -21.52
CA VAL A 157 -8.77 46.32 -22.68
C VAL A 157 -9.80 47.35 -22.25
N GLY A 158 -10.15 48.22 -23.20
CA GLY A 158 -11.14 49.25 -22.97
C GLY A 158 -11.45 49.97 -24.25
N ASN A 159 -12.11 51.11 -24.12
CA ASN A 159 -12.48 51.92 -25.27
C ASN A 159 -11.45 53.01 -25.51
N PHE A 160 -11.56 53.66 -26.67
CA PHE A 160 -10.77 54.84 -26.97
C PHE A 160 -11.51 56.07 -26.43
N SER A 161 -11.05 57.27 -26.82
CA SER A 161 -11.72 58.49 -26.39
C SER A 161 -13.07 58.68 -27.07
N ASN A 162 -13.33 57.98 -28.18
CA ASN A 162 -14.56 58.13 -28.93
C ASN A 162 -15.62 57.09 -28.56
N GLY A 163 -15.33 56.25 -27.56
CA GLY A 163 -16.25 55.18 -27.21
C GLY A 163 -16.10 53.93 -28.04
N VAL A 164 -15.21 53.91 -29.01
CA VAL A 164 -14.99 52.73 -29.84
C VAL A 164 -14.13 51.74 -29.06
N SER A 165 -14.62 50.51 -28.95
CA SER A 165 -13.89 49.48 -28.22
C SER A 165 -12.67 49.03 -29.00
N GLY A 166 -11.64 48.59 -28.27
CA GLY A 166 -10.46 48.03 -28.91
C GLY A 166 -9.14 48.64 -28.49
N ARG A 167 -9.12 49.36 -27.37
CA ARG A 167 -7.87 49.92 -26.85
C ARG A 167 -7.25 48.95 -25.84
N TYR A 168 -5.95 48.69 -26.00
CA TYR A 168 -5.19 47.86 -25.09
C TYR A 168 -4.35 48.73 -24.17
N PHE A 169 -4.50 48.53 -22.87
CA PHE A 169 -3.75 49.27 -21.87
C PHE A 169 -2.53 48.47 -21.42
N ASN A 170 -1.60 49.19 -20.80
CA ASN A 170 -0.34 48.67 -20.24
C ASN A 170 0.46 47.99 -21.36
N HIS A 171 1.29 47.01 -21.00
CA HIS A 171 2.14 46.36 -21.98
C HIS A 171 1.32 45.44 -22.87
N THR A 172 1.56 45.53 -24.17
CA THR A 172 0.76 44.86 -25.18
C THR A 172 1.68 44.12 -26.14
N LEU A 173 1.38 42.86 -26.40
CA LEU A 173 2.20 42.03 -27.29
C LEU A 173 1.73 42.20 -28.72
N LEU A 174 2.68 42.48 -29.62
CA LEU A 174 2.39 42.72 -31.03
C LEU A 174 3.12 41.68 -31.87
N LEU A 175 2.39 41.02 -32.76
CA LEU A 175 2.95 40.06 -33.70
C LEU A 175 2.64 40.57 -35.11
N LEU A 176 3.58 41.30 -35.70
CA LEU A 176 3.38 41.92 -36.99
C LEU A 176 4.29 41.28 -38.04
N PRO A 177 3.76 40.56 -39.02
CA PRO A 177 4.61 40.07 -40.11
C PRO A 177 5.06 41.21 -41.00
N ASP A 178 6.23 41.05 -41.60
CA ASP A 178 6.79 42.08 -42.46
C ASP A 178 7.49 41.43 -43.65
N GLY A 179 7.94 42.26 -44.58
CA GLY A 179 8.60 41.78 -45.78
C GLY A 179 7.69 41.07 -46.74
N CYS A 180 6.38 41.36 -46.68
CA CYS A 180 5.30 40.61 -47.31
C CYS A 180 5.55 39.10 -47.26
N GLY A 181 5.72 38.62 -46.04
CA GLY A 181 6.00 37.22 -45.80
C GLY A 181 7.45 36.85 -45.66
N THR A 182 8.28 37.73 -45.10
CA THR A 182 9.71 37.47 -45.01
C THR A 182 10.23 37.69 -43.60
N ARG A 183 9.56 38.51 -42.81
CA ARG A 183 9.98 38.82 -41.46
C ARG A 183 8.80 38.80 -40.52
N LEU A 184 9.06 38.51 -39.24
CA LEU A 184 8.05 38.55 -38.19
C LEU A 184 8.58 39.39 -37.04
N TRP A 185 7.80 40.36 -36.60
CA TRP A 185 8.17 41.23 -35.48
C TRP A 185 7.38 40.83 -34.25
N ALA A 186 8.07 40.67 -33.13
CA ALA A 186 7.45 40.39 -31.84
C ALA A 186 7.85 41.51 -30.88
N LEU A 187 6.93 42.43 -30.63
CA LEU A 187 7.18 43.57 -29.76
C LEU A 187 6.29 43.50 -28.52
N TYR A 188 6.82 43.98 -27.40
CA TYR A 188 6.08 44.04 -26.14
C TYR A 188 6.25 45.45 -25.58
N CYS A 189 5.38 46.36 -26.00
CA CYS A 189 5.48 47.76 -25.63
C CYS A 189 4.14 48.24 -25.08
N VAL A 190 4.10 49.51 -24.72
CA VAL A 190 2.86 50.20 -24.36
C VAL A 190 2.51 51.14 -25.51
N ILE A 191 1.34 50.93 -26.10
CA ILE A 191 0.91 51.71 -27.25
C ILE A 191 0.09 52.91 -26.78
N GLU A 192 0.51 54.10 -27.18
CA GLU A 192 -0.20 55.34 -26.87
C GLU A 192 -0.86 55.85 -28.14
N PRO A 193 -2.18 55.99 -28.18
CA PRO A 193 -2.84 56.41 -29.43
C PRO A 193 -2.50 57.84 -29.81
N ARG A 194 -1.98 58.00 -31.02
CA ARG A 194 -1.67 59.33 -31.54
C ARG A 194 -2.96 60.09 -31.83
N ASN A 195 -2.89 61.41 -31.67
CA ASN A 195 -4.04 62.27 -31.87
C ASN A 195 -3.99 62.93 -33.25
N GLY A 196 -5.13 63.45 -33.66
CA GLY A 196 -5.23 64.17 -34.92
C GLY A 196 -5.68 63.34 -36.09
N SER A 197 -6.66 63.87 -36.82
CA SER A 197 -7.20 63.31 -38.08
C SER A 197 -7.79 61.94 -37.77
N TYR A 198 -7.43 60.89 -38.52
CA TYR A 198 -8.05 59.58 -38.42
C TYR A 198 -7.33 58.67 -37.43
N CYS A 199 -6.28 59.16 -36.78
CA CYS A 199 -5.58 58.41 -35.76
C CYS A 199 -6.48 58.26 -34.52
N PRO A 200 -6.26 57.22 -33.69
CA PRO A 200 -7.23 56.91 -32.62
C PRO A 200 -7.30 57.89 -31.46
N GLY A 201 -6.62 59.02 -31.54
CA GLY A 201 -6.68 59.99 -30.46
C GLY A 201 -7.66 61.13 -30.71
N ASN A 202 -8.22 61.21 -31.91
CA ASN A 202 -9.10 62.31 -32.28
C ASN A 202 -10.47 61.70 -32.55
N SER A 203 -11.51 62.53 -32.42
CA SER A 203 -12.90 62.04 -32.42
C SER A 203 -13.47 61.90 -33.84
N ASN A 204 -12.74 61.22 -34.72
CA ASN A 204 -13.29 60.71 -35.96
C ASN A 204 -12.69 59.36 -36.31
N TYR A 205 -12.09 58.68 -35.33
CA TYR A 205 -11.42 57.42 -35.57
C TYR A 205 -12.43 56.31 -35.81
N ASN A 206 -12.19 55.51 -36.86
CA ASN A 206 -13.05 54.40 -37.20
C ASN A 206 -12.37 53.06 -36.90
N THR A 207 -11.19 52.83 -37.47
CA THR A 207 -10.41 51.64 -37.19
C THR A 207 -8.95 51.94 -37.54
N PHE A 208 -8.06 51.07 -37.06
CA PHE A 208 -6.65 51.12 -37.41
C PHE A 208 -6.32 49.92 -38.28
N ALA A 209 -5.45 50.14 -39.27
CA ALA A 209 -5.08 49.10 -40.21
C ALA A 209 -3.59 49.13 -40.44
N VAL A 210 -3.07 48.02 -40.94
CA VAL A 210 -1.66 47.89 -41.28
C VAL A 210 -1.57 47.78 -42.79
N PHE A 211 -0.83 48.68 -43.41
CA PHE A 211 -0.75 48.71 -44.87
C PHE A 211 0.68 48.50 -45.33
N ASP A 212 0.82 47.75 -46.42
CA ASP A 212 2.11 47.46 -47.04
C ASP A 212 1.98 47.71 -48.52
N THR A 213 2.62 48.77 -49.02
CA THR A 213 2.58 49.07 -50.43
C THR A 213 3.54 48.15 -51.18
N PRO A 214 3.06 47.31 -52.11
CA PRO A 214 3.94 46.30 -52.71
C PRO A 214 4.90 46.87 -53.75
N HIS A 215 4.46 47.87 -54.53
CA HIS A 215 5.35 48.44 -55.53
C HIS A 215 6.39 49.38 -54.93
N THR A 216 6.22 49.79 -53.68
CA THR A 216 7.19 50.63 -52.99
C THR A 216 8.09 49.84 -52.06
N ASP A 217 7.54 48.82 -51.38
CA ASP A 217 8.28 48.05 -50.38
C ASP A 217 8.68 46.68 -50.87
N CYS A 218 7.76 45.93 -51.49
CA CYS A 218 8.05 44.58 -51.96
C CYS A 218 8.62 44.56 -53.39
N THR A 219 9.20 45.65 -53.84
CA THR A 219 9.91 45.66 -55.11
C THR A 219 11.15 44.78 -55.01
N SER A 220 11.43 44.03 -56.07
CA SER A 220 12.56 43.10 -56.06
C SER A 220 13.89 43.79 -56.28
N ALA A 221 14.18 44.81 -55.46
CA ALA A 221 15.47 45.50 -55.45
C ALA A 221 15.88 45.82 -54.02
N GLY A 222 15.48 44.97 -53.08
CA GLY A 222 15.67 45.23 -51.67
C GLY A 222 14.36 45.25 -50.92
N TYR A 223 14.20 44.34 -49.96
CA TYR A 223 12.96 44.23 -49.22
C TYR A 223 12.94 45.23 -48.07
N ASN A 224 11.76 45.80 -47.82
CA ASN A 224 11.60 46.75 -46.72
C ASN A 224 11.49 45.99 -45.41
N THR A 225 12.42 46.23 -44.50
CA THR A 225 12.47 45.54 -43.22
C THR A 225 11.41 46.07 -42.25
N ASN A 226 10.97 47.31 -42.41
CA ASN A 226 10.11 47.96 -41.44
C ASN A 226 8.86 48.52 -42.08
N ALA A 227 8.26 47.78 -43.01
CA ALA A 227 7.08 48.29 -43.72
C ALA A 227 5.85 48.31 -42.80
N THR A 228 5.47 47.13 -42.30
CA THR A 228 4.29 47.04 -41.45
C THR A 228 4.53 47.68 -40.09
N LEU A 229 5.77 47.70 -39.61
CA LEU A 229 6.07 48.37 -38.36
C LEU A 229 5.90 49.88 -38.47
N ASN A 230 6.39 50.47 -39.56
CA ASN A 230 6.17 51.90 -39.77
C ASN A 230 4.72 52.21 -40.08
N SER A 231 4.00 51.26 -40.68
CA SER A 231 2.55 51.43 -40.85
C SER A 231 1.84 51.44 -39.50
N PHE A 232 2.24 50.56 -38.58
CA PHE A 232 1.60 50.51 -37.27
C PHE A 232 1.98 51.71 -36.41
N LYS A 233 3.18 52.26 -36.62
CA LYS A 233 3.62 53.41 -35.83
C LYS A 233 2.81 54.67 -36.11
N GLU A 234 2.06 54.72 -37.21
CA GLU A 234 1.30 55.91 -37.53
C GLU A 234 0.08 56.06 -36.62
N TYR A 235 -0.45 54.95 -36.11
CA TYR A 235 -1.63 54.99 -35.25
C TYR A 235 -1.28 55.04 -33.77
N PHE A 236 -0.21 54.36 -33.36
CA PHE A 236 0.14 54.24 -31.95
C PHE A 236 1.61 54.60 -31.75
N ASP A 237 1.92 55.03 -30.53
CA ASP A 237 3.28 55.36 -30.15
C ASP A 237 3.86 54.24 -29.31
N LEU A 238 5.03 53.74 -29.70
CA LEU A 238 5.67 52.62 -29.03
C LEU A 238 6.47 53.15 -27.85
N GLN A 239 5.95 52.95 -26.63
CA GLN A 239 6.57 53.47 -25.42
C GLN A 239 6.91 52.32 -24.49
N ASN A 240 8.12 52.35 -23.94
CA ASN A 240 8.62 51.38 -22.97
C ASN A 240 8.56 49.95 -23.53
N CYS A 241 9.30 49.73 -24.61
CA CYS A 241 9.34 48.42 -25.24
C CYS A 241 10.19 47.48 -24.41
N SER A 242 9.58 46.41 -23.89
CA SER A 242 10.32 45.44 -23.09
C SER A 242 11.31 44.66 -23.94
N PHE A 243 10.88 44.17 -25.09
CA PHE A 243 11.77 43.49 -26.01
C PHE A 243 11.26 43.66 -27.43
N ILE A 244 12.16 43.50 -28.39
CA ILE A 244 11.81 43.44 -29.81
C ILE A 244 12.54 42.24 -30.40
N TYR A 245 11.80 41.29 -30.96
CA TYR A 245 12.36 40.08 -31.53
C TYR A 245 12.03 40.02 -33.02
N SER A 246 13.00 39.56 -33.80
CA SER A 246 12.85 39.44 -35.25
C SER A 246 13.03 37.98 -35.65
N PHE A 247 12.05 37.45 -36.39
CA PHE A 247 12.12 36.11 -36.95
C PHE A 247 11.92 36.23 -38.45
N ASN A 248 12.86 35.71 -39.23
CA ASN A 248 12.81 35.82 -40.67
C ASN A 248 12.37 34.50 -41.30
N ILE A 249 11.49 34.61 -42.30
CA ILE A 249 10.81 33.47 -42.91
C ILE A 249 11.22 33.38 -44.36
N THR A 250 11.49 32.17 -44.83
CA THR A 250 11.68 31.93 -46.25
C THR A 250 10.33 32.02 -46.96
N GLU A 251 10.27 32.77 -48.05
CA GLU A 251 9.00 33.06 -48.71
C GLU A 251 8.58 31.85 -49.55
N ASP A 252 7.50 31.21 -49.13
CA ASP A 252 6.93 30.05 -49.82
C ASP A 252 5.46 30.33 -50.13
N GLU A 253 4.78 29.31 -50.66
CA GLU A 253 3.36 29.41 -50.95
C GLU A 253 2.59 28.19 -50.45
N ASN A 254 3.18 27.40 -49.57
CA ASN A 254 2.51 26.23 -49.03
C ASN A 254 1.74 26.58 -47.76
N ALA A 255 0.75 25.76 -47.45
CA ALA A 255 -0.06 25.97 -46.27
C ALA A 255 0.76 25.70 -45.01
N GLU A 256 0.60 26.57 -44.01
CA GLU A 256 1.33 26.46 -42.76
C GLU A 256 0.35 26.51 -41.60
N TRP A 257 0.87 26.20 -40.41
CA TRP A 257 0.11 26.27 -39.17
C TRP A 257 0.87 27.09 -38.16
N PHE A 258 0.17 27.98 -37.47
CA PHE A 258 0.74 28.81 -36.43
C PHE A 258 -0.07 28.65 -35.15
N GLY A 259 0.61 28.61 -34.02
CA GLY A 259 -0.07 28.45 -32.74
C GLY A 259 0.65 29.20 -31.65
N ILE A 260 -0.12 29.69 -30.69
CA ILE A 260 0.42 30.41 -29.54
C ILE A 260 -0.29 29.93 -28.28
N THR A 261 0.49 29.64 -27.25
CA THR A 261 -0.02 29.26 -25.94
C THR A 261 0.63 30.13 -24.88
N GLN A 262 -0.03 30.25 -23.74
CA GLN A 262 0.53 30.97 -22.60
C GLN A 262 0.40 30.12 -21.35
N ASN A 263 1.47 30.10 -20.57
CA ASN A 263 1.51 29.45 -19.26
C ASN A 263 2.61 30.16 -18.47
N THR A 264 3.07 29.51 -17.39
CA THR A 264 4.30 29.95 -16.75
C THR A 264 5.45 29.79 -17.75
N GLN A 265 6.50 30.60 -17.56
CA GLN A 265 7.62 30.78 -18.50
C GLN A 265 7.17 31.44 -19.79
N GLY A 266 6.11 32.25 -19.75
CA GLY A 266 5.78 33.13 -20.83
C GLY A 266 5.02 32.49 -21.98
N VAL A 267 4.77 33.30 -23.01
CA VAL A 267 4.07 32.85 -24.19
C VAL A 267 5.00 32.01 -25.06
N HIS A 268 4.45 30.97 -25.67
CA HIS A 268 5.19 30.08 -26.55
C HIS A 268 4.63 30.19 -27.96
N LEU A 269 5.50 30.36 -28.93
CA LEU A 269 5.10 30.50 -30.32
C LEU A 269 5.44 29.21 -31.06
N TYR A 270 4.43 28.60 -31.67
CA TYR A 270 4.59 27.36 -32.41
C TYR A 270 4.33 27.61 -33.89
N SER A 271 5.09 26.91 -34.74
CA SER A 271 4.90 27.03 -36.17
C SER A 271 5.29 25.74 -36.85
N SER A 272 4.73 25.51 -38.03
CA SER A 272 5.09 24.36 -38.85
C SER A 272 6.25 24.64 -39.78
N ARG A 273 6.73 25.89 -39.84
CA ARG A 273 7.96 26.18 -40.57
C ARG A 273 9.14 25.48 -39.92
N LYS A 274 9.21 25.50 -38.59
CA LYS A 274 10.19 24.69 -37.87
C LYS A 274 9.69 23.26 -37.79
N GLY A 275 10.60 22.33 -37.97
CA GLY A 275 10.24 20.91 -37.95
C GLY A 275 9.95 20.38 -39.36
N ASP A 276 8.67 20.18 -39.66
CA ASP A 276 8.26 19.63 -40.95
C ASP A 276 7.56 20.73 -41.75
N LEU A 277 8.28 21.29 -42.71
CA LEU A 277 7.61 22.00 -43.79
C LEU A 277 6.93 20.96 -44.68
N TYR A 278 5.94 21.41 -45.45
CA TYR A 278 5.04 20.54 -46.22
C TYR A 278 4.32 19.55 -45.29
N GLY A 279 3.93 20.03 -44.12
CA GLY A 279 3.26 19.22 -43.12
C GLY A 279 2.35 20.08 -42.28
N SER A 280 1.77 19.45 -41.25
CA SER A 280 0.81 20.12 -40.37
C SER A 280 1.25 20.21 -38.92
N ASN A 281 2.31 19.52 -38.51
CA ASN A 281 2.74 19.52 -37.13
C ASN A 281 3.51 20.80 -36.83
N MET A 282 3.22 21.39 -35.67
CA MET A 282 3.89 22.61 -35.25
C MET A 282 4.95 22.32 -34.20
N PHE A 283 6.04 23.08 -34.27
CA PHE A 283 7.14 22.96 -33.33
C PHE A 283 7.44 24.32 -32.73
N LEU A 284 7.97 24.30 -31.51
CA LEU A 284 8.24 25.55 -30.81
C LEU A 284 9.48 26.22 -31.39
N PHE A 285 9.34 27.50 -31.77
CA PHE A 285 10.46 28.26 -32.28
C PHE A 285 10.80 29.50 -31.47
N ALA A 286 9.93 29.93 -30.56
CA ALA A 286 10.19 31.14 -29.79
C ALA A 286 9.44 31.10 -28.48
N THR A 287 10.10 31.54 -27.42
CA THR A 287 9.48 31.75 -26.11
C THR A 287 9.73 33.20 -25.71
N LEU A 288 8.66 33.93 -25.45
CA LEU A 288 8.84 35.33 -25.13
C LEU A 288 8.58 35.58 -23.65
N PRO A 289 9.34 36.46 -23.00
CA PRO A 289 9.12 36.72 -21.56
C PRO A 289 7.92 37.60 -21.28
N VAL A 290 6.73 37.05 -21.54
CA VAL A 290 5.47 37.72 -21.23
C VAL A 290 4.79 36.94 -20.11
N TYR A 291 5.01 37.37 -18.87
CA TYR A 291 4.54 36.62 -17.71
C TYR A 291 3.21 37.10 -17.17
N ASP A 292 2.78 38.31 -17.52
CA ASP A 292 1.43 38.74 -17.18
C ASP A 292 0.42 37.99 -18.03
N GLY A 293 -0.71 37.65 -17.42
CA GLY A 293 -1.71 36.82 -18.07
C GLY A 293 -2.40 37.48 -19.24
N ILE A 294 -2.17 36.97 -20.44
CA ILE A 294 -2.86 37.48 -21.63
C ILE A 294 -4.29 36.97 -21.61
N LYS A 295 -5.24 37.90 -21.67
CA LYS A 295 -6.65 37.56 -21.61
C LYS A 295 -7.41 37.87 -22.90
N TYR A 296 -6.91 38.77 -23.73
CA TYR A 296 -7.63 39.20 -24.92
C TYR A 296 -6.69 39.28 -26.10
N TYR A 297 -7.23 39.00 -27.29
CA TYR A 297 -6.51 39.19 -28.54
C TYR A 297 -7.46 39.73 -29.59
N THR A 298 -6.97 40.65 -30.41
CA THR A 298 -7.70 41.14 -31.57
C THR A 298 -6.88 40.91 -32.82
N VAL A 299 -7.54 40.48 -33.89
CA VAL A 299 -6.88 40.32 -35.18
C VAL A 299 -6.78 41.68 -35.84
N ILE A 300 -5.57 42.13 -36.12
CA ILE A 300 -5.36 43.44 -36.74
C ILE A 300 -5.74 43.35 -38.21
N PRO A 301 -6.71 44.13 -38.67
CA PRO A 301 -7.13 44.07 -40.08
C PRO A 301 -6.13 44.80 -40.97
N ARG A 302 -5.35 44.04 -41.73
CA ARG A 302 -4.36 44.63 -42.62
C ARG A 302 -4.89 44.65 -44.05
N SER A 303 -4.37 45.58 -44.84
CA SER A 303 -4.85 45.81 -46.20
C SER A 303 -3.70 46.27 -47.07
N ILE A 304 -3.51 45.58 -48.19
CA ILE A 304 -2.44 45.91 -49.13
C ILE A 304 -2.90 47.07 -50.01
N ARG A 305 -2.09 48.11 -50.09
CA ARG A 305 -2.40 49.29 -50.90
C ARG A 305 -1.67 49.14 -52.24
N SER A 306 -2.32 48.47 -53.18
CA SER A 306 -1.81 48.32 -54.54
C SER A 306 -2.78 48.96 -55.53
N LYS A 307 -2.32 49.09 -56.77
CA LYS A 307 -3.09 49.73 -57.81
C LYS A 307 -4.18 48.80 -58.33
N TYR A 308 -5.00 49.32 -59.24
CA TYR A 308 -6.04 48.52 -59.87
C TYR A 308 -5.46 47.42 -60.73
N SER A 309 -4.38 47.72 -61.46
CA SER A 309 -3.75 46.73 -62.32
C SER A 309 -2.93 45.72 -61.52
N GLU A 310 -2.37 46.14 -60.38
CA GLU A 310 -1.55 45.27 -59.55
C GLU A 310 -2.34 44.62 -58.42
N ARG A 311 -3.65 44.50 -58.56
CA ARG A 311 -4.47 43.87 -57.54
C ARG A 311 -4.17 42.38 -57.47
N GLN A 312 -4.21 41.84 -56.25
CA GLN A 312 -3.95 40.41 -56.02
C GLN A 312 -5.04 39.83 -55.12
N ALA A 313 -5.08 38.51 -55.08
CA ALA A 313 -6.02 37.77 -54.24
C ALA A 313 -5.25 37.14 -53.08
N TRP A 314 -5.76 37.33 -51.87
CA TRP A 314 -5.09 36.88 -50.65
C TRP A 314 -5.94 35.85 -49.94
N ALA A 315 -5.28 34.85 -49.36
CA ALA A 315 -5.96 33.74 -48.72
C ALA A 315 -6.64 34.18 -47.43
N ALA A 316 -7.62 33.39 -47.02
CA ALA A 316 -8.32 33.59 -45.75
C ALA A 316 -7.76 32.61 -44.73
N PHE A 317 -7.35 33.13 -43.59
CA PHE A 317 -6.82 32.30 -42.52
C PHE A 317 -7.90 32.04 -41.47
N TYR A 318 -7.75 30.93 -40.77
CA TYR A 318 -8.75 30.43 -39.84
C TYR A 318 -8.13 30.27 -38.46
N ILE A 319 -8.86 30.68 -37.42
CA ILE A 319 -8.38 30.64 -36.05
C ILE A 319 -9.27 29.69 -35.27
N TYR A 320 -8.65 28.69 -34.65
CA TYR A 320 -9.34 27.71 -33.83
C TYR A 320 -8.81 27.80 -32.41
N SER A 321 -9.71 27.89 -31.44
CA SER A 321 -9.31 27.99 -30.04
C SER A 321 -8.80 26.64 -29.54
N LEU A 322 -7.88 26.70 -28.58
CA LEU A 322 -7.28 25.52 -27.99
C LEU A 322 -7.98 25.16 -26.70
N HIS A 323 -8.12 23.87 -26.44
CA HIS A 323 -8.81 23.38 -25.25
C HIS A 323 -7.98 22.31 -24.56
N LYS A 324 -8.18 22.19 -23.25
CA LYS A 324 -7.52 21.16 -22.46
C LYS A 324 -8.22 19.83 -22.74
N LEU A 325 -7.80 19.17 -23.82
CA LEU A 325 -8.41 17.94 -24.26
C LEU A 325 -7.42 16.79 -24.20
N THR A 326 -7.95 15.60 -24.46
CA THR A 326 -7.16 14.38 -24.53
C THR A 326 -7.18 13.89 -25.97
N TYR A 327 -6.02 13.57 -26.51
CA TYR A 327 -5.89 13.16 -27.90
C TYR A 327 -5.09 11.86 -27.99
N LEU A 328 -5.39 11.08 -29.01
CA LEU A 328 -4.64 9.87 -29.33
C LEU A 328 -3.85 10.16 -30.61
N LEU A 329 -2.55 10.38 -30.46
CA LEU A 329 -1.69 10.78 -31.57
C LEU A 329 -0.97 9.57 -32.16
N ASP A 330 -0.94 9.51 -33.48
CA ASP A 330 -0.30 8.42 -34.21
C ASP A 330 1.07 8.90 -34.69
N PHE A 331 2.12 8.52 -33.97
CA PHE A 331 3.47 8.87 -34.37
C PHE A 331 3.97 7.88 -35.41
N SER A 332 4.47 8.38 -36.51
CA SER A 332 4.94 7.54 -37.60
C SER A 332 6.39 7.14 -37.35
N VAL A 333 7.01 6.48 -38.34
CA VAL A 333 8.40 6.06 -38.19
C VAL A 333 9.33 7.26 -38.22
N ASP A 334 9.04 8.25 -39.06
CA ASP A 334 9.82 9.47 -39.09
C ASP A 334 9.46 10.43 -37.95
N GLY A 335 8.45 10.10 -37.15
CA GLY A 335 8.14 10.82 -35.94
C GLY A 335 6.99 11.80 -36.04
N TYR A 336 6.60 12.18 -37.25
CA TYR A 336 5.56 13.19 -37.41
C TYR A 336 4.17 12.58 -37.28
N ILE A 337 3.27 13.32 -36.65
CA ILE A 337 1.90 12.87 -36.45
C ILE A 337 1.10 13.16 -37.71
N ARG A 338 0.48 12.12 -38.27
CA ARG A 338 -0.39 12.27 -39.43
C ARG A 338 -1.79 11.72 -39.20
N ARG A 339 -2.13 11.31 -37.97
CA ARG A 339 -3.46 10.83 -37.66
C ARG A 339 -3.70 11.02 -36.18
N ALA A 340 -4.91 11.43 -35.82
CA ALA A 340 -5.22 11.69 -34.43
C ALA A 340 -6.70 11.43 -34.17
N VAL A 341 -7.03 11.21 -32.90
CA VAL A 341 -8.39 10.96 -32.45
C VAL A 341 -8.68 11.85 -31.26
N ASP A 342 -9.75 12.64 -31.35
CA ASP A 342 -10.25 13.43 -30.23
C ASP A 342 -11.18 12.55 -29.41
N CYS A 343 -10.76 12.21 -28.18
CA CYS A 343 -11.53 11.28 -27.37
C CYS A 343 -12.87 11.86 -26.93
N GLY A 344 -12.96 13.17 -26.75
CA GLY A 344 -14.20 13.78 -26.34
C GLY A 344 -15.18 14.07 -27.44
N HIS A 345 -14.89 13.69 -28.68
CA HIS A 345 -15.75 14.04 -29.80
C HIS A 345 -17.00 13.18 -29.83
N ASP A 346 -16.83 11.86 -29.98
CA ASP A 346 -17.97 10.96 -30.08
C ASP A 346 -17.61 9.63 -29.41
N ASP A 347 -18.57 8.71 -29.44
CA ASP A 347 -18.29 7.33 -29.09
C ASP A 347 -17.42 6.70 -30.17
N LEU A 348 -16.71 5.63 -29.77
CA LEU A 348 -15.68 4.88 -30.52
C LEU A 348 -14.39 5.69 -30.62
N SER A 349 -14.43 6.97 -30.23
CA SER A 349 -13.22 7.73 -30.01
C SER A 349 -12.69 7.53 -28.60
N GLN A 350 -13.59 7.50 -27.62
CA GLN A 350 -13.21 7.07 -26.28
C GLN A 350 -12.73 5.63 -26.27
N LEU A 351 -13.32 4.77 -27.12
CA LEU A 351 -12.85 3.41 -27.26
C LEU A 351 -11.44 3.35 -27.80
N TYR A 352 -11.15 4.15 -28.83
CA TYR A 352 -9.81 4.21 -29.40
C TYR A 352 -8.80 4.75 -28.39
N CYS A 353 -9.19 5.75 -27.61
CA CYS A 353 -8.28 6.34 -26.64
C CYS A 353 -8.04 5.39 -25.47
N SER A 354 -9.07 4.65 -25.05
CA SER A 354 -8.90 3.71 -23.95
C SER A 354 -8.06 2.51 -24.36
N TYR A 355 -8.25 2.02 -25.59
CA TYR A 355 -7.41 0.93 -26.07
C TYR A 355 -6.05 1.39 -26.57
N GLU A 356 -5.86 2.70 -26.76
CA GLU A 356 -4.60 3.30 -27.23
C GLU A 356 -4.17 2.71 -28.57
N SER A 357 -5.14 2.44 -29.44
CA SER A 357 -4.86 1.86 -30.73
C SER A 357 -5.92 2.31 -31.72
N PHE A 358 -5.51 2.54 -32.97
CA PHE A 358 -6.45 2.93 -34.00
C PHE A 358 -7.20 1.75 -34.58
N ASP A 359 -6.75 0.52 -34.32
CA ASP A 359 -7.48 -0.68 -34.67
C ASP A 359 -7.81 -1.48 -33.42
N VAL A 360 -9.09 -1.84 -33.27
CA VAL A 360 -9.56 -2.66 -32.18
C VAL A 360 -10.45 -3.74 -32.77
N GLY A 361 -10.65 -4.80 -32.01
CA GLY A 361 -11.51 -5.88 -32.45
C GLY A 361 -12.98 -5.47 -32.46
N SER A 362 -13.74 -6.15 -33.31
CA SER A 362 -15.17 -5.91 -33.38
C SER A 362 -15.83 -6.52 -32.15
N GLY A 363 -16.68 -5.75 -31.48
CA GLY A 363 -17.35 -6.23 -30.29
C GLY A 363 -18.07 -5.10 -29.59
N VAL A 364 -18.62 -5.42 -28.42
CA VAL A 364 -19.37 -4.49 -27.59
C VAL A 364 -18.50 -4.14 -26.39
N TYR A 365 -18.09 -2.88 -26.31
CA TYR A 365 -17.19 -2.40 -25.27
C TYR A 365 -17.91 -1.40 -24.37
N SER A 366 -17.62 -1.48 -23.07
CA SER A 366 -18.21 -0.57 -22.10
C SER A 366 -17.24 0.58 -21.89
N VAL A 367 -17.51 1.71 -22.55
CA VAL A 367 -16.65 2.88 -22.48
C VAL A 367 -16.98 3.67 -21.22
N SER A 368 -16.14 4.66 -20.90
CA SER A 368 -16.32 5.44 -19.69
C SER A 368 -17.56 6.31 -19.77
N SER A 369 -18.17 6.54 -18.61
CA SER A 369 -19.40 7.31 -18.52
C SER A 369 -19.11 8.81 -18.61
N PHE A 370 -20.16 9.62 -18.46
CA PHE A 370 -20.08 11.06 -18.65
C PHE A 370 -19.82 11.77 -17.33
N GLU A 371 -19.50 13.06 -17.44
CA GLU A 371 -19.27 13.91 -16.28
C GLU A 371 -20.55 14.63 -15.90
N VAL A 372 -20.89 14.58 -14.62
CA VAL A 372 -22.13 15.15 -14.11
C VAL A 372 -21.83 16.55 -13.58
N HIS A 373 -22.57 17.54 -14.06
CA HIS A 373 -22.45 18.92 -13.61
C HIS A 373 -23.69 19.31 -12.84
N SER A 374 -23.49 20.12 -11.79
CA SER A 374 -24.60 20.56 -10.96
C SER A 374 -25.47 21.55 -11.73
N ARG A 375 -26.79 21.32 -11.69
CA ARG A 375 -27.75 22.16 -12.38
C ARG A 375 -28.41 23.19 -11.47
N GLY A 376 -27.91 23.34 -10.25
CA GLY A 376 -28.47 24.32 -9.34
C GLY A 376 -27.74 24.29 -8.02
N GLN A 377 -28.23 25.11 -7.09
CA GLN A 377 -27.68 25.20 -5.75
C GLN A 377 -28.81 25.08 -4.73
N PHE A 378 -28.55 24.35 -3.65
CA PHE A 378 -29.50 24.19 -2.55
C PHE A 378 -28.82 24.72 -1.30
N ILE A 379 -28.99 26.01 -1.04
CA ILE A 379 -28.41 26.67 0.13
C ILE A 379 -29.50 26.85 1.17
N GLU A 380 -29.20 26.44 2.40
CA GLU A 380 -30.12 26.60 3.52
C GLU A 380 -29.28 27.02 4.73
N GLN A 381 -29.25 28.32 4.99
CA GLN A 381 -28.44 28.88 6.05
C GLN A 381 -29.29 29.71 7.01
N PRO A 382 -29.11 29.57 8.32
CA PRO A 382 -29.89 30.33 9.28
C PRO A 382 -29.30 31.70 9.55
N ASN A 383 -30.04 32.49 10.32
CA ASN A 383 -29.58 33.79 10.81
C ASN A 383 -29.00 33.56 12.19
N SER A 384 -27.71 33.25 12.25
CA SER A 384 -27.05 32.91 13.50
C SER A 384 -26.55 34.17 14.21
N VAL A 385 -26.16 33.98 15.46
CA VAL A 385 -25.66 35.06 16.32
C VAL A 385 -24.15 35.08 16.21
N GLU A 386 -23.57 36.28 16.27
CA GLU A 386 -22.12 36.45 16.28
C GLU A 386 -21.49 35.71 17.45
N CYS A 387 -20.36 35.05 17.20
CA CYS A 387 -19.63 34.38 18.26
C CYS A 387 -19.00 35.39 19.20
N ASP A 388 -18.94 35.04 20.48
CA ASP A 388 -18.43 35.94 21.51
C ASP A 388 -16.92 35.80 21.60
N PHE A 389 -16.20 36.70 20.93
CA PHE A 389 -14.74 36.77 21.02
C PHE A 389 -14.27 37.89 21.93
N THR A 390 -15.15 38.47 22.74
CA THR A 390 -14.79 39.62 23.55
C THR A 390 -13.85 39.25 24.69
N LYS A 391 -13.91 38.00 25.16
CA LYS A 391 -12.97 37.56 26.19
C LYS A 391 -11.54 37.51 25.65
N LEU A 392 -11.39 37.07 24.40
CA LEU A 392 -10.07 37.08 23.76
C LEU A 392 -9.60 38.49 23.49
N LEU A 393 -10.49 39.34 22.97
CA LEU A 393 -10.09 40.65 22.48
C LEU A 393 -10.05 41.72 23.57
N SER A 394 -10.53 41.42 24.77
CA SER A 394 -10.50 42.38 25.88
C SER A 394 -10.01 41.67 27.13
N GLY A 395 -9.04 42.27 27.80
CA GLY A 395 -8.49 41.73 29.02
C GLY A 395 -7.11 41.11 28.81
N THR A 396 -6.46 40.84 29.93
CA THR A 396 -5.13 40.25 29.91
C THR A 396 -5.23 38.74 29.64
N PRO A 397 -4.50 38.22 28.66
CA PRO A 397 -4.48 36.77 28.46
C PRO A 397 -3.76 36.09 29.61
N PRO A 398 -4.13 34.86 29.94
CA PRO A 398 -3.49 34.14 31.03
C PRO A 398 -2.20 33.47 30.56
N GLN A 399 -1.57 32.74 31.49
CA GLN A 399 -0.35 32.02 31.16
C GLN A 399 -0.69 30.65 30.56
N VAL A 400 0.35 29.91 30.18
CA VAL A 400 0.15 28.67 29.43
C VAL A 400 -0.47 27.58 30.31
N TYR A 401 -0.05 27.51 31.58
CA TYR A 401 -0.59 26.49 32.47
C TYR A 401 -1.99 26.82 32.98
N ASN A 402 -2.46 28.04 32.77
CA ASN A 402 -3.79 28.45 33.19
C ASN A 402 -4.57 28.97 31.99
N PHE A 403 -4.53 28.22 30.90
CA PHE A 403 -5.06 28.67 29.62
C PHE A 403 -6.59 28.81 29.67
N ASN A 404 -7.10 29.71 28.85
CA ASN A 404 -8.54 29.90 28.69
C ASN A 404 -9.02 29.17 27.45
N ARG A 405 -10.18 28.53 27.56
CA ARG A 405 -10.75 27.74 26.47
C ARG A 405 -12.04 28.39 26.01
N LEU A 406 -12.16 28.57 24.69
CA LEU A 406 -13.37 29.12 24.08
C LEU A 406 -13.93 28.09 23.12
N VAL A 407 -15.18 27.69 23.35
CA VAL A 407 -15.86 26.69 22.52
C VAL A 407 -17.02 27.40 21.83
N PHE A 408 -17.06 27.31 20.50
CA PHE A 408 -18.07 27.98 19.70
C PHE A 408 -18.93 26.93 19.00
N THR A 409 -20.24 27.02 19.21
CA THR A 409 -21.22 26.19 18.52
C THR A 409 -22.40 27.06 18.13
N ASN A 410 -22.91 26.85 16.91
CA ASN A 410 -24.08 27.53 16.36
C ASN A 410 -23.89 29.05 16.35
N CYS A 411 -22.82 29.48 15.68
CA CYS A 411 -22.53 30.91 15.61
C CYS A 411 -21.72 31.20 14.35
N ASN A 412 -21.74 32.46 13.93
CA ASN A 412 -20.98 32.95 12.79
C ASN A 412 -19.97 33.97 13.27
N TYR A 413 -18.74 33.86 12.78
CA TYR A 413 -17.68 34.79 13.15
C TYR A 413 -17.01 35.33 11.91
N ASN A 414 -16.21 36.38 12.10
CA ASN A 414 -15.49 37.05 11.03
C ASN A 414 -14.01 36.72 11.18
N LEU A 415 -13.49 35.89 10.27
CA LEU A 415 -12.09 35.49 10.32
C LEU A 415 -11.14 36.57 9.82
N THR A 416 -11.57 37.39 8.87
CA THR A 416 -10.69 38.41 8.31
C THR A 416 -10.29 39.45 9.37
N LYS A 417 -11.26 39.83 10.22
CA LYS A 417 -10.96 40.78 11.29
C LYS A 417 -9.98 40.20 12.29
N LEU A 418 -10.19 38.95 12.71
CA LEU A 418 -9.31 38.31 13.69
C LEU A 418 -7.92 38.10 13.12
N LEU A 419 -7.82 37.76 11.83
CA LEU A 419 -6.52 37.59 11.21
C LEU A 419 -5.82 38.93 10.99
N SER A 420 -6.59 40.01 10.77
CA SER A 420 -5.98 41.31 10.61
C SER A 420 -5.49 41.87 11.94
N LEU A 421 -6.15 41.52 13.05
CA LEU A 421 -5.69 42.01 14.35
C LEU A 421 -4.36 41.40 14.75
N PHE A 422 -4.20 40.10 14.55
CA PHE A 422 -3.05 39.36 15.08
C PHE A 422 -1.98 39.20 14.02
N MET A 423 -0.74 39.53 14.39
CA MET A 423 0.43 39.32 13.54
C MET A 423 0.90 37.89 13.73
N VAL A 424 0.66 37.05 12.73
CA VAL A 424 0.80 35.60 12.89
C VAL A 424 2.23 35.19 12.58
N ASN A 425 2.87 34.54 13.54
CA ASN A 425 4.14 33.86 13.36
C ASN A 425 3.87 32.45 12.83
N GLU A 426 4.85 31.55 12.95
CA GLU A 426 4.73 30.21 12.37
C GLU A 426 3.55 29.45 12.96
N PHE A 427 2.94 28.61 12.12
CA PHE A 427 1.82 27.78 12.50
C PHE A 427 2.06 26.36 11.98
N SER A 428 1.50 25.39 12.70
CA SER A 428 1.61 23.99 12.31
C SER A 428 0.25 23.33 12.48
N CYS A 429 -0.21 22.65 11.42
CA CYS A 429 -1.52 22.02 11.41
C CYS A 429 -1.40 20.60 10.92
N ASP A 430 -2.29 19.73 11.40
CA ASP A 430 -2.18 18.30 11.14
C ASP A 430 -3.29 17.75 10.28
N GLY A 431 -4.55 17.88 10.69
CA GLY A 431 -5.66 17.36 9.94
C GLY A 431 -6.45 18.39 9.17
N ILE A 432 -5.99 19.63 9.12
CA ILE A 432 -6.74 20.75 8.57
C ILE A 432 -5.72 21.77 8.06
N SER A 433 -6.20 22.77 7.34
CA SER A 433 -5.40 23.93 6.99
C SER A 433 -6.18 25.18 7.39
N PRO A 434 -5.48 26.28 7.69
CA PRO A 434 -6.18 27.54 7.98
C PRO A 434 -7.06 28.02 6.84
N ASP A 435 -6.67 27.78 5.59
CA ASP A 435 -7.53 28.12 4.46
C ASP A 435 -8.79 27.26 4.44
N ALA A 436 -8.70 26.01 4.87
CA ALA A 436 -9.87 25.16 4.98
C ALA A 436 -10.81 25.65 6.08
N ILE A 437 -10.24 26.17 7.17
CA ILE A 437 -11.07 26.75 8.23
C ILE A 437 -11.75 28.01 7.73
N ALA A 438 -11.03 28.85 6.98
CA ALA A 438 -11.61 30.07 6.43
C ALA A 438 -12.57 29.79 5.28
N ARG A 439 -12.54 28.60 4.71
CA ARG A 439 -13.36 28.27 3.55
C ARG A 439 -14.70 27.64 3.93
N GLY A 440 -14.66 26.57 4.72
CA GLY A 440 -15.84 25.77 4.98
C GLY A 440 -16.40 25.97 6.38
N CYS A 441 -17.33 25.08 6.73
CA CYS A 441 -18.02 25.11 8.01
C CYS A 441 -17.76 23.83 8.77
N TYR A 442 -17.96 23.89 10.08
CA TYR A 442 -17.66 22.78 10.97
C TYR A 442 -18.59 22.86 12.18
N SER A 443 -18.74 21.72 12.85
CA SER A 443 -19.74 21.61 13.92
C SER A 443 -19.35 22.42 15.15
N SER A 444 -18.06 22.45 15.48
CA SER A 444 -17.60 23.20 16.64
C SER A 444 -16.20 23.70 16.40
N LEU A 445 -15.81 24.71 17.18
CA LEU A 445 -14.47 25.30 17.12
C LEU A 445 -14.02 25.57 18.54
N THR A 446 -12.96 24.88 18.97
CA THR A 446 -12.41 25.00 20.32
C THR A 446 -11.06 25.70 20.24
N VAL A 447 -10.93 26.83 20.92
CA VAL A 447 -9.72 27.64 20.89
C VAL A 447 -9.15 27.72 22.31
N ASP A 448 -7.87 27.37 22.46
CA ASP A 448 -7.14 27.56 23.70
C ASP A 448 -6.08 28.64 23.46
N TYR A 449 -6.11 29.69 24.27
CA TYR A 449 -5.19 30.80 24.11
C TYR A 449 -4.58 31.19 25.45
N PHE A 450 -3.37 31.76 25.38
CA PHE A 450 -2.59 32.09 26.55
C PHE A 450 -1.52 33.10 26.14
N ALA A 451 -0.78 33.58 27.13
CA ALA A 451 0.38 34.44 26.88
C ALA A 451 1.62 33.56 26.85
N TYR A 452 2.36 33.61 25.75
CA TYR A 452 3.44 32.69 25.52
C TYR A 452 4.57 33.36 24.74
N PRO A 453 5.81 33.31 25.23
CA PRO A 453 6.91 33.93 24.50
C PRO A 453 7.21 33.21 23.19
N LEU A 454 7.67 33.99 22.21
CA LEU A 454 7.96 33.44 20.89
C LEU A 454 9.25 32.63 20.87
N SER A 455 10.11 32.82 21.87
CA SER A 455 11.36 32.08 21.94
C SER A 455 11.18 30.65 22.43
N MET A 456 9.99 30.29 22.89
CA MET A 456 9.71 28.95 23.40
C MET A 456 8.80 28.17 22.47
N LYS A 457 8.86 28.46 21.17
CA LYS A 457 7.99 27.78 20.19
C LYS A 457 8.31 26.29 20.10
N SER A 458 9.58 25.92 20.23
CA SER A 458 9.98 24.54 20.09
C SER A 458 9.51 23.66 21.24
N TYR A 459 9.20 24.26 22.39
CA TYR A 459 8.72 23.49 23.53
C TYR A 459 7.28 23.04 23.36
N MET A 460 6.56 23.53 22.36
CA MET A 460 5.21 23.10 22.05
C MET A 460 5.14 22.12 20.90
N GLN A 461 6.29 21.70 20.37
CA GLN A 461 6.30 20.69 19.34
C GLN A 461 5.85 19.35 19.92
N PRO A 462 5.27 18.46 19.09
CA PRO A 462 4.69 17.21 19.62
C PRO A 462 5.66 16.29 20.33
N GLY A 463 6.93 16.27 19.94
CA GLY A 463 7.87 15.36 20.57
C GLY A 463 8.71 15.97 21.68
N SER A 464 8.29 17.12 22.18
CA SER A 464 9.10 17.87 23.13
C SER A 464 9.21 17.16 24.47
N ALA A 465 10.39 17.25 25.08
CA ALA A 465 10.65 16.68 26.40
C ALA A 465 10.77 17.74 27.48
N GLY A 466 10.48 19.00 27.16
CA GLY A 466 10.61 20.07 28.11
C GLY A 466 9.46 20.11 29.10
N VAL A 467 9.52 21.10 29.99
CA VAL A 467 8.52 21.19 31.05
C VAL A 467 7.19 21.72 30.57
N ILE A 468 7.14 22.35 29.39
CA ILE A 468 5.89 22.91 28.89
C ILE A 468 4.92 21.80 28.52
N SER A 469 5.40 20.76 27.84
CA SER A 469 4.55 19.62 27.49
C SER A 469 4.28 18.71 28.67
N GLN A 470 5.03 18.85 29.78
CA GLN A 470 4.86 17.97 30.93
C GLN A 470 3.93 18.55 31.97
N TYR A 471 4.04 19.84 32.28
CA TYR A 471 3.28 20.44 33.36
C TYR A 471 2.40 21.61 32.96
N ASN A 472 2.49 22.10 31.72
CA ASN A 472 1.78 23.33 31.35
C ASN A 472 0.70 23.08 30.31
N TYR A 473 1.06 22.55 29.13
CA TYR A 473 0.08 22.29 28.09
C TYR A 473 0.62 21.22 27.16
N LYS A 474 -0.23 20.24 26.83
CA LYS A 474 0.07 19.21 25.85
C LYS A 474 -1.03 19.20 24.81
N GLN A 475 -0.64 19.35 23.54
CA GLN A 475 -1.62 19.38 22.46
C GLN A 475 -2.19 18.00 22.23
N SER A 476 -3.51 17.96 22.02
CA SER A 476 -4.21 16.71 21.74
C SER A 476 -4.51 16.62 20.25
N PHE A 477 -4.29 15.43 19.68
CA PHE A 477 -4.42 15.22 18.25
C PHE A 477 -5.59 14.29 17.91
N ALA A 478 -6.63 14.29 18.75
CA ALA A 478 -7.82 13.49 18.44
C ALA A 478 -8.62 14.12 17.30
N ASN A 479 -8.65 15.44 17.22
CA ASN A 479 -9.33 16.20 16.20
C ASN A 479 -8.33 16.95 15.34
N PRO A 480 -8.70 17.38 14.13
CA PRO A 480 -7.82 18.25 13.36
C PRO A 480 -7.55 19.56 14.09
N THR A 481 -6.27 19.89 14.23
CA THR A 481 -5.82 20.98 15.10
C THR A 481 -4.82 21.85 14.36
N CYS A 482 -4.72 23.10 14.80
CA CYS A 482 -3.66 24.00 14.40
C CYS A 482 -3.02 24.58 15.64
N ARG A 483 -1.71 24.81 15.56
CA ARG A 483 -0.93 25.38 16.66
C ARG A 483 -0.37 26.71 16.15
N ILE A 484 -0.95 27.81 16.64
CA ILE A 484 -0.69 29.13 16.10
C ILE A 484 -0.01 30.00 17.16
N PHE A 485 1.08 30.64 16.78
CA PHE A 485 1.77 31.61 17.61
C PHE A 485 1.66 32.97 16.93
N ALA A 486 1.22 33.98 17.68
CA ALA A 486 0.96 35.28 17.08
C ALA A 486 1.29 36.37 18.08
N THR A 487 1.39 37.60 17.56
CA THR A 487 1.66 38.78 18.37
C THR A 487 0.38 39.58 18.53
N ALA A 488 0.06 39.94 19.76
CA ALA A 488 -1.17 40.65 20.07
C ALA A 488 -1.11 42.09 19.54
N PRO A 489 -2.26 42.70 19.26
CA PRO A 489 -2.26 44.12 18.87
C PRO A 489 -1.76 45.01 20.00
N ALA A 490 -1.13 46.12 19.61
CA ALA A 490 -0.44 46.96 20.58
C ALA A 490 -1.39 47.85 21.36
N ASN A 491 -2.13 48.71 20.67
CA ASN A 491 -2.91 49.76 21.31
C ASN A 491 -4.37 49.37 21.55
N LEU A 492 -4.73 48.12 21.30
CA LEU A 492 -6.10 47.67 21.49
C LEU A 492 -6.32 47.25 22.94
N THR A 493 -7.45 46.58 23.19
CA THR A 493 -7.88 46.28 24.55
C THR A 493 -7.06 45.18 25.22
N ILE A 494 -6.34 44.37 24.45
CA ILE A 494 -5.51 43.32 25.04
C ILE A 494 -4.31 43.95 25.71
N THR A 495 -4.12 43.63 26.99
CA THR A 495 -3.09 44.25 27.81
C THR A 495 -2.02 43.22 28.19
N LYS A 496 -0.79 43.70 28.28
CA LYS A 496 0.33 42.83 28.62
C LYS A 496 0.27 42.45 30.10
N PRO A 497 0.52 41.19 30.43
CA PRO A 497 0.73 40.81 31.83
C PRO A 497 2.13 41.24 32.29
N SER A 498 2.42 40.93 33.55
CA SER A 498 3.69 41.36 34.14
C SER A 498 4.87 40.63 33.51
N SER A 499 4.74 39.31 33.32
CA SER A 499 5.82 38.51 32.76
C SER A 499 5.23 37.21 32.23
N TYR A 500 6.08 36.41 31.59
CA TYR A 500 5.73 35.07 31.16
C TYR A 500 6.20 34.07 32.22
N SER A 501 5.29 33.21 32.67
CA SER A 501 5.62 32.24 33.70
C SER A 501 5.05 30.87 33.33
N PHE A 502 5.70 29.83 33.82
CA PHE A 502 5.28 28.46 33.55
C PHE A 502 5.73 27.58 34.70
N ILE A 503 5.11 26.40 34.80
CA ILE A 503 5.43 25.46 35.86
C ILE A 503 6.67 24.67 35.46
N SER A 504 7.72 24.76 36.27
CA SER A 504 8.96 24.06 35.99
C SER A 504 9.03 22.68 36.63
N LYS A 505 8.33 22.49 37.74
CA LYS A 505 8.30 21.20 38.40
C LYS A 505 6.94 21.01 39.06
N CYS A 506 6.46 19.77 39.05
CA CYS A 506 5.19 19.43 39.69
C CYS A 506 5.24 17.95 40.03
N SER A 507 5.50 17.64 41.29
CA SER A 507 5.74 16.27 41.71
C SER A 507 5.04 16.00 43.04
N ARG A 508 5.06 14.72 43.43
CA ARG A 508 4.45 14.26 44.67
C ARG A 508 5.53 13.64 45.54
N LEU A 509 5.54 13.99 46.83
CA LEU A 509 6.49 13.45 47.79
C LEU A 509 5.77 12.44 48.68
N THR A 510 6.41 11.29 48.89
CA THR A 510 5.84 10.24 49.73
C THR A 510 6.98 9.41 50.30
N GLY A 511 6.65 8.24 50.84
CA GLY A 511 7.65 7.36 51.41
C GLY A 511 8.00 7.65 52.85
N ASP A 512 7.08 8.24 53.63
CA ASP A 512 7.17 8.54 55.07
C ASP A 512 8.43 9.33 55.46
N ASN A 513 9.12 9.93 54.49
CA ASN A 513 10.24 10.81 54.77
C ASN A 513 10.27 12.02 53.85
N SER A 514 9.29 12.16 52.95
CA SER A 514 9.25 13.17 51.89
C SER A 514 10.53 13.12 51.04
N HIS A 515 10.98 11.89 50.75
CA HIS A 515 12.21 11.68 49.99
C HIS A 515 11.99 11.04 48.64
N ILE A 516 10.85 10.40 48.41
CA ILE A 516 10.53 9.78 47.13
C ILE A 516 9.90 10.84 46.24
N GLU A 517 10.47 11.05 45.06
CA GLU A 517 10.03 12.07 44.12
C GLU A 517 9.36 11.40 42.94
N THR A 518 8.09 11.73 42.70
CA THR A 518 7.33 11.18 41.59
C THR A 518 6.68 12.33 40.81
N PRO A 519 7.15 12.63 39.59
CA PRO A 519 6.58 13.74 38.85
C PRO A 519 5.15 13.46 38.38
N ILE A 520 4.32 14.48 38.41
CA ILE A 520 2.92 14.40 38.00
C ILE A 520 2.81 15.10 36.65
N VAL A 521 2.63 14.32 35.60
CA VAL A 521 2.58 14.83 34.23
C VAL A 521 1.13 14.96 33.80
N ILE A 522 0.83 16.01 33.03
CA ILE A 522 -0.53 16.29 32.60
C ILE A 522 -0.88 15.43 31.39
N ASN A 523 -2.17 15.36 31.08
CA ASN A 523 -2.72 14.69 29.92
C ASN A 523 -2.90 15.69 28.78
N PRO A 524 -2.99 15.21 27.53
CA PRO A 524 -3.23 16.15 26.41
C PRO A 524 -4.57 16.86 26.53
N GLY A 525 -4.51 18.18 26.48
CA GLY A 525 -5.70 19.01 26.56
C GLY A 525 -6.23 19.27 27.95
N GLU A 526 -5.49 18.91 28.99
CA GLU A 526 -5.96 19.06 30.36
C GLU A 526 -5.08 20.05 31.12
N TYR A 527 -5.60 20.48 32.27
CA TYR A 527 -4.89 21.40 33.14
C TYR A 527 -3.92 20.64 34.04
N SER A 528 -3.23 21.39 34.90
CA SER A 528 -2.27 20.84 35.85
C SER A 528 -2.81 20.97 37.26
N ILE A 529 -2.39 20.04 38.12
CA ILE A 529 -2.75 20.12 39.53
C ILE A 529 -2.00 21.28 40.20
N CYS A 530 -0.79 21.58 39.72
CA CYS A 530 0.04 22.62 40.31
C CYS A 530 -0.31 24.02 39.81
N LYS A 531 -1.36 24.17 39.02
CA LYS A 531 -1.77 25.49 38.54
C LYS A 531 -2.49 26.30 39.61
N ASN A 532 -2.87 25.69 40.73
CA ASN A 532 -3.53 26.41 41.80
C ASN A 532 -2.56 27.08 42.77
N PHE A 533 -1.26 26.85 42.60
CA PHE A 533 -0.28 27.55 43.43
C PHE A 533 -0.23 29.03 43.09
N ALA A 534 -0.17 29.36 41.81
CA ALA A 534 -0.17 30.75 41.35
C ALA A 534 -1.00 30.82 40.07
N PRO A 535 -2.32 30.94 40.19
CA PRO A 535 -3.16 30.98 39.00
C PRO A 535 -3.01 32.24 38.17
N ASN A 536 -2.55 33.33 38.76
CA ASN A 536 -2.38 34.59 38.04
C ASN A 536 -0.95 34.80 37.55
N GLY A 537 -0.06 33.84 37.75
CA GLY A 537 1.31 33.97 37.31
C GLY A 537 2.29 33.98 38.46
N PHE A 538 3.43 33.32 38.27
CA PHE A 538 4.47 33.32 39.29
C PHE A 538 5.16 34.67 39.34
N SER A 539 5.68 35.02 40.52
CA SER A 539 6.31 36.31 40.74
C SER A 539 7.83 36.27 40.59
N GLN A 540 8.47 35.19 41.01
CA GLN A 540 9.92 35.05 40.94
C GLN A 540 10.28 33.81 40.14
N ASP A 541 11.53 33.78 39.69
CA ASP A 541 12.00 32.67 38.87
C ASP A 541 12.15 31.38 39.67
N GLY A 542 12.42 31.49 40.96
CA GLY A 542 12.63 30.31 41.78
C GLY A 542 11.57 30.12 42.84
N ASP A 543 10.31 30.36 42.49
CA ASP A 543 9.22 30.26 43.45
C ASP A 543 8.94 28.81 43.77
N TYR A 544 9.02 28.45 45.04
CA TYR A 544 8.85 27.08 45.51
C TYR A 544 7.56 27.00 46.31
N PHE A 545 6.70 26.04 45.96
CA PHE A 545 5.40 25.89 46.58
C PHE A 545 5.24 24.48 47.12
N THR A 546 4.50 24.37 48.22
CA THR A 546 4.26 23.10 48.89
C THR A 546 2.80 23.03 49.33
N ARG A 547 2.22 21.84 49.27
CA ARG A 547 0.83 21.66 49.68
C ARG A 547 0.61 20.20 50.02
N GLN A 548 -0.11 19.96 51.12
CA GLN A 548 -0.45 18.61 51.53
C GLN A 548 -1.72 18.15 50.81
N LEU A 549 -1.65 17.00 50.16
CA LEU A 549 -2.77 16.45 49.43
C LEU A 549 -3.65 15.61 50.36
N SER A 550 -4.95 15.63 50.09
CA SER A 550 -5.93 14.97 50.95
C SER A 550 -5.92 13.46 50.72
N GLN A 551 -6.74 12.76 51.50
CA GLN A 551 -6.83 11.31 51.37
C GLN A 551 -7.57 10.90 50.10
N LEU A 552 -8.59 11.66 49.71
CA LEU A 552 -9.28 11.40 48.45
C LEU A 552 -8.40 11.71 47.24
N GLU A 553 -7.39 12.56 47.41
CA GLU A 553 -6.36 12.78 46.40
C GLU A 553 -5.31 11.69 46.52
N GLY A 554 -4.15 11.91 45.89
CA GLY A 554 -3.07 10.91 45.94
C GLY A 554 -2.57 10.63 47.34
N GLY A 555 -2.57 11.64 48.21
CA GLY A 555 -2.24 11.45 49.60
C GLY A 555 -0.83 11.83 50.00
N GLY A 556 -0.02 12.33 49.08
CA GLY A 556 1.34 12.73 49.35
C GLY A 556 1.47 14.23 49.59
N ILE A 557 2.64 14.76 49.25
CA ILE A 557 2.93 16.18 49.38
C ILE A 557 3.12 16.75 47.98
N LEU A 558 2.33 17.75 47.62
CA LEU A 558 2.41 18.38 46.31
C LEU A 558 3.49 19.46 46.35
N VAL A 559 4.45 19.36 45.43
CA VAL A 559 5.55 20.31 45.32
C VAL A 559 5.50 20.91 43.92
N GLY A 560 5.48 22.25 43.86
CA GLY A 560 5.40 22.93 42.59
C GLY A 560 6.35 24.10 42.48
N VAL A 561 7.14 24.13 41.41
CA VAL A 561 8.11 25.18 41.15
C VAL A 561 7.73 25.88 39.86
N GLY A 562 7.86 27.19 39.84
CA GLY A 562 7.51 27.97 38.66
C GLY A 562 8.63 28.91 38.25
N SER A 563 8.90 28.95 36.96
CA SER A 563 9.90 29.83 36.37
C SER A 563 9.22 31.07 35.79
N VAL A 564 10.00 32.13 35.64
CA VAL A 564 9.50 33.41 35.13
C VAL A 564 10.46 33.92 34.07
N THR A 565 9.90 34.23 32.88
CA THR A 565 10.58 34.84 31.74
C THR A 565 10.19 36.30 31.64
N PRO A 566 11.14 37.22 31.43
CA PRO A 566 10.78 38.64 31.31
C PRO A 566 9.88 38.92 30.11
N MET A 567 8.98 39.87 30.28
CA MET A 567 8.00 40.21 29.27
C MET A 567 8.65 41.00 28.13
N THR A 568 8.34 40.62 26.90
CA THR A 568 8.91 41.27 25.73
C THR A 568 8.25 42.63 25.48
N ASP A 569 8.71 43.31 24.43
CA ASP A 569 8.18 44.63 24.08
C ASP A 569 6.73 44.52 23.65
N THR A 570 6.40 43.52 22.83
CA THR A 570 5.04 43.29 22.38
C THR A 570 4.53 41.98 22.98
N LEU A 571 3.21 41.93 23.20
CA LEU A 571 2.59 40.74 23.77
C LEU A 571 2.50 39.65 22.72
N GLN A 572 3.15 38.52 22.98
CA GLN A 572 3.11 37.36 22.11
C GLN A 572 2.20 36.31 22.71
N MET A 573 1.36 35.70 21.87
CA MET A 573 0.34 34.78 22.31
C MET A 573 0.46 33.48 21.54
N GLY A 574 -0.08 32.42 22.13
CA GLY A 574 -0.18 31.13 21.47
C GLY A 574 -1.63 30.71 21.38
N PHE A 575 -1.98 30.04 20.28
CA PHE A 575 -3.34 29.58 20.04
C PHE A 575 -3.31 28.12 19.64
N ILE A 576 -4.12 27.32 20.31
CA ILE A 576 -4.27 25.90 20.00
C ILE A 576 -5.74 25.69 19.64
N ILE A 577 -6.05 25.67 18.35
CA ILE A 577 -7.42 25.57 17.90
C ILE A 577 -7.72 24.13 17.49
N SER A 578 -9.01 23.83 17.38
CA SER A 578 -9.47 22.49 17.05
C SER A 578 -10.87 22.58 16.45
N VAL A 579 -11.21 21.61 15.60
CA VAL A 579 -12.50 21.61 14.93
C VAL A 579 -13.12 20.21 15.01
N GLN A 580 -14.44 20.18 14.92
CA GLN A 580 -15.23 18.94 14.82
C GLN A 580 -16.24 19.11 13.71
N TYR A 581 -16.65 18.00 13.10
CA TYR A 581 -17.42 18.08 11.86
C TYR A 581 -18.81 17.44 11.96
N GLY A 582 -18.92 16.22 12.47
CA GLY A 582 -20.21 15.56 12.47
C GLY A 582 -20.84 15.37 13.83
N THR A 583 -20.75 16.38 14.69
CA THR A 583 -21.20 16.25 16.07
C THR A 583 -22.39 17.12 16.42
N ASP A 584 -22.87 17.96 15.52
CA ASP A 584 -23.96 18.87 15.84
C ASP A 584 -24.81 19.12 14.61
N THR A 585 -26.09 19.43 14.83
CA THR A 585 -26.98 19.78 13.73
C THR A 585 -26.62 21.14 13.14
N ASN A 586 -26.37 22.13 13.98
CA ASN A 586 -25.94 23.45 13.53
C ASN A 586 -24.42 23.48 13.45
N SER A 587 -23.91 24.33 12.56
CA SER A 587 -22.48 24.43 12.30
C SER A 587 -21.98 25.84 12.57
N VAL A 588 -20.66 25.95 12.70
CA VAL A 588 -19.99 27.23 12.87
C VAL A 588 -19.42 27.63 11.52
N CYS A 589 -19.85 28.78 11.00
CA CYS A 589 -19.48 29.21 9.67
C CYS A 589 -18.83 30.59 9.71
N PRO A 590 -17.63 30.74 9.16
CA PRO A 590 -17.12 32.10 8.92
C PRO A 590 -17.93 32.80 7.85
N MET A 591 -18.03 34.12 7.97
CA MET A 591 -18.78 34.90 7.00
C MET A 591 -18.03 35.04 5.69
N ASN A 596 -30.15 34.69 -0.14
CA ASN A 596 -29.07 33.76 -0.42
C ASN A 596 -29.55 32.31 -0.39
N SER A 597 -30.49 32.03 0.50
CA SER A 597 -31.04 30.68 0.61
C SER A 597 -31.97 30.39 -0.57
N THR A 598 -31.79 29.23 -1.19
CA THR A 598 -32.59 28.81 -2.33
C THR A 598 -33.57 27.73 -1.90
N THR A 599 -34.31 27.20 -2.87
CA THR A 599 -35.34 26.19 -2.62
C THR A 599 -35.13 25.03 -3.58
N ILE A 600 -35.40 23.81 -3.10
CA ILE A 600 -35.21 22.60 -3.89
C ILE A 600 -36.51 22.13 -4.55
N THR A 601 -37.62 22.83 -4.33
CA THR A 601 -38.91 22.39 -4.86
C THR A 601 -38.94 22.43 -6.38
N ASP A 602 -38.30 23.42 -6.98
CA ASP A 602 -38.28 23.51 -8.45
C ASP A 602 -37.28 22.55 -9.07
N LYS A 603 -36.34 22.02 -8.31
CA LYS A 603 -35.30 21.12 -8.82
C LYS A 603 -35.26 19.88 -7.94
N LEU A 604 -36.11 18.90 -8.25
CA LEU A 604 -36.12 17.62 -7.57
C LEU A 604 -35.74 16.52 -8.56
N GLY A 605 -35.02 15.53 -8.08
CA GLY A 605 -34.56 14.47 -8.96
C GLY A 605 -33.45 14.86 -9.91
N VAL A 606 -32.69 15.90 -9.57
CA VAL A 606 -31.61 16.38 -10.42
C VAL A 606 -30.39 16.62 -9.53
N CYS A 607 -29.21 16.49 -10.11
CA CYS A 607 -27.96 16.63 -9.36
C CYS A 607 -27.72 18.12 -9.08
N VAL A 608 -27.71 18.48 -7.80
CA VAL A 608 -27.44 19.85 -7.37
C VAL A 608 -26.29 19.82 -6.38
N GLU A 609 -25.76 21.00 -6.09
CA GLU A 609 -24.77 21.20 -5.05
C GLU A 609 -25.46 21.83 -3.85
N TYR A 610 -25.34 21.20 -2.68
CA TYR A 610 -26.06 21.63 -1.50
C TYR A 610 -25.11 22.12 -0.42
N ASN A 611 -25.58 23.08 0.36
CA ASN A 611 -24.91 23.55 1.57
C ASN A 611 -25.99 23.71 2.63
N LEU A 612 -26.24 22.64 3.38
CA LEU A 612 -27.38 22.56 4.28
C LEU A 612 -26.89 22.70 5.72
N TYR A 613 -27.04 23.90 6.28
CA TYR A 613 -26.72 24.20 7.68
C TYR A 613 -25.27 23.89 8.00
N GLY A 614 -24.37 24.16 7.06
CA GLY A 614 -22.96 23.91 7.22
C GLY A 614 -22.47 22.63 6.58
N VAL A 615 -23.34 21.67 6.33
CA VAL A 615 -22.98 20.43 5.66
C VAL A 615 -23.02 20.67 4.16
N SER A 616 -21.89 20.49 3.48
CA SER A 616 -21.77 20.77 2.07
C SER A 616 -21.51 19.49 1.29
N GLY A 617 -21.89 19.50 0.02
CA GLY A 617 -21.68 18.35 -0.84
C GLY A 617 -22.48 18.48 -2.11
N ARG A 618 -22.60 17.35 -2.80
CA ARG A 618 -23.38 17.25 -4.02
C ARG A 618 -24.26 16.02 -3.95
N GLY A 619 -25.45 16.10 -4.55
CA GLY A 619 -26.36 14.99 -4.45
C GLY A 619 -27.66 15.29 -5.17
N VAL A 620 -28.56 14.31 -5.13
CA VAL A 620 -29.86 14.37 -5.79
C VAL A 620 -30.93 14.32 -4.71
N PHE A 621 -31.81 15.32 -4.70
CA PHE A 621 -32.84 15.45 -3.69
C PHE A 621 -34.18 15.07 -4.30
N ILE A 622 -34.85 14.10 -3.68
CA ILE A 622 -36.19 13.66 -4.09
C ILE A 622 -37.10 13.69 -2.87
N ASN A 623 -38.39 13.80 -3.13
CA ASN A 623 -39.36 13.72 -2.04
C ASN A 623 -39.42 12.30 -1.49
N CYS A 624 -39.63 12.20 -0.18
CA CYS A 624 -39.48 10.92 0.49
C CYS A 624 -40.36 10.92 1.74
N THR A 625 -40.64 9.72 2.24
CA THR A 625 -41.42 9.58 3.46
C THR A 625 -40.51 9.81 4.67
N ALA A 626 -41.04 10.56 5.65
CA ALA A 626 -40.24 11.01 6.77
C ALA A 626 -39.83 9.84 7.66
N VAL A 627 -38.51 9.62 7.79
CA VAL A 627 -37.95 8.59 8.64
C VAL A 627 -36.87 9.22 9.52
N GLY A 628 -36.55 8.53 10.61
CA GLY A 628 -35.57 9.04 11.55
C GLY A 628 -36.15 10.11 12.47
N VAL A 629 -35.32 10.55 13.40
CA VAL A 629 -35.71 11.60 14.34
C VAL A 629 -35.69 12.94 13.62
N LYS A 630 -36.76 13.72 13.81
CA LYS A 630 -36.87 14.99 13.09
C LYS A 630 -35.95 16.05 13.67
N GLN A 631 -35.78 16.06 15.00
CA GLN A 631 -34.97 17.10 15.63
C GLN A 631 -33.49 16.95 15.32
N GLN A 632 -33.05 15.76 14.91
CA GLN A 632 -31.76 15.60 14.26
C GLN A 632 -31.97 15.84 12.78
N ARG A 633 -31.34 16.90 12.26
CA ARG A 633 -31.70 17.41 10.95
C ARG A 633 -31.27 16.47 9.82
N PHE A 634 -30.26 15.64 10.05
CA PHE A 634 -29.67 14.83 8.99
C PHE A 634 -29.82 13.35 9.33
N VAL A 635 -30.13 12.55 8.32
CA VAL A 635 -30.24 11.11 8.43
C VAL A 635 -29.05 10.48 7.71
N TYR A 636 -28.35 9.58 8.39
CA TYR A 636 -27.15 8.96 7.87
C TYR A 636 -27.36 7.46 7.70
N ASP A 637 -26.32 6.78 7.21
CA ASP A 637 -26.37 5.34 7.02
C ASP A 637 -25.18 4.68 7.73
N GLY A 638 -24.94 3.41 7.45
CA GLY A 638 -23.86 2.68 8.11
C GLY A 638 -22.47 3.16 7.74
N PHE A 639 -22.32 3.81 6.58
CA PHE A 639 -21.03 4.27 6.11
C PHE A 639 -20.82 5.77 6.34
N ASP A 640 -21.67 6.39 7.17
CA ASP A 640 -21.60 7.82 7.50
C ASP A 640 -21.71 8.70 6.25
N ASN A 641 -22.75 8.46 5.46
CA ASN A 641 -23.08 9.28 4.31
C ASN A 641 -24.47 9.86 4.49
N LEU A 642 -24.68 11.06 3.96
CA LEU A 642 -25.96 11.73 4.07
C LEU A 642 -26.97 11.04 3.15
N ILE A 643 -28.03 10.50 3.73
CA ILE A 643 -29.08 9.83 2.98
C ILE A 643 -30.44 10.51 3.12
N GLY A 644 -30.58 11.49 3.99
CA GLY A 644 -31.84 12.18 4.17
C GLY A 644 -31.63 13.52 4.80
N TYR A 645 -32.64 14.38 4.66
CA TYR A 645 -32.53 15.74 5.17
C TYR A 645 -33.93 16.27 5.49
N TYR A 646 -34.07 16.85 6.68
CA TYR A 646 -35.31 17.48 7.12
C TYR A 646 -35.22 18.97 6.85
N SER A 647 -36.00 19.46 5.89
CA SER A 647 -35.87 20.83 5.44
C SER A 647 -36.73 21.77 6.28
N ASP A 648 -36.54 23.07 6.05
CA ASP A 648 -37.27 24.10 6.77
C ASP A 648 -38.70 24.28 6.27
N ASP A 649 -39.05 23.69 5.14
CA ASP A 649 -40.41 23.77 4.62
C ASP A 649 -41.28 22.60 5.09
N GLY A 650 -40.79 21.81 6.05
CA GLY A 650 -41.53 20.65 6.52
C GLY A 650 -41.65 19.53 5.52
N ASN A 651 -40.59 19.26 4.77
CA ASN A 651 -40.56 18.17 3.80
C ASN A 651 -39.29 17.37 3.98
N TYR A 652 -39.42 16.08 4.25
CA TYR A 652 -38.26 15.20 4.30
C TYR A 652 -37.83 14.86 2.89
N TYR A 653 -36.54 14.97 2.63
CA TYR A 653 -35.98 14.72 1.30
C TYR A 653 -34.99 13.57 1.39
N CYS A 654 -35.15 12.58 0.52
CA CYS A 654 -34.20 11.49 0.42
C CYS A 654 -33.05 11.91 -0.49
N VAL A 655 -31.82 11.84 0.03
CA VAL A 655 -30.63 12.32 -0.66
C VAL A 655 -29.92 11.15 -1.30
N ARG A 656 -29.68 11.23 -2.61
CA ARG A 656 -28.96 10.22 -3.36
C ARG A 656 -27.74 10.84 -4.03
N PRO A 657 -26.66 10.08 -4.18
CA PRO A 657 -25.49 10.61 -4.90
C PRO A 657 -25.79 10.81 -6.38
N CYS A 658 -25.07 11.76 -6.97
CA CYS A 658 -25.24 12.03 -8.40
C CYS A 658 -24.72 10.87 -9.23
N VAL A 659 -25.52 10.44 -10.19
CA VAL A 659 -25.22 9.24 -10.96
C VAL A 659 -24.89 9.63 -12.39
N SER A 660 -24.12 8.77 -13.05
CA SER A 660 -23.77 8.95 -14.45
C SER A 660 -24.43 7.86 -15.28
N VAL A 661 -24.85 8.23 -16.49
CA VAL A 661 -25.50 7.27 -17.39
C VAL A 661 -24.45 6.27 -17.89
N PRO A 662 -24.69 4.97 -17.74
CA PRO A 662 -23.74 3.98 -18.28
C PRO A 662 -23.71 4.01 -19.80
N LEU A 663 -22.56 3.63 -20.35
CA LEU A 663 -22.36 3.65 -21.79
C LEU A 663 -21.73 2.36 -22.26
N SER A 664 -22.24 1.83 -23.38
CA SER A 664 -21.64 0.71 -24.09
C SER A 664 -21.60 1.07 -25.57
N VAL A 665 -20.55 0.61 -26.25
CA VAL A 665 -20.34 0.92 -27.66
C VAL A 665 -20.23 -0.39 -28.43
N VAL A 666 -21.11 -0.58 -29.40
CA VAL A 666 -21.00 -1.66 -30.37
C VAL A 666 -20.08 -1.19 -31.49
N TYR A 667 -19.16 -2.04 -31.91
CA TYR A 667 -18.25 -1.69 -33.00
C TYR A 667 -18.12 -2.86 -33.96
N ASP A 668 -18.20 -2.56 -35.26
CA ASP A 668 -17.93 -3.51 -36.32
C ASP A 668 -16.75 -2.98 -37.13
N LYS A 669 -15.66 -3.75 -37.17
CA LYS A 669 -14.43 -3.25 -37.79
C LYS A 669 -14.49 -3.28 -39.30
N THR A 670 -15.18 -4.28 -39.88
CA THR A 670 -15.16 -4.42 -41.33
C THR A 670 -15.98 -3.33 -42.02
N THR A 671 -17.18 -3.06 -41.53
CA THR A 671 -18.04 -2.04 -42.12
C THR A 671 -17.83 -0.66 -41.53
N ASN A 672 -17.02 -0.55 -40.46
CA ASN A 672 -16.73 0.72 -39.78
C ASN A 672 -18.00 1.42 -39.31
N SER A 673 -18.96 0.64 -38.83
CA SER A 673 -20.21 1.16 -38.28
C SER A 673 -20.26 0.87 -36.80
N HIS A 674 -20.76 1.83 -36.03
CA HIS A 674 -20.79 1.71 -34.57
C HIS A 674 -22.16 2.11 -34.04
N ALA A 675 -22.49 1.57 -32.87
CA ALA A 675 -23.74 1.87 -32.19
C ALA A 675 -23.45 2.19 -30.73
N THR A 676 -24.44 2.77 -30.06
CA THR A 676 -24.29 3.22 -28.68
C THR A 676 -25.42 2.64 -27.84
N ILE A 677 -25.07 1.99 -26.74
CA ILE A 677 -26.04 1.41 -25.82
C ILE A 677 -25.98 2.18 -24.51
N PHE A 678 -27.14 2.65 -24.04
CA PHE A 678 -27.28 3.19 -22.70
C PHE A 678 -27.86 2.08 -21.84
N GLY A 679 -27.01 1.45 -21.05
CA GLY A 679 -27.38 0.27 -20.29
C GLY A 679 -28.44 0.50 -19.24
N SER A 680 -29.58 -0.18 -19.41
CA SER A 680 -30.73 -0.15 -18.50
C SER A 680 -31.27 1.26 -18.26
N VAL A 681 -31.22 2.11 -19.29
CA VAL A 681 -31.80 3.46 -19.21
C VAL A 681 -32.89 3.57 -20.25
N ALA A 682 -34.04 4.10 -19.85
CA ALA A 682 -35.12 4.35 -20.79
C ALA A 682 -34.77 5.51 -21.71
N CYS A 683 -35.43 5.54 -22.87
CA CYS A 683 -35.13 6.57 -23.88
C CYS A 683 -35.68 7.93 -23.46
N GLU A 684 -36.73 7.95 -22.62
CA GLU A 684 -37.25 9.22 -22.13
C GLU A 684 -36.26 9.93 -21.22
N HIS A 685 -35.40 9.16 -20.53
CA HIS A 685 -34.35 9.78 -19.74
C HIS A 685 -33.24 10.33 -20.61
N ILE A 686 -33.01 9.73 -21.78
CA ILE A 686 -32.03 10.27 -22.72
C ILE A 686 -32.56 11.56 -23.34
N THR A 687 -33.85 11.58 -23.71
CA THR A 687 -34.38 12.72 -24.46
C THR A 687 -34.72 13.89 -23.54
N THR A 688 -35.58 13.64 -22.54
CA THR A 688 -36.10 14.73 -21.72
C THR A 688 -35.07 15.19 -20.69
N MET A 689 -34.69 14.31 -19.78
CA MET A 689 -33.74 14.66 -18.73
C MET A 689 -32.31 14.60 -19.28
N LEU A 690 -31.36 15.00 -18.43
CA LEU A 690 -29.93 15.02 -18.72
C LEU A 690 -29.61 15.84 -19.97
N HIS A 691 -29.53 15.16 -21.12
CA HIS A 691 -29.14 15.73 -22.42
C HIS A 691 -27.72 16.32 -22.32
N GLN A 692 -26.89 15.73 -21.46
CA GLN A 692 -25.46 16.01 -21.41
C GLN A 692 -24.71 14.71 -21.62
N PHE A 693 -24.16 14.54 -22.81
CA PHE A 693 -23.41 13.35 -23.21
C PHE A 693 -22.29 13.82 -24.13
N SER A 694 -21.76 12.91 -24.94
CA SER A 694 -20.80 13.27 -25.97
C SER A 694 -21.44 14.18 -27.02
N ARG A 695 -20.59 14.75 -27.88
CA ARG A 695 -21.01 15.82 -28.78
C ARG A 695 -22.00 15.31 -29.82
N THR A 696 -21.67 14.23 -30.52
CA THR A 696 -22.58 13.69 -31.52
C THR A 696 -23.75 12.95 -30.89
N THR A 697 -23.56 12.38 -29.70
CA THR A 697 -24.66 11.72 -29.01
C THR A 697 -25.71 12.73 -28.58
N GLN A 698 -25.28 13.91 -28.13
CA GLN A 698 -26.21 14.98 -27.79
C GLN A 698 -27.00 15.45 -29.01
N ALA A 699 -26.34 15.52 -30.16
CA ALA A 699 -26.99 15.92 -31.40
C ALA A 699 -27.91 14.81 -31.91
N SER A 709 -31.24 3.79 -36.11
CA SER A 709 -31.15 5.21 -36.45
C SER A 709 -31.30 6.07 -35.20
N GLY A 710 -32.55 6.30 -34.80
CA GLY A 710 -32.84 7.14 -33.65
C GLY A 710 -32.80 6.35 -32.35
N PRO A 711 -33.25 6.98 -31.26
CA PRO A 711 -33.28 6.30 -29.96
C PRO A 711 -34.33 5.20 -29.94
N LEU A 712 -33.89 3.97 -29.68
CA LEU A 712 -34.76 2.80 -29.67
C LEU A 712 -34.67 2.12 -28.32
N GLN A 713 -35.81 1.74 -27.77
CA GLN A 713 -35.87 1.08 -26.47
C GLN A 713 -35.85 -0.44 -26.66
N THR A 714 -34.80 -1.08 -26.18
CA THR A 714 -34.64 -2.52 -26.24
C THR A 714 -34.75 -3.11 -24.83
N ALA A 715 -34.53 -4.42 -24.74
CA ALA A 715 -34.56 -5.11 -23.46
C ALA A 715 -33.32 -4.83 -22.62
N VAL A 716 -32.27 -4.26 -23.20
CA VAL A 716 -31.04 -3.94 -22.49
C VAL A 716 -30.87 -2.45 -22.27
N GLY A 717 -31.82 -1.63 -22.69
CA GLY A 717 -31.75 -0.20 -22.54
C GLY A 717 -31.91 0.51 -23.88
N CYS A 718 -31.85 1.84 -23.80
CA CYS A 718 -31.98 2.67 -25.00
C CYS A 718 -30.73 2.56 -25.86
N VAL A 719 -30.93 2.45 -27.17
CA VAL A 719 -29.83 2.36 -28.13
C VAL A 719 -30.02 3.40 -29.22
N ILE A 720 -28.91 3.97 -29.68
CA ILE A 720 -28.89 4.86 -30.85
C ILE A 720 -27.89 4.31 -31.85
N GLY A 721 -28.26 4.33 -33.12
CA GLY A 721 -27.44 3.79 -34.18
C GLY A 721 -27.85 2.43 -34.68
N LEU A 722 -28.93 1.86 -34.15
CA LEU A 722 -29.44 0.57 -34.58
C LEU A 722 -30.82 0.76 -35.16
N VAL A 723 -31.01 0.29 -36.39
CA VAL A 723 -32.29 0.39 -37.08
C VAL A 723 -33.05 -0.91 -36.87
N ASN A 724 -34.31 -0.79 -36.44
CA ASN A 724 -35.14 -1.96 -36.18
C ASN A 724 -35.64 -2.55 -37.48
N SER A 725 -35.39 -3.85 -37.67
CA SER A 725 -35.82 -4.55 -38.87
C SER A 725 -36.64 -5.80 -38.58
N SER A 726 -36.75 -6.22 -37.31
CA SER A 726 -37.49 -7.42 -36.88
C SER A 726 -36.99 -8.66 -37.61
N MET A 727 -35.68 -8.76 -37.77
CA MET A 727 -35.05 -9.91 -38.41
C MET A 727 -34.50 -10.86 -37.37
N VAL A 728 -34.38 -12.12 -37.76
CA VAL A 728 -34.05 -13.22 -36.86
C VAL A 728 -32.81 -13.93 -37.39
N VAL A 729 -31.81 -14.12 -36.51
CA VAL A 729 -30.60 -14.83 -36.85
C VAL A 729 -30.39 -15.94 -35.83
N ASP A 730 -29.64 -16.97 -36.25
CA ASP A 730 -29.33 -18.07 -35.35
C ASP A 730 -28.18 -17.72 -34.42
N ASN A 731 -27.17 -17.03 -34.92
CA ASN A 731 -26.03 -16.59 -34.13
C ASN A 731 -25.35 -15.41 -34.81
N CYS A 732 -24.53 -14.69 -34.05
CA CYS A 732 -23.81 -13.54 -34.59
C CYS A 732 -22.60 -13.26 -33.71
N GLN A 733 -21.77 -12.32 -34.17
CA GLN A 733 -20.54 -11.97 -33.49
C GLN A 733 -20.68 -10.77 -32.55
N LEU A 734 -21.83 -10.10 -32.53
CA LEU A 734 -22.07 -8.96 -31.64
C LEU A 734 -23.36 -9.18 -30.87
N PRO A 735 -23.32 -9.98 -29.80
CA PRO A 735 -24.50 -10.10 -28.95
C PRO A 735 -24.63 -8.91 -28.00
N LEU A 736 -25.87 -8.46 -27.81
CA LEU A 736 -26.15 -7.33 -26.93
C LEU A 736 -26.69 -7.75 -25.58
N GLY A 737 -27.03 -9.02 -25.41
CA GLY A 737 -27.65 -9.48 -24.18
C GLY A 737 -29.15 -9.60 -24.32
N GLN A 738 -29.74 -10.50 -23.53
CA GLN A 738 -31.17 -10.80 -23.53
C GLN A 738 -31.69 -11.19 -24.92
N SER A 739 -30.91 -12.06 -25.58
CA SER A 739 -31.24 -12.62 -26.90
C SER A 739 -31.40 -11.52 -27.95
N LEU A 740 -30.58 -10.49 -27.86
CA LEU A 740 -30.51 -9.43 -28.86
C LEU A 740 -29.17 -9.48 -29.57
N CYS A 741 -29.12 -8.85 -30.74
CA CYS A 741 -27.91 -8.89 -31.56
C CYS A 741 -27.86 -7.66 -32.45
N ALA A 742 -26.67 -7.39 -32.98
CA ALA A 742 -26.45 -6.33 -33.95
C ALA A 742 -25.79 -6.94 -35.17
N VAL A 743 -26.45 -6.82 -36.32
CA VAL A 743 -25.98 -7.41 -37.57
C VAL A 743 -25.61 -6.29 -38.52
N PRO A 744 -24.36 -6.19 -38.96
CA PRO A 744 -24.00 -5.17 -39.96
C PRO A 744 -24.62 -5.46 -41.31
N SER A 745 -24.82 -4.40 -42.08
CA SER A 745 -25.39 -4.52 -43.42
C SER A 745 -24.39 -4.06 -44.47
N SER A 751 -25.31 -0.62 -44.72
CA SER A 751 -24.68 0.67 -44.43
C SER A 751 -24.38 0.82 -42.95
N GLN A 752 -25.34 0.45 -42.11
CA GLN A 752 -25.21 0.56 -40.66
C GLN A 752 -25.73 -0.72 -40.01
N LEU A 753 -25.46 -0.86 -38.71
CA LEU A 753 -25.88 -2.04 -37.98
C LEU A 753 -27.39 -2.07 -37.79
N GLN A 754 -27.94 -3.28 -37.81
CA GLN A 754 -29.37 -3.48 -37.62
C GLN A 754 -29.60 -4.33 -36.38
N LEU A 755 -30.62 -3.97 -35.60
CA LEU A 755 -30.95 -4.71 -34.40
C LEU A 755 -31.72 -5.98 -34.76
N ALA A 756 -31.21 -7.12 -34.31
CA ALA A 756 -31.79 -8.42 -34.59
C ALA A 756 -32.03 -9.16 -33.29
N THR A 757 -32.57 -10.37 -33.39
CA THR A 757 -32.80 -11.22 -32.23
C THR A 757 -32.38 -12.64 -32.56
N ILE A 758 -32.08 -13.41 -31.52
CA ILE A 758 -31.65 -14.80 -31.65
C ILE A 758 -32.82 -15.69 -31.29
N ASN A 759 -33.21 -16.57 -32.21
CA ASN A 759 -34.35 -17.46 -32.01
C ASN A 759 -33.91 -18.89 -32.28
N TYR A 760 -34.63 -19.83 -31.68
CA TYR A 760 -34.35 -21.25 -31.79
C TYR A 760 -35.32 -21.92 -32.77
N THR A 761 -34.83 -22.94 -33.46
CA THR A 761 -35.63 -23.72 -34.39
C THR A 761 -35.46 -25.20 -34.07
N GLN A 762 -36.57 -25.88 -33.84
CA GLN A 762 -36.52 -27.31 -33.51
C GLN A 762 -37.58 -28.07 -34.31
N PRO A 763 -37.18 -29.07 -35.11
CA PRO A 763 -38.12 -29.89 -35.88
C PRO A 763 -38.98 -30.78 -34.98
N GLN A 777 -33.36 -39.44 -38.05
CA GLN A 777 -32.87 -39.59 -39.42
C GLN A 777 -32.42 -41.01 -39.71
N VAL A 778 -33.13 -41.67 -40.62
CA VAL A 778 -32.71 -43.00 -41.07
C VAL A 778 -31.43 -42.86 -41.90
N PRO A 779 -30.38 -43.63 -41.61
CA PRO A 779 -29.12 -43.50 -42.36
C PRO A 779 -29.29 -43.95 -43.81
N THR A 780 -29.07 -43.02 -44.73
CA THR A 780 -29.14 -43.28 -46.16
C THR A 780 -27.82 -43.06 -46.88
N ASN A 781 -27.11 -41.96 -46.58
CA ASN A 781 -25.86 -41.65 -47.24
C ASN A 781 -24.76 -41.43 -46.21
N PHE A 782 -23.56 -41.85 -46.57
CA PHE A 782 -22.41 -41.70 -45.69
C PHE A 782 -21.98 -40.24 -45.58
N SER A 783 -21.54 -39.85 -44.39
CA SER A 783 -21.01 -38.51 -44.15
C SER A 783 -20.17 -38.55 -42.89
N PHE A 784 -18.92 -38.10 -43.00
CA PHE A 784 -17.99 -38.08 -41.87
C PHE A 784 -17.84 -36.65 -41.37
N GLY A 785 -18.14 -36.43 -40.09
CA GLY A 785 -18.00 -35.14 -39.46
C GLY A 785 -16.80 -35.14 -38.53
N ILE A 786 -16.01 -34.07 -38.61
CA ILE A 786 -14.80 -33.92 -37.82
C ILE A 786 -14.95 -32.66 -36.97
N THR A 787 -14.83 -32.82 -35.65
CA THR A 787 -14.79 -31.68 -34.75
C THR A 787 -13.36 -31.48 -34.25
N GLN A 788 -13.10 -30.28 -33.76
CA GLN A 788 -11.78 -29.89 -33.28
C GLN A 788 -11.89 -29.43 -31.84
N GLU A 789 -11.03 -29.95 -30.97
CA GLU A 789 -11.04 -29.61 -29.56
C GLU A 789 -9.63 -29.47 -29.07
N TYR A 790 -9.38 -28.44 -28.26
CA TYR A 790 -8.06 -28.15 -27.72
C TYR A 790 -8.11 -28.22 -26.20
N ILE A 791 -7.18 -28.98 -25.63
CA ILE A 791 -7.01 -29.03 -24.18
C ILE A 791 -5.62 -28.55 -23.85
N GLN A 792 -5.53 -27.52 -23.01
CA GLN A 792 -4.25 -26.99 -22.57
C GLN A 792 -3.61 -27.93 -21.56
N THR A 793 -2.31 -28.14 -21.67
CA THR A 793 -1.58 -28.96 -20.72
C THR A 793 -0.51 -28.20 -19.94
N THR A 794 -0.08 -27.04 -20.42
CA THR A 794 1.01 -26.29 -19.79
C THR A 794 0.71 -24.80 -19.82
N ILE A 795 1.34 -24.09 -18.89
CA ILE A 795 1.50 -22.64 -18.98
C ILE A 795 3.00 -22.36 -19.01
N GLN A 796 3.34 -21.13 -19.41
CA GLN A 796 4.75 -20.76 -19.53
C GLN A 796 5.39 -20.67 -18.16
N LYS A 797 6.56 -21.30 -18.02
CA LYS A 797 7.30 -21.30 -16.76
C LYS A 797 8.11 -20.01 -16.66
N VAL A 798 7.76 -19.17 -15.70
CA VAL A 798 8.42 -17.88 -15.48
C VAL A 798 8.99 -17.87 -14.07
N THR A 799 10.28 -17.56 -13.96
CA THR A 799 10.90 -17.28 -12.68
C THR A 799 11.35 -15.82 -12.66
N VAL A 800 11.37 -15.23 -11.47
CA VAL A 800 11.63 -13.80 -11.31
C VAL A 800 12.82 -13.62 -10.37
N ASP A 801 13.80 -12.83 -10.80
CA ASP A 801 14.86 -12.39 -9.92
C ASP A 801 14.36 -11.21 -9.11
N CYS A 802 14.13 -11.43 -7.81
CA CYS A 802 13.48 -10.41 -6.98
C CYS A 802 14.35 -9.17 -6.79
N LYS A 803 15.66 -9.35 -6.62
CA LYS A 803 16.56 -8.22 -6.43
C LYS A 803 16.61 -7.35 -7.67
N GLN A 804 16.78 -7.97 -8.85
CA GLN A 804 16.86 -7.21 -10.09
C GLN A 804 15.51 -6.59 -10.45
N TYR A 805 14.40 -7.25 -10.13
CA TYR A 805 13.10 -6.69 -10.42
C TYR A 805 12.79 -5.49 -9.52
N VAL A 806 13.02 -5.64 -8.22
CA VAL A 806 12.64 -4.58 -7.28
C VAL A 806 13.60 -3.40 -7.36
N CYS A 807 14.90 -3.65 -7.42
CA CYS A 807 15.89 -2.58 -7.24
C CYS A 807 16.60 -2.16 -8.52
N ASN A 808 16.66 -3.02 -9.54
CA ASN A 808 17.30 -2.74 -10.83
C ASN A 808 18.77 -2.34 -10.69
N GLY A 809 19.46 -2.99 -9.76
CA GLY A 809 20.89 -2.77 -9.58
C GLY A 809 21.29 -1.42 -9.05
N PHE A 810 20.52 -0.86 -8.11
CA PHE A 810 20.87 0.37 -7.41
C PHE A 810 21.18 0.00 -5.97
N GLN A 811 22.45 0.16 -5.57
CA GLN A 811 22.91 -0.36 -4.28
C GLN A 811 22.20 0.31 -3.10
N LYS A 812 21.74 1.55 -3.29
CA LYS A 812 20.95 2.20 -2.26
C LYS A 812 19.59 1.52 -2.08
N CYS A 813 19.07 0.88 -3.12
CA CYS A 813 17.87 0.07 -2.97
C CYS A 813 18.17 -1.30 -2.35
N GLU A 814 19.35 -1.87 -2.64
CA GLU A 814 19.74 -3.12 -1.97
C GLU A 814 19.92 -2.91 -0.47
N GLN A 815 20.42 -1.74 -0.07
CA GLN A 815 20.59 -1.44 1.35
C GLN A 815 19.26 -1.45 2.09
N LEU A 816 18.17 -1.08 1.41
CA LEU A 816 16.84 -1.13 2.02
C LEU A 816 16.15 -2.47 1.82
N LEU A 817 16.44 -3.18 0.73
CA LEU A 817 15.86 -4.50 0.48
C LEU A 817 16.53 -5.60 1.29
N ARG A 818 17.66 -5.32 1.95
CA ARG A 818 18.23 -6.28 2.87
C ARG A 818 17.35 -6.54 4.09
N GLU A 819 16.40 -5.64 4.37
CA GLU A 819 15.40 -5.86 5.40
C GLU A 819 14.18 -6.62 4.89
N TYR A 820 13.99 -6.73 3.57
CA TYR A 820 12.86 -7.43 2.99
C TYR A 820 13.25 -8.69 2.23
N GLY A 821 14.54 -9.07 2.24
CA GLY A 821 15.02 -10.20 1.44
C GLY A 821 14.36 -11.54 1.73
N GLN A 822 13.76 -11.70 2.91
CA GLN A 822 13.07 -12.96 3.22
C GLN A 822 11.85 -13.15 2.31
N PHE A 823 11.13 -12.05 2.00
CA PHE A 823 9.99 -12.15 1.10
C PHE A 823 10.42 -12.45 -0.32
N CYS A 824 11.57 -11.91 -0.75
CA CYS A 824 12.11 -12.25 -2.06
C CYS A 824 12.50 -13.72 -2.13
N ALA A 825 13.09 -14.24 -1.05
CA ALA A 825 13.41 -15.67 -1.00
C ALA A 825 12.15 -16.53 -1.07
N LYS A 826 11.09 -16.10 -0.38
CA LYS A 826 9.84 -16.86 -0.42
C LYS A 826 9.20 -16.81 -1.80
N ILE A 827 9.28 -15.68 -2.48
CA ILE A 827 8.77 -15.57 -3.85
C ILE A 827 9.54 -16.51 -4.79
N ASN A 828 10.86 -16.54 -4.65
CA ASN A 828 11.68 -17.43 -5.48
C ASN A 828 11.36 -18.89 -5.21
N GLN A 829 11.18 -19.25 -3.93
CA GLN A 829 10.86 -20.63 -3.58
C GLN A 829 9.49 -21.04 -4.09
N ALA A 830 8.50 -20.15 -4.01
CA ALA A 830 7.16 -20.46 -4.52
C ALA A 830 7.16 -20.66 -6.03
N LEU A 831 7.86 -19.78 -6.76
CA LEU A 831 7.94 -19.94 -8.21
C LEU A 831 8.68 -21.22 -8.60
N HIS A 832 9.76 -21.54 -7.88
CA HIS A 832 10.48 -22.78 -8.14
C HIS A 832 9.62 -24.01 -7.88
N GLY A 833 8.83 -23.98 -6.81
CA GLY A 833 7.94 -25.10 -6.51
C GLY A 833 6.86 -25.27 -7.56
N ALA A 834 6.28 -24.17 -8.03
CA ALA A 834 5.27 -24.25 -9.08
C ALA A 834 5.85 -24.81 -10.38
N ASN A 835 7.04 -24.33 -10.77
CA ASN A 835 7.67 -24.82 -11.99
C ASN A 835 8.06 -26.30 -11.87
N LEU A 836 8.56 -26.70 -10.70
CA LEU A 836 8.92 -28.10 -10.49
C LEU A 836 7.69 -29.02 -10.56
N MET A 837 6.58 -28.59 -9.95
CA MET A 837 5.39 -29.43 -9.98
C MET A 837 4.80 -29.49 -11.38
N GLN A 838 4.91 -28.41 -12.16
CA GLN A 838 4.48 -28.47 -13.56
C GLN A 838 5.36 -29.41 -14.37
N ASP A 839 6.68 -29.41 -14.11
CA ASP A 839 7.58 -30.33 -14.79
C ASP A 839 7.25 -31.78 -14.47
N GLU A 840 6.93 -32.06 -13.20
CA GLU A 840 6.50 -33.40 -12.81
C GLU A 840 5.20 -33.78 -13.50
N SER A 841 4.28 -32.81 -13.64
CA SER A 841 3.03 -33.07 -14.35
C SER A 841 3.28 -33.41 -15.82
N VAL A 842 4.20 -32.69 -16.47
CA VAL A 842 4.51 -32.97 -17.87
C VAL A 842 5.15 -34.34 -18.03
N ALA A 843 6.07 -34.68 -17.12
CA ALA A 843 6.71 -36.00 -17.17
C ALA A 843 5.70 -37.12 -16.95
N ASN A 844 4.75 -36.92 -16.04
CA ASN A 844 3.71 -37.93 -15.82
C ASN A 844 2.77 -38.03 -17.01
N LEU A 845 2.49 -36.90 -17.68
CA LEU A 845 1.63 -36.91 -18.85
C LEU A 845 2.28 -37.66 -20.02
N PHE A 846 3.57 -37.43 -20.24
CA PHE A 846 4.27 -38.09 -21.34
C PHE A 846 4.85 -39.44 -20.97
N SER A 847 4.69 -39.88 -19.71
CA SER A 847 5.17 -41.20 -19.33
C SER A 847 4.17 -42.31 -19.61
N ASP A 848 2.87 -42.01 -19.63
CA ASP A 848 1.85 -43.03 -19.81
C ASP A 848 1.74 -43.50 -21.26
N ILE A 849 2.25 -42.72 -22.21
CA ILE A 849 2.17 -43.10 -23.62
C ILE A 849 3.56 -43.48 -24.11
N LYS A 850 4.40 -43.98 -23.20
CA LYS A 850 5.78 -44.33 -23.50
C LYS A 850 5.98 -45.82 -23.76
N THR A 851 5.41 -46.69 -22.92
CA THR A 851 5.68 -48.11 -22.99
C THR A 851 4.79 -48.87 -23.96
N HIS A 852 3.78 -48.21 -24.54
CA HIS A 852 2.88 -48.89 -25.46
C HIS A 852 3.56 -49.13 -26.81
N LYS A 853 3.11 -50.18 -27.50
CA LYS A 853 3.67 -50.56 -28.78
C LYS A 853 2.81 -50.00 -29.92
N SER A 854 3.40 -49.97 -31.12
CA SER A 854 2.73 -49.46 -32.30
C SER A 854 3.26 -50.23 -33.51
N GLN A 855 2.86 -49.79 -34.69
CA GLN A 855 3.27 -50.42 -35.94
C GLN A 855 3.70 -49.36 -36.94
N PRO A 856 4.66 -49.68 -37.81
CA PRO A 856 5.02 -48.73 -38.87
C PRO A 856 3.90 -48.59 -39.88
N LEU A 857 3.79 -47.38 -40.44
CA LEU A 857 2.79 -47.07 -41.44
C LEU A 857 3.46 -46.50 -42.68
N ASN A 858 3.01 -46.94 -43.84
CA ASN A 858 3.56 -46.43 -45.10
C ASN A 858 3.11 -44.99 -45.31
N ALA A 859 3.98 -44.20 -45.94
CA ALA A 859 3.71 -42.79 -46.16
C ALA A 859 2.60 -42.60 -47.18
N GLY A 860 1.71 -41.64 -46.90
CA GLY A 860 0.65 -41.29 -47.81
C GLY A 860 -0.62 -42.08 -47.66
N LEU A 861 -0.63 -43.34 -48.10
CA LEU A 861 -1.85 -44.13 -48.14
C LEU A 861 -1.64 -45.49 -47.48
N ASN A 862 -2.54 -45.83 -46.55
CA ASN A 862 -2.63 -47.18 -46.00
C ASN A 862 -3.76 -47.88 -46.74
N GLY A 863 -3.48 -48.27 -47.98
CA GLY A 863 -4.50 -48.78 -48.86
C GLY A 863 -5.16 -47.66 -49.65
N ASP A 864 -6.34 -47.22 -49.21
CA ASP A 864 -7.03 -46.12 -49.85
C ASP A 864 -7.21 -44.91 -48.95
N PHE A 865 -6.92 -45.01 -47.65
CA PHE A 865 -7.05 -43.88 -46.74
C PHE A 865 -5.80 -43.01 -46.82
N ASN A 866 -5.99 -41.73 -47.12
CA ASN A 866 -4.88 -40.79 -47.31
C ASN A 866 -4.57 -40.13 -45.96
N LEU A 867 -3.44 -40.50 -45.36
CA LEU A 867 -3.05 -40.03 -44.04
C LEU A 867 -1.75 -39.24 -44.08
N THR A 868 -1.42 -38.63 -45.21
CA THR A 868 -0.16 -37.91 -45.32
C THR A 868 -0.16 -36.57 -44.59
N LEU A 869 -1.31 -36.10 -44.15
CA LEU A 869 -1.42 -34.84 -43.43
C LEU A 869 -1.26 -35.01 -41.92
N LEU A 870 -1.13 -36.25 -41.43
CA LEU A 870 -1.10 -36.50 -40.00
C LEU A 870 0.21 -37.10 -39.50
N GLN A 871 1.05 -37.64 -40.38
CA GLN A 871 2.28 -38.30 -39.97
C GLN A 871 3.49 -37.47 -40.37
N VAL A 872 4.59 -37.74 -39.69
CA VAL A 872 5.85 -37.02 -39.95
C VAL A 872 6.41 -37.45 -41.30
N PRO A 873 6.83 -36.52 -42.16
CA PRO A 873 7.43 -36.88 -43.45
C PRO A 873 8.88 -37.36 -43.31
N HIS A 882 10.20 -32.71 -37.74
CA HIS A 882 9.52 -33.81 -37.04
C HIS A 882 8.09 -33.43 -36.68
N ARG A 883 7.41 -32.76 -37.62
CA ARG A 883 6.04 -32.30 -37.40
C ARG A 883 5.18 -32.72 -38.58
N SER A 884 3.92 -33.04 -38.30
CA SER A 884 2.96 -33.34 -39.34
C SER A 884 2.59 -32.05 -40.08
N PRO A 885 2.13 -32.16 -41.34
CA PRO A 885 1.72 -30.95 -42.08
C PRO A 885 0.60 -30.17 -41.41
N ILE A 886 -0.37 -30.86 -40.79
CA ILE A 886 -1.45 -30.14 -40.11
C ILE A 886 -0.93 -29.48 -38.84
N GLU A 887 0.09 -30.07 -38.20
CA GLU A 887 0.74 -29.43 -37.07
C GLU A 887 1.45 -28.15 -37.50
N ASP A 888 2.10 -28.19 -38.66
CA ASP A 888 2.72 -26.98 -39.21
C ASP A 888 1.69 -25.92 -39.54
N LEU A 889 0.55 -26.32 -40.13
CA LEU A 889 -0.50 -25.37 -40.44
C LEU A 889 -1.09 -24.75 -39.18
N LEU A 890 -1.17 -25.52 -38.09
CA LEU A 890 -1.63 -24.97 -36.83
C LEU A 890 -0.60 -24.03 -36.22
N PHE A 891 0.68 -24.37 -36.31
CA PHE A 891 1.72 -23.58 -35.65
C PHE A 891 2.04 -22.29 -36.37
N ASN A 892 1.95 -22.25 -37.70
CA ASN A 892 2.24 -21.00 -38.41
C ASN A 892 1.06 -20.06 -38.49
N LYS A 893 -0.11 -20.45 -38.02
CA LYS A 893 -1.26 -19.56 -38.04
C LYS A 893 -1.63 -19.03 -36.65
N VAL A 894 -0.80 -19.30 -35.65
CA VAL A 894 -0.92 -18.63 -34.35
C VAL A 894 0.21 -17.63 -34.24
N THR A 895 -0.02 -16.58 -33.46
CA THR A 895 0.95 -15.50 -33.29
C THR A 895 1.58 -15.65 -31.90
N ILE A 896 2.66 -16.44 -31.84
CA ILE A 896 3.40 -16.67 -30.61
C ILE A 896 4.83 -16.15 -30.81
N ALA A 897 5.28 -15.33 -29.87
CA ALA A 897 6.64 -14.79 -29.93
C ALA A 897 7.64 -15.86 -29.51
N ASP A 898 8.68 -16.03 -30.29
CA ASP A 898 9.72 -17.02 -29.98
C ASP A 898 10.57 -16.52 -28.83
N PRO A 899 10.66 -17.25 -27.71
CA PRO A 899 11.51 -16.80 -26.60
C PRO A 899 12.99 -16.86 -26.94
N GLY A 900 13.45 -18.01 -27.41
CA GLY A 900 14.84 -18.17 -27.75
C GLY A 900 15.62 -18.70 -26.57
N TYR A 901 15.95 -19.98 -26.59
CA TYR A 901 16.62 -20.60 -25.46
C TYR A 901 18.11 -20.81 -25.70
N MET A 902 18.60 -20.47 -26.88
CA MET A 902 20.03 -20.60 -27.19
C MET A 902 20.73 -19.26 -27.30
N GLN A 903 20.23 -18.37 -28.15
CA GLN A 903 20.89 -17.08 -28.42
C GLN A 903 19.96 -15.91 -28.14
N GLY A 904 19.05 -16.06 -27.18
CA GLY A 904 18.10 -14.99 -26.90
C GLY A 904 18.74 -13.74 -26.34
N TYR A 905 19.67 -13.90 -25.39
CA TYR A 905 20.38 -12.76 -24.83
C TYR A 905 21.24 -12.07 -25.87
N ASP A 906 21.92 -12.85 -26.72
CA ASP A 906 22.78 -12.27 -27.75
C ASP A 906 21.96 -11.57 -28.83
N ASP A 907 20.79 -12.13 -29.18
CA ASP A 907 19.92 -11.46 -30.13
C ASP A 907 19.31 -10.20 -29.54
N CYS A 908 19.04 -10.19 -28.23
CA CYS A 908 18.54 -8.98 -27.59
C CYS A 908 19.61 -7.90 -27.49
N MET A 909 20.86 -8.30 -27.27
CA MET A 909 21.94 -7.33 -27.18
C MET A 909 22.27 -6.71 -28.54
N LYS A 910 22.01 -7.44 -29.62
CA LYS A 910 22.22 -6.93 -30.97
C LYS A 910 20.98 -6.25 -31.54
N GLN A 911 19.88 -6.25 -30.79
CA GLN A 911 18.62 -5.71 -31.31
C GLN A 911 18.67 -4.18 -31.37
N GLY A 912 18.07 -3.64 -32.43
CA GLY A 912 18.03 -2.21 -32.63
C GLY A 912 16.68 -1.63 -32.23
N PRO A 913 15.81 -1.39 -33.21
CA PRO A 913 14.47 -0.84 -32.97
C PRO A 913 13.56 -1.79 -32.19
N ASP A 918 9.44 -5.43 -27.28
CA ASP A 918 9.31 -6.90 -27.26
C ASP A 918 9.25 -7.41 -25.84
N LEU A 919 8.21 -8.19 -25.53
CA LEU A 919 8.04 -8.74 -24.20
C LEU A 919 9.14 -9.77 -23.88
N ILE A 920 9.54 -10.55 -24.88
CA ILE A 920 10.63 -11.49 -24.70
C ILE A 920 11.94 -10.76 -24.47
N CYS A 921 12.20 -9.70 -25.23
CA CYS A 921 13.44 -8.96 -25.07
C CYS A 921 13.47 -8.12 -23.81
N ALA A 922 12.31 -7.84 -23.21
CA ALA A 922 12.24 -7.10 -21.96
C ALA A 922 12.46 -7.96 -20.74
N GLN A 923 12.67 -9.27 -20.92
CA GLN A 923 12.86 -10.16 -19.77
C GLN A 923 14.23 -9.98 -19.14
N TYR A 924 15.22 -9.49 -19.87
CA TYR A 924 16.55 -9.27 -19.32
C TYR A 924 16.72 -7.88 -18.72
N VAL A 925 15.77 -6.98 -18.94
CA VAL A 925 15.82 -5.64 -18.34
C VAL A 925 14.96 -5.52 -17.10
N ALA A 926 14.08 -6.50 -16.85
CA ALA A 926 13.19 -6.46 -15.69
C ALA A 926 13.47 -7.59 -14.71
N GLY A 927 14.46 -8.43 -14.96
CA GLY A 927 14.82 -9.49 -14.03
C GLY A 927 13.82 -10.62 -13.86
N TYR A 928 13.21 -11.07 -14.95
CA TYR A 928 12.42 -12.30 -14.93
C TYR A 928 12.87 -13.19 -16.09
N LYS A 929 12.94 -14.49 -15.83
CA LYS A 929 13.45 -15.45 -16.81
C LYS A 929 12.34 -16.40 -17.22
N VAL A 930 12.20 -16.61 -18.52
CA VAL A 930 11.27 -17.59 -19.06
C VAL A 930 12.01 -18.91 -19.23
N LEU A 931 11.59 -19.93 -18.48
CA LEU A 931 12.29 -21.20 -18.48
C LEU A 931 11.96 -22.03 -19.72
N PRO A 932 12.93 -22.82 -20.21
CA PRO A 932 12.62 -23.70 -21.34
C PRO A 932 11.71 -24.83 -20.91
N PRO A 933 10.92 -25.38 -21.83
CA PRO A 933 10.02 -26.48 -21.48
C PRO A 933 10.80 -27.77 -21.25
N LEU A 934 10.07 -28.77 -20.73
CA LEU A 934 10.71 -30.03 -20.34
C LEU A 934 11.20 -30.82 -21.56
N TYR A 935 10.49 -30.74 -22.67
CA TYR A 935 10.85 -31.50 -23.86
C TYR A 935 10.86 -30.59 -25.08
N ASP A 936 11.77 -30.87 -26.00
CA ASP A 936 11.81 -30.18 -27.29
C ASP A 936 10.62 -30.65 -28.15
N PRO A 937 10.24 -29.87 -29.15
CA PRO A 937 9.10 -30.28 -30.00
C PRO A 937 9.30 -31.59 -30.76
N ASN A 938 10.55 -32.00 -30.98
CA ASN A 938 10.78 -33.27 -31.67
C ASN A 938 10.31 -34.46 -30.85
N MET A 939 10.54 -34.43 -29.53
CA MET A 939 10.15 -35.57 -28.70
C MET A 939 8.63 -35.59 -28.50
N GLU A 940 8.01 -34.42 -28.38
CA GLU A 940 6.55 -34.34 -28.35
C GLU A 940 5.95 -34.87 -29.65
N GLY A 941 6.56 -34.51 -30.79
CA GLY A 941 6.11 -35.05 -32.06
C GLY A 941 6.30 -36.55 -32.15
N ALA A 942 7.37 -37.07 -31.54
CA ALA A 942 7.58 -38.52 -31.51
C ALA A 942 6.48 -39.22 -30.71
N TYR A 943 6.10 -38.66 -29.56
CA TYR A 943 5.01 -39.25 -28.78
C TYR A 943 3.67 -39.16 -29.52
N THR A 944 3.41 -38.04 -30.20
CA THR A 944 2.15 -37.95 -30.93
C THR A 944 2.12 -38.89 -32.14
N SER A 945 3.27 -39.09 -32.79
CA SER A 945 3.34 -40.04 -33.89
C SER A 945 3.16 -41.48 -33.39
N SER A 946 3.74 -41.80 -32.24
CA SER A 946 3.53 -43.12 -31.65
C SER A 946 2.08 -43.33 -31.23
N LEU A 947 1.41 -42.25 -30.82
CA LEU A 947 -0.02 -42.34 -30.53
C LEU A 947 -0.82 -42.54 -31.81
N LEU A 948 -0.40 -41.92 -32.91
CA LEU A 948 -1.05 -42.13 -34.19
C LEU A 948 -0.90 -43.56 -34.67
N GLY A 949 0.27 -44.16 -34.45
CA GLY A 949 0.53 -45.50 -34.95
C GLY A 949 -0.34 -46.57 -34.30
N SER A 950 -0.55 -46.45 -32.98
CA SER A 950 -1.31 -47.45 -32.23
C SER A 950 -2.78 -47.05 -32.25
N ILE A 951 -3.48 -47.46 -33.30
CA ILE A 951 -4.93 -47.24 -33.38
C ILE A 951 -5.66 -48.39 -32.71
N ALA A 965 0.47 -55.21 -36.54
CA ALA A 965 -0.69 -56.07 -36.41
C ALA A 965 -1.75 -55.71 -37.44
N ILE A 966 -2.90 -55.25 -36.96
CA ILE A 966 -4.00 -54.86 -37.85
C ILE A 966 -3.67 -53.49 -38.45
N PRO A 967 -3.70 -53.34 -39.77
CA PRO A 967 -3.44 -52.04 -40.38
C PRO A 967 -4.62 -51.09 -40.17
N PHE A 968 -4.40 -49.84 -40.60
CA PHE A 968 -5.37 -48.77 -40.35
C PHE A 968 -6.73 -48.99 -41.01
N PRO A 969 -6.85 -49.33 -42.31
CA PRO A 969 -8.22 -49.46 -42.88
C PRO A 969 -9.05 -50.57 -42.27
N GLN A 970 -8.44 -51.70 -41.91
CA GLN A 970 -9.19 -52.77 -41.29
C GLN A 970 -9.69 -52.37 -39.91
N SER A 971 -8.87 -51.66 -39.15
CA SER A 971 -9.31 -51.16 -37.85
C SER A 971 -10.43 -50.14 -38.00
N ILE A 972 -10.35 -49.30 -39.05
CA ILE A 972 -11.41 -48.35 -39.35
C ILE A 972 -12.72 -49.09 -39.65
N PHE A 973 -12.64 -50.17 -40.44
CA PHE A 973 -13.84 -50.93 -40.76
C PHE A 973 -14.38 -51.68 -39.54
N TYR A 974 -13.51 -52.13 -38.63
CA TYR A 974 -14.00 -52.70 -37.38
C TYR A 974 -14.74 -51.66 -36.55
N ARG A 975 -14.21 -50.43 -36.50
CA ARG A 975 -14.88 -49.37 -35.75
C ARG A 975 -16.21 -48.98 -36.39
N MET A 976 -16.29 -49.03 -37.73
CA MET A 976 -17.58 -48.77 -38.39
C MET A 976 -18.54 -49.94 -38.23
N ASN A 977 -18.02 -51.15 -38.05
CA ASN A 977 -18.89 -52.29 -37.75
C ASN A 977 -19.41 -52.24 -36.32
N GLY A 978 -18.66 -51.61 -35.42
CA GLY A 978 -19.06 -51.56 -34.03
C GLY A 978 -20.31 -50.73 -33.79
N ILE A 979 -20.48 -49.63 -34.52
CA ILE A 979 -21.56 -48.69 -34.22
C ILE A 979 -22.93 -49.19 -34.67
N GLY A 980 -23.00 -50.28 -35.41
CA GLY A 980 -24.27 -50.86 -35.83
C GLY A 980 -24.46 -50.97 -37.34
N ILE A 981 -23.54 -50.45 -38.15
CA ILE A 981 -23.65 -50.58 -39.59
C ILE A 981 -23.26 -51.99 -39.99
N THR A 982 -24.07 -52.62 -40.85
CA THR A 982 -23.88 -54.00 -41.23
C THR A 982 -22.58 -54.19 -42.02
N GLN A 983 -22.07 -55.42 -42.00
CA GLN A 983 -20.79 -55.72 -42.63
C GLN A 983 -20.89 -55.75 -44.16
N GLN A 984 -22.08 -56.01 -44.71
CA GLN A 984 -22.21 -56.12 -46.15
C GLN A 984 -21.97 -54.79 -46.85
N VAL A 985 -22.62 -53.72 -46.36
CA VAL A 985 -22.44 -52.39 -46.96
C VAL A 985 -21.03 -51.88 -46.72
N LEU A 986 -20.41 -52.25 -45.59
CA LEU A 986 -19.01 -51.94 -45.37
C LEU A 986 -18.11 -52.64 -46.38
N SER A 987 -18.44 -53.88 -46.72
CA SER A 987 -17.59 -54.64 -47.65
C SER A 987 -17.77 -54.16 -49.09
N GLU A 988 -18.98 -53.75 -49.47
CA GLU A 988 -19.22 -53.36 -50.85
C GLU A 988 -18.97 -51.89 -51.14
N ASN A 989 -18.68 -51.08 -50.11
CA ASN A 989 -18.50 -49.65 -50.30
C ASN A 989 -17.24 -49.17 -49.58
N GLN A 990 -16.14 -49.92 -49.69
CA GLN A 990 -14.89 -49.50 -49.09
C GLN A 990 -14.33 -48.25 -49.75
N LYS A 991 -14.44 -48.17 -51.08
CA LYS A 991 -13.83 -47.08 -51.83
C LYS A 991 -14.48 -45.75 -51.50
N LEU A 992 -15.82 -45.70 -51.51
CA LEU A 992 -16.53 -44.46 -51.27
C LEU A 992 -16.37 -44.00 -49.82
N ILE A 993 -16.31 -44.96 -48.88
CA ILE A 993 -16.00 -44.65 -47.50
C ILE A 993 -14.61 -44.02 -47.40
N ALA A 994 -13.65 -44.56 -48.15
CA ALA A 994 -12.30 -44.00 -48.15
C ALA A 994 -12.27 -42.59 -48.71
N ASN A 995 -12.98 -42.33 -49.81
CA ASN A 995 -12.96 -40.97 -50.36
C ASN A 995 -13.70 -39.98 -49.46
N LYS A 996 -14.77 -40.40 -48.79
CA LYS A 996 -15.44 -39.48 -47.87
C LYS A 996 -14.59 -39.22 -46.63
N PHE A 997 -13.84 -40.23 -46.17
CA PHE A 997 -12.90 -40.02 -45.08
C PHE A 997 -11.80 -39.04 -45.50
N ASN A 998 -11.31 -39.16 -46.75
CA ASN A 998 -10.29 -38.23 -47.23
C ASN A 998 -10.84 -36.83 -47.39
N GLN A 999 -12.10 -36.69 -47.82
CA GLN A 999 -12.73 -35.38 -47.92
C GLN A 999 -12.91 -34.74 -46.55
N ALA A 1000 -13.27 -35.54 -45.54
CA ALA A 1000 -13.35 -35.03 -44.18
C ALA A 1000 -11.97 -34.64 -43.65
N LEU A 1001 -10.95 -35.42 -43.96
CA LEU A 1001 -9.60 -35.17 -43.47
C LEU A 1001 -8.93 -33.99 -44.16
N GLY A 1002 -9.32 -33.67 -45.38
CA GLY A 1002 -8.76 -32.54 -46.07
C GLY A 1002 -9.41 -31.21 -45.76
N ALA A 1003 -10.42 -31.19 -44.90
CA ALA A 1003 -11.18 -29.97 -44.62
C ALA A 1003 -10.84 -29.35 -43.28
N MET A 1004 -9.86 -29.88 -42.55
CA MET A 1004 -9.52 -29.31 -41.25
C MET A 1004 -8.68 -28.05 -41.36
N GLN A 1005 -8.16 -27.72 -42.54
CA GLN A 1005 -7.39 -26.49 -42.70
C GLN A 1005 -8.27 -25.26 -42.60
N THR A 1006 -9.56 -25.39 -42.92
CA THR A 1006 -10.50 -24.29 -42.75
C THR A 1006 -10.94 -24.10 -41.31
N GLY A 1007 -10.60 -25.03 -40.42
CA GLY A 1007 -10.93 -24.91 -39.02
C GLY A 1007 -9.96 -24.12 -38.17
N PHE A 1008 -8.90 -23.56 -38.76
CA PHE A 1008 -7.93 -22.77 -38.03
C PHE A 1008 -8.14 -21.27 -38.20
N THR A 1009 -9.33 -20.91 -38.62
CA THR A 1009 -9.63 -19.54 -38.90
C THR A 1009 -10.27 -18.83 -37.74
N THR A 1010 -9.99 -19.25 -36.52
CA THR A 1010 -10.53 -18.60 -35.32
C THR A 1010 -12.03 -18.69 -35.35
N THR A 1011 -12.54 -19.69 -36.03
CA THR A 1011 -13.98 -19.76 -36.19
C THR A 1011 -14.50 -20.73 -35.18
N PRO A 1012 -13.89 -21.91 -35.10
CA PRO A 1012 -14.29 -22.81 -34.02
C PRO A 1012 -13.76 -22.34 -32.67
N LEU A 1013 -14.28 -22.98 -31.62
CA LEU A 1013 -13.89 -22.62 -30.28
C LEU A 1013 -12.46 -23.07 -29.96
N ALA A 1014 -11.98 -24.14 -30.61
CA ALA A 1014 -10.70 -24.73 -30.24
C ALA A 1014 -9.53 -23.82 -30.60
N PHE A 1015 -9.53 -23.26 -31.81
CA PHE A 1015 -8.46 -22.36 -32.20
C PHE A 1015 -8.51 -21.06 -31.40
N SER A 1016 -9.71 -20.61 -31.06
CA SER A 1016 -9.85 -19.45 -30.20
C SER A 1016 -9.30 -19.73 -28.81
N LYS A 1017 -9.45 -20.96 -28.31
CA LYS A 1017 -8.88 -21.32 -27.02
C LYS A 1017 -7.36 -21.43 -27.09
N VAL A 1018 -6.82 -21.88 -28.23
CA VAL A 1018 -5.37 -21.86 -28.43
C VAL A 1018 -4.84 -20.44 -28.36
N GLN A 1019 -5.52 -19.53 -29.07
CA GLN A 1019 -5.11 -18.12 -29.05
C GLN A 1019 -5.29 -17.50 -27.67
N ASP A 1020 -6.32 -17.92 -26.93
CA ASP A 1020 -6.52 -17.43 -25.57
C ASP A 1020 -5.42 -17.90 -24.63
N ALA A 1021 -4.97 -19.15 -24.78
CA ALA A 1021 -3.87 -19.64 -23.96
C ALA A 1021 -2.58 -18.89 -24.27
N VAL A 1022 -2.29 -18.65 -25.56
CA VAL A 1022 -1.11 -17.89 -25.93
C VAL A 1022 -1.21 -16.45 -25.41
N ASN A 1023 -2.41 -15.86 -25.49
CA ASN A 1023 -2.61 -14.49 -25.03
C ASN A 1023 -2.47 -14.39 -23.51
N ALA A 1024 -2.92 -15.40 -22.77
CA ALA A 1024 -2.76 -15.37 -21.32
C ALA A 1024 -1.29 -15.52 -20.92
N ASN A 1025 -0.56 -16.39 -21.63
CA ASN A 1025 0.87 -16.52 -21.38
C ASN A 1025 1.61 -15.22 -21.67
N ALA A 1026 1.20 -14.50 -22.72
CA ALA A 1026 1.80 -13.21 -23.00
C ALA A 1026 1.34 -12.15 -22.00
N GLN A 1027 0.10 -12.25 -21.51
CA GLN A 1027 -0.47 -11.24 -20.64
C GLN A 1027 0.17 -11.26 -19.26
N ALA A 1028 0.55 -12.44 -18.77
CA ALA A 1028 1.28 -12.51 -17.51
C ALA A 1028 2.61 -11.77 -17.59
N LEU A 1029 3.34 -11.98 -18.69
CA LEU A 1029 4.60 -11.27 -18.92
C LEU A 1029 4.38 -9.78 -19.08
N SER A 1030 3.30 -9.40 -19.78
CA SER A 1030 3.01 -7.99 -20.00
C SER A 1030 2.70 -7.27 -18.70
N LYS A 1031 1.91 -7.91 -17.83
CA LYS A 1031 1.60 -7.32 -16.52
C LYS A 1031 2.85 -7.22 -15.66
N LEU A 1032 3.69 -8.26 -15.66
CA LEU A 1032 4.92 -8.25 -14.88
C LEU A 1032 5.88 -7.16 -15.36
N ALA A 1033 5.96 -6.96 -16.67
CA ALA A 1033 6.86 -5.93 -17.20
C ALA A 1033 6.30 -4.53 -17.01
N SER A 1034 4.99 -4.34 -17.16
CA SER A 1034 4.39 -3.02 -17.08
C SER A 1034 4.13 -2.57 -15.65
N GLU A 1035 4.20 -3.47 -14.67
CA GLU A 1035 4.03 -3.02 -13.29
C GLU A 1035 5.24 -2.25 -12.77
N LEU A 1036 6.38 -2.33 -13.45
CA LEU A 1036 7.56 -1.57 -13.05
C LEU A 1036 7.43 -0.07 -13.33
N SER A 1037 6.43 0.34 -14.10
CA SER A 1037 6.21 1.75 -14.39
C SER A 1037 5.27 2.42 -13.39
N ASN A 1038 4.78 1.69 -12.39
CA ASN A 1038 3.92 2.26 -11.38
C ASN A 1038 4.75 3.09 -10.40
N THR A 1039 4.30 4.31 -10.14
CA THR A 1039 5.02 5.18 -9.20
C THR A 1039 4.74 4.80 -7.75
N PHE A 1040 3.57 4.22 -7.48
CA PHE A 1040 3.13 3.84 -6.12
C PHE A 1040 3.14 5.03 -5.17
N GLY A 1041 2.78 6.20 -5.69
CA GLY A 1041 2.74 7.41 -4.90
C GLY A 1041 4.05 8.17 -4.80
N ALA A 1042 5.12 7.67 -5.42
CA ALA A 1042 6.41 8.34 -5.35
C ALA A 1042 6.48 9.46 -6.38
N ILE A 1043 7.59 10.21 -6.35
CA ILE A 1043 7.79 11.27 -7.32
C ILE A 1043 8.07 10.72 -8.71
N SER A 1044 8.57 9.49 -8.80
CA SER A 1044 8.84 8.86 -10.08
C SER A 1044 8.85 7.35 -9.88
N SER A 1045 8.65 6.62 -10.97
CA SER A 1045 8.75 5.17 -10.95
C SER A 1045 10.19 4.69 -11.13
N SER A 1046 11.13 5.61 -11.34
CA SER A 1046 12.53 5.28 -11.55
C SER A 1046 13.32 5.62 -10.30
N ILE A 1047 14.15 4.67 -9.85
CA ILE A 1047 15.03 4.93 -8.72
C ILE A 1047 16.11 5.93 -9.09
N SER A 1048 16.53 5.94 -10.36
CA SER A 1048 17.54 6.91 -10.81
C SER A 1048 17.00 8.32 -10.79
N ASP A 1049 15.70 8.50 -11.06
CA ASP A 1049 15.11 9.83 -10.95
C ASP A 1049 14.90 10.24 -9.50
N ILE A 1050 14.66 9.28 -8.61
CA ILE A 1050 14.51 9.59 -7.19
C ILE A 1050 15.85 9.99 -6.59
N LEU A 1051 16.92 9.27 -6.95
CA LEU A 1051 18.23 9.53 -6.36
C LEU A 1051 18.83 10.84 -6.85
N LYS A 1052 18.44 11.30 -8.02
CA LYS A 1052 18.97 12.54 -8.58
C LYS A 1052 18.15 13.78 -8.19
N ARG A 1053 17.05 13.59 -7.47
CA ARG A 1053 16.15 14.70 -7.19
C ARG A 1053 15.87 14.94 -5.71
N LEU A 1054 16.39 14.10 -4.81
CA LEU A 1054 15.97 14.17 -3.42
C LEU A 1054 17.12 13.90 -2.47
N ASP A 1055 16.92 14.34 -1.21
CA ASP A 1055 17.78 14.15 -0.05
C ASP A 1055 17.63 12.73 0.49
N PRO A 1056 18.66 12.22 1.17
CA PRO A 1056 18.62 10.82 1.68
C PRO A 1056 17.46 10.50 2.61
N PRO A 1057 17.06 11.38 3.57
CA PRO A 1057 15.89 11.00 4.40
C PRO A 1057 14.59 10.93 3.63
N GLU A 1058 14.48 11.61 2.49
CA GLU A 1058 13.33 11.43 1.62
C GLU A 1058 13.59 10.40 0.53
N GLN A 1059 14.86 10.21 0.14
CA GLN A 1059 15.21 9.16 -0.81
C GLN A 1059 14.83 7.79 -0.27
N GLU A 1060 15.13 7.56 1.01
CA GLU A 1060 14.78 6.28 1.63
C GLU A 1060 13.28 6.06 1.66
N ALA A 1061 12.51 7.12 1.90
CA ALA A 1061 11.05 7.01 1.94
C ALA A 1061 10.47 6.67 0.57
N GLN A 1062 10.93 7.38 -0.48
CA GLN A 1062 10.43 7.10 -1.82
C GLN A 1062 10.82 5.71 -2.30
N ILE A 1063 12.07 5.31 -2.03
CA ILE A 1063 12.52 3.98 -2.43
C ILE A 1063 11.78 2.89 -1.65
N ASP A 1064 11.46 3.15 -0.37
CA ASP A 1064 10.67 2.20 0.40
C ASP A 1064 9.25 2.07 -0.15
N ARG A 1065 8.68 3.18 -0.61
CA ARG A 1065 7.38 3.15 -1.29
C ARG A 1065 7.43 2.25 -2.52
N LEU A 1066 8.46 2.45 -3.35
CA LEU A 1066 8.62 1.64 -4.55
C LEU A 1066 8.84 0.17 -4.22
N ILE A 1067 9.63 -0.10 -3.17
CA ILE A 1067 9.93 -1.47 -2.76
C ILE A 1067 8.67 -2.18 -2.30
N ASN A 1068 7.87 -1.51 -1.47
CA ASN A 1068 6.63 -2.12 -0.98
C ASN A 1068 5.66 -2.39 -2.12
N GLY A 1069 5.52 -1.44 -3.05
CA GLY A 1069 4.63 -1.65 -4.18
C GLY A 1069 5.06 -2.81 -5.06
N ARG A 1070 6.35 -2.89 -5.37
CA ARG A 1070 6.84 -3.97 -6.23
C ARG A 1070 6.79 -5.31 -5.53
N LEU A 1071 7.02 -5.36 -4.21
CA LEU A 1071 6.91 -6.62 -3.49
C LEU A 1071 5.47 -7.11 -3.45
N THR A 1072 4.51 -6.22 -3.23
CA THR A 1072 3.10 -6.62 -3.23
C THR A 1072 2.67 -7.10 -4.62
N SER A 1073 3.15 -6.42 -5.67
CA SER A 1073 2.82 -6.85 -7.02
C SER A 1073 3.44 -8.19 -7.37
N LEU A 1074 4.67 -8.44 -6.87
CA LEU A 1074 5.30 -9.73 -7.08
C LEU A 1074 4.55 -10.85 -6.35
N ASN A 1075 4.04 -10.56 -5.16
CA ASN A 1075 3.24 -11.56 -4.44
C ASN A 1075 1.96 -11.87 -5.18
N ALA A 1076 1.30 -10.85 -5.74
CA ALA A 1076 0.10 -11.08 -6.54
C ALA A 1076 0.42 -11.90 -7.79
N PHE A 1077 1.54 -11.62 -8.44
CA PHE A 1077 1.97 -12.40 -9.59
C PHE A 1077 2.23 -13.85 -9.23
N VAL A 1078 2.87 -14.08 -8.08
CA VAL A 1078 3.17 -15.45 -7.64
C VAL A 1078 1.89 -16.22 -7.36
N ALA A 1079 0.91 -15.59 -6.71
CA ALA A 1079 -0.36 -16.25 -6.45
C ALA A 1079 -1.09 -16.58 -7.75
N GLN A 1080 -1.10 -15.63 -8.70
CA GLN A 1080 -1.74 -15.87 -10.00
C GLN A 1080 -1.07 -17.00 -10.75
N GLN A 1081 0.27 -17.05 -10.72
CA GLN A 1081 0.99 -18.12 -11.39
C GLN A 1081 0.71 -19.48 -10.75
N LEU A 1082 0.60 -19.53 -9.43
CA LEU A 1082 0.26 -20.77 -8.75
C LEU A 1082 -1.12 -21.27 -9.16
N VAL A 1083 -2.11 -20.37 -9.20
CA VAL A 1083 -3.45 -20.76 -9.61
C VAL A 1083 -3.47 -21.25 -11.05
N ARG A 1084 -2.78 -20.53 -11.95
CA ARG A 1084 -2.74 -20.91 -13.35
C ARG A 1084 -2.06 -22.26 -13.55
N SER A 1085 -0.99 -22.53 -12.79
CA SER A 1085 -0.27 -23.77 -12.97
C SER A 1085 -1.04 -24.96 -12.42
N GLU A 1086 -1.77 -24.78 -11.30
CA GLU A 1086 -2.66 -25.84 -10.82
C GLU A 1086 -3.76 -26.14 -11.83
N THR A 1087 -4.35 -25.08 -12.42
CA THR A 1087 -5.37 -25.28 -13.44
C THR A 1087 -4.82 -26.01 -14.65
N ALA A 1088 -3.60 -25.66 -15.07
CA ALA A 1088 -2.98 -26.32 -16.22
C ALA A 1088 -2.67 -27.79 -15.91
N ALA A 1089 -2.28 -28.10 -14.67
CA ALA A 1089 -2.05 -29.49 -14.30
C ALA A 1089 -3.34 -30.30 -14.34
N ARG A 1090 -4.43 -29.74 -13.82
CA ARG A 1090 -5.71 -30.46 -13.86
C ARG A 1090 -6.18 -30.64 -15.29
N SER A 1091 -5.99 -29.62 -16.15
CA SER A 1091 -6.36 -29.75 -17.54
C SER A 1091 -5.47 -30.74 -18.28
N ALA A 1092 -4.21 -30.88 -17.88
CA ALA A 1092 -3.35 -31.89 -18.47
C ALA A 1092 -3.80 -33.30 -18.09
N GLN A 1093 -4.25 -33.48 -16.85
CA GLN A 1093 -4.83 -34.76 -16.46
C GLN A 1093 -6.09 -35.05 -17.27
N LEU A 1094 -6.91 -34.03 -17.51
CA LEU A 1094 -8.10 -34.19 -18.35
C LEU A 1094 -7.71 -34.55 -19.78
N ALA A 1095 -6.64 -33.95 -20.30
CA ALA A 1095 -6.16 -34.28 -21.64
C ALA A 1095 -5.67 -35.71 -21.73
N SER A 1096 -4.98 -36.19 -20.69
CA SER A 1096 -4.53 -37.57 -20.66
C SER A 1096 -5.72 -38.54 -20.63
N ASP A 1097 -6.76 -38.20 -19.85
CA ASP A 1097 -7.97 -39.02 -19.83
C ASP A 1097 -8.66 -39.02 -21.19
N LYS A 1098 -8.73 -37.87 -21.85
CA LYS A 1098 -9.33 -37.79 -23.18
C LYS A 1098 -8.54 -38.59 -24.20
N VAL A 1099 -7.21 -38.57 -24.12
CA VAL A 1099 -6.38 -39.36 -25.01
C VAL A 1099 -6.64 -40.85 -24.79
N ASN A 1100 -6.65 -41.27 -23.52
CA ASN A 1100 -6.86 -42.68 -23.19
C ASN A 1100 -8.25 -43.16 -23.58
N GLU A 1101 -9.24 -42.26 -23.58
CA GLU A 1101 -10.60 -42.67 -23.92
C GLU A 1101 -10.88 -42.64 -25.42
N CYS A 1102 -10.45 -41.58 -26.13
CA CYS A 1102 -10.85 -41.39 -27.52
C CYS A 1102 -9.77 -41.78 -28.52
N VAL A 1103 -8.50 -41.61 -28.21
CA VAL A 1103 -7.45 -41.83 -29.20
C VAL A 1103 -7.01 -43.28 -29.25
N LYS A 1104 -6.68 -43.87 -28.10
CA LYS A 1104 -6.22 -45.24 -28.06
C LYS A 1104 -7.34 -46.27 -28.16
N SER A 1105 -8.60 -45.84 -28.06
CA SER A 1105 -9.73 -46.75 -28.13
C SER A 1105 -10.96 -45.99 -28.60
N GLN A 1106 -11.95 -46.74 -29.06
CA GLN A 1106 -13.23 -46.14 -29.44
C GLN A 1106 -14.06 -45.86 -28.20
N SER A 1107 -14.78 -44.74 -28.22
CA SER A 1107 -15.59 -44.31 -27.09
C SER A 1107 -17.06 -44.56 -27.37
N LYS A 1108 -17.73 -45.25 -26.45
CA LYS A 1108 -19.16 -45.49 -26.54
C LYS A 1108 -19.98 -44.44 -25.80
N ARG A 1109 -19.33 -43.47 -25.18
CA ARG A 1109 -20.05 -42.44 -24.43
C ARG A 1109 -20.49 -41.32 -25.37
N ASN A 1110 -21.71 -40.82 -25.13
CA ASN A 1110 -22.31 -39.82 -25.99
C ASN A 1110 -21.70 -38.45 -25.74
N GLY A 1111 -21.15 -37.84 -26.78
CA GLY A 1111 -20.72 -36.46 -26.73
C GLY A 1111 -19.38 -36.21 -26.08
N PHE A 1112 -18.70 -37.26 -25.59
CA PHE A 1112 -17.40 -37.05 -24.95
C PHE A 1112 -16.33 -36.72 -25.98
N CYS A 1113 -16.28 -37.48 -27.07
CA CYS A 1113 -15.30 -37.28 -28.14
C CYS A 1113 -16.08 -36.96 -29.40
N GLY A 1114 -16.40 -35.68 -29.58
CA GLY A 1114 -17.13 -35.24 -30.76
C GLY A 1114 -18.63 -35.38 -30.60
N SER A 1115 -19.33 -35.01 -31.67
CA SER A 1115 -20.78 -35.11 -31.73
C SER A 1115 -21.20 -36.37 -32.47
N GLY A 1116 -22.40 -36.84 -32.15
CA GLY A 1116 -22.86 -38.10 -32.70
C GLY A 1116 -22.09 -39.27 -32.12
N THR A 1117 -21.97 -40.33 -32.90
CA THR A 1117 -21.16 -41.46 -32.50
C THR A 1117 -19.69 -41.22 -32.85
N HIS A 1118 -18.82 -42.01 -32.24
CA HIS A 1118 -17.38 -41.84 -32.35
C HIS A 1118 -16.78 -42.99 -33.15
N ILE A 1119 -15.96 -42.65 -34.14
CA ILE A 1119 -15.26 -43.63 -34.96
C ILE A 1119 -13.78 -43.71 -34.60
N VAL A 1120 -13.05 -42.60 -34.76
CA VAL A 1120 -11.63 -42.56 -34.46
C VAL A 1120 -11.26 -41.11 -34.15
N SER A 1121 -10.15 -40.94 -33.43
CA SER A 1121 -9.66 -39.61 -33.06
C SER A 1121 -8.17 -39.52 -33.31
N PHE A 1122 -7.71 -38.30 -33.59
CA PHE A 1122 -6.30 -38.03 -33.84
C PHE A 1122 -5.86 -36.85 -32.98
N VAL A 1123 -4.66 -36.95 -32.42
CA VAL A 1123 -4.11 -35.90 -31.58
C VAL A 1123 -2.83 -35.36 -32.21
N ILE A 1124 -2.61 -34.06 -32.06
CA ILE A 1124 -1.39 -33.39 -32.49
C ILE A 1124 -0.99 -32.42 -31.38
N ASN A 1125 0.25 -31.95 -31.45
CA ASN A 1125 0.74 -31.00 -30.47
C ASN A 1125 0.18 -29.60 -30.75
N ALA A 1126 0.05 -28.82 -29.69
CA ALA A 1126 -0.43 -27.45 -29.75
C ALA A 1126 0.63 -26.56 -29.11
N PRO A 1127 0.53 -25.22 -29.23
CA PRO A 1127 1.50 -24.36 -28.52
C PRO A 1127 1.55 -24.56 -27.01
N ASN A 1128 0.43 -24.89 -26.37
CA ASN A 1128 0.46 -25.10 -24.92
C ASN A 1128 -0.34 -26.33 -24.49
N GLY A 1129 -0.59 -27.28 -25.39
CA GLY A 1129 -1.35 -28.46 -25.03
C GLY A 1129 -1.50 -29.46 -26.15
N PHE A 1130 -2.67 -30.07 -26.25
CA PHE A 1130 -2.99 -31.04 -27.29
C PHE A 1130 -4.19 -30.56 -28.09
N TYR A 1131 -4.16 -30.85 -29.39
CA TYR A 1131 -5.27 -30.55 -30.29
C TYR A 1131 -5.85 -31.85 -30.80
N PHE A 1132 -7.17 -31.98 -30.73
CA PHE A 1132 -7.87 -33.21 -31.05
C PHE A 1132 -8.67 -33.06 -32.34
N PHE A 1133 -8.77 -34.15 -33.09
CA PHE A 1133 -9.58 -34.24 -34.29
C PHE A 1133 -10.47 -35.47 -34.14
N HIS A 1134 -11.69 -35.28 -33.62
CA HIS A 1134 -12.60 -36.37 -33.37
C HIS A 1134 -13.41 -36.64 -34.64
N VAL A 1135 -13.07 -37.70 -35.35
CA VAL A 1135 -13.81 -38.11 -36.53
C VAL A 1135 -15.04 -38.90 -36.10
N GLY A 1136 -16.21 -38.50 -36.59
CA GLY A 1136 -17.44 -39.14 -36.18
C GLY A 1136 -18.43 -39.24 -37.33
N TYR A 1137 -19.35 -40.18 -37.18
CA TYR A 1137 -20.43 -40.37 -38.14
C TYR A 1137 -21.58 -39.40 -37.91
N VAL A 1138 -22.10 -38.87 -39.01
CA VAL A 1138 -23.35 -38.10 -38.99
C VAL A 1138 -24.20 -38.55 -40.18
N PRO A 1139 -25.45 -38.95 -39.96
CA PRO A 1139 -26.28 -39.43 -41.07
C PRO A 1139 -26.84 -38.29 -41.89
N THR A 1140 -27.06 -38.58 -43.18
CA THR A 1140 -27.68 -37.63 -44.09
C THR A 1140 -28.83 -38.28 -44.86
N ASP B 18 -18.68 36.30 37.71
CA ASP B 18 -19.07 37.68 37.43
C ASP B 18 -20.59 37.83 37.40
N VAL B 19 -21.29 36.72 37.20
CA VAL B 19 -22.74 36.72 37.17
C VAL B 19 -23.27 36.81 38.59
N ASP B 20 -24.20 37.73 38.82
CA ASP B 20 -24.78 37.94 40.14
C ASP B 20 -25.77 36.83 40.44
N SER B 21 -25.54 36.09 41.52
CA SER B 21 -26.40 34.97 41.90
C SER B 21 -27.67 35.42 42.61
N GLY B 22 -27.76 36.68 43.02
CA GLY B 22 -28.89 37.17 43.77
C GLY B 22 -28.50 37.57 45.17
N PRO B 23 -29.49 37.90 46.01
CA PRO B 23 -29.20 38.29 47.39
C PRO B 23 -28.79 37.08 48.22
N PRO B 24 -27.81 37.25 49.11
CA PRO B 24 -27.42 36.15 50.00
C PRO B 24 -28.51 35.86 51.01
N SER B 25 -28.49 34.62 51.52
CA SER B 25 -29.50 34.20 52.49
C SER B 25 -29.32 34.92 53.81
N SER B 26 -30.40 35.50 54.31
CA SER B 26 -30.38 36.28 55.55
C SER B 26 -30.64 35.43 56.79
N ALA B 27 -30.90 34.13 56.63
CA ALA B 27 -31.14 33.28 57.78
C ALA B 27 -29.82 33.04 58.53
N THR B 28 -29.85 33.21 59.84
CA THR B 28 -28.67 33.06 60.67
C THR B 28 -28.51 31.65 61.23
N SER B 29 -29.40 30.73 60.87
CA SER B 29 -29.35 29.37 61.41
C SER B 29 -29.63 28.37 60.30
N CYS B 30 -29.16 27.14 60.50
CA CYS B 30 -29.39 26.03 59.60
C CYS B 30 -30.36 25.04 60.23
N LYS B 31 -31.04 24.28 59.37
CA LYS B 31 -32.04 23.33 59.83
C LYS B 31 -31.38 22.09 60.45
N GLU B 32 -31.98 21.60 61.53
CA GLU B 32 -31.50 20.39 62.17
C GLU B 32 -31.83 19.17 61.30
N ALA B 33 -30.87 18.25 61.19
CA ALA B 33 -31.07 17.01 60.48
C ALA B 33 -30.46 15.86 61.27
N ASP B 34 -31.00 14.67 61.08
CA ASP B 34 -30.49 13.47 61.75
C ASP B 34 -29.80 12.57 60.74
N MET B 35 -28.69 11.97 61.17
CA MET B 35 -27.84 11.15 60.32
C MET B 35 -28.26 9.69 60.44
N ARG B 36 -28.67 9.10 59.32
CA ARG B 36 -28.99 7.68 59.26
C ARG B 36 -28.03 7.00 58.30
N ASN B 37 -27.30 6.01 58.79
CA ASN B 37 -26.31 5.32 57.97
C ASN B 37 -27.00 4.46 56.92
N SER B 38 -26.24 4.11 55.88
CA SER B 38 -26.74 3.19 54.87
C SER B 38 -26.91 1.78 55.43
N SER B 39 -26.05 1.38 56.36
CA SER B 39 -26.20 0.11 57.04
C SER B 39 -27.36 0.12 58.03
N SER B 40 -27.79 1.31 58.47
CA SER B 40 -28.89 1.43 59.41
C SER B 40 -30.22 1.27 58.70
N GLU B 41 -31.29 1.22 59.50
CA GLU B 41 -32.63 0.97 59.01
C GLU B 41 -33.15 2.21 58.28
N PHE B 42 -34.30 2.06 57.63
CA PHE B 42 -35.08 3.00 56.82
C PHE B 42 -34.50 3.21 55.43
N PHE B 43 -33.33 2.64 55.12
CA PHE B 43 -32.75 2.82 53.80
C PHE B 43 -32.12 1.54 53.25
N ASN B 44 -32.51 0.37 53.76
CA ASN B 44 -32.02 -0.90 53.24
C ASN B 44 -33.00 -1.58 52.30
N LYS B 45 -34.15 -0.97 52.04
CA LYS B 45 -35.14 -1.60 51.17
C LYS B 45 -34.66 -1.45 49.74
N GLN B 46 -34.44 -2.57 49.06
CA GLN B 46 -33.72 -2.60 47.79
C GLN B 46 -34.65 -3.01 46.66
N TRP B 47 -34.93 -2.08 45.76
CA TRP B 47 -35.44 -2.42 44.43
C TRP B 47 -34.26 -2.50 43.47
N PRO B 48 -33.98 -3.67 42.88
CA PRO B 48 -32.75 -3.83 42.09
C PRO B 48 -32.65 -2.94 40.85
N MET B 49 -33.62 -3.08 39.94
CA MET B 49 -33.72 -2.37 38.67
C MET B 49 -32.40 -2.35 37.89
N PRO B 50 -31.92 -3.50 37.40
CA PRO B 50 -30.63 -3.51 36.72
C PRO B 50 -30.73 -2.95 35.31
N ILE B 51 -29.56 -2.72 34.72
CA ILE B 51 -29.49 -2.23 33.34
C ILE B 51 -29.82 -3.38 32.40
N ASN B 52 -30.82 -3.20 31.56
CA ASN B 52 -31.22 -4.18 30.57
C ASN B 52 -30.95 -3.58 29.19
N ALA B 53 -29.92 -4.08 28.50
CA ALA B 53 -29.57 -3.57 27.19
C ALA B 53 -30.61 -3.91 26.14
N SER B 54 -31.42 -4.94 26.36
CA SER B 54 -32.46 -5.30 25.40
C SER B 54 -33.60 -4.28 25.38
N LYS B 55 -33.71 -3.43 26.39
CA LYS B 55 -34.64 -2.33 26.39
C LYS B 55 -33.98 -1.00 26.05
N ALA B 56 -32.69 -1.02 25.69
CA ALA B 56 -31.88 0.16 25.42
C ALA B 56 -31.89 1.13 26.59
N ASP B 57 -31.73 0.59 27.79
CA ASP B 57 -31.74 1.40 29.00
C ASP B 57 -30.45 2.19 29.12
N GLY B 58 -30.58 3.50 29.33
CA GLY B 58 -29.42 4.34 29.55
C GLY B 58 -28.58 4.61 28.32
N ILE B 59 -29.15 4.49 27.13
CA ILE B 59 -28.42 4.75 25.90
C ILE B 59 -28.53 6.22 25.55
N ILE B 60 -27.38 6.86 25.36
CA ILE B 60 -27.32 8.25 24.94
C ILE B 60 -27.31 8.27 23.41
N TYR B 61 -28.26 9.01 22.83
CA TYR B 61 -28.37 9.06 21.38
C TYR B 61 -27.19 9.83 20.77
N PRO B 62 -26.73 9.42 19.59
CA PRO B 62 -25.69 10.19 18.90
C PRO B 62 -26.18 11.60 18.55
N THR B 63 -25.26 12.56 18.64
CA THR B 63 -25.59 13.96 18.45
C THR B 63 -25.30 14.38 17.02
N GLY B 64 -26.18 15.21 16.46
CA GLY B 64 -25.99 15.76 15.14
C GLY B 64 -26.43 14.89 13.98
N LYS B 65 -26.91 13.68 14.25
CA LYS B 65 -27.32 12.77 13.18
C LYS B 65 -28.29 11.75 13.75
N SER B 66 -28.97 11.06 12.83
CA SER B 66 -29.88 9.99 13.20
C SER B 66 -29.83 8.91 12.12
N TYR B 67 -30.27 7.71 12.50
CA TYR B 67 -30.26 6.57 11.60
C TYR B 67 -31.64 5.94 11.58
N SER B 68 -31.98 5.29 10.46
CA SER B 68 -33.29 4.69 10.27
C SER B 68 -33.14 3.26 9.78
N ASN B 69 -33.77 2.33 10.51
CA ASN B 69 -33.95 0.94 10.07
C ASN B 69 -32.62 0.20 9.83
N ILE B 70 -31.56 0.62 10.49
CA ILE B 70 -30.27 -0.05 10.36
C ILE B 70 -29.68 -0.26 11.74
N SER B 71 -28.82 -1.27 11.85
CA SER B 71 -28.15 -1.60 13.09
C SER B 71 -26.66 -1.31 12.96
N LEU B 72 -26.10 -0.59 13.93
CA LEU B 72 -24.71 -0.22 13.92
C LEU B 72 -24.03 -0.66 15.21
N THR B 73 -22.72 -0.89 15.10
CA THR B 73 -21.87 -1.02 16.28
C THR B 73 -21.18 0.32 16.50
N LEU B 74 -21.18 0.78 17.75
CA LEU B 74 -20.70 2.10 18.09
C LEU B 74 -19.89 2.01 19.38
N GLN B 75 -18.88 2.87 19.48
CA GLN B 75 -18.16 3.05 20.73
C GLN B 75 -18.50 4.41 21.30
N GLY B 76 -18.89 4.43 22.57
CA GLY B 76 -19.21 5.68 23.24
C GLY B 76 -19.18 5.49 24.74
N LEU B 77 -20.13 6.10 25.44
CA LEU B 77 -20.25 5.98 26.89
C LEU B 77 -21.60 5.35 27.19
N PHE B 78 -21.59 4.05 27.49
CA PHE B 78 -22.80 3.28 27.77
C PHE B 78 -22.65 2.54 29.10
N PRO B 79 -23.75 2.32 29.81
CA PRO B 79 -23.68 1.52 31.02
C PRO B 79 -23.48 0.04 30.70
N LYS B 80 -22.88 -0.67 31.66
CA LYS B 80 -22.69 -2.10 31.51
C LYS B 80 -24.03 -2.82 31.66
N HIS B 81 -24.21 -3.88 30.86
CA HIS B 81 -25.42 -4.69 30.97
C HIS B 81 -25.44 -5.44 32.30
N GLY B 82 -26.62 -5.50 32.90
CA GLY B 82 -26.76 -6.12 34.20
C GLY B 82 -26.07 -5.38 35.32
N ASP B 83 -26.03 -4.06 35.26
CA ASP B 83 -25.42 -3.25 36.31
C ASP B 83 -26.50 -2.84 37.30
N LEU B 84 -26.29 -3.19 38.57
CA LEU B 84 -27.29 -2.86 39.59
C LEU B 84 -27.32 -1.37 39.89
N GLY B 85 -26.18 -0.70 39.82
CA GLY B 85 -26.12 0.71 40.09
C GLY B 85 -26.21 1.02 41.58
N GLU B 86 -26.42 2.29 41.86
CA GLU B 86 -26.58 2.78 43.23
C GLU B 86 -27.97 3.39 43.37
N GLN B 87 -28.69 2.96 44.40
CA GLN B 87 -30.06 3.40 44.64
C GLN B 87 -30.07 4.47 45.71
N TYR B 88 -30.70 5.61 45.40
CA TYR B 88 -30.81 6.73 46.32
C TYR B 88 -32.28 7.03 46.57
N ILE B 89 -32.65 7.21 47.84
CA ILE B 89 -34.02 7.47 48.24
C ILE B 89 -34.09 8.82 48.91
N TYR B 90 -35.06 9.64 48.51
CA TYR B 90 -35.33 10.91 49.16
C TYR B 90 -36.59 10.77 50.01
N SER B 91 -36.50 11.22 51.26
CA SER B 91 -37.55 11.00 52.24
C SER B 91 -38.23 12.32 52.61
N VAL B 92 -39.15 12.23 53.57
CA VAL B 92 -39.90 13.37 54.09
C VAL B 92 -39.39 13.66 55.50
N GLY B 93 -39.34 14.94 55.85
CA GLY B 93 -38.80 15.33 57.14
C GLY B 93 -39.74 14.99 58.30
N HIS B 94 -39.20 15.13 59.51
CA HIS B 94 -39.96 14.85 60.72
C HIS B 94 -41.03 15.91 60.94
N SER B 95 -42.28 15.50 61.10
CA SER B 95 -43.34 16.45 61.39
C SER B 95 -44.39 15.76 62.17
N ASP B 96 -44.24 15.72 63.49
CA ASP B 96 -45.17 14.99 64.38
C ASP B 96 -46.58 15.50 64.42
N SER B 97 -46.72 16.80 64.33
CA SER B 97 -48.01 17.40 64.36
C SER B 97 -48.15 18.17 63.07
N ASN B 98 -49.38 18.39 62.64
CA ASN B 98 -49.56 19.04 61.35
C ASN B 98 -49.34 20.52 61.42
N TYR B 101 -47.01 20.92 62.52
CA TYR B 101 -45.85 21.79 62.46
C TYR B 101 -44.62 21.01 62.03
N LEU B 102 -43.76 21.66 61.24
CA LEU B 102 -42.59 21.01 60.69
C LEU B 102 -41.51 20.85 61.77
N GLY B 103 -40.52 20.02 61.45
CA GLY B 103 -39.44 19.74 62.39
C GLY B 103 -38.10 19.56 61.72
N LYS B 104 -37.41 18.47 62.06
CA LYS B 104 -36.07 18.20 61.56
C LYS B 104 -36.12 17.72 60.11
N LEU B 105 -34.95 17.50 59.52
CA LEU B 105 -34.80 17.00 58.17
C LEU B 105 -34.35 15.55 58.21
N PHE B 106 -35.09 14.67 57.55
CA PHE B 106 -34.78 13.24 57.52
C PHE B 106 -34.01 12.94 56.23
N VAL B 107 -32.70 12.76 56.35
CA VAL B 107 -31.83 12.55 55.22
C VAL B 107 -31.04 11.25 55.44
N SER B 108 -30.19 10.94 54.47
CA SER B 108 -29.28 9.80 54.54
C SER B 108 -27.84 10.30 54.47
N ASP B 109 -26.90 9.36 54.33
CA ASP B 109 -25.48 9.68 54.31
C ASP B 109 -24.96 9.99 52.91
N TYR B 110 -25.82 10.48 52.01
CA TYR B 110 -25.41 10.73 50.64
C TYR B 110 -24.41 11.87 50.54
N ALA B 111 -24.53 12.88 51.40
CA ALA B 111 -23.64 14.03 51.33
C ALA B 111 -22.22 13.70 51.77
N THR B 112 -22.07 12.77 52.71
CA THR B 112 -20.73 12.42 53.21
C THR B 112 -19.96 11.63 52.17
N LYS B 113 -20.61 10.71 51.47
CA LYS B 113 -19.93 9.88 50.50
C LYS B 113 -19.59 10.67 49.24
N VAL B 114 -18.38 10.47 48.74
CA VAL B 114 -17.89 11.13 47.53
C VAL B 114 -17.58 10.06 46.50
N VAL B 115 -18.17 10.19 45.31
CA VAL B 115 -18.09 9.16 44.27
C VAL B 115 -17.21 9.67 43.14
N PRO B 116 -16.28 8.86 42.60
CA PRO B 116 -15.50 9.29 41.43
C PRO B 116 -16.39 9.47 40.21
N PHE B 117 -16.12 10.55 39.46
CA PHE B 117 -16.93 10.86 38.29
C PHE B 117 -16.62 9.94 37.13
N ASN B 118 -15.33 9.68 36.88
CA ASN B 118 -14.83 8.80 35.81
C ASN B 118 -15.31 9.34 34.47
N ASN B 119 -16.10 8.59 33.69
CA ASN B 119 -16.54 9.03 32.38
C ASN B 119 -17.93 9.68 32.41
N GLY B 120 -18.54 9.77 33.58
CA GLY B 120 -19.89 10.28 33.71
C GLY B 120 -20.79 9.24 34.35
N PHE B 121 -22.07 9.60 34.42
CA PHE B 121 -23.06 8.68 34.96
C PHE B 121 -24.41 8.96 34.33
N VAL B 122 -25.30 7.97 34.42
CA VAL B 122 -26.65 8.07 33.87
C VAL B 122 -27.63 7.77 34.99
N VAL B 123 -28.71 8.55 35.07
CA VAL B 123 -29.67 8.48 36.15
C VAL B 123 -31.01 8.03 35.59
N ARG B 124 -31.60 7.01 36.22
CA ARG B 124 -32.96 6.58 35.93
C ARG B 124 -33.89 7.21 36.96
N ILE B 125 -34.84 8.03 36.48
CA ILE B 125 -35.64 8.88 37.34
C ILE B 125 -37.10 8.43 37.25
N GLY B 126 -37.72 8.19 38.41
CA GLY B 126 -39.15 7.96 38.50
C GLY B 126 -39.65 6.68 37.86
N ALA B 127 -38.88 5.59 37.95
CA ALA B 127 -39.32 4.32 37.40
C ALA B 127 -40.35 3.62 38.28
N ALA B 128 -40.45 4.00 39.55
CA ALA B 128 -41.39 3.39 40.48
C ALA B 128 -42.66 4.21 40.64
N ALA B 129 -42.90 5.20 39.78
CA ALA B 129 -44.06 6.06 39.89
C ALA B 129 -45.34 5.29 39.54
N ASN B 130 -46.48 5.93 39.87
CA ASN B 130 -47.83 5.36 39.68
C ASN B 130 -48.02 4.06 40.44
N ALA B 131 -47.27 3.87 41.52
CA ALA B 131 -47.31 2.62 42.27
C ALA B 131 -47.46 2.93 43.75
N THR B 132 -48.16 2.05 44.45
CA THR B 132 -48.35 2.21 45.89
C THR B 132 -47.06 1.86 46.62
N GLY B 133 -46.56 2.81 47.42
CA GLY B 133 -45.33 2.60 48.16
C GLY B 133 -45.40 3.26 49.52
N SER B 134 -44.46 2.88 50.37
CA SER B 134 -44.40 3.36 51.74
C SER B 134 -43.61 4.65 51.83
N VAL B 135 -44.09 5.58 52.65
CA VAL B 135 -43.28 6.72 53.04
C VAL B 135 -42.09 6.20 53.85
N ILE B 136 -40.92 6.83 53.64
CA ILE B 136 -39.69 6.28 54.20
C ILE B 136 -39.64 6.46 55.72
N ILE B 137 -40.08 7.63 56.22
CA ILE B 137 -39.99 7.92 57.65
C ILE B 137 -41.02 7.18 58.47
N SER B 138 -42.02 6.57 57.85
CA SER B 138 -43.14 5.95 58.56
C SER B 138 -43.48 4.65 57.86
N THR B 139 -44.67 4.11 58.14
CA THR B 139 -45.23 3.00 57.37
C THR B 139 -46.64 3.43 56.95
N VAL B 140 -46.70 4.18 55.84
CA VAL B 140 -47.96 4.64 55.27
C VAL B 140 -47.90 4.41 53.77
N GLN B 141 -48.85 3.65 53.24
CA GLN B 141 -48.87 3.36 51.82
C GLN B 141 -49.43 4.54 51.06
N LYS B 142 -48.65 5.07 50.11
CA LYS B 142 -49.06 6.23 49.33
C LYS B 142 -48.65 6.02 47.88
N THR B 143 -49.26 6.82 47.00
CA THR B 143 -48.89 6.78 45.59
C THR B 143 -47.53 7.45 45.40
N ILE B 144 -46.65 6.78 44.67
CA ILE B 144 -45.28 7.25 44.51
C ILE B 144 -45.24 8.33 43.44
N LYS B 145 -44.67 9.48 43.79
CA LYS B 145 -44.44 10.56 42.84
C LYS B 145 -43.00 10.51 42.34
N LYS B 146 -42.68 11.40 41.42
CA LYS B 146 -41.34 11.47 40.84
C LYS B 146 -40.57 12.62 41.46
N ILE B 147 -39.34 12.36 41.86
CA ILE B 147 -38.46 13.39 42.42
C ILE B 147 -37.19 13.46 41.58
N TYR B 148 -36.66 14.66 41.45
CA TYR B 148 -35.46 14.91 40.67
C TYR B 148 -34.23 14.99 41.56
N PRO B 149 -33.14 14.34 41.16
CA PRO B 149 -31.92 14.38 41.98
C PRO B 149 -31.24 15.74 41.94
N ALA B 150 -30.52 16.04 43.02
CA ALA B 150 -29.70 17.24 43.12
C ALA B 150 -28.25 16.83 43.26
N PHE B 151 -27.37 17.43 42.45
CA PHE B 151 -25.98 17.01 42.36
C PHE B 151 -25.04 18.13 42.72
N MET B 152 -23.85 17.76 43.16
CA MET B 152 -22.75 18.68 43.42
C MET B 152 -21.48 18.03 42.88
N LEU B 153 -20.89 18.63 41.85
CA LEU B 153 -19.75 18.07 41.15
C LEU B 153 -18.58 19.04 41.18
N GLY B 154 -17.38 18.52 41.39
CA GLY B 154 -16.21 19.36 41.49
C GLY B 154 -14.94 18.60 41.13
N SER B 155 -13.82 19.32 41.20
CA SER B 155 -12.53 18.78 40.81
C SER B 155 -11.59 18.53 41.98
N SER B 156 -11.94 18.96 43.19
CA SER B 156 -11.11 18.75 44.36
C SER B 156 -11.98 18.75 45.60
N VAL B 157 -11.75 17.78 46.48
CA VAL B 157 -12.54 17.60 47.69
C VAL B 157 -11.61 17.51 48.89
N GLY B 158 -12.15 17.86 50.05
CA GLY B 158 -11.39 17.83 51.28
C GLY B 158 -12.26 17.55 52.49
N ASN B 159 -12.05 18.31 53.56
CA ASN B 159 -12.82 18.18 54.78
C ASN B 159 -13.33 19.54 55.23
N PHE B 160 -14.35 19.51 56.07
CA PHE B 160 -14.86 20.71 56.70
C PHE B 160 -14.02 21.02 57.94
N SER B 161 -14.46 21.97 58.76
CA SER B 161 -13.79 22.22 60.03
C SER B 161 -13.97 21.08 61.02
N ASN B 162 -15.01 20.27 60.85
CA ASN B 162 -15.22 19.13 61.74
C ASN B 162 -14.27 17.99 61.42
N GLY B 163 -13.84 17.87 60.17
CA GLY B 163 -13.12 16.71 59.71
C GLY B 163 -13.95 15.71 58.95
N VAL B 164 -15.23 16.01 58.72
CA VAL B 164 -16.09 15.14 57.92
C VAL B 164 -15.84 15.40 56.44
N SER B 165 -16.22 14.41 55.62
CA SER B 165 -15.99 14.50 54.19
C SER B 165 -16.96 15.51 53.55
N GLY B 166 -16.64 15.88 52.31
CA GLY B 166 -17.35 16.92 51.60
C GLY B 166 -16.42 18.07 51.26
N ARG B 167 -16.95 19.30 51.37
CA ARG B 167 -16.18 20.53 51.21
C ARG B 167 -15.50 20.59 49.84
N TYR B 168 -16.34 20.72 48.81
CA TYR B 168 -15.86 20.91 47.46
C TYR B 168 -15.15 22.25 47.34
N PHE B 169 -13.95 22.24 46.77
CA PHE B 169 -13.10 23.41 46.73
C PHE B 169 -13.15 24.06 45.34
N ASN B 170 -12.95 25.37 45.32
CA ASN B 170 -12.91 26.22 44.13
C ASN B 170 -14.27 26.13 43.42
N HIS B 171 -14.28 26.27 42.10
CA HIS B 171 -15.53 26.29 41.36
C HIS B 171 -16.20 24.92 41.38
N THR B 172 -17.48 24.91 41.75
CA THR B 172 -18.25 23.69 41.93
C THR B 172 -19.50 23.77 41.08
N LEU B 173 -19.77 22.70 40.33
CA LEU B 173 -20.96 22.63 39.49
C LEU B 173 -22.13 22.10 40.31
N LEU B 174 -23.21 22.88 40.36
CA LEU B 174 -24.41 22.52 41.10
C LEU B 174 -25.55 22.34 40.12
N LEU B 175 -26.23 21.19 40.20
CA LEU B 175 -27.40 20.88 39.38
C LEU B 175 -28.58 20.74 40.34
N LEU B 176 -29.26 21.84 40.61
CA LEU B 176 -30.33 21.86 41.61
C LEU B 176 -31.68 21.96 40.92
N PRO B 177 -32.54 20.95 41.02
CA PRO B 177 -33.89 21.08 40.47
C PRO B 177 -34.76 21.97 41.35
N ASP B 178 -35.58 22.78 40.70
CA ASP B 178 -36.42 23.73 41.42
C ASP B 178 -37.79 23.77 40.74
N GLY B 179 -38.57 24.80 41.08
CA GLY B 179 -39.90 24.93 40.51
C GLY B 179 -40.88 23.90 41.00
N CYS B 180 -40.60 23.30 42.16
CA CYS B 180 -41.36 22.17 42.71
C CYS B 180 -41.40 21.02 41.71
N GLY B 181 -40.30 20.84 40.98
CA GLY B 181 -40.22 19.85 39.94
C GLY B 181 -40.38 20.35 38.52
N THR B 182 -40.25 21.66 38.28
CA THR B 182 -40.47 22.23 36.95
C THR B 182 -39.35 23.17 36.52
N ARG B 183 -38.20 23.14 37.19
CA ARG B 183 -37.09 24.00 36.81
C ARG B 183 -35.79 23.35 37.23
N LEU B 184 -34.75 23.53 36.42
CA LEU B 184 -33.41 23.04 36.71
C LEU B 184 -32.43 24.21 36.76
N TRP B 185 -31.67 24.29 37.83
CA TRP B 185 -30.64 25.32 37.99
C TRP B 185 -29.27 24.71 37.78
N ALA B 186 -28.48 25.33 36.91
CA ALA B 186 -27.08 24.95 36.70
C ALA B 186 -26.22 26.14 37.12
N LEU B 187 -25.44 25.96 38.19
CA LEU B 187 -24.61 27.02 38.74
C LEU B 187 -23.16 26.55 38.79
N TYR B 188 -22.24 27.48 38.55
CA TYR B 188 -20.80 27.19 38.60
C TYR B 188 -20.17 28.29 39.46
N CYS B 189 -20.15 28.08 40.77
CA CYS B 189 -19.72 29.09 41.72
C CYS B 189 -18.74 28.49 42.71
N VAL B 190 -18.00 29.36 43.40
CA VAL B 190 -17.15 28.94 44.50
C VAL B 190 -18.02 28.75 45.74
N ILE B 191 -17.93 27.57 46.34
CA ILE B 191 -18.75 27.22 47.50
C ILE B 191 -17.98 27.60 48.77
N GLU B 192 -18.61 28.44 49.59
CA GLU B 192 -18.01 28.92 50.83
C GLU B 192 -18.96 28.63 51.97
N PRO B 193 -18.58 27.80 52.94
CA PRO B 193 -19.49 27.46 54.04
C PRO B 193 -19.78 28.66 54.94
N ARG B 194 -21.00 28.69 55.45
CA ARG B 194 -21.42 29.71 56.40
C ARG B 194 -21.20 29.22 57.82
N ASN B 195 -20.86 30.15 58.71
CA ASN B 195 -20.62 29.82 60.10
C ASN B 195 -21.89 29.98 60.92
N GLY B 196 -21.87 29.43 62.13
CA GLY B 196 -22.99 29.55 63.03
C GLY B 196 -24.01 28.46 62.86
N SER B 197 -24.57 28.00 63.98
CA SER B 197 -25.58 26.94 64.05
C SER B 197 -25.11 25.66 63.36
N TYR B 198 -26.02 24.97 62.68
CA TYR B 198 -25.74 23.69 62.04
C TYR B 198 -25.11 23.83 60.67
N CYS B 199 -24.88 25.06 60.21
CA CYS B 199 -24.19 25.30 58.97
C CYS B 199 -22.73 24.87 59.10
N PRO B 200 -22.06 24.47 57.98
CA PRO B 200 -20.76 23.79 58.09
C PRO B 200 -19.58 24.65 58.56
N GLY B 201 -19.81 25.90 58.96
CA GLY B 201 -18.74 26.70 59.49
C GLY B 201 -18.61 26.72 60.99
N ASN B 202 -19.40 25.93 61.71
CA ASN B 202 -19.34 25.90 63.17
C ASN B 202 -19.15 24.44 63.56
N SER B 203 -18.55 24.23 64.73
CA SER B 203 -18.06 22.89 65.09
C SER B 203 -19.14 21.97 65.65
N ASN B 204 -20.30 21.89 65.00
CA ASN B 204 -21.27 20.84 65.30
C ASN B 204 -21.91 20.31 64.02
N TYR B 205 -21.23 20.45 62.88
CA TYR B 205 -21.83 20.18 61.59
C TYR B 205 -22.15 18.69 61.42
N ASN B 206 -23.32 18.41 60.87
CA ASN B 206 -23.81 17.05 60.71
C ASN B 206 -23.88 16.66 59.25
N THR B 207 -24.66 17.39 58.45
CA THR B 207 -24.78 17.21 57.00
C THR B 207 -25.46 18.44 56.44
N PHE B 208 -25.38 18.59 55.12
CA PHE B 208 -26.11 19.65 54.43
C PHE B 208 -27.18 19.01 53.56
N ALA B 209 -28.31 19.72 53.43
CA ALA B 209 -29.45 19.17 52.73
C ALA B 209 -30.20 20.29 52.02
N VAL B 210 -31.11 19.90 51.14
CA VAL B 210 -31.97 20.81 50.40
C VAL B 210 -33.41 20.48 50.76
N PHE B 211 -34.16 21.49 51.22
CA PHE B 211 -35.51 21.26 51.69
C PHE B 211 -36.51 22.09 50.89
N ASP B 212 -37.73 21.56 50.81
CA ASP B 212 -38.83 22.23 50.14
C ASP B 212 -40.06 22.13 51.03
N THR B 213 -40.89 23.16 51.00
CA THR B 213 -42.10 23.23 51.83
C THR B 213 -43.33 23.31 50.94
N PRO B 214 -44.01 22.17 50.68
CA PRO B 214 -45.04 22.15 49.62
C PRO B 214 -46.26 23.02 49.89
N HIS B 215 -46.58 23.33 51.15
CA HIS B 215 -47.71 24.20 51.40
C HIS B 215 -47.34 25.68 51.28
N THR B 216 -46.08 25.98 50.96
CA THR B 216 -45.61 27.34 50.72
C THR B 216 -45.20 27.57 49.28
N ASP B 217 -44.53 26.62 48.64
CA ASP B 217 -43.97 26.82 47.31
C ASP B 217 -44.49 25.86 46.25
N CYS B 218 -45.23 24.82 46.61
CA CYS B 218 -45.89 23.96 45.64
C CYS B 218 -47.37 24.31 45.47
N THR B 219 -47.81 25.46 45.98
CA THR B 219 -49.21 25.83 45.93
C THR B 219 -49.63 26.18 44.51
N SER B 220 -50.95 26.19 44.29
CA SER B 220 -51.51 26.45 42.98
C SER B 220 -51.48 27.92 42.60
N ALA B 221 -51.25 28.82 43.56
CA ALA B 221 -51.16 30.24 43.25
C ALA B 221 -49.93 30.54 42.39
N GLY B 222 -48.81 29.91 42.70
CA GLY B 222 -47.60 30.09 41.91
C GLY B 222 -46.54 29.12 42.39
N TYR B 223 -45.49 29.01 41.59
CA TYR B 223 -44.37 28.12 41.89
C TYR B 223 -43.14 28.96 42.18
N ASN B 224 -42.51 28.70 43.33
CA ASN B 224 -41.32 29.46 43.71
C ASN B 224 -40.15 29.04 42.84
N THR B 225 -39.64 29.97 42.05
CA THR B 225 -38.51 29.71 41.16
C THR B 225 -37.22 29.50 41.96
N ASN B 226 -37.15 30.03 43.18
CA ASN B 226 -35.93 30.03 43.98
C ASN B 226 -36.12 29.26 45.28
N ALA B 227 -36.79 28.10 45.24
CA ALA B 227 -37.07 27.39 46.48
C ALA B 227 -35.85 26.60 46.95
N THR B 228 -35.42 25.62 46.14
CA THR B 228 -34.26 24.81 46.51
C THR B 228 -32.98 25.63 46.45
N LEU B 229 -32.92 26.66 45.61
CA LEU B 229 -31.76 27.54 45.58
C LEU B 229 -31.62 28.31 46.88
N ASN B 230 -32.73 28.85 47.41
CA ASN B 230 -32.66 29.54 48.69
C ASN B 230 -32.43 28.59 49.84
N SER B 231 -32.92 27.35 49.73
CA SER B 231 -32.60 26.34 50.73
C SER B 231 -31.12 26.00 50.73
N PHE B 232 -30.51 25.93 49.54
CA PHE B 232 -29.08 25.65 49.44
C PHE B 232 -28.24 26.83 49.91
N LYS B 233 -28.73 28.06 49.69
CA LYS B 233 -27.97 29.24 50.09
C LYS B 233 -27.84 29.39 51.60
N GLU B 234 -28.68 28.69 52.38
CA GLU B 234 -28.59 28.77 53.83
C GLU B 234 -27.37 28.02 54.38
N TYR B 235 -26.82 27.08 53.62
CA TYR B 235 -25.65 26.32 54.05
C TYR B 235 -24.34 26.87 53.50
N PHE B 236 -24.31 27.29 52.25
CA PHE B 236 -23.11 27.78 51.61
C PHE B 236 -23.37 29.14 50.97
N ASP B 237 -22.28 29.88 50.75
CA ASP B 237 -22.33 31.18 50.09
C ASP B 237 -21.83 31.03 48.67
N LEU B 238 -22.61 31.54 47.71
CA LEU B 238 -22.27 31.47 46.30
C LEU B 238 -21.49 32.72 45.92
N GLN B 239 -20.22 32.55 45.56
CA GLN B 239 -19.37 33.65 45.16
C GLN B 239 -18.63 33.30 43.88
N ASN B 240 -18.37 34.33 43.06
CA ASN B 240 -17.68 34.20 41.78
C ASN B 240 -18.37 33.19 40.87
N CYS B 241 -19.66 33.40 40.64
CA CYS B 241 -20.43 32.51 39.79
C CYS B 241 -20.07 32.75 38.33
N SER B 242 -19.62 31.70 37.64
CA SER B 242 -19.29 31.83 36.23
C SER B 242 -20.55 31.95 35.38
N PHE B 243 -21.55 31.12 35.63
CA PHE B 243 -22.81 31.19 34.91
C PHE B 243 -23.92 30.65 35.78
N ILE B 244 -25.13 31.15 35.55
CA ILE B 244 -26.36 30.59 36.12
C ILE B 244 -27.27 30.26 34.94
N TYR B 245 -27.65 28.99 34.82
CA TYR B 245 -28.47 28.53 33.72
C TYR B 245 -29.79 27.98 34.25
N SER B 246 -30.87 28.26 33.53
CA SER B 246 -32.21 27.81 33.90
C SER B 246 -32.82 27.02 32.76
N PHE B 247 -33.40 25.87 33.08
CA PHE B 247 -34.08 25.01 32.11
C PHE B 247 -35.49 24.70 32.61
N ASN B 248 -36.47 24.88 31.74
CA ASN B 248 -37.86 24.61 32.09
C ASN B 248 -38.18 23.13 31.90
N ILE B 249 -38.91 22.57 32.87
CA ILE B 249 -39.33 21.18 32.86
C ILE B 249 -40.85 21.14 32.93
N THR B 250 -41.47 20.37 32.05
CA THR B 250 -42.91 20.16 32.08
C THR B 250 -43.27 19.13 33.15
N GLU B 251 -44.34 19.41 33.88
CA GLU B 251 -44.75 18.54 34.98
C GLU B 251 -45.51 17.33 34.44
N ASP B 252 -44.95 16.15 34.66
CA ASP B 252 -45.62 14.89 34.35
C ASP B 252 -45.02 13.79 35.22
N GLU B 253 -45.71 12.66 35.26
CA GLU B 253 -45.31 11.53 36.09
C GLU B 253 -44.58 10.45 35.29
N ASN B 254 -44.14 10.76 34.08
CA ASN B 254 -43.47 9.76 33.26
C ASN B 254 -42.06 9.49 33.77
N ALA B 255 -41.60 8.26 33.55
CA ALA B 255 -40.23 7.90 33.89
C ALA B 255 -39.25 8.64 32.99
N GLU B 256 -38.12 9.03 33.55
CA GLU B 256 -37.13 9.84 32.84
C GLU B 256 -35.76 9.21 32.94
N TRP B 257 -34.90 9.59 32.00
CA TRP B 257 -33.49 9.21 32.01
C TRP B 257 -32.66 10.48 31.89
N PHE B 258 -31.66 10.62 32.76
CA PHE B 258 -30.77 11.77 32.76
C PHE B 258 -29.34 11.29 32.65
N GLY B 259 -28.54 11.99 31.85
CA GLY B 259 -27.15 11.64 31.69
C GLY B 259 -26.28 12.88 31.72
N ILE B 260 -25.02 12.68 32.05
CA ILE B 260 -24.03 13.76 32.11
C ILE B 260 -22.66 13.20 31.78
N THR B 261 -21.99 13.80 30.80
CA THR B 261 -20.66 13.41 30.39
C THR B 261 -19.77 14.65 30.39
N GLN B 262 -18.49 14.45 30.12
CA GLN B 262 -17.54 15.56 30.06
C GLN B 262 -16.43 15.25 29.07
N ASN B 263 -16.06 16.25 28.29
CA ASN B 263 -14.95 16.15 27.36
C ASN B 263 -14.31 17.53 27.25
N THR B 264 -13.51 17.75 26.20
CA THR B 264 -12.82 19.03 26.04
C THR B 264 -13.77 20.17 25.73
N GLN B 265 -14.98 19.88 25.24
CA GLN B 265 -15.95 20.92 24.92
C GLN B 265 -16.78 21.36 26.12
N GLY B 266 -16.62 20.72 27.27
CA GLY B 266 -17.37 21.11 28.45
C GLY B 266 -18.17 19.97 29.04
N VAL B 267 -19.12 20.28 29.91
CA VAL B 267 -19.99 19.31 30.54
C VAL B 267 -21.27 19.21 29.72
N HIS B 268 -21.57 18.00 29.25
CA HIS B 268 -22.72 17.77 28.38
C HIS B 268 -23.84 17.13 29.18
N LEU B 269 -25.03 17.71 29.10
CA LEU B 269 -26.19 17.25 29.85
C LEU B 269 -27.19 16.61 28.89
N TYR B 270 -27.57 15.37 29.16
CA TYR B 270 -28.47 14.62 28.32
C TYR B 270 -29.74 14.30 29.10
N SER B 271 -30.87 14.29 28.40
CA SER B 271 -32.14 13.97 29.02
C SER B 271 -33.06 13.33 27.99
N SER B 272 -33.87 12.37 28.46
CA SER B 272 -34.88 11.77 27.61
C SER B 272 -36.12 12.63 27.47
N ARG B 273 -36.23 13.70 28.27
CA ARG B 273 -37.32 14.65 28.11
C ARG B 273 -37.25 15.34 26.75
N LYS B 274 -36.04 15.71 26.32
CA LYS B 274 -35.85 16.29 25.01
C LYS B 274 -35.74 15.17 23.98
N GLY B 275 -36.60 15.19 22.97
CA GLY B 275 -36.56 14.17 21.95
C GLY B 275 -37.46 12.98 22.24
N ASP B 276 -36.88 11.91 22.77
CA ASP B 276 -37.60 10.66 22.99
C ASP B 276 -38.29 10.67 24.34
N LEU B 277 -39.30 11.53 24.45
CA LEU B 277 -40.24 11.40 25.56
C LEU B 277 -41.12 10.18 25.31
N TYR B 278 -41.66 9.62 26.39
CA TYR B 278 -42.32 8.32 26.40
C TYR B 278 -41.37 7.24 25.90
N GLY B 279 -40.11 7.34 26.29
CA GLY B 279 -39.08 6.45 25.83
C GLY B 279 -37.87 6.52 26.74
N SER B 280 -36.75 5.99 26.24
CA SER B 280 -35.53 5.90 27.04
C SER B 280 -34.32 6.56 26.38
N ASN B 281 -34.42 6.99 25.12
CA ASN B 281 -33.28 7.58 24.45
C ASN B 281 -33.04 9.00 24.94
N MET B 282 -31.77 9.33 25.18
CA MET B 282 -31.37 10.59 25.78
C MET B 282 -30.72 11.49 24.73
N PHE B 283 -31.15 12.75 24.71
CA PHE B 283 -30.68 13.72 23.73
C PHE B 283 -30.03 14.89 24.45
N LEU B 284 -29.04 15.49 23.81
CA LEU B 284 -28.29 16.59 24.41
C LEU B 284 -29.13 17.86 24.45
N PHE B 285 -29.18 18.51 25.61
CA PHE B 285 -29.91 19.76 25.74
C PHE B 285 -29.07 20.91 26.31
N ALA B 286 -27.85 20.66 26.77
CA ALA B 286 -27.03 21.72 27.34
C ALA B 286 -25.57 21.33 27.27
N THR B 287 -24.71 22.31 27.04
CA THR B 287 -23.25 22.14 27.05
C THR B 287 -22.68 23.23 27.96
N LEU B 288 -22.49 22.90 29.23
CA LEU B 288 -21.99 23.87 30.18
C LEU B 288 -20.50 24.12 29.96
N PRO B 289 -20.06 25.38 29.99
CA PRO B 289 -18.62 25.68 29.83
C PRO B 289 -17.80 25.40 31.08
N VAL B 290 -17.74 24.12 31.46
CA VAL B 290 -16.94 23.65 32.58
C VAL B 290 -15.78 22.87 32.00
N TYR B 291 -14.63 23.53 31.87
CA TYR B 291 -13.49 22.94 31.18
C TYR B 291 -12.48 22.30 32.11
N ASP B 292 -12.49 22.63 33.39
CA ASP B 292 -11.67 21.91 34.35
C ASP B 292 -12.22 20.51 34.57
N GLY B 293 -11.33 19.53 34.69
CA GLY B 293 -11.72 18.14 34.78
C GLY B 293 -12.46 17.78 36.05
N ILE B 294 -13.73 17.42 35.93
CA ILE B 294 -14.52 17.00 37.08
C ILE B 294 -14.08 15.62 37.51
N LYS B 295 -13.74 15.48 38.79
CA LYS B 295 -13.25 14.22 39.33
C LYS B 295 -14.21 13.56 40.31
N TYR B 296 -15.05 14.33 40.98
CA TYR B 296 -15.93 13.80 42.01
C TYR B 296 -17.33 14.37 41.85
N TYR B 297 -18.32 13.61 42.31
CA TYR B 297 -19.69 14.10 42.42
C TYR B 297 -20.31 13.58 43.69
N THR B 298 -21.34 14.29 44.15
CA THR B 298 -22.07 13.94 45.36
C THR B 298 -23.55 14.19 45.15
N VAL B 299 -24.37 13.22 45.57
CA VAL B 299 -25.82 13.36 45.52
C VAL B 299 -26.27 14.14 46.75
N ILE B 300 -26.84 15.31 46.54
CA ILE B 300 -27.29 16.13 47.67
C ILE B 300 -28.56 15.53 48.26
N PRO B 301 -28.59 15.25 49.56
CA PRO B 301 -29.82 14.70 50.18
C PRO B 301 -30.92 15.75 50.21
N ARG B 302 -32.04 15.43 49.60
CA ARG B 302 -33.15 16.38 49.45
C ARG B 302 -34.34 15.84 50.23
N SER B 303 -34.59 16.42 51.40
CA SER B 303 -35.68 16.01 52.27
C SER B 303 -36.76 17.08 52.27
N ILE B 304 -38.00 16.66 52.05
CA ILE B 304 -39.12 17.57 51.91
C ILE B 304 -39.76 17.78 53.28
N ARG B 305 -40.04 19.04 53.62
CA ARG B 305 -40.69 19.39 54.88
C ARG B 305 -42.19 19.43 54.65
N SER B 306 -42.84 18.29 54.86
CA SER B 306 -44.28 18.17 54.68
C SER B 306 -44.92 17.71 55.99
N LYS B 307 -46.20 18.05 56.15
CA LYS B 307 -46.92 17.75 57.37
C LYS B 307 -47.26 16.27 57.44
N TYR B 308 -47.73 15.85 58.63
CA TYR B 308 -48.20 14.48 58.81
C TYR B 308 -49.44 14.20 57.97
N SER B 309 -50.34 15.18 57.86
CA SER B 309 -51.58 14.97 57.12
C SER B 309 -51.36 14.99 55.61
N GLU B 310 -50.34 15.70 55.13
CA GLU B 310 -50.10 15.86 53.70
C GLU B 310 -48.74 15.29 53.30
N ARG B 311 -48.42 14.09 53.79
CA ARG B 311 -47.20 13.43 53.41
C ARG B 311 -47.33 12.85 52.00
N GLN B 312 -46.19 12.44 51.43
CA GLN B 312 -46.17 11.92 50.08
C GLN B 312 -45.06 10.88 49.95
N ALA B 313 -45.20 10.04 48.94
CA ALA B 313 -44.22 8.99 48.64
C ALA B 313 -43.43 9.41 47.40
N TRP B 314 -42.10 9.31 47.49
CA TRP B 314 -41.22 9.78 46.43
C TRP B 314 -40.39 8.61 45.92
N ALA B 315 -40.14 8.61 44.61
CA ALA B 315 -39.47 7.51 43.95
C ALA B 315 -37.99 7.47 44.31
N ALA B 316 -37.37 6.32 44.06
CA ALA B 316 -35.94 6.15 44.23
C ALA B 316 -35.28 6.16 42.86
N PHE B 317 -34.27 7.00 42.70
CA PHE B 317 -33.54 7.11 41.45
C PHE B 317 -32.23 6.34 41.55
N TYR B 318 -31.78 5.82 40.41
CA TYR B 318 -30.62 4.94 40.34
C TYR B 318 -29.56 5.56 39.43
N ILE B 319 -28.31 5.49 39.86
CA ILE B 319 -27.19 6.09 39.13
C ILE B 319 -26.28 4.96 38.66
N TYR B 320 -26.00 4.93 37.36
CA TYR B 320 -25.16 3.93 36.75
C TYR B 320 -23.95 4.59 36.12
N SER B 321 -22.77 4.04 36.37
CA SER B 321 -21.55 4.59 35.80
C SER B 321 -21.47 4.30 34.31
N LEU B 322 -20.87 5.23 33.58
CA LEU B 322 -20.65 5.09 32.14
C LEU B 322 -19.24 4.59 31.88
N HIS B 323 -19.10 3.72 30.88
CA HIS B 323 -17.82 3.13 30.51
C HIS B 323 -17.61 3.25 29.01
N LYS B 324 -16.35 3.26 28.61
CA LYS B 324 -15.98 3.27 27.20
C LYS B 324 -16.17 1.86 26.67
N LEU B 325 -17.38 1.57 26.19
CA LEU B 325 -17.75 0.25 25.71
C LEU B 325 -18.16 0.33 24.25
N THR B 326 -18.33 -0.86 23.66
CA THR B 326 -18.86 -1.01 22.31
C THR B 326 -20.28 -1.58 22.42
N TYR B 327 -21.21 -0.97 21.69
CA TYR B 327 -22.61 -1.38 21.73
C TYR B 327 -23.14 -1.55 20.33
N LEU B 328 -24.01 -2.54 20.15
CA LEU B 328 -24.72 -2.75 18.89
C LEU B 328 -26.12 -2.18 19.06
N LEU B 329 -26.33 -0.98 18.53
CA LEU B 329 -27.59 -0.26 18.69
C LEU B 329 -28.50 -0.54 17.51
N ASP B 330 -29.77 -0.81 17.79
CA ASP B 330 -30.76 -1.11 16.77
C ASP B 330 -31.66 0.11 16.59
N PHE B 331 -31.50 0.78 15.46
CA PHE B 331 -32.31 1.95 15.14
C PHE B 331 -33.57 1.52 14.39
N SER B 332 -34.71 2.05 14.81
CA SER B 332 -35.98 1.70 14.20
C SER B 332 -36.26 2.66 13.04
N VAL B 333 -37.47 2.57 12.46
CA VAL B 333 -37.83 3.42 11.35
C VAL B 333 -37.98 4.87 11.79
N ASP B 334 -38.54 5.08 12.98
CA ASP B 334 -38.65 6.43 13.53
C ASP B 334 -37.34 6.93 14.13
N GLY B 335 -36.30 6.10 14.15
CA GLY B 335 -34.97 6.52 14.51
C GLY B 335 -34.56 6.22 15.94
N TYR B 336 -35.52 5.94 16.81
CA TYR B 336 -35.22 5.73 18.22
C TYR B 336 -34.70 4.31 18.44
N ILE B 337 -33.76 4.18 19.36
CA ILE B 337 -33.17 2.88 19.69
C ILE B 337 -34.08 2.16 20.67
N ARG B 338 -34.53 0.96 20.29
CA ARG B 338 -35.42 0.17 21.13
C ARG B 338 -34.75 -1.05 21.75
N ARG B 339 -33.65 -1.53 21.18
CA ARG B 339 -32.89 -2.62 21.78
C ARG B 339 -31.42 -2.45 21.44
N ALA B 340 -30.56 -3.00 22.30
CA ALA B 340 -29.13 -2.87 22.13
C ALA B 340 -28.44 -4.10 22.70
N VAL B 341 -27.16 -4.25 22.36
CA VAL B 341 -26.37 -5.39 22.79
C VAL B 341 -25.04 -4.87 23.33
N ASP B 342 -24.70 -5.25 24.56
CA ASP B 342 -23.42 -4.93 25.17
C ASP B 342 -22.45 -6.06 24.85
N CYS B 343 -21.50 -5.79 23.94
CA CYS B 343 -20.61 -6.84 23.43
C CYS B 343 -19.68 -7.40 24.49
N GLY B 344 -19.41 -6.65 25.56
CA GLY B 344 -18.55 -7.17 26.60
C GLY B 344 -19.21 -8.05 27.63
N HIS B 345 -20.51 -8.31 27.49
CA HIS B 345 -21.24 -9.08 28.49
C HIS B 345 -20.93 -10.58 28.39
N ASP B 346 -21.28 -11.19 27.26
CA ASP B 346 -20.98 -12.60 27.04
C ASP B 346 -20.49 -12.77 25.61
N ASP B 347 -20.19 -14.03 25.26
CA ASP B 347 -19.64 -14.35 23.95
C ASP B 347 -20.70 -14.31 22.86
N LEU B 348 -21.97 -14.59 23.19
CA LEU B 348 -23.05 -14.42 22.22
C LEU B 348 -23.19 -12.96 21.82
N SER B 349 -22.99 -12.04 22.75
CA SER B 349 -22.99 -10.62 22.42
C SER B 349 -21.80 -10.26 21.54
N GLN B 350 -20.65 -10.91 21.77
CA GLN B 350 -19.51 -10.71 20.88
C GLN B 350 -19.82 -11.16 19.47
N LEU B 351 -20.52 -12.30 19.33
CA LEU B 351 -20.93 -12.77 18.01
C LEU B 351 -21.92 -11.81 17.37
N TYR B 352 -22.89 -11.30 18.15
CA TYR B 352 -23.88 -10.36 17.63
C TYR B 352 -23.23 -9.06 17.16
N CYS B 353 -22.23 -8.58 17.90
CA CYS B 353 -21.56 -7.34 17.51
C CYS B 353 -20.62 -7.56 16.33
N SER B 354 -19.96 -8.73 16.27
CA SER B 354 -19.08 -9.02 15.15
C SER B 354 -19.84 -9.17 13.85
N TYR B 355 -21.00 -9.82 13.89
CA TYR B 355 -21.82 -9.92 12.69
C TYR B 355 -22.67 -8.68 12.45
N GLU B 356 -22.73 -7.77 13.43
CA GLU B 356 -23.47 -6.50 13.33
C GLU B 356 -24.95 -6.71 13.01
N SER B 357 -25.54 -7.74 13.59
CA SER B 357 -26.95 -8.05 13.35
C SER B 357 -27.51 -8.80 14.55
N PHE B 358 -28.80 -8.58 14.80
CA PHE B 358 -29.50 -9.33 15.83
C PHE B 358 -29.96 -10.69 15.36
N ASP B 359 -29.96 -10.93 14.05
CA ASP B 359 -30.36 -12.22 13.47
C ASP B 359 -29.14 -12.84 12.81
N VAL B 360 -28.63 -13.92 13.40
CA VAL B 360 -27.55 -14.70 12.81
C VAL B 360 -28.00 -16.16 12.76
N GLY B 361 -27.45 -16.89 11.80
CA GLY B 361 -27.79 -18.28 11.66
C GLY B 361 -27.12 -19.15 12.70
N SER B 362 -27.60 -20.38 12.80
CA SER B 362 -26.98 -21.34 13.69
C SER B 362 -25.63 -21.78 13.15
N GLY B 363 -24.74 -22.15 14.04
CA GLY B 363 -23.42 -22.61 13.64
C GLY B 363 -22.42 -22.36 14.75
N VAL B 364 -21.17 -22.74 14.46
CA VAL B 364 -20.06 -22.58 15.38
C VAL B 364 -19.19 -21.46 14.84
N TYR B 365 -19.13 -20.35 15.57
CA TYR B 365 -18.42 -19.14 15.14
C TYR B 365 -17.22 -18.91 16.03
N SER B 366 -16.08 -18.61 15.43
CA SER B 366 -14.88 -18.24 16.17
C SER B 366 -14.91 -16.74 16.41
N VAL B 367 -15.10 -16.35 17.67
CA VAL B 367 -15.17 -14.95 18.03
C VAL B 367 -13.84 -14.50 18.61
N SER B 368 -13.69 -13.20 18.78
CA SER B 368 -12.42 -12.62 19.22
C SER B 368 -12.12 -13.00 20.67
N SER B 369 -10.84 -13.14 20.97
CA SER B 369 -10.39 -13.51 22.31
C SER B 369 -10.39 -12.27 23.21
N PHE B 370 -9.81 -12.39 24.39
CA PHE B 370 -9.84 -11.35 25.39
C PHE B 370 -8.51 -10.61 25.46
N GLU B 371 -8.57 -9.39 26.00
CA GLU B 371 -7.37 -8.64 26.27
C GLU B 371 -6.55 -9.30 27.37
N VAL B 372 -5.23 -9.27 27.21
CA VAL B 372 -4.30 -9.88 28.16
C VAL B 372 -3.63 -8.78 28.95
N HIS B 373 -3.77 -8.83 30.27
CA HIS B 373 -3.18 -7.85 31.16
C HIS B 373 -2.00 -8.47 31.90
N SER B 374 -1.00 -7.64 32.18
CA SER B 374 0.20 -8.11 32.87
C SER B 374 -0.14 -8.47 34.32
N ARG B 375 0.38 -9.61 34.77
CA ARG B 375 0.13 -10.10 36.12
C ARG B 375 1.26 -9.75 37.08
N GLY B 376 2.22 -8.93 36.64
CA GLY B 376 3.33 -8.55 37.49
C GLY B 376 4.35 -7.77 36.70
N GLN B 377 5.53 -7.63 37.31
CA GLN B 377 6.64 -6.94 36.68
C GLN B 377 7.93 -7.72 36.92
N PHE B 378 8.86 -7.61 35.96
CA PHE B 378 10.18 -8.23 36.04
C PHE B 378 11.20 -7.15 35.66
N ILE B 379 11.69 -6.42 36.65
CA ILE B 379 12.66 -5.36 36.44
C ILE B 379 14.03 -5.86 36.88
N GLU B 380 15.01 -5.77 35.99
CA GLU B 380 16.39 -6.14 36.28
C GLU B 380 17.29 -5.04 35.73
N GLN B 381 17.79 -4.19 36.62
CA GLN B 381 18.65 -3.08 36.25
C GLN B 381 19.92 -3.11 37.09
N PRO B 382 21.04 -2.64 36.53
CA PRO B 382 22.29 -2.62 37.29
C PRO B 382 22.50 -1.29 38.01
N ASN B 383 23.54 -1.26 38.84
CA ASN B 383 23.99 -0.02 39.47
C ASN B 383 25.03 0.62 38.56
N SER B 384 24.53 1.30 37.53
CA SER B 384 25.39 1.91 36.54
C SER B 384 26.00 3.20 37.07
N VAL B 385 27.00 3.70 36.35
CA VAL B 385 27.71 4.89 36.74
C VAL B 385 27.18 6.08 35.96
N GLU B 386 27.53 7.28 36.42
CA GLU B 386 27.12 8.50 35.73
C GLU B 386 27.84 8.62 34.38
N CYS B 387 27.11 9.07 33.37
CA CYS B 387 27.74 9.36 32.09
C CYS B 387 28.61 10.61 32.21
N ASP B 388 29.77 10.58 31.57
CA ASP B 388 30.74 11.66 31.68
C ASP B 388 30.33 12.80 30.75
N PHE B 389 29.61 13.77 31.28
CA PHE B 389 29.16 14.93 30.52
C PHE B 389 29.98 16.18 30.80
N THR B 390 31.11 16.05 31.49
CA THR B 390 31.88 17.22 31.90
C THR B 390 32.69 17.83 30.77
N LYS B 391 32.85 17.15 29.64
CA LYS B 391 33.50 17.79 28.50
C LYS B 391 32.57 18.80 27.85
N LEU B 392 31.26 18.52 27.84
CA LEU B 392 30.31 19.47 27.30
C LEU B 392 30.08 20.63 28.25
N LEU B 393 29.97 20.35 29.54
CA LEU B 393 29.61 21.38 30.52
C LEU B 393 30.80 22.20 31.00
N SER B 394 32.02 21.90 30.55
CA SER B 394 33.19 22.67 30.92
C SER B 394 34.02 22.96 29.68
N GLY B 395 34.63 24.14 29.66
CA GLY B 395 35.48 24.53 28.55
C GLY B 395 34.70 25.11 27.40
N THR B 396 35.45 25.53 26.38
CA THR B 396 34.93 26.17 25.19
C THR B 396 34.48 25.12 24.17
N PRO B 397 33.24 25.19 23.69
CA PRO B 397 32.83 24.30 22.61
C PRO B 397 33.57 24.63 21.33
N PRO B 398 33.84 23.65 20.49
CA PRO B 398 34.61 23.90 19.27
C PRO B 398 33.69 24.39 18.15
N GLN B 399 34.30 24.61 16.98
CA GLN B 399 33.55 25.05 15.81
C GLN B 399 32.87 23.86 15.15
N VAL B 400 32.11 24.14 14.09
CA VAL B 400 31.27 23.13 13.46
C VAL B 400 32.11 22.09 12.73
N TYR B 401 33.19 22.52 12.08
CA TYR B 401 34.04 21.60 11.32
C TYR B 401 34.99 20.81 12.22
N ASN B 402 35.17 21.23 13.47
CA ASN B 402 36.03 20.53 14.41
C ASN B 402 35.20 20.06 15.60
N PHE B 403 34.03 19.48 15.32
CA PHE B 403 33.06 19.13 16.34
C PHE B 403 33.59 18.02 17.25
N ASN B 404 33.12 18.04 18.49
CA ASN B 404 33.45 17.03 19.48
C ASN B 404 32.36 15.97 19.53
N ARG B 405 32.77 14.72 19.59
CA ARG B 405 31.83 13.59 19.63
C ARG B 405 31.92 12.91 20.99
N LEU B 406 30.76 12.67 21.61
CA LEU B 406 30.66 11.94 22.86
C LEU B 406 29.81 10.70 22.63
N VAL B 407 30.36 9.54 22.97
CA VAL B 407 29.64 8.27 22.85
C VAL B 407 29.47 7.69 24.25
N PHE B 408 28.23 7.38 24.61
CA PHE B 408 27.90 6.89 25.94
C PHE B 408 27.40 5.46 25.85
N THR B 409 27.97 4.60 26.70
CA THR B 409 27.64 3.18 26.73
C THR B 409 27.71 2.70 28.17
N ASN B 410 26.65 2.03 28.63
CA ASN B 410 26.54 1.47 29.97
C ASN B 410 26.70 2.54 31.05
N CYS B 411 25.78 3.50 31.03
CA CYS B 411 25.80 4.57 32.01
C CYS B 411 24.40 5.14 32.17
N ASN B 412 24.19 5.87 33.26
CA ASN B 412 22.95 6.56 33.54
C ASN B 412 23.22 8.06 33.60
N TYR B 413 22.32 8.86 33.02
CA TYR B 413 22.47 10.29 33.02
C TYR B 413 21.14 10.96 33.39
N ASN B 414 21.25 12.18 33.89
CA ASN B 414 20.11 12.98 34.32
C ASN B 414 19.75 13.92 33.17
N LEU B 415 18.68 13.61 32.46
CA LEU B 415 18.30 14.39 31.30
C LEU B 415 17.63 15.71 31.67
N THR B 416 16.87 15.73 32.78
CA THR B 416 16.19 16.95 33.19
C THR B 416 17.18 18.03 33.61
N LYS B 417 18.30 17.63 34.22
CA LYS B 417 19.34 18.59 34.55
C LYS B 417 19.98 19.18 33.30
N LEU B 418 20.21 18.35 32.27
CA LEU B 418 20.80 18.84 31.03
C LEU B 418 19.85 19.75 30.28
N LEU B 419 18.56 19.40 30.23
CA LEU B 419 17.60 20.24 29.54
C LEU B 419 17.25 21.49 30.33
N SER B 420 17.48 21.49 31.65
CA SER B 420 17.16 22.67 32.45
C SER B 420 18.10 23.84 32.15
N LEU B 421 19.38 23.54 31.95
CA LEU B 421 20.37 24.61 31.74
C LEU B 421 20.62 24.90 30.27
N PHE B 422 19.91 24.26 29.36
CA PHE B 422 20.01 24.56 27.93
C PHE B 422 18.67 25.09 27.44
N MET B 423 18.71 26.21 26.72
CA MET B 423 17.52 26.88 26.19
C MET B 423 17.34 26.44 24.75
N VAL B 424 16.49 25.42 24.54
CA VAL B 424 16.35 24.83 23.22
C VAL B 424 15.57 25.75 22.30
N ASN B 425 16.15 26.05 21.15
CA ASN B 425 15.52 26.95 20.18
C ASN B 425 14.76 26.21 19.09
N GLU B 426 15.29 25.09 18.60
CA GLU B 426 14.64 24.33 17.55
C GLU B 426 15.22 22.92 17.55
N PHE B 427 14.35 21.93 17.38
CA PHE B 427 14.79 20.56 17.19
C PHE B 427 14.00 19.92 16.06
N SER B 428 14.66 19.03 15.32
CA SER B 428 14.03 18.25 14.27
C SER B 428 14.58 16.84 14.34
N CYS B 429 13.70 15.84 14.37
CA CYS B 429 14.10 14.47 14.64
C CYS B 429 13.52 13.53 13.60
N ASP B 430 14.27 12.47 13.30
CA ASP B 430 13.88 11.47 12.31
C ASP B 430 14.00 10.09 12.93
N GLY B 431 12.89 9.36 13.00
CA GLY B 431 12.87 8.03 13.53
C GLY B 431 12.82 7.94 15.04
N ILE B 432 12.81 9.07 15.73
CA ILE B 432 12.79 9.13 17.20
C ILE B 432 12.15 10.46 17.58
N SER B 433 11.77 10.58 18.85
CA SER B 433 11.35 11.85 19.41
C SER B 433 12.12 12.10 20.70
N PRO B 434 12.33 13.37 21.05
CA PRO B 434 13.00 13.67 22.33
C PRO B 434 12.26 13.16 23.55
N ASP B 435 10.93 13.06 23.49
CA ASP B 435 10.18 12.47 24.60
C ASP B 435 10.45 10.98 24.71
N ALA B 436 10.68 10.31 23.58
CA ALA B 436 11.02 8.89 23.62
C ALA B 436 12.41 8.65 24.20
N ILE B 437 13.33 9.58 23.98
CA ILE B 437 14.67 9.49 24.57
C ILE B 437 14.60 9.67 26.07
N ALA B 438 13.72 10.57 26.54
CA ALA B 438 13.59 10.86 27.96
C ALA B 438 12.89 9.77 28.76
N ARG B 439 12.26 8.80 28.09
CA ARG B 439 11.48 7.79 28.77
C ARG B 439 11.87 6.36 28.44
N GLY B 440 12.85 6.15 27.57
CA GLY B 440 13.25 4.82 27.17
C GLY B 440 14.75 4.62 27.31
N CYS B 441 15.18 3.39 27.06
CA CYS B 441 16.58 3.02 27.12
C CYS B 441 17.04 2.53 25.76
N TYR B 442 18.32 2.77 25.47
CA TYR B 442 18.91 2.47 24.17
C TYR B 442 20.32 1.94 24.39
N SER B 443 20.83 1.25 23.37
CA SER B 443 22.14 0.61 23.48
C SER B 443 23.28 1.62 23.49
N SER B 444 23.12 2.74 22.81
CA SER B 444 24.18 3.73 22.73
C SER B 444 23.56 5.11 22.53
N LEU B 445 24.36 6.13 22.82
CA LEU B 445 23.96 7.53 22.61
C LEU B 445 25.17 8.31 22.15
N THR B 446 25.17 8.73 20.89
CA THR B 446 26.26 9.50 20.31
C THR B 446 25.83 10.94 20.14
N VAL B 447 26.62 11.87 20.69
CA VAL B 447 26.31 13.29 20.65
C VAL B 447 27.46 14.02 19.98
N ASP B 448 27.14 14.84 18.98
CA ASP B 448 28.09 15.75 18.36
C ASP B 448 27.66 17.18 18.68
N TYR B 449 28.56 17.95 19.29
CA TYR B 449 28.25 19.31 19.70
C TYR B 449 29.34 20.26 19.22
N PHE B 450 28.95 21.50 18.96
CA PHE B 450 29.83 22.51 18.42
C PHE B 450 29.22 23.88 18.69
N ALA B 451 30.03 24.93 18.54
CA ALA B 451 29.53 26.29 18.64
C ALA B 451 28.93 26.71 17.30
N TYR B 452 27.70 27.20 17.33
CA TYR B 452 26.97 27.41 16.09
C TYR B 452 25.85 28.44 16.23
N PRO B 453 25.84 29.49 15.41
CA PRO B 453 24.81 30.52 15.55
C PRO B 453 23.44 30.05 15.11
N LEU B 454 22.40 30.66 15.71
CA LEU B 454 21.03 30.33 15.36
C LEU B 454 20.56 31.00 14.08
N SER B 455 21.31 31.98 13.56
CA SER B 455 21.00 32.56 12.27
C SER B 455 21.32 31.60 11.12
N MET B 456 21.99 30.49 11.42
CA MET B 456 22.32 29.47 10.44
C MET B 456 21.60 28.18 10.79
N LYS B 457 20.31 28.24 11.12
CA LYS B 457 19.56 27.01 11.35
C LYS B 457 19.41 26.22 10.05
N SER B 458 19.24 26.91 8.92
CA SER B 458 19.45 26.30 7.62
C SER B 458 20.94 26.08 7.41
N TYR B 459 21.27 25.36 6.33
CA TYR B 459 22.56 24.74 6.00
C TYR B 459 22.81 23.51 6.85
N MET B 460 21.92 23.24 7.81
CA MET B 460 21.87 21.97 8.52
C MET B 460 20.63 21.17 8.17
N GLN B 461 19.72 21.73 7.40
CA GLN B 461 18.61 20.96 6.86
C GLN B 461 19.14 19.90 5.91
N PRO B 462 18.44 18.76 5.78
CA PRO B 462 19.00 17.62 5.04
C PRO B 462 19.30 17.88 3.56
N GLY B 463 18.54 18.74 2.91
CA GLY B 463 18.74 18.95 1.49
C GLY B 463 19.55 20.17 1.12
N SER B 464 20.29 20.73 2.06
CA SER B 464 20.97 22.00 1.85
C SER B 464 22.12 21.88 0.86
N ALA B 465 22.39 22.98 0.16
CA ALA B 465 23.46 23.07 -0.81
C ALA B 465 24.55 24.05 -0.39
N GLY B 466 24.55 24.50 0.86
CA GLY B 466 25.52 25.45 1.33
C GLY B 466 26.85 24.80 1.65
N VAL B 467 27.76 25.63 2.17
CA VAL B 467 29.11 25.16 2.48
C VAL B 467 29.17 24.35 3.77
N ILE B 468 28.18 24.48 4.65
CA ILE B 468 28.22 23.77 5.93
C ILE B 468 28.04 22.27 5.71
N SER B 469 27.08 21.87 4.88
CA SER B 469 26.89 20.46 4.59
C SER B 469 27.96 19.90 3.67
N GLN B 470 28.72 20.77 2.99
CA GLN B 470 29.75 20.33 2.06
C GLN B 470 31.10 20.12 2.75
N TYR B 471 31.53 21.07 3.57
CA TYR B 471 32.88 21.02 4.13
C TYR B 471 32.92 21.04 5.66
N ASN B 472 31.80 21.18 6.35
CA ASN B 472 31.82 21.33 7.80
C ASN B 472 31.16 20.17 8.53
N TYR B 473 29.89 19.90 8.26
CA TYR B 473 29.19 18.80 8.93
C TYR B 473 28.00 18.38 8.09
N LYS B 474 27.87 17.07 7.87
CA LYS B 474 26.71 16.50 7.21
C LYS B 474 26.09 15.45 8.12
N GLN B 475 24.78 15.58 8.37
CA GLN B 475 24.09 14.66 9.24
C GLN B 475 23.93 13.30 8.57
N SER B 476 24.02 12.25 9.37
CA SER B 476 23.90 10.87 8.90
C SER B 476 22.58 10.30 9.34
N PHE B 477 21.73 9.95 8.39
CA PHE B 477 20.42 9.36 8.69
C PHE B 477 20.46 7.84 8.59
N ALA B 478 21.37 7.20 9.33
CA ALA B 478 21.45 5.76 9.41
C ALA B 478 20.93 5.22 10.73
N ASN B 479 20.75 6.07 11.73
CA ASN B 479 20.20 5.75 13.04
C ASN B 479 19.13 6.78 13.36
N PRO B 480 18.22 6.46 14.27
CA PRO B 480 17.28 7.49 14.75
C PRO B 480 18.01 8.64 15.41
N THR B 481 17.84 9.83 14.84
CA THR B 481 18.69 10.98 15.15
C THR B 481 17.84 12.22 15.40
N CYS B 482 18.43 13.18 16.11
CA CYS B 482 17.84 14.48 16.36
C CYS B 482 18.85 15.58 16.04
N ARG B 483 18.34 16.74 15.67
CA ARG B 483 19.15 17.90 15.31
C ARG B 483 18.69 19.07 16.18
N ILE B 484 19.45 19.37 17.22
CA ILE B 484 19.03 20.30 18.27
C ILE B 484 19.87 21.56 18.18
N PHE B 485 19.21 22.71 18.29
CA PHE B 485 19.87 24.01 18.34
C PHE B 485 19.43 24.70 19.63
N ALA B 486 20.40 25.03 20.49
CA ALA B 486 20.09 25.55 21.81
C ALA B 486 21.05 26.67 22.16
N THR B 487 20.71 27.38 23.24
CA THR B 487 21.53 28.47 23.75
C THR B 487 22.24 28.00 25.02
N ALA B 488 23.55 28.24 25.07
CA ALA B 488 24.36 27.79 26.21
C ALA B 488 24.01 28.60 27.47
N PRO B 489 24.21 28.01 28.65
CA PRO B 489 23.97 28.76 29.89
C PRO B 489 24.94 29.91 30.05
N ALA B 490 24.46 30.97 30.70
CA ALA B 490 25.18 32.24 30.72
C ALA B 490 26.33 32.23 31.73
N ASN B 491 26.02 32.06 33.01
CA ASN B 491 27.01 32.22 34.06
C ASN B 491 27.69 30.91 34.47
N LEU B 492 27.30 29.79 33.89
CA LEU B 492 27.97 28.53 34.21
C LEU B 492 29.29 28.43 33.45
N THR B 493 29.99 27.31 33.64
CA THR B 493 31.35 27.16 33.15
C THR B 493 31.41 26.69 31.69
N ILE B 494 30.69 27.38 30.81
CA ILE B 494 30.81 27.19 29.36
C ILE B 494 31.31 28.51 28.79
N THR B 495 32.52 28.49 28.24
CA THR B 495 33.21 29.71 27.82
C THR B 495 32.97 29.95 26.33
N LYS B 496 32.50 31.15 26.00
CA LYS B 496 32.27 31.50 24.61
C LYS B 496 33.60 31.65 23.86
N PRO B 497 33.70 31.14 22.66
CA PRO B 497 34.89 31.37 21.83
C PRO B 497 34.90 32.78 21.27
N SER B 498 35.93 33.09 20.49
CA SER B 498 36.12 34.44 19.97
C SER B 498 35.08 34.79 18.92
N SER B 499 34.76 33.84 18.03
CA SER B 499 33.80 34.08 16.96
C SER B 499 33.28 32.73 16.48
N TYR B 500 32.45 32.77 15.44
CA TYR B 500 31.96 31.59 14.76
C TYR B 500 32.72 31.42 13.46
N SER B 501 33.35 30.27 13.27
CA SER B 501 34.15 30.00 12.09
C SER B 501 33.64 28.74 11.39
N PHE B 502 33.72 28.75 10.06
CA PHE B 502 33.39 27.56 9.29
C PHE B 502 34.20 27.57 8.01
N ILE B 503 34.39 26.38 7.44
CA ILE B 503 35.12 26.23 6.19
C ILE B 503 34.18 26.55 5.04
N SER B 504 34.57 27.50 4.21
CA SER B 504 33.77 27.90 3.06
C SER B 504 34.32 27.38 1.73
N LYS B 505 35.52 26.81 1.72
CA LYS B 505 36.07 26.22 0.51
C LYS B 505 37.10 25.17 0.90
N CYS B 506 37.08 24.05 0.18
CA CYS B 506 38.06 22.99 0.37
C CYS B 506 38.19 22.25 -0.95
N SER B 507 39.29 22.49 -1.66
CA SER B 507 39.47 21.93 -2.99
C SER B 507 40.89 21.45 -3.18
N ARG B 508 41.07 20.59 -4.18
CA ARG B 508 42.37 20.05 -4.54
C ARG B 508 42.76 20.57 -5.91
N LEU B 509 43.95 21.19 -5.99
CA LEU B 509 44.47 21.69 -7.26
C LEU B 509 45.44 20.67 -7.83
N THR B 510 45.17 20.22 -9.05
CA THR B 510 45.97 19.18 -9.69
C THR B 510 46.41 19.64 -11.07
N GLY B 511 47.57 19.15 -11.48
CA GLY B 511 48.14 19.49 -12.77
C GLY B 511 49.51 20.13 -12.64
N ASP B 512 50.17 20.22 -13.80
CA ASP B 512 51.47 20.90 -13.85
C ASP B 512 51.34 22.37 -13.55
N ASN B 513 50.30 23.02 -14.10
CA ASN B 513 50.00 24.42 -13.82
C ASN B 513 48.83 24.58 -12.85
N SER B 514 48.46 23.50 -12.15
CA SER B 514 47.27 23.40 -11.30
C SER B 514 46.02 23.76 -12.10
N HIS B 515 45.39 24.88 -11.75
CA HIS B 515 44.27 25.52 -12.45
C HIS B 515 43.01 24.65 -12.51
N ILE B 516 42.99 23.49 -11.86
CA ILE B 516 41.83 22.61 -11.84
C ILE B 516 41.30 22.59 -10.41
N GLU B 517 40.06 23.05 -10.23
CA GLU B 517 39.43 23.17 -8.91
C GLU B 517 38.49 21.99 -8.73
N THR B 518 38.90 21.00 -7.93
CA THR B 518 38.05 19.87 -7.60
C THR B 518 37.72 19.92 -6.11
N PRO B 519 36.50 20.30 -5.74
CA PRO B 519 36.15 20.38 -4.31
C PRO B 519 36.10 19.02 -3.65
N ILE B 520 36.49 18.99 -2.38
CA ILE B 520 36.50 17.76 -1.59
C ILE B 520 35.36 17.87 -0.58
N VAL B 521 34.27 17.15 -0.84
CA VAL B 521 33.13 17.14 0.05
C VAL B 521 33.30 16.02 1.07
N ILE B 522 32.60 16.16 2.20
CA ILE B 522 32.74 15.23 3.31
C ILE B 522 31.58 14.25 3.28
N ASN B 523 31.80 13.10 3.91
CA ASN B 523 30.77 12.10 4.10
C ASN B 523 29.93 12.44 5.33
N PRO B 524 28.71 11.91 5.42
CA PRO B 524 27.88 12.16 6.61
C PRO B 524 28.52 11.65 7.88
N GLY B 525 28.56 12.51 8.90
CA GLY B 525 29.19 12.18 10.18
C GLY B 525 30.68 12.00 10.11
N GLU B 526 31.37 12.80 9.30
CA GLU B 526 32.81 12.67 9.12
C GLU B 526 33.45 14.05 9.17
N TYR B 527 34.74 14.05 9.53
CA TYR B 527 35.50 15.28 9.59
C TYR B 527 35.99 15.68 8.22
N SER B 528 36.42 16.93 8.10
CA SER B 528 36.96 17.48 6.87
C SER B 528 38.48 17.37 6.85
N ILE B 529 39.04 17.39 5.65
CA ILE B 529 40.50 17.44 5.50
C ILE B 529 41.03 18.85 5.63
N CYS B 530 40.16 19.86 5.56
CA CYS B 530 40.55 21.25 5.70
C CYS B 530 40.44 21.75 7.13
N LYS B 531 40.09 20.89 8.08
CA LYS B 531 39.98 21.29 9.47
C LYS B 531 41.33 21.43 10.16
N ASN B 532 42.41 20.96 9.54
CA ASN B 532 43.74 21.07 10.11
C ASN B 532 44.39 22.42 9.83
N PHE B 533 43.81 23.24 8.96
CA PHE B 533 44.35 24.57 8.71
C PHE B 533 44.18 25.48 9.93
N ALA B 534 42.97 25.52 10.48
CA ALA B 534 42.69 26.28 11.70
C ALA B 534 41.81 25.43 12.61
N PRO B 535 42.41 24.52 13.38
CA PRO B 535 41.60 23.65 14.25
C PRO B 535 40.90 24.39 15.38
N ASN B 536 41.44 25.51 15.83
CA ASN B 536 40.84 26.27 16.92
C ASN B 536 39.95 27.41 16.45
N GLY B 537 39.75 27.55 15.14
CA GLY B 537 38.94 28.61 14.60
C GLY B 537 39.71 29.55 13.69
N PHE B 538 39.09 29.96 12.59
CA PHE B 538 39.72 30.91 11.69
C PHE B 538 39.77 32.29 12.34
N SER B 539 40.90 32.98 12.19
CA SER B 539 41.08 34.25 12.86
C SER B 539 40.44 35.39 12.09
N GLN B 540 40.52 35.37 10.77
CA GLN B 540 40.00 36.44 9.93
C GLN B 540 39.08 35.87 8.87
N ASP B 541 38.14 36.69 8.42
CA ASP B 541 37.23 36.29 7.36
C ASP B 541 37.98 36.17 6.04
N GLY B 542 37.69 35.10 5.31
CA GLY B 542 38.36 34.84 4.05
C GLY B 542 39.83 34.50 4.19
N ASP B 543 40.20 33.74 5.21
CA ASP B 543 41.58 33.35 5.41
C ASP B 543 41.96 32.25 4.43
N TYR B 544 43.00 32.47 3.65
CA TYR B 544 43.40 31.57 2.58
C TYR B 544 44.52 30.66 3.07
N PHE B 545 44.39 29.37 2.81
CA PHE B 545 45.36 28.38 3.23
C PHE B 545 45.75 27.48 2.07
N THR B 546 46.99 27.01 2.09
CA THR B 546 47.52 26.19 1.00
C THR B 546 48.45 25.14 1.59
N ARG B 547 48.23 23.87 1.23
CA ARG B 547 49.06 22.77 1.71
C ARG B 547 49.37 21.84 0.56
N GLN B 548 50.55 21.22 0.61
CA GLN B 548 50.97 20.25 -0.39
C GLN B 548 50.62 18.85 0.07
N LEU B 549 49.71 18.19 -0.66
CA LEU B 549 49.31 16.84 -0.32
C LEU B 549 50.38 15.84 -0.75
N SER B 550 50.60 14.81 0.06
CA SER B 550 51.63 13.83 -0.21
C SER B 550 51.17 12.86 -1.30
N GLN B 551 52.05 11.89 -1.61
CA GLN B 551 51.72 10.90 -2.64
C GLN B 551 50.65 9.94 -2.17
N LEU B 552 50.66 9.58 -0.88
CA LEU B 552 49.67 8.65 -0.35
C LEU B 552 48.30 9.29 -0.19
N GLU B 553 48.24 10.63 -0.11
CA GLU B 553 46.97 11.33 0.03
C GLU B 553 46.38 11.73 -1.32
N GLY B 554 46.94 11.23 -2.42
CA GLY B 554 46.42 11.51 -3.74
C GLY B 554 47.13 12.60 -4.50
N GLY B 555 48.11 13.26 -3.90
CA GLY B 555 48.81 14.34 -4.57
C GLY B 555 47.97 15.60 -4.63
N GLY B 556 48.50 16.57 -5.40
CA GLY B 556 47.83 17.83 -5.56
C GLY B 556 48.13 18.81 -4.45
N ILE B 557 47.45 19.95 -4.51
CA ILE B 557 47.61 21.03 -3.53
C ILE B 557 46.26 21.25 -2.85
N LEU B 558 46.27 21.23 -1.53
CA LEU B 558 45.06 21.43 -0.75
C LEU B 558 44.86 22.91 -0.48
N VAL B 559 43.66 23.41 -0.79
CA VAL B 559 43.33 24.82 -0.64
C VAL B 559 42.12 24.92 0.26
N GLY B 560 42.23 25.72 1.33
CA GLY B 560 41.14 25.89 2.26
C GLY B 560 40.87 27.33 2.63
N VAL B 561 39.61 27.74 2.57
CA VAL B 561 39.19 29.10 2.89
C VAL B 561 38.19 29.03 4.04
N GLY B 562 38.34 29.91 5.02
CA GLY B 562 37.47 29.95 6.17
C GLY B 562 36.77 31.28 6.29
N SER B 563 35.54 31.25 6.80
CA SER B 563 34.71 32.43 7.00
C SER B 563 34.43 32.60 8.48
N VAL B 564 34.31 33.86 8.91
CA VAL B 564 34.18 34.20 10.32
C VAL B 564 32.92 35.01 10.52
N THR B 565 32.07 34.57 11.45
CA THR B 565 30.85 35.25 11.86
C THR B 565 31.04 35.83 13.25
N PRO B 566 30.62 37.07 13.50
CA PRO B 566 30.79 37.65 14.83
C PRO B 566 29.97 36.92 15.89
N MET B 567 30.51 36.87 17.10
CA MET B 567 29.91 36.12 18.19
C MET B 567 28.77 36.90 18.83
N THR B 568 27.65 36.23 19.06
CA THR B 568 26.48 36.85 19.65
C THR B 568 26.69 37.11 21.14
N ASP B 569 25.71 37.79 21.76
CA ASP B 569 25.79 38.07 23.19
C ASP B 569 25.74 36.80 24.01
N THR B 570 24.89 35.86 23.63
CA THR B 570 24.79 34.56 24.29
C THR B 570 25.36 33.50 23.37
N LEU B 571 26.05 32.52 23.95
CA LEU B 571 26.61 31.43 23.17
C LEU B 571 25.50 30.51 22.69
N GLN B 572 25.51 30.22 21.39
CA GLN B 572 24.54 29.31 20.78
C GLN B 572 25.31 28.10 20.26
N MET B 573 24.81 26.91 20.59
CA MET B 573 25.45 25.67 20.19
C MET B 573 24.48 24.79 19.41
N GLY B 574 25.04 23.89 18.62
CA GLY B 574 24.26 22.91 17.88
C GLY B 574 24.58 21.50 18.37
N PHE B 575 23.56 20.67 18.47
CA PHE B 575 23.70 19.30 18.94
C PHE B 575 23.10 18.36 17.92
N ILE B 576 23.87 17.35 17.53
CA ILE B 576 23.42 16.29 16.63
C ILE B 576 23.55 14.99 17.40
N ILE B 577 22.44 14.47 17.90
CA ILE B 577 22.45 13.26 18.70
C ILE B 577 21.84 12.12 17.89
N SER B 578 22.20 10.90 18.27
CA SER B 578 21.66 9.70 17.64
C SER B 578 21.71 8.56 18.65
N VAL B 579 20.82 7.59 18.46
CA VAL B 579 20.71 6.45 19.37
C VAL B 579 20.79 5.15 18.57
N GLN B 580 21.12 4.08 19.28
CA GLN B 580 21.20 2.74 18.69
C GLN B 580 20.45 1.76 19.60
N TYR B 581 19.84 0.76 18.97
CA TYR B 581 19.03 -0.22 19.68
C TYR B 581 19.54 -1.63 19.41
N GLY B 582 19.68 -2.42 20.46
CA GLY B 582 20.05 -3.82 20.33
C GLY B 582 21.45 -4.09 19.82
N THR B 583 22.43 -3.29 20.24
CA THR B 583 23.81 -3.51 19.84
C THR B 583 24.74 -3.69 21.03
N ASP B 584 24.21 -3.85 22.24
CA ASP B 584 25.03 -4.03 23.42
C ASP B 584 24.22 -4.77 24.47
N THR B 585 24.93 -5.49 25.35
CA THR B 585 24.27 -6.20 26.44
C THR B 585 23.79 -5.24 27.52
N ASN B 586 24.43 -4.09 27.66
CA ASN B 586 24.02 -3.04 28.58
C ASN B 586 23.40 -1.89 27.80
N SER B 587 22.66 -1.04 28.52
CA SER B 587 21.92 0.05 27.90
C SER B 587 22.20 1.35 28.64
N VAL B 588 21.96 2.45 27.94
CA VAL B 588 22.03 3.79 28.51
C VAL B 588 20.62 4.22 28.89
N CYS B 589 20.41 4.49 30.17
CA CYS B 589 19.07 4.77 30.68
C CYS B 589 19.06 6.10 31.41
N PRO B 590 18.19 7.03 31.05
CA PRO B 590 17.97 8.21 31.89
C PRO B 590 17.32 7.82 33.21
N MET B 591 17.65 8.57 34.26
CA MET B 591 17.15 8.26 35.59
C MET B 591 15.67 8.61 35.73
N ASN B 596 14.04 -1.14 43.26
CA ASN B 596 13.14 -1.29 42.11
C ASN B 596 13.61 -2.42 41.20
N SER B 597 13.95 -3.56 41.80
CA SER B 597 14.38 -4.74 41.06
C SER B 597 13.63 -5.95 41.62
N THR B 598 12.79 -6.55 40.79
CA THR B 598 11.95 -7.66 41.20
C THR B 598 12.51 -8.98 40.68
N THR B 599 11.82 -10.06 41.01
CA THR B 599 12.22 -11.41 40.61
C THR B 599 11.08 -12.08 39.86
N ILE B 600 11.42 -13.13 39.11
CA ILE B 600 10.47 -13.87 38.30
C ILE B 600 10.18 -15.25 38.88
N THR B 601 10.75 -15.59 40.04
CA THR B 601 10.58 -16.92 40.62
C THR B 601 9.13 -17.19 41.00
N ASP B 602 8.44 -16.19 41.53
CA ASP B 602 7.03 -16.34 41.87
C ASP B 602 6.09 -16.05 40.70
N LYS B 603 6.61 -15.56 39.58
CA LYS B 603 5.80 -15.20 38.42
C LYS B 603 6.19 -16.01 37.19
N LEU B 604 6.67 -17.23 37.40
CA LEU B 604 7.05 -18.10 36.29
C LEU B 604 5.81 -18.67 35.62
N GLY B 605 5.77 -18.58 34.29
CA GLY B 605 4.66 -19.11 33.53
C GLY B 605 3.48 -18.18 33.35
N VAL B 606 3.57 -16.93 33.78
CA VAL B 606 2.50 -15.96 33.62
C VAL B 606 3.00 -14.82 32.74
N CYS B 607 2.06 -14.02 32.26
CA CYS B 607 2.39 -12.87 31.41
C CYS B 607 2.76 -11.69 32.29
N VAL B 608 3.97 -11.15 32.09
CA VAL B 608 4.48 -10.06 32.89
C VAL B 608 4.95 -8.94 31.98
N GLU B 609 5.31 -7.82 32.60
CA GLU B 609 5.99 -6.72 31.95
C GLU B 609 7.44 -6.74 32.38
N TYR B 610 8.36 -6.81 31.43
CA TYR B 610 9.77 -6.95 31.74
C TYR B 610 10.55 -5.74 31.24
N ASN B 611 11.52 -5.32 32.05
CA ASN B 611 12.50 -4.30 31.67
C ASN B 611 13.86 -4.84 32.11
N LEU B 612 14.49 -5.62 31.23
CA LEU B 612 15.70 -6.36 31.56
C LEU B 612 16.90 -5.65 30.94
N TYR B 613 17.64 -4.92 31.77
CA TYR B 613 18.86 -4.21 31.37
C TYR B 613 18.62 -3.25 30.21
N GLY B 614 17.47 -2.58 30.23
CA GLY B 614 17.10 -1.61 29.23
C GLY B 614 16.18 -2.14 28.15
N VAL B 615 16.09 -3.46 28.00
CA VAL B 615 15.20 -4.07 27.00
C VAL B 615 13.84 -4.25 27.63
N SER B 616 12.81 -3.66 27.02
CA SER B 616 11.47 -3.65 27.58
C SER B 616 10.51 -4.39 26.65
N GLY B 617 9.44 -4.92 27.24
CA GLY B 617 8.43 -5.62 26.47
C GLY B 617 7.53 -6.41 27.38
N ARG B 618 6.70 -7.25 26.75
CA ARG B 618 5.78 -8.14 27.44
C ARG B 618 6.10 -9.58 27.06
N GLY B 619 6.14 -10.47 28.05
CA GLY B 619 6.47 -11.84 27.75
C GLY B 619 6.14 -12.78 28.89
N VAL B 620 6.26 -14.07 28.60
CA VAL B 620 6.04 -15.13 29.57
C VAL B 620 7.36 -15.87 29.75
N PHE B 621 7.79 -16.01 31.01
CA PHE B 621 9.11 -16.54 31.33
C PHE B 621 8.96 -17.96 31.86
N ILE B 622 9.64 -18.91 31.21
CA ILE B 622 9.63 -20.32 31.57
C ILE B 622 11.06 -20.77 31.79
N ASN B 623 11.28 -21.52 32.88
CA ASN B 623 12.61 -21.99 33.23
C ASN B 623 13.03 -23.12 32.29
N CYS B 624 14.05 -22.87 31.47
CA CYS B 624 14.55 -23.84 30.51
C CYS B 624 16.04 -24.10 30.74
N THR B 625 16.60 -24.96 29.90
CA THR B 625 18.03 -25.24 29.93
C THR B 625 18.78 -24.22 29.08
N ALA B 626 20.05 -24.02 29.41
CA ALA B 626 20.81 -22.90 28.86
C ALA B 626 21.25 -23.19 27.43
N VAL B 627 20.93 -22.26 26.53
CA VAL B 627 21.37 -22.30 25.14
C VAL B 627 21.92 -20.92 24.79
N GLY B 628 22.75 -20.89 23.75
CA GLY B 628 23.38 -19.65 23.33
C GLY B 628 24.56 -19.27 24.20
N VAL B 629 25.21 -18.18 23.81
CA VAL B 629 26.37 -17.68 24.53
C VAL B 629 25.91 -17.02 25.83
N LYS B 630 26.55 -17.38 26.93
CA LYS B 630 26.11 -16.90 28.24
C LYS B 630 26.43 -15.42 28.43
N GLN B 631 27.60 -14.98 27.95
CA GLN B 631 28.04 -13.60 28.18
C GLN B 631 27.15 -12.58 27.46
N GLN B 632 26.37 -12.99 26.48
CA GLN B 632 25.28 -12.19 25.94
C GLN B 632 24.01 -12.56 26.69
N ARG B 633 23.38 -11.57 27.31
CA ARG B 633 22.23 -11.86 28.17
C ARG B 633 21.02 -12.32 27.36
N PHE B 634 20.87 -11.83 26.14
CA PHE B 634 19.65 -12.00 25.36
C PHE B 634 19.89 -12.97 24.21
N VAL B 635 18.98 -13.92 24.05
CA VAL B 635 18.99 -14.86 22.94
C VAL B 635 17.85 -14.49 22.00
N TYR B 636 18.17 -14.30 20.73
CA TYR B 636 17.22 -13.87 19.71
C TYR B 636 16.95 -15.01 18.72
N ASP B 637 16.06 -14.73 17.78
CA ASP B 637 15.73 -15.69 16.73
C ASP B 637 15.91 -15.07 15.36
N GLY B 638 15.41 -15.74 14.32
CA GLY B 638 15.57 -15.24 12.97
C GLY B 638 14.83 -13.96 12.68
N PHE B 639 13.78 -13.66 13.44
CA PHE B 639 12.98 -12.46 13.24
C PHE B 639 13.33 -11.34 14.20
N ASP B 640 14.46 -11.44 14.90
CA ASP B 640 14.95 -10.44 15.85
C ASP B 640 13.94 -10.17 16.97
N ASN B 641 13.45 -11.25 17.57
CA ASN B 641 12.59 -11.18 18.74
C ASN B 641 13.28 -11.86 19.91
N LEU B 642 12.98 -11.41 21.12
CA LEU B 642 13.59 -11.98 22.31
C LEU B 642 13.06 -13.39 22.54
N ILE B 643 13.99 -14.33 22.77
CA ILE B 643 13.68 -15.73 22.97
C ILE B 643 14.14 -16.22 24.34
N GLY B 644 15.38 -15.92 24.70
CA GLY B 644 15.92 -16.35 25.98
C GLY B 644 16.57 -15.20 26.71
N TYR B 645 16.79 -15.42 28.01
CA TYR B 645 17.39 -14.40 28.86
C TYR B 645 18.17 -15.07 29.98
N TYR B 646 19.40 -14.65 30.18
CA TYR B 646 20.27 -15.14 31.25
C TYR B 646 20.15 -14.17 32.43
N SER B 647 19.39 -14.56 33.44
CA SER B 647 19.12 -13.66 34.55
C SER B 647 20.30 -13.62 35.52
N ASP B 648 20.21 -12.67 36.46
CA ASP B 648 21.28 -12.49 37.44
C ASP B 648 21.28 -13.57 38.51
N ASP B 649 20.18 -14.29 38.69
CA ASP B 649 20.15 -15.37 39.67
C ASP B 649 20.85 -16.62 39.18
N GLY B 650 21.20 -16.70 37.90
CA GLY B 650 21.87 -17.86 37.35
C GLY B 650 21.00 -18.84 36.60
N ASN B 651 19.73 -18.51 36.36
CA ASN B 651 18.82 -19.37 35.64
C ASN B 651 18.52 -18.79 34.27
N TYR B 652 18.63 -19.63 33.24
CA TYR B 652 18.19 -19.27 31.90
C TYR B 652 16.67 -19.39 31.81
N TYR B 653 16.05 -18.45 31.11
CA TYR B 653 14.62 -18.42 30.96
C TYR B 653 14.26 -18.35 29.48
N CYS B 654 13.04 -18.78 29.17
CA CYS B 654 12.50 -18.71 27.81
C CYS B 654 11.42 -17.64 27.77
N VAL B 655 11.55 -16.70 26.85
CA VAL B 655 10.61 -15.59 26.71
C VAL B 655 9.66 -15.92 25.56
N ARG B 656 8.37 -16.02 25.87
CA ARG B 656 7.34 -16.25 24.88
C ARG B 656 6.33 -15.11 24.91
N PRO B 657 5.75 -14.75 23.77
CA PRO B 657 4.75 -13.68 23.77
C PRO B 657 3.49 -14.06 24.54
N CYS B 658 2.86 -13.05 25.13
CA CYS B 658 1.65 -13.28 25.91
C CYS B 658 0.51 -13.72 24.99
N VAL B 659 -0.19 -14.78 25.38
CA VAL B 659 -1.16 -15.43 24.52
C VAL B 659 -2.53 -15.37 25.17
N SER B 660 -3.55 -15.45 24.33
CA SER B 660 -4.95 -15.49 24.76
C SER B 660 -5.58 -16.78 24.27
N VAL B 661 -6.50 -17.31 25.07
CA VAL B 661 -7.15 -18.58 24.73
C VAL B 661 -8.07 -18.37 23.52
N PRO B 662 -8.16 -19.31 22.60
CA PRO B 662 -9.10 -19.19 21.49
C PRO B 662 -10.54 -19.31 21.97
N LEU B 663 -11.43 -18.73 21.19
CA LEU B 663 -12.86 -18.76 21.48
C LEU B 663 -13.65 -19.28 20.28
N SER B 664 -14.63 -20.12 20.57
CA SER B 664 -15.63 -20.53 19.59
C SER B 664 -16.97 -20.56 20.27
N VAL B 665 -18.00 -20.08 19.58
CA VAL B 665 -19.36 -20.04 20.11
C VAL B 665 -20.25 -20.87 19.21
N VAL B 666 -20.86 -21.91 19.76
CA VAL B 666 -21.89 -22.69 19.07
C VAL B 666 -23.25 -22.12 19.45
N TYR B 667 -24.05 -21.79 18.43
CA TYR B 667 -25.28 -21.05 18.62
C TYR B 667 -26.42 -21.75 17.90
N ASP B 668 -27.59 -21.78 18.54
CA ASP B 668 -28.79 -22.34 17.96
C ASP B 668 -29.86 -21.26 17.95
N LYS B 669 -30.36 -20.92 16.76
CA LYS B 669 -31.31 -19.81 16.64
C LYS B 669 -32.70 -20.21 17.09
N THR B 670 -33.11 -21.46 16.83
CA THR B 670 -34.49 -21.86 17.09
C THR B 670 -34.78 -21.94 18.58
N THR B 671 -33.91 -22.59 19.35
CA THR B 671 -34.11 -22.71 20.78
C THR B 671 -33.55 -21.54 21.57
N ASN B 672 -32.78 -20.66 20.92
CA ASN B 672 -32.08 -19.54 21.54
C ASN B 672 -31.22 -20.02 22.71
N SER B 673 -30.24 -20.85 22.37
CA SER B 673 -29.32 -21.41 23.35
C SER B 673 -27.92 -21.42 22.74
N HIS B 674 -26.93 -21.17 23.58
CA HIS B 674 -25.55 -21.06 23.12
C HIS B 674 -24.60 -21.70 24.13
N ALA B 675 -23.45 -22.12 23.63
CA ALA B 675 -22.39 -22.64 24.46
C ALA B 675 -21.06 -22.15 23.91
N THR B 676 -20.05 -22.12 24.77
CA THR B 676 -18.72 -21.65 24.38
C THR B 676 -17.76 -22.83 24.28
N ILE B 677 -16.76 -22.67 23.41
CA ILE B 677 -15.74 -23.68 23.18
C ILE B 677 -14.38 -23.01 23.36
N PHE B 678 -13.59 -23.50 24.30
CA PHE B 678 -12.21 -23.05 24.49
C PHE B 678 -11.33 -24.04 23.74
N GLY B 679 -10.94 -23.66 22.53
CA GLY B 679 -10.33 -24.61 21.60
C GLY B 679 -8.92 -25.02 22.04
N SER B 680 -8.67 -26.33 22.05
CA SER B 680 -7.35 -26.92 22.25
C SER B 680 -6.73 -26.56 23.59
N VAL B 681 -7.56 -26.35 24.61
CA VAL B 681 -7.08 -26.03 25.95
C VAL B 681 -7.97 -26.74 26.97
N ALA B 682 -7.34 -27.31 28.00
CA ALA B 682 -8.04 -28.07 29.02
C ALA B 682 -8.77 -27.15 29.99
N CYS B 683 -9.68 -27.74 30.77
CA CYS B 683 -10.46 -26.97 31.73
C CYS B 683 -9.64 -26.49 32.92
N GLU B 684 -8.53 -27.17 33.24
CA GLU B 684 -7.71 -26.75 34.37
C GLU B 684 -7.03 -25.41 34.10
N HIS B 685 -6.84 -25.06 32.83
CA HIS B 685 -6.43 -23.71 32.47
C HIS B 685 -7.60 -22.74 32.45
N ILE B 686 -8.83 -23.23 32.37
CA ILE B 686 -9.96 -22.32 32.38
C ILE B 686 -10.28 -21.88 33.80
N THR B 687 -10.24 -22.82 34.76
CA THR B 687 -10.57 -22.46 36.13
C THR B 687 -9.42 -21.72 36.82
N THR B 688 -8.17 -22.12 36.58
CA THR B 688 -7.04 -21.48 37.22
C THR B 688 -6.17 -20.72 36.21
N MET B 689 -5.49 -19.69 36.74
CA MET B 689 -4.39 -18.93 36.13
C MET B 689 -4.88 -17.99 35.02
N LEU B 690 -6.14 -18.13 34.61
CA LEU B 690 -6.79 -17.16 33.73
C LEU B 690 -8.18 -16.86 34.27
N HIS B 691 -8.44 -15.58 34.50
CA HIS B 691 -9.78 -15.10 34.80
C HIS B 691 -10.03 -13.81 34.05
N GLN B 692 -9.62 -13.77 32.78
CA GLN B 692 -9.79 -12.60 31.94
C GLN B 692 -10.90 -12.77 30.92
N PHE B 693 -11.82 -13.71 31.15
CA PHE B 693 -12.87 -14.03 30.20
C PHE B 693 -13.98 -12.98 30.26
N SER B 694 -15.11 -13.27 29.62
CA SER B 694 -16.25 -12.36 29.62
C SER B 694 -16.93 -12.35 30.99
N ARG B 695 -17.91 -11.46 31.14
CA ARG B 695 -18.60 -11.31 32.42
C ARG B 695 -19.44 -12.53 32.74
N THR B 696 -20.19 -13.04 31.76
CA THR B 696 -20.99 -14.25 31.96
C THR B 696 -20.12 -15.50 31.97
N THR B 697 -19.04 -15.51 31.17
CA THR B 697 -18.20 -16.69 31.02
C THR B 697 -17.53 -17.07 32.34
N GLN B 698 -17.04 -16.08 33.09
CA GLN B 698 -16.52 -16.33 34.44
C GLN B 698 -17.71 -16.56 35.37
N ALA B 699 -18.24 -17.78 35.35
CA ALA B 699 -19.39 -18.13 36.15
C ALA B 699 -18.98 -18.47 37.58
N SER B 709 -24.20 -27.52 31.15
CA SER B 709 -23.69 -27.57 32.52
C SER B 709 -22.43 -26.73 32.65
N GLY B 710 -21.49 -27.19 33.47
CA GLY B 710 -20.26 -26.49 33.71
C GLY B 710 -19.18 -26.86 32.71
N PRO B 711 -17.92 -26.68 33.10
CA PRO B 711 -16.82 -27.07 32.22
C PRO B 711 -16.77 -28.58 31.99
N LEU B 712 -16.38 -28.96 30.78
CA LEU B 712 -16.34 -30.36 30.40
C LEU B 712 -15.32 -30.53 29.29
N GLN B 713 -14.39 -31.47 29.48
CA GLN B 713 -13.30 -31.66 28.53
C GLN B 713 -13.74 -32.55 27.38
N THR B 714 -13.57 -32.06 26.16
CA THR B 714 -13.87 -32.78 24.94
C THR B 714 -12.62 -32.94 24.09
N ALA B 715 -12.76 -33.56 22.93
CA ALA B 715 -11.64 -33.75 22.02
C ALA B 715 -11.25 -32.47 21.30
N VAL B 716 -12.15 -31.49 21.23
CA VAL B 716 -11.89 -30.25 20.53
C VAL B 716 -11.62 -29.11 21.52
N GLY B 717 -11.30 -29.43 22.77
CA GLY B 717 -11.08 -28.44 23.80
C GLY B 717 -12.16 -28.51 24.87
N CYS B 718 -11.93 -27.72 25.93
CA CYS B 718 -12.80 -27.73 27.08
C CYS B 718 -13.96 -26.77 26.84
N VAL B 719 -15.19 -27.26 27.00
CA VAL B 719 -16.38 -26.51 26.63
C VAL B 719 -17.18 -26.19 27.89
N ILE B 720 -17.90 -25.08 27.84
CA ILE B 720 -18.81 -24.68 28.91
C ILE B 720 -20.19 -24.43 28.30
N GLY B 721 -21.22 -25.02 28.91
CA GLY B 721 -22.59 -24.85 28.45
C GLY B 721 -23.16 -26.07 27.75
N LEU B 722 -22.45 -27.19 27.70
CA LEU B 722 -22.91 -28.40 27.06
C LEU B 722 -22.99 -29.53 28.09
N VAL B 723 -24.07 -30.29 28.04
CA VAL B 723 -24.28 -31.41 28.96
C VAL B 723 -23.92 -32.70 28.26
N ASN B 724 -23.12 -33.53 28.92
CA ASN B 724 -22.74 -34.84 28.41
C ASN B 724 -23.90 -35.79 28.68
N SER B 725 -24.69 -36.07 27.64
CA SER B 725 -25.81 -37.01 27.73
C SER B 725 -25.48 -38.37 27.15
N SER B 726 -24.25 -38.57 26.65
CA SER B 726 -23.82 -39.80 25.98
C SER B 726 -24.73 -40.16 24.82
N MET B 727 -25.14 -39.15 24.06
CA MET B 727 -26.06 -39.31 22.94
C MET B 727 -25.29 -39.63 21.66
N VAL B 728 -25.85 -40.51 20.85
CA VAL B 728 -25.27 -40.89 19.57
C VAL B 728 -26.27 -40.51 18.48
N VAL B 729 -25.81 -39.72 17.52
CA VAL B 729 -26.63 -39.27 16.40
C VAL B 729 -25.91 -39.57 15.10
N ASP B 730 -26.66 -39.59 14.01
CA ASP B 730 -26.09 -39.82 12.69
C ASP B 730 -25.95 -38.55 11.86
N ASN B 731 -26.83 -37.57 12.05
CA ASN B 731 -26.70 -36.27 11.41
C ASN B 731 -26.29 -35.23 12.45
N CYS B 732 -25.77 -34.11 11.96
CA CYS B 732 -25.27 -33.06 12.84
C CYS B 732 -25.42 -31.71 12.17
N GLN B 733 -26.24 -30.84 12.76
CA GLN B 733 -26.39 -29.48 12.26
C GLN B 733 -25.38 -28.51 12.85
N LEU B 734 -24.79 -28.85 14.00
CA LEU B 734 -23.77 -28.01 14.65
C LEU B 734 -22.54 -28.87 14.93
N PRO B 735 -21.71 -29.13 13.92
CA PRO B 735 -20.50 -29.93 14.16
C PRO B 735 -19.46 -29.15 14.94
N LEU B 736 -18.98 -29.74 16.03
CA LEU B 736 -17.99 -29.11 16.89
C LEU B 736 -16.56 -29.50 16.54
N GLY B 737 -16.37 -30.30 15.49
CA GLY B 737 -15.05 -30.84 15.20
C GLY B 737 -14.94 -32.25 15.75
N GLN B 738 -14.24 -33.12 15.03
CA GLN B 738 -14.17 -34.56 15.28
C GLN B 738 -15.57 -35.17 15.37
N SER B 739 -15.69 -36.34 16.01
CA SER B 739 -17.00 -36.96 16.16
C SER B 739 -17.71 -36.37 17.37
N LEU B 740 -18.05 -35.09 17.23
CA LEU B 740 -18.74 -34.35 18.28
C LEU B 740 -19.83 -33.51 17.65
N CYS B 741 -20.92 -33.33 18.39
CA CYS B 741 -22.09 -32.62 17.90
C CYS B 741 -22.71 -31.81 19.03
N ALA B 742 -23.56 -30.86 18.66
CA ALA B 742 -24.32 -30.06 19.62
C ALA B 742 -25.78 -30.17 19.23
N VAL B 743 -26.54 -30.94 19.99
CA VAL B 743 -27.95 -31.21 19.71
C VAL B 743 -28.79 -30.44 20.73
N PRO B 744 -29.62 -29.50 20.31
CA PRO B 744 -30.54 -28.86 21.25
C PRO B 744 -31.60 -29.82 21.76
N SER B 745 -32.03 -29.60 23.00
CA SER B 745 -33.03 -30.45 23.62
C SER B 745 -34.44 -29.90 23.39
N SER B 751 -33.78 -23.87 25.50
CA SER B 751 -33.44 -25.01 26.34
C SER B 751 -31.95 -25.06 26.63
N GLN B 752 -31.37 -26.26 26.55
CA GLN B 752 -29.96 -26.46 26.84
C GLN B 752 -29.34 -27.33 25.74
N LEU B 753 -28.19 -26.91 25.23
CA LEU B 753 -27.50 -27.69 24.22
C LEU B 753 -26.88 -28.94 24.83
N GLN B 754 -27.05 -30.07 24.14
CA GLN B 754 -26.55 -31.36 24.60
C GLN B 754 -25.43 -31.83 23.70
N LEU B 755 -24.31 -32.20 24.30
CA LEU B 755 -23.15 -32.69 23.55
C LEU B 755 -23.37 -34.14 23.15
N ALA B 756 -23.15 -34.44 21.87
CA ALA B 756 -23.36 -35.77 21.33
C ALA B 756 -22.23 -36.12 20.39
N THR B 757 -22.05 -37.41 20.15
CA THR B 757 -21.07 -37.91 19.20
C THR B 757 -21.77 -38.41 17.95
N ILE B 758 -20.98 -38.64 16.90
CA ILE B 758 -21.50 -39.06 15.61
C ILE B 758 -21.01 -40.49 15.33
N ASN B 759 -21.95 -41.36 14.97
CA ASN B 759 -21.63 -42.75 14.67
C ASN B 759 -22.60 -43.25 13.61
N TYR B 760 -22.22 -44.34 12.95
CA TYR B 760 -23.05 -44.92 11.89
C TYR B 760 -22.95 -46.44 11.96
N THR B 761 -23.95 -47.10 11.37
CA THR B 761 -23.99 -48.55 11.29
C THR B 761 -24.38 -48.95 9.88
N GLN B 762 -23.61 -49.87 9.27
CA GLN B 762 -23.96 -50.25 7.91
C GLN B 762 -24.66 -51.60 7.88
N PRO B 763 -25.58 -51.81 6.92
CA PRO B 763 -26.24 -53.11 6.77
C PRO B 763 -25.29 -54.18 6.23
N GLN B 777 -31.37 -60.84 -2.31
CA GLN B 777 -32.04 -60.48 -3.55
C GLN B 777 -33.55 -60.38 -3.31
N VAL B 778 -34.01 -59.17 -3.02
CA VAL B 778 -35.41 -58.91 -2.71
C VAL B 778 -35.97 -57.94 -3.74
N PRO B 779 -36.63 -58.44 -4.79
CA PRO B 779 -37.23 -57.54 -5.79
C PRO B 779 -38.62 -57.06 -5.40
N THR B 780 -39.00 -57.21 -4.14
CA THR B 780 -40.35 -56.91 -3.68
C THR B 780 -40.46 -55.46 -3.24
N ASN B 781 -41.49 -54.77 -3.74
CA ASN B 781 -41.89 -53.43 -3.31
C ASN B 781 -40.76 -52.41 -3.52
N PHE B 782 -40.43 -52.20 -4.78
CA PHE B 782 -39.44 -51.20 -5.15
C PHE B 782 -40.01 -49.79 -4.98
N SER B 783 -39.12 -48.80 -5.11
CA SER B 783 -39.52 -47.41 -5.04
C SER B 783 -38.63 -46.59 -5.96
N PHE B 784 -39.14 -45.43 -6.38
CA PHE B 784 -38.39 -44.51 -7.23
C PHE B 784 -37.79 -43.42 -6.37
N GLY B 785 -36.47 -43.30 -6.41
CA GLY B 785 -35.75 -42.28 -5.67
C GLY B 785 -35.27 -41.18 -6.62
N ILE B 786 -35.39 -39.94 -6.17
CA ILE B 786 -34.98 -38.77 -6.94
C ILE B 786 -33.95 -38.00 -6.13
N THR B 787 -32.75 -37.86 -6.69
CA THR B 787 -31.72 -37.03 -6.10
C THR B 787 -31.53 -35.78 -6.95
N GLN B 788 -31.18 -34.69 -6.28
CA GLN B 788 -31.10 -33.38 -6.90
C GLN B 788 -29.65 -32.91 -6.93
N GLU B 789 -29.21 -32.47 -8.11
CA GLU B 789 -27.85 -31.99 -8.29
C GLU B 789 -27.90 -30.68 -9.06
N TYR B 790 -27.17 -29.68 -8.57
CA TYR B 790 -27.06 -28.38 -9.22
C TYR B 790 -25.63 -28.18 -9.68
N ILE B 791 -25.45 -27.87 -10.96
CA ILE B 791 -24.15 -27.58 -11.54
C ILE B 791 -24.19 -26.16 -12.10
N GLN B 792 -23.30 -25.31 -11.62
CA GLN B 792 -23.22 -23.94 -12.08
C GLN B 792 -22.68 -23.87 -13.51
N THR B 793 -23.18 -22.92 -14.27
CA THR B 793 -22.66 -22.66 -15.62
C THR B 793 -22.29 -21.21 -15.86
N THR B 794 -22.76 -20.27 -15.06
CA THR B 794 -22.62 -18.85 -15.36
C THR B 794 -22.50 -18.06 -14.06
N ILE B 795 -21.55 -17.12 -14.04
CA ILE B 795 -21.46 -16.12 -12.99
C ILE B 795 -21.95 -14.79 -13.54
N GLN B 796 -22.18 -13.83 -12.65
CA GLN B 796 -22.61 -12.51 -13.06
C GLN B 796 -21.47 -11.76 -13.73
N LYS B 797 -21.76 -11.13 -14.86
CA LYS B 797 -20.77 -10.37 -15.61
C LYS B 797 -20.78 -8.93 -15.15
N VAL B 798 -19.66 -8.47 -14.59
CA VAL B 798 -19.53 -7.12 -14.04
C VAL B 798 -18.38 -6.43 -14.76
N THR B 799 -18.64 -5.24 -15.27
CA THR B 799 -17.60 -4.35 -15.80
C THR B 799 -17.51 -3.12 -14.91
N VAL B 800 -16.30 -2.65 -14.68
CA VAL B 800 -16.04 -1.52 -13.79
C VAL B 800 -15.49 -0.36 -14.60
N ASP B 801 -16.13 0.80 -14.47
CA ASP B 801 -15.57 2.05 -15.01
C ASP B 801 -14.50 2.52 -14.04
N CYS B 802 -13.24 2.44 -14.45
CA CYS B 802 -12.13 2.67 -13.53
C CYS B 802 -12.07 4.13 -13.08
N LYS B 803 -12.35 5.06 -14.00
CA LYS B 803 -12.30 6.48 -13.65
C LYS B 803 -13.40 6.84 -12.66
N GLN B 804 -14.62 6.39 -12.90
CA GLN B 804 -15.74 6.67 -12.01
C GLN B 804 -15.56 5.98 -10.66
N TYR B 805 -14.99 4.77 -10.66
CA TYR B 805 -14.78 4.06 -9.41
C TYR B 805 -13.70 4.71 -8.57
N VAL B 806 -12.56 5.05 -9.19
CA VAL B 806 -11.43 5.59 -8.45
C VAL B 806 -11.71 7.02 -8.00
N CYS B 807 -12.28 7.85 -8.88
CA CYS B 807 -12.31 9.28 -8.65
C CYS B 807 -13.69 9.87 -8.36
N ASN B 808 -14.77 9.16 -8.71
CA ASN B 808 -16.15 9.62 -8.49
C ASN B 808 -16.41 10.99 -9.11
N GLY B 809 -15.85 11.21 -10.29
CA GLY B 809 -16.08 12.46 -11.02
C GLY B 809 -15.51 13.70 -10.38
N PHE B 810 -14.27 13.64 -9.88
CA PHE B 810 -13.57 14.79 -9.34
C PHE B 810 -12.42 15.16 -10.27
N GLN B 811 -12.29 16.45 -10.55
CA GLN B 811 -11.31 16.90 -11.54
C GLN B 811 -9.89 16.73 -11.03
N LYS B 812 -9.65 17.00 -9.75
CA LYS B 812 -8.31 16.85 -9.18
C LYS B 812 -7.88 15.38 -9.17
N CYS B 813 -8.79 14.48 -8.82
CA CYS B 813 -8.47 13.06 -8.85
C CYS B 813 -8.23 12.59 -10.27
N GLU B 814 -9.00 13.10 -11.24
CA GLU B 814 -8.78 12.70 -12.63
C GLU B 814 -7.44 13.21 -13.14
N GLN B 815 -7.05 14.42 -12.74
CA GLN B 815 -5.73 14.94 -13.09
C GLN B 815 -4.63 14.08 -12.48
N LEU B 816 -4.82 13.62 -11.24
CA LEU B 816 -3.83 12.72 -10.65
C LEU B 816 -3.84 11.34 -11.28
N LEU B 817 -5.00 10.88 -11.76
CA LEU B 817 -5.16 9.57 -12.40
C LEU B 817 -4.73 9.59 -13.86
N ARG B 818 -4.41 10.77 -14.41
CA ARG B 818 -3.82 10.84 -15.75
C ARG B 818 -2.55 10.00 -15.86
N GLU B 819 -1.81 9.83 -14.77
CA GLU B 819 -0.62 9.00 -14.75
C GLU B 819 -0.90 7.54 -14.50
N TYR B 820 -2.15 7.16 -14.19
CA TYR B 820 -2.52 5.78 -13.97
C TYR B 820 -3.55 5.29 -14.99
N GLY B 821 -3.56 5.89 -16.18
CA GLY B 821 -4.56 5.52 -17.17
C GLY B 821 -4.34 4.15 -17.77
N GLN B 822 -3.08 3.71 -17.85
CA GLN B 822 -2.77 2.41 -18.43
C GLN B 822 -3.28 1.28 -17.55
N PHE B 823 -3.24 1.46 -16.22
CA PHE B 823 -3.75 0.44 -15.32
C PHE B 823 -5.27 0.33 -15.40
N CYS B 824 -5.96 1.46 -15.53
CA CYS B 824 -7.40 1.44 -15.74
C CYS B 824 -7.76 0.77 -17.05
N ALA B 825 -7.01 1.08 -18.12
CA ALA B 825 -7.27 0.44 -19.41
C ALA B 825 -7.02 -1.06 -19.33
N LYS B 826 -6.00 -1.49 -18.59
CA LYS B 826 -5.72 -2.91 -18.43
C LYS B 826 -6.83 -3.60 -17.63
N ILE B 827 -7.38 -2.92 -16.62
CA ILE B 827 -8.49 -3.48 -15.84
C ILE B 827 -9.72 -3.67 -16.73
N ASN B 828 -10.07 -2.66 -17.52
CA ASN B 828 -11.21 -2.78 -18.43
C ASN B 828 -10.97 -3.88 -19.48
N GLN B 829 -9.77 -3.97 -20.02
CA GLN B 829 -9.48 -4.98 -21.04
C GLN B 829 -9.54 -6.40 -20.47
N ALA B 830 -9.02 -6.58 -19.25
CA ALA B 830 -9.08 -7.89 -18.62
C ALA B 830 -10.52 -8.31 -18.31
N LEU B 831 -11.32 -7.39 -17.79
CA LEU B 831 -12.72 -7.71 -17.49
C LEU B 831 -13.52 -7.98 -18.75
N HIS B 832 -13.26 -7.21 -19.82
CA HIS B 832 -13.92 -7.45 -21.09
C HIS B 832 -13.55 -8.80 -21.67
N GLY B 833 -12.27 -9.19 -21.57
CA GLY B 833 -11.86 -10.50 -22.04
C GLY B 833 -12.50 -11.64 -21.27
N ALA B 834 -12.60 -11.47 -19.93
CA ALA B 834 -13.25 -12.49 -19.11
C ALA B 834 -14.73 -12.64 -19.47
N ASN B 835 -15.43 -11.51 -19.64
CA ASN B 835 -16.84 -11.57 -19.99
C ASN B 835 -17.05 -12.13 -21.39
N LEU B 836 -16.14 -11.81 -22.33
CA LEU B 836 -16.24 -12.35 -23.68
C LEU B 836 -16.05 -13.86 -23.69
N MET B 837 -15.06 -14.36 -22.95
CA MET B 837 -14.83 -15.80 -22.89
C MET B 837 -16.01 -16.51 -22.21
N GLN B 838 -16.60 -15.85 -21.21
CA GLN B 838 -17.79 -16.40 -20.55
C GLN B 838 -18.97 -16.49 -21.52
N ASP B 839 -19.17 -15.46 -22.34
CA ASP B 839 -20.24 -15.48 -23.33
C ASP B 839 -20.02 -16.56 -24.38
N GLU B 840 -18.76 -16.74 -24.82
CA GLU B 840 -18.46 -17.80 -25.78
C GLU B 840 -18.70 -19.17 -25.19
N SER B 841 -18.36 -19.36 -23.91
CA SER B 841 -18.63 -20.64 -23.26
C SER B 841 -20.13 -20.91 -23.14
N VAL B 842 -20.92 -19.88 -22.80
CA VAL B 842 -22.36 -20.05 -22.68
C VAL B 842 -22.98 -20.38 -24.04
N ALA B 843 -22.53 -19.70 -25.10
CA ALA B 843 -23.02 -20.00 -26.44
C ALA B 843 -22.66 -21.41 -26.87
N ASN B 844 -21.44 -21.86 -26.55
CA ASN B 844 -21.04 -23.22 -26.89
C ASN B 844 -21.85 -24.25 -26.12
N LEU B 845 -22.18 -23.94 -24.86
CA LEU B 845 -23.02 -24.85 -24.07
C LEU B 845 -24.43 -24.94 -24.63
N PHE B 846 -25.00 -23.80 -25.04
CA PHE B 846 -26.38 -23.78 -25.53
C PHE B 846 -26.50 -24.04 -27.02
N SER B 847 -25.40 -24.29 -27.72
CA SER B 847 -25.46 -24.64 -29.14
C SER B 847 -25.84 -26.10 -29.39
N ASP B 848 -26.38 -26.81 -28.41
CA ASP B 848 -26.79 -28.20 -28.59
C ASP B 848 -28.20 -28.34 -29.16
N ILE B 849 -28.90 -27.24 -29.42
CA ILE B 849 -30.20 -27.32 -30.07
C ILE B 849 -30.05 -27.76 -31.52
N LYS B 850 -29.00 -27.26 -32.19
CA LYS B 850 -28.77 -27.61 -33.58
C LYS B 850 -28.33 -29.06 -33.72
N THR B 851 -28.61 -29.64 -34.89
CA THR B 851 -28.29 -31.04 -35.22
C THR B 851 -28.83 -32.01 -34.18
N HIS B 852 -30.06 -31.76 -33.73
CA HIS B 852 -30.66 -32.53 -32.66
C HIS B 852 -32.18 -32.46 -32.80
N LYS B 853 -32.81 -33.63 -32.96
CA LYS B 853 -34.23 -33.72 -33.25
C LYS B 853 -34.97 -34.33 -32.07
N SER B 854 -36.10 -33.73 -31.72
CA SER B 854 -36.96 -34.20 -30.64
C SER B 854 -38.36 -34.47 -31.20
N GLN B 855 -39.25 -34.92 -30.33
CA GLN B 855 -40.62 -35.23 -30.70
C GLN B 855 -41.59 -34.42 -29.84
N PRO B 856 -42.75 -34.05 -30.37
CA PRO B 856 -43.75 -33.36 -29.55
C PRO B 856 -44.34 -34.31 -28.50
N LEU B 857 -44.66 -33.73 -27.34
CA LEU B 857 -45.32 -34.46 -26.27
C LEU B 857 -46.72 -33.91 -26.04
N ASN B 858 -47.54 -34.71 -25.37
CA ASN B 858 -48.92 -34.35 -25.05
C ASN B 858 -48.97 -33.44 -23.83
N ALA B 859 -50.16 -33.33 -23.24
CA ALA B 859 -50.37 -32.52 -22.05
C ALA B 859 -49.81 -33.18 -20.81
N GLY B 860 -50.22 -32.71 -19.63
CA GLY B 860 -49.59 -33.12 -18.38
C GLY B 860 -49.60 -34.61 -18.11
N LEU B 861 -50.58 -35.34 -18.66
CA LEU B 861 -50.58 -36.80 -18.60
C LEU B 861 -50.23 -37.35 -19.97
N ASN B 862 -49.03 -37.91 -20.07
CA ASN B 862 -48.58 -38.63 -21.27
C ASN B 862 -48.55 -40.09 -20.88
N GLY B 863 -49.41 -40.89 -21.48
CA GLY B 863 -49.61 -42.25 -20.99
C GLY B 863 -50.30 -42.18 -19.64
N ASP B 864 -49.78 -42.96 -18.70
CA ASP B 864 -50.22 -42.87 -17.30
C ASP B 864 -49.26 -42.05 -16.45
N PHE B 865 -48.23 -41.46 -17.06
CA PHE B 865 -47.23 -40.68 -16.34
C PHE B 865 -47.64 -39.21 -16.33
N ASN B 866 -47.65 -38.62 -15.14
CA ASN B 866 -48.04 -37.22 -14.98
C ASN B 866 -46.80 -36.34 -15.08
N LEU B 867 -46.69 -35.60 -16.17
CA LEU B 867 -45.51 -34.78 -16.47
C LEU B 867 -45.83 -33.29 -16.50
N THR B 868 -46.86 -32.86 -15.80
CA THR B 868 -47.24 -31.45 -15.83
C THR B 868 -46.29 -30.58 -15.02
N LEU B 869 -45.50 -31.16 -14.13
CA LEU B 869 -44.59 -30.37 -13.32
C LEU B 869 -43.37 -29.92 -14.10
N LEU B 870 -42.92 -30.70 -15.07
CA LEU B 870 -41.73 -30.41 -15.85
C LEU B 870 -42.03 -29.78 -17.21
N GLN B 871 -43.30 -29.56 -17.53
CA GLN B 871 -43.70 -29.09 -18.84
C GLN B 871 -44.20 -27.65 -18.77
N VAL B 872 -43.89 -26.87 -19.80
CA VAL B 872 -44.32 -25.48 -19.87
C VAL B 872 -45.83 -25.43 -20.10
N PRO B 873 -46.54 -24.45 -19.54
CA PRO B 873 -47.99 -24.33 -19.72
C PRO B 873 -48.37 -23.91 -21.15
N HIS B 882 -42.74 -19.09 -19.85
CA HIS B 882 -42.11 -20.16 -20.63
C HIS B 882 -41.28 -21.08 -19.74
N ARG B 883 -41.68 -21.21 -18.48
CA ARG B 883 -41.00 -22.06 -17.51
C ARG B 883 -41.97 -23.07 -16.94
N SER B 884 -41.41 -24.23 -16.56
CA SER B 884 -42.20 -25.28 -15.93
C SER B 884 -42.60 -24.85 -14.52
N PRO B 885 -43.67 -25.46 -13.97
CA PRO B 885 -44.03 -25.16 -12.58
C PRO B 885 -42.93 -25.46 -11.56
N ILE B 886 -42.14 -26.51 -11.78
CA ILE B 886 -41.05 -26.81 -10.86
C ILE B 886 -39.95 -25.76 -11.01
N GLU B 887 -39.75 -25.22 -12.22
CA GLU B 887 -38.77 -24.15 -12.41
C GLU B 887 -39.22 -22.88 -11.71
N ASP B 888 -40.51 -22.56 -11.79
CA ASP B 888 -41.06 -21.42 -11.07
C ASP B 888 -40.94 -21.60 -9.56
N LEU B 889 -41.19 -22.82 -9.08
CA LEU B 889 -41.08 -23.09 -7.65
C LEU B 889 -39.63 -22.96 -7.18
N LEU B 890 -38.67 -23.42 -7.99
CA LEU B 890 -37.27 -23.24 -7.67
C LEU B 890 -36.89 -21.76 -7.65
N PHE B 891 -37.42 -20.98 -8.59
CA PHE B 891 -37.02 -19.58 -8.69
C PHE B 891 -37.65 -18.72 -7.59
N ASN B 892 -38.85 -19.06 -7.12
CA ASN B 892 -39.46 -18.26 -6.06
C ASN B 892 -38.84 -18.50 -4.68
N LYS B 893 -38.23 -19.66 -4.45
CA LYS B 893 -37.65 -19.95 -3.15
C LYS B 893 -36.21 -19.48 -3.03
N VAL B 894 -35.64 -18.89 -4.07
CA VAL B 894 -34.28 -18.37 -4.05
C VAL B 894 -34.36 -16.84 -4.09
N THR B 895 -33.74 -16.19 -3.11
CA THR B 895 -33.77 -14.74 -3.01
C THR B 895 -32.68 -14.15 -3.89
N ILE B 896 -33.07 -13.58 -5.02
CA ILE B 896 -32.16 -12.89 -5.93
C ILE B 896 -32.55 -11.43 -6.00
N ALA B 897 -31.59 -10.55 -5.74
CA ALA B 897 -31.80 -9.12 -5.98
C ALA B 897 -31.90 -8.89 -7.48
N ASP B 898 -33.03 -8.35 -7.92
CA ASP B 898 -33.30 -8.25 -9.35
C ASP B 898 -32.44 -7.17 -9.99
N PRO B 899 -31.60 -7.50 -10.97
CA PRO B 899 -30.90 -6.46 -11.74
C PRO B 899 -31.78 -5.99 -12.88
N GLY B 900 -32.22 -4.73 -12.81
CA GLY B 900 -33.03 -4.17 -13.87
C GLY B 900 -32.22 -3.98 -15.14
N TYR B 901 -32.53 -4.75 -16.18
CA TYR B 901 -31.81 -4.66 -17.44
C TYR B 901 -32.46 -3.70 -18.43
N MET B 902 -33.76 -3.43 -18.29
CA MET B 902 -34.45 -2.56 -19.23
C MET B 902 -34.43 -1.11 -18.76
N GLN B 903 -34.95 -0.86 -17.56
CA GLN B 903 -35.04 0.50 -17.03
C GLN B 903 -34.69 0.52 -15.55
N GLY B 904 -33.65 -0.23 -15.16
CA GLY B 904 -33.26 -0.27 -13.77
C GLY B 904 -32.62 1.01 -13.27
N TYR B 905 -31.99 1.76 -14.18
CA TYR B 905 -31.39 3.04 -13.81
C TYR B 905 -32.46 4.04 -13.38
N ASP B 906 -33.57 4.10 -14.12
CA ASP B 906 -34.66 5.01 -13.74
C ASP B 906 -35.34 4.56 -12.47
N ASP B 907 -35.47 3.24 -12.27
CA ASP B 907 -36.06 2.72 -11.04
C ASP B 907 -35.21 3.05 -9.82
N CYS B 908 -33.89 2.95 -9.96
CA CYS B 908 -33.01 3.32 -8.85
C CYS B 908 -32.89 4.83 -8.68
N MET B 909 -33.11 5.61 -9.75
CA MET B 909 -33.19 7.07 -9.60
C MET B 909 -34.44 7.48 -8.82
N LYS B 910 -35.58 6.86 -9.13
CA LYS B 910 -36.82 7.20 -8.45
C LYS B 910 -36.90 6.63 -7.04
N GLN B 911 -36.05 5.67 -6.70
CA GLN B 911 -36.15 5.00 -5.40
C GLN B 911 -35.62 5.90 -4.29
N GLY B 912 -36.28 5.83 -3.14
CA GLY B 912 -35.92 6.61 -1.98
C GLY B 912 -35.13 5.81 -0.98
N PRO B 913 -35.81 5.30 0.06
CA PRO B 913 -35.16 4.52 1.12
C PRO B 913 -34.66 3.16 0.63
N ASP B 918 -30.21 -1.04 -2.51
CA ASP B 918 -29.55 -2.31 -2.83
C ASP B 918 -28.28 -2.09 -3.63
N LEU B 919 -27.59 -3.18 -3.97
CA LEU B 919 -26.36 -3.08 -4.74
C LEU B 919 -26.64 -2.70 -6.20
N ILE B 920 -27.82 -3.02 -6.69
CA ILE B 920 -28.20 -2.67 -8.06
C ILE B 920 -28.29 -1.16 -8.21
N CYS B 921 -28.77 -0.47 -7.17
CA CYS B 921 -28.70 0.99 -7.18
C CYS B 921 -27.34 1.52 -6.77
N ALA B 922 -26.50 0.70 -6.13
CA ALA B 922 -25.13 1.09 -5.85
C ALA B 922 -24.24 0.99 -7.10
N GLN B 923 -24.74 0.33 -8.15
CA GLN B 923 -24.05 0.23 -9.42
C GLN B 923 -23.64 1.59 -9.96
N TYR B 924 -24.60 2.51 -10.03
CA TYR B 924 -24.39 3.79 -10.69
C TYR B 924 -23.73 4.82 -9.78
N VAL B 925 -23.72 4.58 -8.46
CA VAL B 925 -23.03 5.48 -7.54
C VAL B 925 -21.62 5.00 -7.21
N ALA B 926 -21.28 3.74 -7.51
CA ALA B 926 -19.94 3.25 -7.25
C ALA B 926 -19.08 3.14 -8.51
N GLY B 927 -19.69 2.92 -9.68
CA GLY B 927 -18.95 2.91 -10.92
C GLY B 927 -18.86 1.59 -11.65
N TYR B 928 -19.60 0.57 -11.22
CA TYR B 928 -19.60 -0.72 -11.91
C TYR B 928 -20.97 -0.97 -12.54
N LYS B 929 -20.97 -1.80 -13.58
CA LYS B 929 -22.17 -2.15 -14.31
C LYS B 929 -22.25 -3.66 -14.46
N VAL B 930 -23.42 -4.23 -14.19
CA VAL B 930 -23.64 -5.66 -14.35
C VAL B 930 -24.26 -5.90 -15.71
N LEU B 931 -23.58 -6.68 -16.53
CA LEU B 931 -24.02 -6.93 -17.91
C LEU B 931 -25.16 -7.93 -17.93
N PRO B 932 -26.10 -7.78 -18.88
CA PRO B 932 -27.18 -8.75 -19.01
C PRO B 932 -26.66 -10.06 -19.54
N PRO B 933 -27.34 -11.18 -19.24
CA PRO B 933 -26.88 -12.47 -19.74
C PRO B 933 -27.04 -12.60 -21.25
N LEU B 934 -26.35 -13.60 -21.80
CA LEU B 934 -26.30 -13.76 -23.25
C LEU B 934 -27.66 -14.09 -23.84
N TYR B 935 -28.43 -14.95 -23.17
CA TYR B 935 -29.72 -15.41 -23.68
C TYR B 935 -30.84 -15.03 -22.73
N ASP B 936 -31.96 -14.60 -23.32
CA ASP B 936 -33.20 -14.37 -22.59
C ASP B 936 -33.68 -15.72 -22.05
N PRO B 937 -34.32 -15.74 -20.87
CA PRO B 937 -34.82 -17.00 -20.30
C PRO B 937 -35.79 -17.77 -21.19
N ASN B 938 -36.44 -17.13 -22.16
CA ASN B 938 -37.29 -17.85 -23.10
C ASN B 938 -36.50 -18.74 -24.05
N MET B 939 -35.18 -18.57 -24.15
CA MET B 939 -34.35 -19.49 -24.91
C MET B 939 -33.85 -20.64 -24.05
N GLU B 940 -33.53 -20.36 -22.78
CA GLU B 940 -33.16 -21.42 -21.86
C GLU B 940 -34.33 -22.37 -21.60
N GLY B 941 -35.55 -21.82 -21.50
CA GLY B 941 -36.73 -22.65 -21.39
C GLY B 941 -36.95 -23.52 -22.61
N ALA B 942 -36.65 -22.96 -23.81
CA ALA B 942 -36.74 -23.75 -25.03
C ALA B 942 -35.73 -24.89 -25.04
N TYR B 943 -34.50 -24.62 -24.58
CA TYR B 943 -33.47 -25.64 -24.50
C TYR B 943 -33.88 -26.76 -23.53
N THR B 944 -34.42 -26.40 -22.37
CA THR B 944 -34.82 -27.41 -21.41
C THR B 944 -36.05 -28.19 -21.89
N SER B 945 -36.96 -27.51 -22.60
CA SER B 945 -38.12 -28.21 -23.15
C SER B 945 -37.71 -29.18 -24.25
N SER B 946 -36.75 -28.80 -25.08
CA SER B 946 -36.25 -29.72 -26.10
C SER B 946 -35.52 -30.91 -25.48
N LEU B 947 -34.81 -30.68 -24.38
CA LEU B 947 -34.18 -31.80 -23.67
C LEU B 947 -35.21 -32.71 -23.02
N LEU B 948 -36.34 -32.15 -22.56
CA LEU B 948 -37.43 -33.00 -22.08
C LEU B 948 -38.04 -33.80 -23.23
N GLY B 949 -38.13 -33.20 -24.41
CA GLY B 949 -38.62 -33.93 -25.57
C GLY B 949 -37.71 -35.06 -26.00
N SER B 950 -36.40 -34.90 -25.82
CA SER B 950 -35.43 -35.92 -26.22
C SER B 950 -35.27 -36.98 -25.14
N ILE B 951 -36.33 -37.76 -24.94
CA ILE B 951 -36.27 -38.94 -24.08
C ILE B 951 -36.43 -40.20 -24.92
N ALA B 965 -42.31 -41.21 -32.46
CA ALA B 965 -41.79 -42.56 -32.30
C ALA B 965 -41.21 -42.75 -30.91
N ILE B 966 -41.49 -43.92 -30.33
CA ILE B 966 -41.09 -44.31 -28.97
C ILE B 966 -41.52 -43.25 -27.97
N PRO B 967 -42.82 -43.16 -27.61
CA PRO B 967 -43.26 -42.15 -26.62
C PRO B 967 -42.67 -42.36 -25.23
N PHE B 968 -42.99 -41.43 -24.31
CA PHE B 968 -42.33 -41.42 -23.01
C PHE B 968 -42.59 -42.67 -22.17
N PRO B 969 -43.83 -43.18 -22.01
CA PRO B 969 -43.98 -44.43 -21.22
C PRO B 969 -43.27 -45.63 -21.85
N GLN B 970 -43.23 -45.73 -23.17
CA GLN B 970 -42.56 -46.85 -23.81
C GLN B 970 -41.05 -46.78 -23.60
N SER B 971 -40.47 -45.59 -23.68
CA SER B 971 -39.04 -45.43 -23.40
C SER B 971 -38.75 -45.67 -21.93
N ILE B 972 -39.67 -45.30 -21.03
CA ILE B 972 -39.48 -45.57 -19.61
C ILE B 972 -39.47 -47.07 -19.35
N PHE B 973 -40.41 -47.80 -19.97
CA PHE B 973 -40.43 -49.25 -19.79
C PHE B 973 -39.24 -49.93 -20.47
N TYR B 974 -38.73 -49.35 -21.56
CA TYR B 974 -37.50 -49.86 -22.16
C TYR B 974 -36.31 -49.68 -21.22
N ARG B 975 -36.23 -48.53 -20.55
CA ARG B 975 -35.14 -48.28 -19.62
C ARG B 975 -35.27 -49.16 -18.37
N MET B 976 -36.49 -49.50 -17.96
CA MET B 976 -36.66 -50.47 -16.89
C MET B 976 -36.30 -51.88 -17.34
N ASN B 977 -36.60 -52.22 -18.60
CA ASN B 977 -36.25 -53.54 -19.11
C ASN B 977 -34.74 -53.71 -19.26
N GLY B 978 -34.02 -52.61 -19.50
CA GLY B 978 -32.59 -52.69 -19.69
C GLY B 978 -31.79 -52.96 -18.43
N ILE B 979 -32.36 -52.67 -17.25
CA ILE B 979 -31.59 -52.80 -16.01
C ILE B 979 -31.68 -54.20 -15.39
N GLY B 980 -32.55 -55.07 -15.89
CA GLY B 980 -32.61 -56.42 -15.36
C GLY B 980 -33.99 -56.87 -14.92
N ILE B 981 -35.03 -56.16 -15.35
CA ILE B 981 -36.41 -56.54 -15.07
C ILE B 981 -37.02 -57.05 -16.37
N THR B 982 -37.66 -58.21 -16.31
CA THR B 982 -38.19 -58.86 -17.49
C THR B 982 -39.45 -58.15 -17.99
N GLN B 983 -39.97 -58.62 -19.12
CA GLN B 983 -41.15 -58.00 -19.73
C GLN B 983 -42.40 -58.26 -18.91
N GLN B 984 -42.50 -59.46 -18.32
CA GLN B 984 -43.71 -59.84 -17.58
C GLN B 984 -43.88 -58.99 -16.32
N VAL B 985 -42.81 -58.81 -15.55
CA VAL B 985 -42.88 -58.05 -14.31
C VAL B 985 -43.23 -56.60 -14.59
N LEU B 986 -42.73 -56.06 -15.70
CA LEU B 986 -43.08 -54.70 -16.09
C LEU B 986 -44.53 -54.63 -16.58
N SER B 987 -45.00 -55.66 -17.26
CA SER B 987 -46.32 -55.60 -17.88
C SER B 987 -47.44 -55.74 -16.86
N GLU B 988 -47.28 -56.64 -15.87
CA GLU B 988 -48.36 -56.81 -14.89
C GLU B 988 -48.43 -55.67 -13.88
N ASN B 989 -47.39 -54.85 -13.76
CA ASN B 989 -47.34 -53.79 -12.76
C ASN B 989 -47.12 -52.43 -13.39
N GLN B 990 -47.76 -52.17 -14.54
CA GLN B 990 -47.63 -50.87 -15.18
C GLN B 990 -48.25 -49.75 -14.33
N LYS B 991 -49.42 -50.02 -13.74
CA LYS B 991 -50.09 -49.01 -12.93
C LYS B 991 -49.29 -48.67 -11.68
N LEU B 992 -48.71 -49.69 -11.03
CA LEU B 992 -47.91 -49.45 -9.83
C LEU B 992 -46.67 -48.61 -10.16
N ILE B 993 -46.03 -48.91 -11.29
CA ILE B 993 -44.88 -48.12 -11.75
C ILE B 993 -45.30 -46.67 -12.02
N ALA B 994 -46.45 -46.48 -12.66
CA ALA B 994 -46.92 -45.14 -12.97
C ALA B 994 -47.21 -44.34 -11.70
N ASN B 995 -47.90 -44.94 -10.73
CA ASN B 995 -48.17 -44.22 -9.48
C ASN B 995 -46.91 -43.96 -8.68
N LYS B 996 -45.96 -44.90 -8.67
CA LYS B 996 -44.71 -44.66 -7.96
C LYS B 996 -43.91 -43.53 -8.60
N PHE B 997 -43.90 -43.47 -9.93
CA PHE B 997 -43.28 -42.35 -10.64
C PHE B 997 -43.99 -41.03 -10.31
N ASN B 998 -45.32 -41.06 -10.21
CA ASN B 998 -46.06 -39.85 -9.89
C ASN B 998 -45.76 -39.36 -8.47
N GLN B 999 -45.67 -40.28 -7.50
CA GLN B 999 -45.28 -39.85 -6.14
C GLN B 999 -43.84 -39.36 -6.10
N ALA B 1000 -42.95 -39.98 -6.87
CA ALA B 1000 -41.57 -39.50 -6.92
C ALA B 1000 -41.49 -38.10 -7.51
N LEU B 1001 -42.30 -37.81 -8.53
CA LEU B 1001 -42.32 -36.47 -9.10
C LEU B 1001 -42.97 -35.46 -8.15
N GLY B 1002 -44.03 -35.88 -7.46
CA GLY B 1002 -44.69 -34.98 -6.52
C GLY B 1002 -43.90 -34.70 -5.27
N ALA B 1003 -42.94 -35.57 -4.93
CA ALA B 1003 -42.08 -35.33 -3.78
C ALA B 1003 -41.04 -34.24 -4.03
N MET B 1004 -40.91 -33.77 -5.28
CA MET B 1004 -39.92 -32.74 -5.60
C MET B 1004 -40.28 -31.37 -5.01
N GLN B 1005 -41.54 -31.18 -4.60
CA GLN B 1005 -41.96 -29.91 -4.02
C GLN B 1005 -41.25 -29.63 -2.70
N THR B 1006 -41.07 -30.66 -1.88
CA THR B 1006 -40.42 -30.51 -0.58
C THR B 1006 -38.91 -30.57 -0.65
N GLY B 1007 -38.33 -30.80 -1.84
CA GLY B 1007 -36.89 -30.87 -1.96
C GLY B 1007 -36.18 -29.54 -2.04
N PHE B 1008 -36.90 -28.45 -2.25
CA PHE B 1008 -36.30 -27.12 -2.32
C PHE B 1008 -36.19 -26.54 -0.91
N THR B 1009 -35.22 -27.07 -0.17
CA THR B 1009 -35.04 -26.78 1.23
C THR B 1009 -33.54 -26.66 1.48
N THR B 1010 -33.16 -25.90 2.51
CA THR B 1010 -31.75 -25.66 2.78
C THR B 1010 -30.98 -26.93 3.12
N THR B 1011 -31.63 -27.91 3.77
CA THR B 1011 -30.92 -29.13 4.16
C THR B 1011 -30.57 -30.07 3.00
N PRO B 1012 -31.33 -30.13 1.89
CA PRO B 1012 -30.74 -30.68 0.66
C PRO B 1012 -29.54 -29.87 0.19
N LEU B 1013 -28.59 -30.58 -0.43
CA LEU B 1013 -27.31 -29.97 -0.79
C LEU B 1013 -27.44 -29.05 -2.00
N ALA B 1014 -28.25 -29.43 -3.00
CA ALA B 1014 -28.28 -28.72 -4.27
C ALA B 1014 -28.89 -27.33 -4.12
N PHE B 1015 -29.94 -27.19 -3.31
CA PHE B 1015 -30.50 -25.88 -3.05
C PHE B 1015 -29.52 -24.99 -2.29
N SER B 1016 -28.75 -25.60 -1.38
CA SER B 1016 -27.69 -24.88 -0.70
C SER B 1016 -26.62 -24.40 -1.68
N LYS B 1017 -26.33 -25.21 -2.70
CA LYS B 1017 -25.35 -24.79 -3.71
C LYS B 1017 -25.88 -23.65 -4.58
N VAL B 1018 -27.19 -23.68 -4.89
CA VAL B 1018 -27.81 -22.57 -5.62
C VAL B 1018 -27.70 -21.28 -4.82
N GLN B 1019 -28.04 -21.36 -3.53
CA GLN B 1019 -27.92 -20.19 -2.65
C GLN B 1019 -26.47 -19.76 -2.50
N ASP B 1020 -25.53 -20.69 -2.53
CA ASP B 1020 -24.12 -20.35 -2.46
C ASP B 1020 -23.66 -19.59 -3.69
N ALA B 1021 -24.14 -19.99 -4.88
CA ALA B 1021 -23.79 -19.26 -6.09
C ALA B 1021 -24.36 -17.84 -6.09
N VAL B 1022 -25.63 -17.71 -5.67
CA VAL B 1022 -26.26 -16.40 -5.58
C VAL B 1022 -25.53 -15.52 -4.57
N ASN B 1023 -25.17 -16.10 -3.41
CA ASN B 1023 -24.44 -15.37 -2.39
C ASN B 1023 -23.03 -15.02 -2.83
N ALA B 1024 -22.41 -15.83 -3.68
CA ALA B 1024 -21.08 -15.50 -4.18
C ALA B 1024 -21.12 -14.30 -5.13
N ASN B 1025 -22.13 -14.26 -6.01
CA ASN B 1025 -22.29 -13.08 -6.86
C ASN B 1025 -22.58 -11.83 -6.03
N ALA B 1026 -23.48 -11.96 -5.03
CA ALA B 1026 -23.80 -10.84 -4.16
C ALA B 1026 -22.59 -10.40 -3.33
N GLN B 1027 -21.74 -11.34 -2.93
CA GLN B 1027 -20.56 -11.01 -2.15
C GLN B 1027 -19.52 -10.29 -3.00
N ALA B 1028 -19.38 -10.68 -4.27
CA ALA B 1028 -18.49 -9.96 -5.17
C ALA B 1028 -18.95 -8.52 -5.36
N LEU B 1029 -20.26 -8.33 -5.59
CA LEU B 1029 -20.78 -6.97 -5.73
C LEU B 1029 -20.64 -6.17 -4.45
N SER B 1030 -20.86 -6.83 -3.30
CA SER B 1030 -20.78 -6.14 -2.01
C SER B 1030 -19.35 -5.74 -1.68
N LYS B 1031 -18.38 -6.60 -1.99
CA LYS B 1031 -16.98 -6.24 -1.79
C LYS B 1031 -16.58 -5.07 -2.68
N LEU B 1032 -17.01 -5.09 -3.95
CA LEU B 1032 -16.69 -3.99 -4.85
C LEU B 1032 -17.34 -2.68 -4.38
N ALA B 1033 -18.55 -2.75 -3.83
CA ALA B 1033 -19.22 -1.54 -3.37
C ALA B 1033 -18.62 -1.02 -2.07
N SER B 1034 -18.29 -1.92 -1.14
CA SER B 1034 -17.86 -1.53 0.19
C SER B 1034 -16.36 -1.27 0.30
N GLU B 1035 -15.59 -1.59 -0.73
CA GLU B 1035 -14.17 -1.22 -0.70
C GLU B 1035 -13.96 0.26 -0.99
N LEU B 1036 -14.99 0.97 -1.43
CA LEU B 1036 -14.89 2.41 -1.66
C LEU B 1036 -14.88 3.22 -0.36
N SER B 1037 -15.18 2.60 0.77
CA SER B 1037 -15.21 3.29 2.06
C SER B 1037 -13.90 3.16 2.83
N ASN B 1038 -12.89 2.51 2.27
CA ASN B 1038 -11.59 2.41 2.92
C ASN B 1038 -10.85 3.74 2.80
N THR B 1039 -10.33 4.23 3.93
CA THR B 1039 -9.59 5.48 3.91
C THR B 1039 -8.19 5.32 3.36
N PHE B 1040 -7.62 4.12 3.49
CA PHE B 1040 -6.25 3.79 3.04
C PHE B 1040 -5.22 4.71 3.70
N GLY B 1041 -5.47 5.08 4.95
CA GLY B 1041 -4.58 5.93 5.70
C GLY B 1041 -4.80 7.42 5.54
N ALA B 1042 -5.72 7.83 4.66
CA ALA B 1042 -5.99 9.24 4.47
C ALA B 1042 -6.85 9.78 5.60
N ILE B 1043 -7.07 11.10 5.60
CA ILE B 1043 -7.90 11.71 6.63
C ILE B 1043 -9.37 11.33 6.47
N SER B 1044 -9.79 10.96 5.26
CA SER B 1044 -11.15 10.49 5.01
C SER B 1044 -11.15 9.64 3.75
N SER B 1045 -12.18 8.82 3.62
CA SER B 1045 -12.34 7.98 2.43
C SER B 1045 -13.01 8.72 1.29
N SER B 1046 -13.46 9.95 1.50
CA SER B 1046 -14.12 10.73 0.47
C SER B 1046 -13.17 11.81 -0.04
N ILE B 1047 -13.12 11.96 -1.36
CA ILE B 1047 -12.29 12.99 -1.96
C ILE B 1047 -12.84 14.38 -1.64
N SER B 1048 -14.15 14.50 -1.45
CA SER B 1048 -14.75 15.80 -1.12
C SER B 1048 -14.28 16.30 0.24
N ASP B 1049 -14.16 15.41 1.22
CA ASP B 1049 -13.64 15.81 2.53
C ASP B 1049 -12.17 16.22 2.45
N ILE B 1050 -11.39 15.51 1.64
CA ILE B 1050 -9.98 15.86 1.45
C ILE B 1050 -9.85 17.22 0.78
N LEU B 1051 -10.70 17.49 -0.22
CA LEU B 1051 -10.66 18.78 -0.90
C LEU B 1051 -11.14 19.90 0.00
N LYS B 1052 -12.11 19.64 0.88
CA LYS B 1052 -12.65 20.66 1.76
C LYS B 1052 -11.85 20.86 3.04
N ARG B 1053 -10.91 19.96 3.36
CA ARG B 1053 -10.19 20.04 4.61
C ARG B 1053 -8.70 20.32 4.49
N LEU B 1054 -8.12 20.24 3.29
CA LEU B 1054 -6.67 20.32 3.16
C LEU B 1054 -6.25 21.32 2.10
N ASP B 1055 -4.94 21.54 2.05
CA ASP B 1055 -4.19 22.46 1.20
C ASP B 1055 -3.70 21.75 -0.06
N PRO B 1056 -3.45 22.49 -1.13
CA PRO B 1056 -3.09 21.87 -2.42
C PRO B 1056 -1.88 20.95 -2.40
N PRO B 1057 -0.77 21.24 -1.69
CA PRO B 1057 0.32 20.25 -1.70
C PRO B 1057 0.03 19.00 -0.88
N GLU B 1058 -0.77 19.12 0.18
CA GLU B 1058 -1.13 17.97 1.00
C GLU B 1058 -2.32 17.22 0.43
N GLN B 1059 -3.14 17.86 -0.40
CA GLN B 1059 -4.29 17.21 -1.02
C GLN B 1059 -3.86 16.06 -1.92
N GLU B 1060 -2.80 16.26 -2.71
CA GLU B 1060 -2.38 15.25 -3.68
C GLU B 1060 -1.87 13.99 -2.99
N ALA B 1061 -1.27 14.12 -1.80
CA ALA B 1061 -0.79 12.94 -1.08
C ALA B 1061 -1.95 12.02 -0.69
N GLN B 1062 -3.00 12.60 -0.09
CA GLN B 1062 -4.15 11.80 0.34
C GLN B 1062 -4.92 11.26 -0.85
N ILE B 1063 -5.09 12.07 -1.91
CA ILE B 1063 -5.80 11.59 -3.08
C ILE B 1063 -5.01 10.50 -3.78
N ASP B 1064 -3.68 10.59 -3.78
CA ASP B 1064 -2.86 9.53 -4.35
C ASP B 1064 -2.91 8.26 -3.52
N ARG B 1065 -3.01 8.39 -2.19
CA ARG B 1065 -3.19 7.21 -1.34
C ARG B 1065 -4.51 6.52 -1.65
N LEU B 1066 -5.58 7.30 -1.81
CA LEU B 1066 -6.87 6.72 -2.19
C LEU B 1066 -6.81 6.07 -3.57
N ILE B 1067 -6.10 6.70 -4.50
CA ILE B 1067 -5.96 6.19 -5.85
C ILE B 1067 -5.23 4.85 -5.85
N ASN B 1068 -4.12 4.77 -5.12
CA ASN B 1068 -3.35 3.52 -5.05
C ASN B 1068 -4.15 2.41 -4.39
N GLY B 1069 -4.85 2.71 -3.29
CA GLY B 1069 -5.65 1.70 -2.64
C GLY B 1069 -6.78 1.18 -3.52
N ARG B 1070 -7.48 2.08 -4.21
CA ARG B 1070 -8.57 1.66 -5.07
C ARG B 1070 -8.08 0.91 -6.30
N LEU B 1071 -6.91 1.29 -6.84
CA LEU B 1071 -6.36 0.56 -7.98
C LEU B 1071 -5.93 -0.85 -7.58
N THR B 1072 -5.32 -1.00 -6.41
CA THR B 1072 -4.94 -2.33 -5.93
C THR B 1072 -6.17 -3.19 -5.66
N SER B 1073 -7.23 -2.58 -5.11
CA SER B 1073 -8.46 -3.32 -4.86
C SER B 1073 -9.14 -3.73 -6.16
N LEU B 1074 -9.08 -2.87 -7.18
CA LEU B 1074 -9.62 -3.23 -8.49
C LEU B 1074 -8.83 -4.36 -9.12
N ASN B 1075 -7.51 -4.37 -8.95
CA ASN B 1075 -6.70 -5.48 -9.46
C ASN B 1075 -7.04 -6.79 -8.78
N ALA B 1076 -7.24 -6.76 -7.46
CA ALA B 1076 -7.64 -7.96 -6.74
C ALA B 1076 -9.02 -8.45 -7.20
N PHE B 1077 -9.95 -7.51 -7.43
CA PHE B 1077 -11.27 -7.87 -7.95
C PHE B 1077 -11.17 -8.49 -9.34
N VAL B 1078 -10.29 -7.97 -10.19
CA VAL B 1078 -10.12 -8.50 -11.53
C VAL B 1078 -9.57 -9.92 -11.49
N ALA B 1079 -8.59 -10.17 -10.62
CA ALA B 1079 -8.06 -11.53 -10.48
C ALA B 1079 -9.12 -12.50 -9.97
N GLN B 1080 -9.92 -12.05 -8.99
CA GLN B 1080 -10.99 -12.89 -8.47
C GLN B 1080 -12.03 -13.20 -9.54
N GLN B 1081 -12.39 -12.20 -10.36
CA GLN B 1081 -13.35 -12.42 -11.44
C GLN B 1081 -12.79 -13.38 -12.47
N LEU B 1082 -11.49 -13.29 -12.77
CA LEU B 1082 -10.88 -14.20 -13.74
C LEU B 1082 -10.92 -15.64 -13.25
N VAL B 1083 -10.54 -15.88 -12.00
CA VAL B 1083 -10.54 -17.27 -11.52
C VAL B 1083 -11.98 -17.79 -11.37
N ARG B 1084 -12.92 -16.93 -10.98
CA ARG B 1084 -14.32 -17.35 -10.90
C ARG B 1084 -14.87 -17.70 -12.28
N SER B 1085 -14.50 -16.94 -13.30
CA SER B 1085 -14.97 -17.21 -14.65
C SER B 1085 -14.39 -18.51 -15.20
N GLU B 1086 -13.10 -18.78 -14.93
CA GLU B 1086 -12.52 -20.05 -15.36
C GLU B 1086 -13.19 -21.23 -14.66
N THR B 1087 -13.46 -21.10 -13.35
CA THR B 1087 -14.16 -22.17 -12.64
C THR B 1087 -15.56 -22.38 -13.18
N ALA B 1088 -16.26 -21.30 -13.51
CA ALA B 1088 -17.60 -21.42 -14.07
C ALA B 1088 -17.59 -22.05 -15.46
N ALA B 1089 -16.56 -21.77 -16.26
CA ALA B 1089 -16.45 -22.39 -17.57
C ALA B 1089 -16.20 -23.89 -17.46
N ARG B 1090 -15.32 -24.29 -16.53
CA ARG B 1090 -15.08 -25.72 -16.32
C ARG B 1090 -16.33 -26.42 -15.79
N SER B 1091 -17.07 -25.75 -14.90
CA SER B 1091 -18.32 -26.31 -14.40
C SER B 1091 -19.38 -26.39 -15.49
N ALA B 1092 -19.37 -25.45 -16.44
CA ALA B 1092 -20.31 -25.53 -17.56
C ALA B 1092 -19.97 -26.71 -18.47
N GLN B 1093 -18.68 -26.97 -18.68
CA GLN B 1093 -18.29 -28.18 -19.41
C GLN B 1093 -18.74 -29.44 -18.68
N LEU B 1094 -18.60 -29.45 -17.35
CA LEU B 1094 -19.08 -30.59 -16.56
C LEU B 1094 -20.59 -30.75 -16.68
N ALA B 1095 -21.33 -29.64 -16.69
CA ALA B 1095 -22.78 -29.69 -16.83
C ALA B 1095 -23.19 -30.20 -18.21
N SER B 1096 -22.46 -29.80 -19.25
CA SER B 1096 -22.76 -30.30 -20.59
C SER B 1096 -22.49 -31.81 -20.69
N ASP B 1097 -21.40 -32.28 -20.09
CA ASP B 1097 -21.13 -33.71 -20.06
C ASP B 1097 -22.19 -34.47 -19.27
N LYS B 1098 -22.63 -33.90 -18.15
CA LYS B 1098 -23.66 -34.51 -17.33
C LYS B 1098 -24.98 -34.59 -18.08
N VAL B 1099 -25.31 -33.54 -18.84
CA VAL B 1099 -26.52 -33.56 -19.67
C VAL B 1099 -26.42 -34.64 -20.72
N ASN B 1100 -25.29 -34.69 -21.45
CA ASN B 1100 -25.12 -35.64 -22.55
C ASN B 1100 -25.12 -37.07 -22.06
N GLU B 1101 -24.72 -37.32 -20.82
CA GLU B 1101 -24.71 -38.69 -20.31
C GLU B 1101 -26.03 -39.05 -19.62
N CYS B 1102 -26.43 -38.28 -18.62
CA CYS B 1102 -27.59 -38.65 -17.81
C CYS B 1102 -28.92 -38.35 -18.50
N VAL B 1103 -29.01 -37.25 -19.25
CA VAL B 1103 -30.31 -36.80 -19.74
C VAL B 1103 -30.62 -37.38 -21.12
N LYS B 1104 -29.71 -37.22 -22.07
CA LYS B 1104 -29.96 -37.68 -23.44
C LYS B 1104 -29.87 -39.18 -23.61
N SER B 1105 -29.36 -39.91 -22.61
CA SER B 1105 -29.25 -41.36 -22.67
C SER B 1105 -29.34 -41.91 -21.25
N GLN B 1106 -28.99 -43.18 -21.09
CA GLN B 1106 -28.97 -43.83 -19.79
C GLN B 1106 -27.55 -44.29 -19.50
N SER B 1107 -27.05 -43.98 -18.31
CA SER B 1107 -25.68 -44.29 -17.93
C SER B 1107 -25.65 -45.59 -17.13
N LYS B 1108 -24.70 -46.46 -17.47
CA LYS B 1108 -24.52 -47.73 -16.78
C LYS B 1108 -23.51 -47.65 -15.65
N ARG B 1109 -22.94 -46.48 -15.39
CA ARG B 1109 -21.97 -46.28 -14.32
C ARG B 1109 -22.68 -45.78 -13.06
N ASN B 1110 -22.44 -46.44 -11.94
CA ASN B 1110 -23.13 -46.11 -10.71
C ASN B 1110 -22.52 -44.87 -10.07
N GLY B 1111 -23.39 -44.04 -9.49
CA GLY B 1111 -22.96 -42.86 -8.76
C GLY B 1111 -22.80 -41.61 -9.58
N PHE B 1112 -22.71 -41.72 -10.90
CA PHE B 1112 -22.54 -40.53 -11.73
C PHE B 1112 -23.86 -39.78 -11.88
N CYS B 1113 -24.94 -40.50 -12.19
CA CYS B 1113 -26.27 -39.93 -12.31
C CYS B 1113 -27.13 -40.25 -11.09
N GLY B 1114 -26.52 -40.22 -9.91
CA GLY B 1114 -27.24 -40.45 -8.67
C GLY B 1114 -27.04 -41.85 -8.13
N SER B 1115 -27.58 -42.06 -6.93
CA SER B 1115 -27.47 -43.34 -6.26
C SER B 1115 -28.44 -44.35 -6.89
N GLY B 1116 -28.18 -45.63 -6.59
CA GLY B 1116 -29.00 -46.68 -7.16
C GLY B 1116 -28.71 -46.88 -8.64
N THR B 1117 -29.71 -47.39 -9.35
CA THR B 1117 -29.62 -47.60 -10.79
C THR B 1117 -30.32 -46.46 -11.51
N HIS B 1118 -29.58 -45.81 -12.42
CA HIS B 1118 -30.13 -44.67 -13.14
C HIS B 1118 -31.18 -45.13 -14.14
N ILE B 1119 -32.30 -44.40 -14.18
CA ILE B 1119 -33.39 -44.71 -15.11
C ILE B 1119 -33.56 -43.57 -16.09
N VAL B 1120 -33.86 -42.38 -15.58
CA VAL B 1120 -34.11 -41.21 -16.41
C VAL B 1120 -33.75 -39.97 -15.61
N SER B 1121 -33.18 -38.97 -16.29
CA SER B 1121 -32.80 -37.71 -15.66
C SER B 1121 -33.51 -36.55 -16.34
N PHE B 1122 -33.97 -35.60 -15.54
CA PHE B 1122 -34.61 -34.39 -16.03
C PHE B 1122 -33.82 -33.18 -15.58
N VAL B 1123 -33.64 -32.22 -16.48
CA VAL B 1123 -32.88 -31.02 -16.22
C VAL B 1123 -33.78 -29.80 -16.40
N ILE B 1124 -33.63 -28.83 -15.50
CA ILE B 1124 -34.34 -27.56 -15.57
C ILE B 1124 -33.34 -26.44 -15.34
N ASN B 1125 -33.76 -25.22 -15.63
CA ASN B 1125 -32.89 -24.07 -15.46
C ASN B 1125 -32.76 -23.71 -13.98
N ALA B 1126 -31.69 -23.00 -13.67
CA ALA B 1126 -31.34 -22.56 -12.34
C ALA B 1126 -30.96 -21.09 -12.42
N PRO B 1127 -30.90 -20.38 -11.28
CA PRO B 1127 -30.45 -18.97 -11.30
C PRO B 1127 -29.08 -18.76 -11.90
N ASN B 1128 -28.15 -19.71 -11.77
CA ASN B 1128 -26.83 -19.54 -12.36
C ASN B 1128 -26.30 -20.81 -13.02
N GLY B 1129 -27.17 -21.78 -13.31
CA GLY B 1129 -26.72 -23.02 -13.92
C GLY B 1129 -27.82 -23.96 -14.32
N PHE B 1130 -27.62 -25.25 -14.06
CA PHE B 1130 -28.61 -26.28 -14.36
C PHE B 1130 -28.94 -27.05 -13.09
N TYR B 1131 -30.20 -27.42 -12.96
CA TYR B 1131 -30.67 -28.24 -11.85
C TYR B 1131 -31.14 -29.59 -12.39
N PHE B 1132 -30.67 -30.67 -11.79
CA PHE B 1132 -30.91 -32.01 -12.28
C PHE B 1132 -31.83 -32.78 -11.33
N PHE B 1133 -32.69 -33.60 -11.91
CA PHE B 1133 -33.58 -34.49 -11.16
C PHE B 1133 -33.32 -35.91 -11.64
N HIS B 1134 -32.47 -36.64 -10.92
CA HIS B 1134 -32.05 -37.97 -11.33
C HIS B 1134 -32.99 -39.00 -10.70
N VAL B 1135 -33.88 -39.56 -11.52
CA VAL B 1135 -34.77 -40.62 -11.06
C VAL B 1135 -34.01 -41.93 -11.05
N GLY B 1136 -33.98 -42.60 -9.88
CA GLY B 1136 -33.19 -43.79 -9.71
C GLY B 1136 -34.03 -44.96 -9.22
N TYR B 1137 -33.40 -46.13 -9.23
CA TYR B 1137 -34.00 -47.36 -8.78
C TYR B 1137 -33.45 -47.73 -7.40
N VAL B 1138 -34.34 -48.01 -6.46
CA VAL B 1138 -33.91 -48.45 -5.14
C VAL B 1138 -34.85 -49.54 -4.63
N PRO B 1139 -34.33 -50.72 -4.27
CA PRO B 1139 -35.18 -51.75 -3.68
C PRO B 1139 -35.66 -51.37 -2.29
N THR B 1140 -36.85 -51.85 -1.94
CA THR B 1140 -37.41 -51.60 -0.62
C THR B 1140 -38.34 -52.75 -0.21
N ASP C 18 45.16 16.31 29.71
CA ASP C 18 45.36 15.06 28.99
C ASP C 18 45.78 13.95 29.96
N VAL C 19 46.40 12.90 29.41
CA VAL C 19 46.85 11.76 30.18
C VAL C 19 48.36 11.72 30.15
N ASP C 20 48.97 11.60 31.33
CA ASP C 20 50.42 11.52 31.43
C ASP C 20 50.92 10.16 30.93
N SER C 21 51.88 10.19 30.01
CA SER C 21 52.41 8.97 29.41
C SER C 21 53.59 8.40 30.17
N GLY C 22 53.98 8.99 31.29
CA GLY C 22 55.14 8.55 32.03
C GLY C 22 56.37 9.35 31.66
N PRO C 23 57.51 8.97 32.22
CA PRO C 23 58.75 9.69 31.93
C PRO C 23 59.24 9.41 30.52
N PRO C 24 59.83 10.41 29.85
CA PRO C 24 60.39 10.18 28.52
C PRO C 24 61.63 9.30 28.59
N SER C 25 61.97 8.72 27.45
CA SER C 25 63.12 7.83 27.38
C SER C 25 64.41 8.64 27.49
N SER C 26 65.25 8.29 28.46
CA SER C 26 66.48 9.03 28.70
C SER C 26 67.63 8.59 27.79
N ALA C 27 67.43 7.52 27.02
CA ALA C 27 68.47 7.04 26.11
C ALA C 27 68.55 7.96 24.90
N THR C 28 69.72 8.57 24.68
CA THR C 28 69.93 9.45 23.56
C THR C 28 70.41 8.71 22.31
N SER C 29 70.52 7.39 22.37
CA SER C 29 70.97 6.58 21.25
C SER C 29 69.94 5.51 20.94
N CYS C 30 69.61 5.37 19.66
CA CYS C 30 68.74 4.30 19.19
C CYS C 30 69.58 3.09 18.79
N LYS C 31 68.90 1.98 18.52
CA LYS C 31 69.56 0.73 18.18
C LYS C 31 69.50 0.47 16.68
N GLU C 32 70.62 0.05 16.12
CA GLU C 32 70.69 -0.24 14.69
C GLU C 32 69.95 -1.54 14.38
N ALA C 33 69.13 -1.52 13.34
CA ALA C 33 68.36 -2.67 12.91
C ALA C 33 68.82 -3.10 11.52
N ASP C 34 68.83 -4.42 11.29
CA ASP C 34 69.21 -4.97 9.99
C ASP C 34 67.95 -5.06 9.13
N MET C 35 67.82 -4.14 8.18
CA MET C 35 66.65 -4.10 7.32
C MET C 35 66.80 -5.05 6.15
N ARG C 36 65.81 -5.93 5.98
CA ARG C 36 65.77 -6.86 4.87
C ARG C 36 64.42 -6.72 4.18
N ASN C 37 64.43 -6.64 2.86
CA ASN C 37 63.17 -6.51 2.13
C ASN C 37 62.43 -7.85 2.09
N SER C 38 61.25 -7.85 1.50
CA SER C 38 60.40 -9.03 1.50
C SER C 38 60.92 -10.12 0.57
N SER C 39 61.85 -9.80 -0.31
CA SER C 39 62.47 -10.77 -1.21
C SER C 39 63.96 -10.95 -0.89
N SER C 40 64.29 -10.97 0.40
CA SER C 40 65.67 -11.11 0.85
C SER C 40 66.05 -12.55 1.17
N GLU C 41 65.33 -13.53 0.60
CA GLU C 41 65.47 -14.98 0.83
C GLU C 41 65.52 -15.37 2.32
N PHE C 42 65.02 -14.49 3.19
CA PHE C 42 64.94 -14.74 4.61
C PHE C 42 63.52 -14.66 5.14
N PHE C 43 62.59 -14.07 4.38
CA PHE C 43 61.20 -13.92 4.80
C PHE C 43 60.21 -14.35 3.73
N ASN C 44 60.65 -15.02 2.68
CA ASN C 44 59.74 -15.46 1.62
C ASN C 44 59.22 -16.87 1.82
N LYS C 45 59.47 -17.48 2.99
CA LYS C 45 58.91 -18.78 3.32
C LYS C 45 57.39 -18.64 3.45
N GLN C 46 56.66 -19.23 2.52
CA GLN C 46 55.22 -18.99 2.37
C GLN C 46 54.43 -20.18 2.90
N TRP C 47 53.84 -20.02 4.08
CA TRP C 47 52.77 -20.90 4.53
C TRP C 47 51.46 -20.18 4.29
N PRO C 48 50.61 -20.66 3.37
CA PRO C 48 49.48 -19.84 2.89
C PRO C 48 48.42 -19.52 3.94
N MET C 49 47.83 -20.54 4.54
CA MET C 49 46.74 -20.45 5.52
C MET C 49 45.61 -19.54 5.03
N PRO C 50 44.83 -19.94 4.03
CA PRO C 50 43.79 -19.07 3.50
C PRO C 50 42.56 -19.05 4.42
N ILE C 51 41.66 -18.12 4.12
CA ILE C 51 40.41 -18.04 4.86
C ILE C 51 39.49 -19.16 4.41
N ASN C 52 39.03 -19.96 5.36
CA ASN C 52 38.09 -21.05 5.10
C ASN C 52 36.79 -20.73 5.82
N ALA C 53 35.73 -20.46 5.04
CA ALA C 53 34.44 -20.14 5.63
C ALA C 53 33.78 -21.34 6.28
N SER C 54 34.14 -22.56 5.86
CA SER C 54 33.56 -23.75 6.45
C SER C 54 34.03 -23.97 7.88
N LYS C 55 35.14 -23.38 8.28
CA LYS C 55 35.58 -23.37 9.67
C LYS C 55 35.16 -22.10 10.39
N ALA C 56 34.43 -21.21 9.73
CA ALA C 56 34.06 -19.88 10.22
C ALA C 56 35.31 -19.09 10.65
N ASP C 57 36.30 -19.06 9.76
CA ASP C 57 37.54 -18.37 10.05
C ASP C 57 37.33 -16.86 9.93
N GLY C 58 37.78 -16.13 10.96
CA GLY C 58 37.71 -14.69 10.96
C GLY C 58 36.31 -14.11 11.02
N ILE C 59 35.42 -14.74 11.76
CA ILE C 59 34.03 -14.29 11.88
C ILE C 59 33.87 -13.50 13.16
N ILE C 60 33.40 -12.26 13.04
CA ILE C 60 33.12 -11.42 14.19
C ILE C 60 31.69 -11.65 14.65
N TYR C 61 31.53 -11.99 15.92
CA TYR C 61 30.21 -12.28 16.46
C TYR C 61 29.37 -11.01 16.54
N PRO C 62 28.04 -11.13 16.48
CA PRO C 62 27.17 -9.98 16.76
C PRO C 62 27.40 -9.44 18.17
N THR C 63 27.28 -8.12 18.31
CA THR C 63 27.79 -7.43 19.49
C THR C 63 26.89 -7.63 20.71
N GLY C 64 25.58 -7.54 20.54
CA GLY C 64 24.71 -7.56 21.70
C GLY C 64 23.60 -8.59 21.65
N LYS C 65 23.75 -9.60 20.80
CA LYS C 65 22.76 -10.64 20.64
C LYS C 65 23.43 -12.01 20.62
N SER C 66 22.64 -13.04 20.83
CA SER C 66 23.09 -14.42 20.69
C SER C 66 21.99 -15.22 20.01
N TYR C 67 22.40 -16.22 19.22
CA TYR C 67 21.46 -17.08 18.52
C TYR C 67 21.79 -18.53 18.80
N SER C 68 20.77 -19.38 18.75
CA SER C 68 20.94 -20.81 19.02
C SER C 68 20.19 -21.62 17.99
N ASN C 69 20.91 -22.56 17.35
CA ASN C 69 20.32 -23.59 16.48
C ASN C 69 19.54 -23.00 15.30
N ILE C 70 20.06 -21.93 14.71
CA ILE C 70 19.49 -21.36 13.49
C ILE C 70 20.62 -20.99 12.55
N SER C 71 20.28 -20.87 11.27
CA SER C 71 21.16 -20.37 10.24
C SER C 71 20.63 -19.03 9.76
N LEU C 72 21.48 -18.01 9.74
CA LEU C 72 21.07 -16.66 9.44
C LEU C 72 21.97 -16.04 8.37
N THR C 73 21.36 -15.23 7.52
CA THR C 73 22.09 -14.44 6.54
C THR C 73 22.28 -13.05 7.13
N LEU C 74 23.52 -12.73 7.50
CA LEU C 74 23.85 -11.47 8.13
C LEU C 74 24.71 -10.63 7.20
N GLN C 75 24.44 -9.32 7.19
CA GLN C 75 25.25 -8.36 6.45
C GLN C 75 26.19 -7.66 7.43
N GLY C 76 27.48 -7.74 7.16
CA GLY C 76 28.47 -7.13 8.03
C GLY C 76 29.84 -7.06 7.38
N LEU C 77 30.88 -7.11 8.19
CA LEU C 77 32.26 -7.03 7.70
C LEU C 77 32.94 -8.38 7.91
N PHE C 78 33.16 -9.10 6.82
CA PHE C 78 33.74 -10.43 6.84
C PHE C 78 34.84 -10.54 5.80
N PRO C 79 35.85 -11.38 6.03
CA PRO C 79 36.86 -11.62 4.99
C PRO C 79 36.32 -12.47 3.87
N LYS C 80 36.94 -12.31 2.69
CA LYS C 80 36.56 -13.12 1.55
C LYS C 80 37.04 -14.56 1.71
N HIS C 81 36.26 -15.49 1.19
CA HIS C 81 36.66 -16.89 1.19
C HIS C 81 37.84 -17.11 0.27
N GLY C 82 38.80 -17.91 0.72
CA GLY C 82 40.00 -18.16 -0.06
C GLY C 82 41.00 -17.03 -0.07
N ASP C 83 40.86 -16.05 0.82
CA ASP C 83 41.80 -14.95 0.88
C ASP C 83 43.11 -15.41 1.52
N LEU C 84 44.21 -15.29 0.78
CA LEU C 84 45.50 -15.68 1.32
C LEU C 84 45.98 -14.72 2.39
N GLY C 85 45.64 -13.44 2.27
CA GLY C 85 46.07 -12.45 3.24
C GLY C 85 47.53 -12.08 3.07
N GLU C 86 48.04 -11.39 4.08
CA GLU C 86 49.43 -10.97 4.14
C GLU C 86 50.10 -11.63 5.33
N GLN C 87 51.26 -12.24 5.09
CA GLN C 87 51.97 -12.98 6.13
C GLN C 87 53.12 -12.14 6.64
N TYR C 88 53.18 -11.96 7.97
CA TYR C 88 54.23 -11.20 8.63
C TYR C 88 54.95 -12.11 9.61
N ILE C 89 56.28 -12.10 9.56
CA ILE C 89 57.10 -12.94 10.43
C ILE C 89 57.94 -12.03 11.31
N TYR C 90 57.94 -12.32 12.61
CA TYR C 90 58.79 -11.62 13.57
C TYR C 90 59.99 -12.50 13.90
N SER C 91 61.18 -11.95 13.75
CA SER C 91 62.42 -12.71 13.88
C SER C 91 63.13 -12.37 15.18
N VAL C 92 64.31 -12.96 15.35
CA VAL C 92 65.18 -12.74 16.49
C VAL C 92 66.39 -11.96 16.01
N GLY C 93 66.83 -11.00 16.81
CA GLY C 93 67.94 -10.15 16.43
C GLY C 93 69.27 -10.87 16.45
N HIS C 94 70.28 -10.19 15.92
CA HIS C 94 71.62 -10.74 15.86
C HIS C 94 72.21 -10.90 17.26
N SER C 95 72.98 -11.95 17.45
CA SER C 95 73.63 -12.20 18.73
C SER C 95 74.90 -13.00 18.50
N ASP C 96 75.83 -12.96 19.44
CA ASP C 96 77.16 -13.63 19.24
C ASP C 96 77.20 -15.11 19.44
N SER C 97 77.87 -15.82 18.55
CA SER C 97 77.84 -17.29 18.62
C SER C 97 78.40 -17.73 19.92
N ASN C 98 79.47 -17.10 20.34
CA ASN C 98 80.11 -17.46 21.58
C ASN C 98 79.75 -16.50 22.66
N TYR C 101 76.81 -11.65 24.01
CA TYR C 101 76.65 -10.30 23.46
C TYR C 101 75.42 -10.22 22.56
N LEU C 102 74.81 -9.05 22.52
CA LEU C 102 73.60 -8.79 21.75
C LEU C 102 73.93 -7.83 20.63
N GLY C 103 73.60 -8.21 19.40
CA GLY C 103 73.93 -7.45 18.22
C GLY C 103 72.79 -6.59 17.73
N LYS C 104 72.77 -6.37 16.41
CA LYS C 104 71.76 -5.53 15.79
C LYS C 104 70.42 -6.24 15.75
N LEU C 105 69.35 -5.45 15.61
CA LEU C 105 68.02 -6.01 15.45
C LEU C 105 67.85 -6.57 14.04
N PHE C 106 67.07 -7.64 13.94
CA PHE C 106 66.78 -8.28 12.66
C PHE C 106 65.29 -8.14 12.39
N VAL C 107 64.95 -7.22 11.48
CA VAL C 107 63.58 -6.90 11.13
C VAL C 107 63.42 -6.98 9.62
N SER C 108 62.18 -6.85 9.17
CA SER C 108 61.84 -6.76 7.77
C SER C 108 61.33 -5.35 7.46
N ASP C 109 60.92 -5.14 6.22
CA ASP C 109 60.45 -3.83 5.78
C ASP C 109 58.96 -3.64 6.05
N TYR C 110 58.54 -3.88 7.29
CA TYR C 110 57.13 -3.74 7.65
C TYR C 110 56.78 -2.32 8.09
N ALA C 111 57.77 -1.50 8.43
CA ALA C 111 57.50 -0.14 8.87
C ALA C 111 57.47 0.86 7.72
N THR C 112 58.26 0.63 6.67
CA THR C 112 58.24 1.50 5.50
C THR C 112 57.06 1.24 4.58
N LYS C 113 56.30 0.17 4.82
CA LYS C 113 55.12 -0.15 4.04
C LYS C 113 53.88 0.35 4.78
N VAL C 114 53.01 1.06 4.07
CA VAL C 114 51.80 1.61 4.64
C VAL C 114 50.61 0.98 3.92
N VAL C 115 49.73 0.35 4.69
CA VAL C 115 48.59 -0.38 4.15
C VAL C 115 47.33 0.45 4.39
N PRO C 116 46.45 0.61 3.41
CA PRO C 116 45.21 1.37 3.64
C PRO C 116 44.25 0.63 4.57
N PHE C 117 43.58 1.42 5.40
CA PHE C 117 42.60 0.91 6.36
C PHE C 117 41.22 1.22 5.79
N ASN C 118 40.62 0.24 5.11
CA ASN C 118 39.35 0.47 4.43
C ASN C 118 38.17 0.18 5.36
N ASN C 119 38.05 -1.05 5.82
CA ASN C 119 36.97 -1.44 6.71
C ASN C 119 37.46 -2.12 7.98
N GLY C 120 38.76 -2.27 8.13
CA GLY C 120 39.35 -3.04 9.21
C GLY C 120 40.05 -4.28 8.70
N PHE C 121 40.70 -4.96 9.63
CA PHE C 121 41.38 -6.21 9.30
C PHE C 121 41.21 -7.18 10.46
N VAL C 122 41.35 -8.46 10.15
CA VAL C 122 41.33 -9.53 11.14
C VAL C 122 42.66 -10.24 11.10
N VAL C 123 43.19 -10.58 12.28
CA VAL C 123 44.52 -11.14 12.42
C VAL C 123 44.39 -12.55 12.99
N ARG C 124 45.04 -13.51 12.34
CA ARG C 124 45.16 -14.87 12.85
C ARG C 124 46.51 -14.99 13.55
N ILE C 125 46.49 -15.27 14.85
CA ILE C 125 47.68 -15.22 15.69
C ILE C 125 48.02 -16.63 16.15
N GLY C 126 49.27 -17.02 15.96
CA GLY C 126 49.80 -18.26 16.52
C GLY C 126 49.19 -19.53 15.96
N ALA C 127 48.99 -19.61 14.65
CA ALA C 127 48.44 -20.81 14.05
C ALA C 127 49.46 -21.93 13.93
N ALA C 128 50.76 -21.60 13.96
CA ALA C 128 51.82 -22.58 13.82
C ALA C 128 52.42 -23.00 15.15
N ALA C 129 51.75 -22.68 16.26
CA ALA C 129 52.26 -23.02 17.57
C ALA C 129 52.22 -24.54 17.79
N ASN C 130 52.98 -24.98 18.80
CA ASN C 130 53.18 -26.40 19.12
C ASN C 130 53.72 -27.18 17.93
N ALA C 131 54.56 -26.54 17.12
CA ALA C 131 55.12 -27.18 15.94
C ALA C 131 56.59 -26.82 15.84
N THR C 132 57.35 -27.71 15.20
CA THR C 132 58.78 -27.49 15.01
C THR C 132 58.99 -26.62 13.78
N GLY C 133 59.71 -25.52 13.95
CA GLY C 133 59.99 -24.62 12.85
C GLY C 133 61.34 -23.97 13.02
N SER C 134 61.96 -23.65 11.90
CA SER C 134 63.27 -23.01 11.93
C SER C 134 63.15 -21.56 12.35
N VAL C 135 64.14 -21.09 13.12
CA VAL C 135 64.23 -19.66 13.38
C VAL C 135 64.62 -18.94 12.09
N ILE C 136 64.32 -17.64 12.05
CA ILE C 136 64.46 -16.92 10.79
C ILE C 136 65.91 -16.59 10.49
N ILE C 137 66.67 -16.16 11.50
CA ILE C 137 68.03 -15.69 11.26
C ILE C 137 69.02 -16.80 10.96
N SER C 138 68.67 -18.05 11.23
CA SER C 138 69.62 -19.15 11.03
C SER C 138 68.86 -20.40 10.63
N THR C 139 69.52 -21.56 10.75
CA THR C 139 69.00 -22.83 10.28
C THR C 139 68.30 -23.63 11.38
N VAL C 140 68.76 -23.47 12.64
CA VAL C 140 68.36 -24.34 13.75
C VAL C 140 66.85 -24.26 13.98
N GLN C 141 66.23 -25.44 14.08
CA GLN C 141 64.79 -25.56 14.22
C GLN C 141 64.40 -25.72 15.68
N LYS C 142 63.43 -24.93 16.13
CA LYS C 142 62.97 -24.95 17.51
C LYS C 142 61.45 -25.07 17.53
N THR C 143 60.90 -25.17 18.75
CA THR C 143 59.45 -25.17 18.91
C THR C 143 58.92 -23.76 18.71
N ILE C 144 57.85 -23.66 17.92
CA ILE C 144 57.28 -22.37 17.55
C ILE C 144 56.33 -21.90 18.65
N LYS C 145 56.54 -20.68 19.15
CA LYS C 145 55.67 -20.06 20.12
C LYS C 145 54.79 -19.01 19.44
N LYS C 146 53.93 -18.37 20.23
CA LYS C 146 52.99 -17.39 19.72
C LYS C 146 53.48 -15.99 20.07
N ILE C 147 53.45 -15.09 19.09
CA ILE C 147 53.84 -13.70 19.27
C ILE C 147 52.71 -12.80 18.79
N TYR C 148 52.38 -11.79 19.60
CA TYR C 148 51.31 -10.84 19.29
C TYR C 148 51.82 -9.72 18.39
N PRO C 149 51.02 -9.31 17.41
CA PRO C 149 51.44 -8.21 16.53
C PRO C 149 51.36 -6.85 17.21
N ALA C 150 52.15 -5.92 16.69
CA ALA C 150 52.14 -4.53 17.13
C ALA C 150 51.75 -3.65 15.95
N PHE C 151 50.83 -2.71 16.19
CA PHE C 151 50.24 -1.94 15.10
C PHE C 151 50.43 -0.45 15.31
N MET C 152 50.21 0.29 14.23
CA MET C 152 50.30 1.75 14.23
C MET C 152 49.28 2.26 13.22
N LEU C 153 48.21 2.87 13.70
CA LEU C 153 47.10 3.30 12.85
C LEU C 153 46.92 4.80 12.96
N GLY C 154 46.72 5.46 11.82
CA GLY C 154 46.58 6.89 11.79
C GLY C 154 45.74 7.35 10.61
N SER C 155 45.61 8.67 10.49
CA SER C 155 44.83 9.30 9.43
C SER C 155 45.69 9.97 8.37
N SER C 156 46.77 10.63 8.76
CA SER C 156 47.66 11.31 7.83
C SER C 156 49.02 10.64 7.86
N VAL C 157 49.58 10.37 6.67
CA VAL C 157 50.85 9.68 6.55
C VAL C 157 51.73 10.45 5.56
N GLY C 158 53.03 10.47 5.83
CA GLY C 158 53.99 11.18 4.99
C GLY C 158 55.36 10.56 5.08
N ASN C 159 56.38 11.39 5.02
CA ASN C 159 57.77 10.95 5.05
C ASN C 159 58.47 11.48 6.29
N PHE C 160 59.64 10.92 6.57
CA PHE C 160 60.54 11.46 7.58
C PHE C 160 61.39 12.56 6.95
N SER C 161 62.38 13.05 7.68
CA SER C 161 63.28 14.05 7.13
C SER C 161 64.26 13.46 6.12
N ASN C 162 64.39 12.13 6.09
CA ASN C 162 65.31 11.44 5.20
C ASN C 162 64.66 11.01 3.90
N GLY C 163 63.37 11.27 3.71
CA GLY C 163 62.67 10.76 2.55
C GLY C 163 62.19 9.33 2.68
N VAL C 164 62.37 8.71 3.84
CA VAL C 164 61.89 7.34 4.04
C VAL C 164 60.38 7.36 4.25
N SER C 165 59.68 6.49 3.51
CA SER C 165 58.23 6.45 3.59
C SER C 165 57.77 5.91 4.94
N GLY C 166 56.65 6.44 5.40
CA GLY C 166 56.04 6.02 6.65
C GLY C 166 56.31 6.98 7.79
N ARG C 167 55.34 7.85 8.06
CA ARG C 167 55.45 8.83 9.13
C ARG C 167 54.03 9.27 9.46
N TYR C 168 53.56 8.96 10.65
CA TYR C 168 52.17 9.22 11.01
C TYR C 168 52.06 10.56 11.71
N PHE C 169 51.21 11.41 11.16
CA PHE C 169 51.05 12.79 11.63
C PHE C 169 49.84 12.87 12.56
N ASN C 170 49.94 13.81 13.50
CA ASN C 170 48.90 14.13 14.50
C ASN C 170 48.65 12.88 15.36
N HIS C 171 47.43 12.70 15.84
CA HIS C 171 47.15 11.63 16.79
C HIS C 171 47.18 10.27 16.09
N THR C 172 47.95 9.35 16.65
CA THR C 172 48.19 8.05 16.06
C THR C 172 47.87 6.97 17.08
N LEU C 173 47.03 6.02 16.71
CA LEU C 173 46.65 4.94 17.60
C LEU C 173 47.73 3.86 17.58
N LEU C 174 48.17 3.45 18.76
CA LEU C 174 49.21 2.44 18.91
C LEU C 174 48.67 1.27 19.72
N LEU C 175 48.84 0.06 19.18
CA LEU C 175 48.44 -1.17 19.86
C LEU C 175 49.71 -1.98 20.08
N LEU C 176 50.34 -1.79 21.25
CA LEU C 176 51.61 -2.41 21.56
C LEU C 176 51.42 -3.49 22.62
N PRO C 177 51.58 -4.77 22.30
CA PRO C 177 51.54 -5.80 23.33
C PRO C 177 52.79 -5.78 24.18
N ASP C 178 52.64 -6.13 25.45
CA ASP C 178 53.77 -6.14 26.36
C ASP C 178 53.55 -7.24 27.39
N GLY C 179 54.32 -7.21 28.47
CA GLY C 179 54.22 -8.22 29.51
C GLY C 179 54.69 -9.59 29.06
N CYS C 180 55.58 -9.64 28.07
CA CYS C 180 56.00 -10.87 27.39
C CYS C 180 54.78 -11.65 26.89
N GLY C 181 53.83 -10.92 26.32
CA GLY C 181 52.60 -11.51 25.84
C GLY C 181 51.47 -11.55 26.84
N THR C 182 51.53 -10.79 27.93
CA THR C 182 50.49 -10.80 28.95
C THR C 182 49.84 -9.44 29.18
N ARG C 183 50.09 -8.46 28.32
CA ARG C 183 49.47 -7.15 28.46
C ARG C 183 49.43 -6.47 27.10
N LEU C 184 48.36 -5.72 26.85
CA LEU C 184 48.20 -4.96 25.62
C LEU C 184 48.01 -3.48 25.96
N TRP C 185 48.79 -2.63 25.30
CA TRP C 185 48.70 -1.19 25.48
C TRP C 185 47.96 -0.57 24.32
N ALA C 186 47.00 0.30 24.62
CA ALA C 186 46.29 1.08 23.62
C ALA C 186 46.49 2.55 23.94
N LEU C 187 47.24 3.24 23.09
CA LEU C 187 47.58 4.64 23.30
C LEU C 187 47.16 5.46 22.08
N TYR C 188 46.76 6.71 22.35
CA TYR C 188 46.34 7.63 21.31
C TYR C 188 47.09 8.95 21.55
N CYS C 189 48.30 9.04 21.00
CA CYS C 189 49.15 10.20 21.22
C CYS C 189 49.69 10.70 19.88
N VAL C 190 50.39 11.83 19.94
CA VAL C 190 51.13 12.36 18.80
C VAL C 190 52.59 11.95 18.97
N ILE C 191 53.12 11.20 18.02
CA ILE C 191 54.48 10.70 18.10
C ILE C 191 55.43 11.71 17.47
N GLU C 192 56.47 12.07 18.21
CA GLU C 192 57.47 13.04 17.75
C GLU C 192 58.79 12.33 17.55
N PRO C 193 59.35 12.31 16.34
CA PRO C 193 60.59 11.57 16.09
C PRO C 193 61.77 12.22 16.80
N ARG C 194 62.43 11.46 17.67
CA ARG C 194 63.62 11.94 18.35
C ARG C 194 64.79 11.99 17.38
N ASN C 195 65.73 12.88 17.66
CA ASN C 195 66.91 13.07 16.83
C ASN C 195 68.13 12.41 17.46
N GLY C 196 69.18 12.25 16.66
CA GLY C 196 70.41 11.68 17.14
C GLY C 196 70.47 10.18 17.03
N SER C 197 71.64 9.65 16.69
CA SER C 197 71.94 8.22 16.51
C SER C 197 71.02 7.68 15.41
N TYR C 198 70.48 6.47 15.55
CA TYR C 198 69.64 5.86 14.53
C TYR C 198 68.16 6.16 14.71
N CYS C 199 67.82 7.10 15.60
CA CYS C 199 66.45 7.53 15.77
C CYS C 199 65.98 8.28 14.52
N PRO C 200 64.66 8.38 14.28
CA PRO C 200 64.18 8.94 13.00
C PRO C 200 64.34 10.44 12.81
N GLY C 201 65.11 11.11 13.67
CA GLY C 201 65.36 12.53 13.47
C GLY C 201 66.40 12.83 12.40
N ASN C 202 67.59 12.23 12.51
CA ASN C 202 68.70 12.57 11.64
C ASN C 202 68.65 11.71 10.37
N SER C 203 69.69 11.84 9.54
CA SER C 203 69.65 11.37 8.17
C SER C 203 70.19 9.95 7.98
N ASN C 204 70.30 9.16 9.05
CA ASN C 204 70.76 7.78 8.92
C ASN C 204 69.70 6.75 9.31
N TYR C 205 68.44 7.17 9.41
CA TYR C 205 67.36 6.25 9.75
C TYR C 205 67.11 5.23 8.65
N ASN C 206 66.91 3.99 9.04
CA ASN C 206 66.48 2.92 8.15
C ASN C 206 65.08 2.42 8.48
N THR C 207 64.82 2.10 9.75
CA THR C 207 63.51 1.65 10.20
C THR C 207 63.44 1.84 11.71
N PHE C 208 62.25 1.67 12.25
CA PHE C 208 62.03 1.61 13.68
C PHE C 208 61.42 0.28 14.05
N ALA C 209 61.66 -0.16 15.28
CA ALA C 209 61.13 -1.43 15.75
C ALA C 209 60.99 -1.39 17.27
N VAL C 210 60.16 -2.28 17.78
CA VAL C 210 60.03 -2.50 19.23
C VAL C 210 60.72 -3.81 19.56
N PHE C 211 61.40 -3.84 20.70
CA PHE C 211 62.20 -5.01 21.06
C PHE C 211 61.96 -5.38 22.52
N ASP C 212 62.17 -6.66 22.82
CA ASP C 212 62.05 -7.18 24.17
C ASP C 212 63.29 -8.01 24.48
N THR C 213 63.75 -7.91 25.72
CA THR C 213 64.90 -8.68 26.19
C THR C 213 64.42 -9.74 27.16
N PRO C 214 64.38 -11.02 26.77
CA PRO C 214 63.77 -12.04 27.64
C PRO C 214 64.51 -12.30 28.94
N HIS C 215 65.84 -12.17 28.96
CA HIS C 215 66.57 -12.48 30.18
C HIS C 215 66.58 -11.32 31.17
N THR C 216 66.05 -10.16 30.80
CA THR C 216 65.89 -9.05 31.73
C THR C 216 64.44 -8.65 31.95
N ASP C 217 63.53 -8.97 31.03
CA ASP C 217 62.13 -8.60 31.14
C ASP C 217 61.22 -9.80 31.37
N CYS C 218 61.48 -10.93 30.72
CA CYS C 218 60.66 -12.14 30.88
C CYS C 218 61.21 -13.09 31.94
N THR C 219 61.90 -12.58 32.95
CA THR C 219 62.35 -13.41 34.05
C THR C 219 61.15 -13.83 34.92
N SER C 220 61.35 -14.89 35.69
CA SER C 220 60.31 -15.40 36.57
C SER C 220 60.35 -14.70 37.93
N ALA C 221 60.16 -13.37 37.87
CA ALA C 221 60.17 -12.56 39.07
C ALA C 221 59.08 -11.50 39.10
N GLY C 222 58.18 -11.47 38.13
CA GLY C 222 57.10 -10.50 38.13
C GLY C 222 56.92 -9.80 36.80
N TYR C 223 57.72 -10.21 35.80
CA TYR C 223 57.67 -9.70 34.42
C TYR C 223 57.96 -8.21 34.32
N ASN C 224 57.84 -7.66 33.12
CA ASN C 224 58.03 -6.24 32.87
C ASN C 224 56.83 -5.71 32.11
N THR C 225 56.24 -4.63 32.61
CA THR C 225 55.00 -4.11 32.07
C THR C 225 55.23 -3.11 30.95
N ASN C 226 56.35 -2.38 30.98
CA ASN C 226 56.64 -1.37 29.97
C ASN C 226 57.89 -1.68 29.16
N ALA C 227 58.04 -2.91 28.68
CA ALA C 227 59.22 -3.25 27.89
C ALA C 227 59.13 -2.67 26.48
N THR C 228 58.11 -3.09 25.73
CA THR C 228 57.92 -2.57 24.38
C THR C 228 57.52 -1.10 24.39
N LEU C 229 56.87 -0.64 25.46
CA LEU C 229 56.57 0.78 25.59
C LEU C 229 57.84 1.61 25.68
N ASN C 230 58.81 1.17 26.48
CA ASN C 230 60.07 1.90 26.58
C ASN C 230 60.89 1.78 25.28
N SER C 231 60.82 0.61 24.63
CA SER C 231 61.51 0.45 23.35
C SER C 231 60.91 1.38 22.30
N PHE C 232 59.59 1.57 22.32
CA PHE C 232 58.97 2.53 21.41
C PHE C 232 59.30 3.96 21.78
N LYS C 233 59.35 4.26 23.08
CA LYS C 233 59.72 5.59 23.54
C LYS C 233 61.15 5.96 23.18
N GLU C 234 62.01 4.96 22.97
CA GLU C 234 63.36 5.23 22.50
C GLU C 234 63.37 5.85 21.10
N TYR C 235 62.37 5.54 20.28
CA TYR C 235 62.30 6.06 18.91
C TYR C 235 61.42 7.28 18.76
N PHE C 236 60.30 7.35 19.49
CA PHE C 236 59.36 8.45 19.34
C PHE C 236 59.05 9.04 20.71
N ASP C 237 58.61 10.29 20.70
CA ASP C 237 58.18 10.99 21.90
C ASP C 237 56.66 11.09 21.91
N LEU C 238 56.04 10.70 23.02
CA LEU C 238 54.58 10.67 23.14
C LEU C 238 54.11 12.02 23.66
N GLN C 239 53.44 12.79 22.80
CA GLN C 239 52.96 14.12 23.15
C GLN C 239 51.44 14.16 23.01
N ASN C 240 50.79 14.72 24.03
CA ASN C 240 49.33 14.95 24.06
C ASN C 240 48.56 13.63 23.89
N CYS C 241 48.75 12.75 24.85
CA CYS C 241 48.08 11.45 24.83
C CYS C 241 46.62 11.63 25.23
N SER C 242 45.70 11.22 24.35
CA SER C 242 44.28 11.34 24.66
C SER C 242 43.86 10.32 25.70
N PHE C 243 44.29 9.07 25.54
CA PHE C 243 44.00 8.03 26.52
C PHE C 243 45.11 7.00 26.49
N ILE C 244 45.23 6.25 27.58
CA ILE C 244 46.11 5.09 27.66
C ILE C 244 45.30 3.97 28.32
N TYR C 245 45.12 2.87 27.60
CA TYR C 245 44.33 1.75 28.08
C TYR C 245 45.23 0.52 28.20
N SER C 246 44.97 -0.28 29.24
CA SER C 246 45.74 -1.48 29.52
C SER C 246 44.81 -2.68 29.54
N PHE C 247 45.09 -3.67 28.70
CA PHE C 247 44.35 -4.93 28.68
C PHE C 247 45.35 -6.06 28.92
N ASN C 248 45.16 -6.81 30.00
CA ASN C 248 46.08 -7.88 30.35
C ASN C 248 45.56 -9.22 29.86
N ILE C 249 46.50 -10.07 29.45
CA ILE C 249 46.23 -11.29 28.70
C ILE C 249 46.74 -12.48 29.49
N THR C 250 45.94 -13.54 29.54
CA THR C 250 46.40 -14.80 30.12
C THR C 250 47.38 -15.46 29.16
N GLU C 251 48.51 -15.93 29.69
CA GLU C 251 49.58 -16.48 28.86
C GLU C 251 49.21 -17.91 28.45
N ASP C 252 48.84 -18.08 27.19
CA ASP C 252 48.49 -19.38 26.62
C ASP C 252 49.37 -19.63 25.40
N GLU C 253 49.05 -20.72 24.68
CA GLU C 253 49.76 -21.06 23.46
C GLU C 253 48.82 -21.44 22.32
N ASN C 254 47.51 -21.42 22.53
CA ASN C 254 46.57 -21.77 21.49
C ASN C 254 46.41 -20.62 20.49
N ALA C 255 45.86 -20.96 19.32
CA ALA C 255 45.66 -19.97 18.28
C ALA C 255 44.58 -18.98 18.68
N GLU C 256 44.73 -17.75 18.19
CA GLU C 256 43.82 -16.66 18.54
C GLU C 256 43.50 -15.85 17.30
N TRP C 257 42.35 -15.18 17.35
CA TRP C 257 41.91 -14.27 16.30
C TRP C 257 41.72 -12.89 16.90
N PHE C 258 42.23 -11.87 16.22
CA PHE C 258 42.08 -10.48 16.63
C PHE C 258 41.52 -9.68 15.47
N GLY C 259 40.60 -8.78 15.76
CA GLY C 259 40.01 -7.94 14.74
C GLY C 259 39.86 -6.52 15.21
N ILE C 260 39.83 -5.60 14.25
CA ILE C 260 39.67 -4.17 14.53
C ILE C 260 38.71 -3.58 13.51
N THR C 261 37.82 -2.71 13.98
CA THR C 261 36.83 -2.06 13.13
C THR C 261 36.66 -0.62 13.58
N GLN C 262 36.31 0.25 12.63
CA GLN C 262 36.03 1.65 12.94
C GLN C 262 34.67 2.04 12.38
N ASN C 263 33.91 2.78 13.19
CA ASN C 263 32.61 3.29 12.77
C ASN C 263 32.39 4.62 13.50
N THR C 264 31.13 5.05 13.56
CA THR C 264 30.80 6.33 14.19
C THR C 264 31.12 6.32 15.68
N GLN C 265 30.93 5.17 16.34
CA GLN C 265 31.09 5.08 17.78
C GLN C 265 32.54 4.96 18.22
N GLY C 266 33.48 4.83 17.29
CA GLY C 266 34.89 4.77 17.61
C GLY C 266 35.52 3.53 17.02
N VAL C 267 36.71 3.21 17.51
CA VAL C 267 37.45 2.05 17.05
C VAL C 267 37.08 0.86 17.92
N HIS C 268 36.62 -0.21 17.27
CA HIS C 268 36.15 -1.41 17.96
C HIS C 268 37.23 -2.49 17.90
N LEU C 269 37.52 -3.10 19.04
CA LEU C 269 38.52 -4.15 19.14
C LEU C 269 37.84 -5.47 19.46
N TYR C 270 38.11 -6.50 18.67
CA TYR C 270 37.52 -7.81 18.82
C TYR C 270 38.61 -8.85 19.06
N SER C 271 38.29 -9.85 19.87
CA SER C 271 39.23 -10.91 20.16
C SER C 271 38.47 -12.19 20.47
N SER C 272 39.07 -13.32 20.08
CA SER C 272 38.52 -14.62 20.44
C SER C 272 38.84 -15.02 21.87
N ARG C 273 39.78 -14.32 22.53
CA ARG C 273 40.04 -14.56 23.94
C ARG C 273 38.82 -14.21 24.79
N LYS C 274 38.14 -13.11 24.46
CA LYS C 274 36.90 -12.73 25.13
C LYS C 274 35.81 -13.69 24.71
N GLY C 275 35.39 -14.57 25.61
CA GLY C 275 34.33 -15.50 25.29
C GLY C 275 34.80 -16.82 24.73
N ASP C 276 34.79 -16.95 23.40
CA ASP C 276 35.01 -18.23 22.72
C ASP C 276 36.51 -18.56 22.69
N LEU C 277 37.05 -18.91 23.85
CA LEU C 277 38.38 -19.49 23.89
C LEU C 277 38.34 -20.91 23.33
N TYR C 278 39.48 -21.35 22.80
CA TYR C 278 39.59 -22.58 22.00
C TYR C 278 38.58 -22.57 20.85
N GLY C 279 38.46 -21.41 20.20
CA GLY C 279 37.54 -21.24 19.09
C GLY C 279 38.01 -20.17 18.13
N SER C 280 37.12 -19.73 17.23
CA SER C 280 37.47 -18.73 16.24
C SER C 280 36.59 -17.50 16.27
N ASN C 281 35.45 -17.52 16.96
CA ASN C 281 34.56 -16.38 16.99
C ASN C 281 35.13 -15.32 17.93
N MET C 282 35.18 -14.08 17.46
CA MET C 282 35.71 -12.98 18.25
C MET C 282 34.58 -12.13 18.81
N PHE C 283 34.75 -11.72 20.06
CA PHE C 283 33.78 -10.91 20.78
C PHE C 283 34.41 -9.56 21.11
N LEU C 284 33.58 -8.53 21.17
CA LEU C 284 34.08 -7.19 21.43
C LEU C 284 34.53 -7.06 22.88
N PHE C 285 35.74 -6.54 23.08
CA PHE C 285 36.26 -6.32 24.42
C PHE C 285 36.63 -4.88 24.71
N ALA C 286 36.73 -4.02 23.70
CA ALA C 286 37.11 -2.63 23.92
C ALA C 286 36.57 -1.76 22.80
N THR C 287 36.16 -0.54 23.15
CA THR C 287 35.80 0.49 22.19
C THR C 287 36.63 1.73 22.48
N LEU C 288 37.33 2.22 21.48
CA LEU C 288 38.24 3.32 21.78
C LEU C 288 37.69 4.64 21.26
N PRO C 289 37.89 5.73 21.99
CA PRO C 289 37.43 7.06 21.54
C PRO C 289 38.30 7.66 20.45
N VAL C 290 38.35 6.97 19.31
CA VAL C 290 39.07 7.44 18.13
C VAL C 290 38.00 7.74 17.08
N TYR C 291 37.68 9.02 16.90
CA TYR C 291 36.58 9.41 16.05
C TYR C 291 37.01 9.94 14.69
N ASP C 292 38.24 10.41 14.56
CA ASP C 292 38.79 10.73 13.25
C ASP C 292 38.96 9.45 12.44
N GLY C 293 38.71 9.55 11.14
CA GLY C 293 38.73 8.38 10.29
C GLY C 293 40.14 7.83 10.13
N ILE C 294 40.35 6.58 10.51
CA ILE C 294 41.64 5.92 10.29
C ILE C 294 41.71 5.48 8.85
N LYS C 295 42.72 5.96 8.12
CA LYS C 295 42.87 5.64 6.71
C LYS C 295 44.04 4.72 6.41
N TYR C 296 45.04 4.67 7.28
CA TYR C 296 46.23 3.87 7.04
C TYR C 296 46.63 3.14 8.31
N TYR C 297 47.23 1.97 8.14
CA TYR C 297 47.87 1.26 9.24
C TYR C 297 49.17 0.66 8.75
N THR C 298 50.10 0.47 9.69
CA THR C 298 51.35 -0.22 9.40
C THR C 298 51.62 -1.21 10.53
N VAL C 299 52.41 -2.23 10.22
CA VAL C 299 52.77 -3.26 11.17
C VAL C 299 54.16 -2.95 11.70
N ILE C 300 54.27 -2.73 13.00
CA ILE C 300 55.54 -2.40 13.61
C ILE C 300 56.38 -3.67 13.69
N PRO C 301 57.60 -3.67 13.14
CA PRO C 301 58.47 -4.84 13.29
C PRO C 301 58.86 -5.03 14.75
N ARG C 302 58.99 -6.29 15.15
CA ARG C 302 59.25 -6.64 16.54
C ARG C 302 60.36 -7.69 16.58
N SER C 303 61.58 -7.25 16.89
CA SER C 303 62.67 -8.16 17.12
C SER C 303 62.74 -8.54 18.59
N ILE C 304 63.46 -9.62 18.88
CA ILE C 304 63.68 -10.08 20.24
C ILE C 304 65.18 -10.09 20.48
N ARG C 305 65.63 -9.37 21.50
CA ARG C 305 67.04 -9.31 21.85
C ARG C 305 67.36 -10.51 22.74
N SER C 306 67.54 -11.66 22.10
CA SER C 306 67.84 -12.91 22.77
C SER C 306 69.23 -13.38 22.40
N LYS C 307 69.90 -14.05 23.35
CA LYS C 307 71.24 -14.53 23.12
C LYS C 307 71.24 -15.74 22.19
N TYR C 308 72.44 -16.11 21.73
CA TYR C 308 72.60 -17.28 20.89
C TYR C 308 72.28 -18.57 21.62
N SER C 309 72.47 -18.58 22.95
CA SER C 309 72.21 -19.78 23.73
C SER C 309 70.71 -20.06 23.82
N GLU C 310 69.91 -19.04 24.13
CA GLU C 310 68.46 -19.18 24.25
C GLU C 310 67.83 -18.47 23.06
N ARG C 311 67.48 -19.23 22.04
CA ARG C 311 66.84 -18.73 20.84
C ARG C 311 65.48 -19.41 20.70
N GLN C 312 64.50 -18.66 20.19
CA GLN C 312 63.14 -19.15 20.07
C GLN C 312 62.63 -18.95 18.66
N ALA C 313 61.64 -19.75 18.29
CA ALA C 313 60.95 -19.62 17.01
C ALA C 313 59.57 -19.02 17.24
N TRP C 314 59.25 -17.99 16.46
CA TRP C 314 58.01 -17.24 16.63
C TRP C 314 57.10 -17.46 15.43
N ALA C 315 55.81 -17.60 15.70
CA ALA C 315 54.85 -17.89 14.64
C ALA C 315 54.65 -16.68 13.74
N ALA C 316 54.23 -16.96 12.51
CA ALA C 316 53.87 -15.91 11.57
C ALA C 316 52.38 -15.65 11.66
N PHE C 317 52.00 -14.40 11.86
CA PHE C 317 50.60 -14.01 11.91
C PHE C 317 50.16 -13.47 10.55
N TYR C 318 48.88 -13.65 10.26
CA TYR C 318 48.31 -13.33 8.95
C TYR C 318 47.23 -12.29 9.12
N ILE C 319 47.17 -11.34 8.19
CA ILE C 319 46.22 -10.23 8.24
C ILE C 319 45.33 -10.30 7.03
N TYR C 320 44.02 -10.33 7.25
CA TYR C 320 43.03 -10.39 6.19
C TYR C 320 42.13 -9.17 6.29
N SER C 321 41.91 -8.49 5.17
CA SER C 321 41.07 -7.30 5.17
C SER C 321 39.60 -7.67 5.29
N LEU C 322 38.83 -6.78 5.92
CA LEU C 322 37.40 -6.95 6.07
C LEU C 322 36.67 -6.27 4.92
N HIS C 323 35.61 -6.91 4.45
CA HIS C 323 34.85 -6.40 3.30
C HIS C 323 33.37 -6.35 3.65
N LYS C 324 32.66 -5.44 2.99
CA LYS C 324 31.21 -5.33 3.15
C LYS C 324 30.54 -6.46 2.39
N LEU C 325 30.48 -7.63 3.03
CA LEU C 325 29.91 -8.83 2.43
C LEU C 325 28.74 -9.31 3.26
N THR C 326 28.01 -10.28 2.71
CA THR C 326 26.95 -10.98 3.40
C THR C 326 27.33 -12.44 3.56
N TYR C 327 27.01 -12.99 4.72
CA TYR C 327 27.44 -14.33 5.11
C TYR C 327 26.27 -15.11 5.66
N LEU C 328 26.27 -16.42 5.41
CA LEU C 328 25.31 -17.34 6.02
C LEU C 328 26.01 -18.00 7.20
N LEU C 329 25.69 -17.54 8.40
CA LEU C 329 26.33 -18.01 9.62
C LEU C 329 25.46 -19.09 10.26
N ASP C 330 26.09 -20.19 10.67
CA ASP C 330 25.40 -21.29 11.33
C ASP C 330 25.69 -21.23 12.83
N PHE C 331 24.66 -20.98 13.62
CA PHE C 331 24.79 -20.91 15.07
C PHE C 331 24.43 -22.26 15.67
N SER C 332 25.30 -22.77 16.52
CA SER C 332 25.08 -24.07 17.15
C SER C 332 24.20 -23.88 18.39
N VAL C 333 24.02 -24.95 19.16
CA VAL C 333 23.20 -24.89 20.36
C VAL C 333 23.90 -24.06 21.43
N ASP C 334 25.22 -24.18 21.55
CA ASP C 334 25.95 -23.35 22.50
C ASP C 334 26.12 -21.92 22.03
N GLY C 335 25.72 -21.60 20.79
CA GLY C 335 25.68 -20.25 20.30
C GLY C 335 26.84 -19.87 19.40
N TYR C 336 27.93 -20.61 19.41
CA TYR C 336 29.09 -20.26 18.63
C TYR C 336 28.92 -20.70 17.18
N ILE C 337 29.62 -20.02 16.29
CA ILE C 337 29.54 -20.30 14.86
C ILE C 337 30.69 -21.22 14.49
N ARG C 338 30.36 -22.39 13.92
CA ARG C 338 31.37 -23.35 13.49
C ARG C 338 31.55 -23.42 11.98
N ARG C 339 30.50 -23.15 11.20
CA ARG C 339 30.61 -23.17 9.75
C ARG C 339 29.83 -21.99 9.17
N ALA C 340 30.26 -21.55 7.99
CA ALA C 340 29.67 -20.38 7.36
C ALA C 340 29.86 -20.47 5.85
N VAL C 341 29.11 -19.65 5.13
CA VAL C 341 29.18 -19.58 3.67
C VAL C 341 29.41 -18.13 3.26
N ASP C 342 30.49 -17.89 2.52
CA ASP C 342 30.67 -16.61 1.84
C ASP C 342 29.77 -16.59 0.63
N CYS C 343 28.89 -15.58 0.56
CA CYS C 343 27.84 -15.56 -0.45
C CYS C 343 28.40 -15.34 -1.85
N GLY C 344 29.35 -14.42 -2.00
CA GLY C 344 29.87 -14.05 -3.29
C GLY C 344 31.05 -14.87 -3.77
N HIS C 345 31.37 -15.99 -3.11
CA HIS C 345 32.51 -16.79 -3.54
C HIS C 345 32.25 -17.48 -4.87
N ASP C 346 31.10 -18.12 -5.00
CA ASP C 346 30.76 -18.85 -6.21
C ASP C 346 29.26 -19.06 -6.26
N ASP C 347 28.81 -19.75 -7.30
CA ASP C 347 27.47 -20.29 -7.33
C ASP C 347 27.35 -21.43 -6.32
N LEU C 348 26.11 -21.71 -5.93
CA LEU C 348 25.68 -22.63 -4.86
C LEU C 348 25.96 -22.06 -3.48
N SER C 349 26.72 -20.96 -3.42
CA SER C 349 26.82 -20.16 -2.22
C SER C 349 25.71 -19.12 -2.16
N GLN C 350 25.41 -18.51 -3.31
CA GLN C 350 24.21 -17.68 -3.43
C GLN C 350 22.95 -18.50 -3.22
N LEU C 351 22.96 -19.77 -3.66
CA LEU C 351 21.84 -20.65 -3.40
C LEU C 351 21.68 -20.94 -1.91
N TYR C 352 22.80 -21.14 -1.22
CA TYR C 352 22.75 -21.35 0.23
C TYR C 352 22.26 -20.10 0.95
N CYS C 353 22.65 -18.92 0.46
CA CYS C 353 22.13 -17.67 1.02
C CYS C 353 20.64 -17.55 0.81
N SER C 354 20.17 -17.80 -0.42
CA SER C 354 18.78 -17.60 -0.77
C SER C 354 17.87 -18.57 -0.04
N TYR C 355 18.29 -19.82 0.10
CA TYR C 355 17.49 -20.77 0.86
C TYR C 355 17.75 -20.68 2.36
N GLU C 356 18.78 -19.92 2.77
CA GLU C 356 19.13 -19.69 4.18
C GLU C 356 19.35 -21.00 4.93
N SER C 357 19.94 -21.98 4.25
CA SER C 357 20.14 -23.28 4.85
C SER C 357 21.30 -23.99 4.17
N PHE C 358 22.04 -24.77 4.94
CA PHE C 358 23.11 -25.61 4.41
C PHE C 358 22.57 -26.87 3.74
N ASP C 359 21.32 -27.23 4.00
CA ASP C 359 20.69 -28.41 3.42
C ASP C 359 19.67 -27.94 2.38
N VAL C 360 20.07 -27.99 1.12
CA VAL C 360 19.19 -27.69 0.00
C VAL C 360 19.10 -28.95 -0.86
N GLY C 361 17.90 -29.27 -1.30
CA GLY C 361 17.70 -30.46 -2.11
C GLY C 361 18.24 -30.28 -3.52
N SER C 362 18.29 -31.39 -4.24
CA SER C 362 18.78 -31.37 -5.61
C SER C 362 17.76 -30.70 -6.53
N GLY C 363 18.26 -30.13 -7.60
CA GLY C 363 17.40 -29.48 -8.58
C GLY C 363 18.16 -28.37 -9.28
N VAL C 364 17.45 -27.73 -10.21
CA VAL C 364 17.98 -26.62 -10.98
C VAL C 364 17.37 -25.34 -10.43
N TYR C 365 18.20 -24.52 -9.79
CA TYR C 365 17.75 -23.32 -9.11
C TYR C 365 18.24 -22.09 -9.85
N SER C 366 17.34 -21.14 -10.08
CA SER C 366 17.71 -19.85 -10.65
C SER C 366 18.12 -18.92 -9.52
N VAL C 367 19.36 -18.45 -9.57
CA VAL C 367 19.92 -17.61 -8.52
C VAL C 367 20.11 -16.20 -9.05
N SER C 368 20.52 -15.31 -8.16
CA SER C 368 20.61 -13.88 -8.48
C SER C 368 21.70 -13.60 -9.50
N SER C 369 21.49 -12.55 -10.29
CA SER C 369 22.39 -12.19 -11.37
C SER C 369 23.58 -11.39 -10.83
N PHE C 370 24.34 -10.80 -11.75
CA PHE C 370 25.58 -10.11 -11.42
C PHE C 370 25.41 -8.60 -11.52
N GLU C 371 26.16 -7.89 -10.68
CA GLU C 371 26.16 -6.43 -10.70
C GLU C 371 26.79 -5.92 -11.99
N VAL C 372 26.17 -4.91 -12.59
CA VAL C 372 26.62 -4.33 -13.84
C VAL C 372 27.23 -2.97 -13.53
N HIS C 373 28.53 -2.85 -13.76
CA HIS C 373 29.25 -1.60 -13.53
C HIS C 373 29.53 -0.91 -14.86
N SER C 374 29.72 0.41 -14.78
CA SER C 374 29.94 1.20 -15.99
C SER C 374 31.32 0.93 -16.55
N ARG C 375 31.38 0.62 -17.85
CA ARG C 375 32.64 0.39 -18.53
C ARG C 375 33.18 1.64 -19.20
N GLY C 376 32.53 2.78 -19.00
CA GLY C 376 32.99 4.02 -19.61
C GLY C 376 32.00 5.13 -19.34
N GLN C 377 32.22 6.25 -20.02
CA GLN C 377 31.33 7.41 -19.92
C GLN C 377 31.04 7.95 -21.30
N PHE C 378 29.83 8.48 -21.47
CA PHE C 378 29.40 9.13 -22.70
C PHE C 378 28.85 10.50 -22.33
N ILE C 379 29.71 11.50 -22.26
CA ILE C 379 29.33 12.85 -21.90
C ILE C 379 29.31 13.70 -23.16
N GLU C 380 28.19 14.36 -23.42
CA GLU C 380 28.03 15.25 -24.57
C GLU C 380 27.30 16.49 -24.09
N GLN C 381 28.04 17.59 -23.93
CA GLN C 381 27.47 18.86 -23.52
C GLN C 381 27.95 19.96 -24.44
N PRO C 382 27.14 20.99 -24.67
CA PRO C 382 27.54 22.08 -25.55
C PRO C 382 28.21 23.22 -24.79
N ASN C 383 28.79 24.14 -25.56
CA ASN C 383 29.37 25.37 -25.00
C ASN C 383 28.25 26.39 -24.86
N SER C 384 27.48 26.23 -23.79
CA SER C 384 26.33 27.08 -23.55
C SER C 384 26.75 28.42 -22.93
N VAL C 385 25.90 29.42 -23.12
CA VAL C 385 26.16 30.77 -22.65
C VAL C 385 25.83 30.87 -21.16
N GLU C 386 26.26 31.95 -20.53
CA GLU C 386 25.95 32.19 -19.13
C GLU C 386 24.53 32.72 -18.98
N CYS C 387 23.83 32.25 -17.95
CA CYS C 387 22.51 32.74 -17.66
C CYS C 387 22.58 34.17 -17.13
N ASP C 388 21.61 34.99 -17.53
CA ASP C 388 21.60 36.41 -17.19
C ASP C 388 20.93 36.60 -15.84
N PHE C 389 21.74 36.81 -14.80
CA PHE C 389 21.27 37.10 -13.46
C PHE C 389 21.42 38.57 -13.09
N THR C 390 21.64 39.43 -14.09
CA THR C 390 21.91 40.84 -13.80
C THR C 390 20.66 41.58 -13.35
N LYS C 391 19.47 41.13 -13.74
CA LYS C 391 18.25 41.79 -13.32
C LYS C 391 18.01 41.60 -11.83
N LEU C 392 18.28 40.41 -11.31
CA LEU C 392 18.16 40.18 -9.87
C LEU C 392 19.29 40.86 -9.11
N LEU C 393 20.53 40.72 -9.60
CA LEU C 393 21.69 41.17 -8.85
C LEU C 393 21.88 42.68 -8.89
N SER C 394 21.22 43.38 -9.81
CA SER C 394 21.35 44.82 -9.92
C SER C 394 19.97 45.46 -9.90
N GLY C 395 19.84 46.56 -9.16
CA GLY C 395 18.60 47.30 -9.07
C GLY C 395 17.78 46.91 -7.86
N THR C 396 16.74 47.69 -7.63
CA THR C 396 15.85 47.47 -6.49
C THR C 396 14.91 46.31 -6.77
N PRO C 397 14.82 45.33 -5.88
CA PRO C 397 13.83 44.27 -6.05
C PRO C 397 12.42 44.81 -5.85
N PRO C 398 11.42 44.20 -6.48
CA PRO C 398 10.05 44.71 -6.33
C PRO C 398 9.34 44.14 -5.11
N GLN C 399 8.08 44.51 -4.93
CA GLN C 399 7.28 43.99 -3.83
C GLN C 399 6.72 42.62 -4.20
N VAL C 400 6.04 41.99 -3.23
CA VAL C 400 5.59 40.61 -3.37
C VAL C 400 4.48 40.51 -4.42
N TYR C 401 3.58 41.48 -4.46
CA TYR C 401 2.48 41.46 -5.42
C TYR C 401 2.92 41.82 -6.82
N ASN C 402 4.09 42.44 -6.98
CA ASN C 402 4.59 42.84 -8.28
C ASN C 402 5.91 42.13 -8.55
N PHE C 403 5.93 40.82 -8.31
CA PHE C 403 7.16 40.04 -8.35
C PHE C 403 7.72 39.95 -9.78
N ASN C 404 9.02 39.79 -9.87
CA ASN C 404 9.72 39.61 -11.13
C ASN C 404 9.96 38.13 -11.39
N ARG C 405 9.81 37.73 -12.64
CA ARG C 405 9.96 36.34 -13.06
C ARG C 405 11.18 36.22 -13.97
N LEU C 406 12.08 35.30 -13.64
CA LEU C 406 13.24 34.99 -14.47
C LEU C 406 13.14 33.54 -14.93
N VAL C 407 13.27 33.32 -16.23
CA VAL C 407 13.19 32.00 -16.83
C VAL C 407 14.49 31.71 -17.56
N PHE C 408 15.14 30.60 -17.21
CA PHE C 408 16.43 30.23 -17.76
C PHE C 408 16.29 28.94 -18.55
N THR C 409 16.73 28.97 -19.81
CA THR C 409 16.74 27.80 -20.69
C THR C 409 18.00 27.86 -21.53
N ASN C 410 18.66 26.71 -21.69
CA ASN C 410 19.85 26.53 -22.52
C ASN C 410 20.97 27.47 -22.09
N CYS C 411 21.36 27.35 -20.81
CA CYS C 411 22.42 28.19 -20.28
C CYS C 411 23.04 27.51 -19.07
N ASN C 412 24.26 27.94 -18.74
CA ASN C 412 24.99 27.46 -17.58
C ASN C 412 25.19 28.60 -16.60
N TYR C 413 24.92 28.37 -15.33
CA TYR C 413 25.07 29.40 -14.31
C TYR C 413 25.94 28.89 -13.18
N ASN C 414 26.54 29.84 -12.46
CA ASN C 414 27.38 29.55 -11.31
C ASN C 414 26.52 29.65 -10.05
N LEU C 415 26.23 28.51 -9.45
CA LEU C 415 25.37 28.50 -8.27
C LEU C 415 26.15 28.82 -6.99
N THR C 416 27.45 28.54 -6.97
CA THR C 416 28.26 28.82 -5.79
C THR C 416 28.33 30.32 -5.51
N LYS C 417 28.46 31.12 -6.57
CA LYS C 417 28.52 32.57 -6.40
C LYS C 417 27.20 33.13 -5.87
N LEU C 418 26.08 32.68 -6.43
CA LEU C 418 24.77 33.14 -5.97
C LEU C 418 24.47 32.68 -4.55
N LEU C 419 24.90 31.47 -4.20
CA LEU C 419 24.70 30.99 -2.83
C LEU C 419 25.58 31.73 -1.85
N SER C 420 26.80 32.10 -2.25
CA SER C 420 27.67 32.85 -1.36
C SER C 420 27.24 34.30 -1.22
N LEU C 421 26.52 34.84 -2.20
CA LEU C 421 26.08 36.23 -2.10
C LEU C 421 24.99 36.41 -1.06
N PHE C 422 24.02 35.48 -1.01
CA PHE C 422 22.83 35.64 -0.18
C PHE C 422 22.96 34.86 1.13
N MET C 423 22.52 35.49 2.21
CA MET C 423 22.44 34.84 3.53
C MET C 423 21.06 34.20 3.64
N VAL C 424 21.02 32.87 3.71
CA VAL C 424 19.81 32.11 3.46
C VAL C 424 19.16 31.71 4.79
N ASN C 425 17.91 32.10 4.97
CA ASN C 425 17.06 31.63 6.06
C ASN C 425 16.46 30.29 5.71
N GLU C 426 15.40 29.86 6.40
CA GLU C 426 14.82 28.55 6.12
C GLU C 426 14.27 28.49 4.70
N PHE C 427 14.38 27.30 4.10
CA PHE C 427 14.06 27.08 2.69
C PHE C 427 13.15 25.87 2.51
N SER C 428 12.35 25.55 3.53
CA SER C 428 11.61 24.29 3.58
C SER C 428 10.65 24.16 2.41
N CYS C 429 10.71 23.02 1.73
CA CYS C 429 9.97 22.81 0.49
C CYS C 429 9.90 21.31 0.21
N ASP C 430 9.39 20.96 -0.98
CA ASP C 430 9.14 19.57 -1.31
C ASP C 430 9.20 19.37 -2.81
N GLY C 431 9.38 18.12 -3.21
CA GLY C 431 9.52 17.73 -4.61
C GLY C 431 10.96 17.68 -5.07
N ILE C 432 11.76 18.65 -4.65
CA ILE C 432 13.17 18.75 -5.02
C ILE C 432 13.95 19.12 -3.78
N SER C 433 15.27 18.93 -3.84
CA SER C 433 16.16 19.45 -2.81
C SER C 433 17.16 20.40 -3.45
N PRO C 434 17.63 21.41 -2.70
CA PRO C 434 18.64 22.33 -3.26
C PRO C 434 19.94 21.66 -3.68
N ASP C 435 20.35 20.60 -2.98
CA ASP C 435 21.55 19.86 -3.40
C ASP C 435 21.34 19.17 -4.73
N ALA C 436 20.12 18.69 -4.99
CA ALA C 436 19.81 18.09 -6.29
C ALA C 436 19.86 19.12 -7.41
N ILE C 437 19.43 20.35 -7.11
CA ILE C 437 19.57 21.44 -8.07
C ILE C 437 21.05 21.77 -8.28
N ALA C 438 21.84 21.74 -7.22
CA ALA C 438 23.25 22.08 -7.31
C ALA C 438 24.07 21.01 -8.01
N ARG C 439 23.60 19.76 -8.05
CA ARG C 439 24.36 18.67 -8.64
C ARG C 439 23.78 18.10 -9.92
N GLY C 440 22.59 18.54 -10.34
CA GLY C 440 21.95 17.97 -11.50
C GLY C 440 21.48 19.05 -12.47
N CYS C 441 21.18 18.61 -13.68
CA CYS C 441 20.73 19.48 -14.75
C CYS C 441 19.25 19.25 -15.02
N TYR C 442 18.56 20.31 -15.43
CA TYR C 442 17.12 20.30 -15.62
C TYR C 442 16.79 21.08 -16.89
N SER C 443 15.55 20.90 -17.36
CA SER C 443 15.16 21.46 -18.65
C SER C 443 14.96 22.98 -18.57
N SER C 444 14.43 23.47 -17.46
CA SER C 444 14.23 24.90 -17.29
C SER C 444 14.27 25.24 -15.81
N LEU C 445 14.50 26.52 -15.53
CA LEU C 445 14.55 27.03 -14.16
C LEU C 445 13.81 28.35 -14.13
N THR C 446 12.78 28.44 -13.28
CA THR C 446 11.96 29.63 -13.16
C THR C 446 12.09 30.18 -11.75
N VAL C 447 12.46 31.45 -11.63
CA VAL C 447 12.69 32.11 -10.34
C VAL C 447 11.76 33.30 -10.22
N ASP C 448 11.01 33.37 -9.12
CA ASP C 448 10.27 34.56 -8.74
C ASP C 448 10.91 35.16 -7.49
N TYR C 449 11.28 36.43 -7.56
CA TYR C 449 11.92 37.12 -6.45
C TYR C 449 11.23 38.44 -6.19
N PHE C 450 11.26 38.87 -4.93
CA PHE C 450 10.56 40.05 -4.46
C PHE C 450 11.09 40.41 -3.08
N ALA C 451 11.06 41.70 -2.76
CA ALA C 451 11.45 42.13 -1.42
C ALA C 451 10.40 41.68 -0.42
N TYR C 452 10.84 41.00 0.63
CA TYR C 452 9.92 40.39 1.57
C TYR C 452 10.50 40.29 2.97
N PRO C 453 9.83 40.83 3.98
CA PRO C 453 10.35 40.73 5.35
C PRO C 453 10.26 39.31 5.89
N LEU C 454 11.18 38.98 6.79
CA LEU C 454 11.19 37.66 7.40
C LEU C 454 10.16 37.51 8.50
N SER C 455 9.54 38.60 8.95
CA SER C 455 8.48 38.49 9.94
C SER C 455 7.19 37.96 9.33
N MET C 456 6.91 38.29 8.06
CA MET C 456 5.75 37.80 7.35
C MET C 456 6.01 36.48 6.64
N LYS C 457 6.98 35.70 7.11
CA LYS C 457 7.40 34.48 6.42
C LYS C 457 6.32 33.40 6.49
N SER C 458 5.59 33.32 7.61
CA SER C 458 4.57 32.30 7.78
C SER C 458 3.32 32.55 6.94
N TYR C 459 3.18 33.73 6.33
CA TYR C 459 2.08 33.97 5.42
C TYR C 459 2.32 33.38 4.04
N MET C 460 3.50 32.83 3.80
CA MET C 460 3.84 32.19 2.54
C MET C 460 3.72 30.68 2.60
N GLN C 461 3.34 30.12 3.75
CA GLN C 461 3.10 28.70 3.86
C GLN C 461 1.86 28.31 3.07
N PRO C 462 1.83 27.09 2.50
CA PRO C 462 0.77 26.76 1.53
C PRO C 462 -0.65 26.73 2.09
N GLY C 463 -0.84 26.56 3.38
CA GLY C 463 -2.17 26.54 3.96
C GLY C 463 -2.64 27.86 4.55
N SER C 464 -1.93 28.95 4.30
CA SER C 464 -2.22 30.22 4.97
C SER C 464 -3.56 30.81 4.53
N ALA C 465 -4.19 31.53 5.45
CA ALA C 465 -5.44 32.23 5.19
C ALA C 465 -5.27 33.74 5.22
N GLY C 466 -4.03 34.23 5.20
CA GLY C 466 -3.77 35.65 5.25
C GLY C 466 -3.93 36.31 3.89
N VAL C 467 -3.62 37.60 3.85
CA VAL C 467 -3.81 38.38 2.63
C VAL C 467 -2.70 38.15 1.62
N ILE C 468 -1.55 37.63 2.04
CA ILE C 468 -0.45 37.39 1.11
C ILE C 468 -0.79 36.26 0.15
N SER C 469 -1.39 35.18 0.66
CA SER C 469 -1.76 34.07 -0.20
C SER C 469 -3.00 34.37 -1.04
N GLN C 470 -3.75 35.41 -0.69
CA GLN C 470 -4.99 35.74 -1.40
C GLN C 470 -4.79 36.80 -2.48
N TYR C 471 -4.01 37.85 -2.21
CA TYR C 471 -3.90 38.96 -3.14
C TYR C 471 -2.48 39.24 -3.61
N ASN C 472 -1.47 38.60 -3.05
CA ASN C 472 -0.09 38.95 -3.37
C ASN C 472 0.66 37.85 -4.12
N TYR C 473 0.75 36.65 -3.55
CA TYR C 473 1.44 35.55 -4.22
C TYR C 473 0.98 34.23 -3.63
N LYS C 474 0.56 33.31 -4.50
CA LYS C 474 0.26 31.95 -4.12
C LYS C 474 1.21 31.02 -4.84
N GLN C 475 1.90 30.17 -4.08
CA GLN C 475 2.87 29.26 -4.67
C GLN C 475 2.16 28.13 -5.40
N SER C 476 2.70 27.76 -6.55
CA SER C 476 2.16 26.68 -7.37
C SER C 476 2.98 25.42 -7.17
N PHE C 477 2.29 24.27 -7.11
CA PHE C 477 2.92 22.99 -6.84
C PHE C 477 2.79 22.03 -8.03
N ALA C 478 2.62 22.58 -9.22
CA ALA C 478 2.55 21.74 -10.41
C ALA C 478 3.90 21.19 -10.84
N ASN C 479 4.98 21.81 -10.40
CA ASN C 479 6.35 21.41 -10.69
C ASN C 479 7.11 21.29 -9.39
N PRO C 480 8.21 20.54 -9.36
CA PRO C 480 9.09 20.55 -8.18
C PRO C 480 9.61 21.95 -7.90
N THR C 481 9.19 22.51 -6.77
CA THR C 481 9.40 23.91 -6.45
C THR C 481 10.04 24.05 -5.08
N CYS C 482 10.64 25.22 -4.84
CA CYS C 482 11.21 25.51 -3.54
C CYS C 482 11.11 27.00 -3.27
N ARG C 483 10.74 27.35 -2.03
CA ARG C 483 10.64 28.73 -1.59
C ARG C 483 11.81 29.03 -0.66
N ILE C 484 12.60 30.05 -1.01
CA ILE C 484 13.80 30.42 -0.27
C ILE C 484 13.64 31.85 0.24
N PHE C 485 13.81 32.03 1.54
CA PHE C 485 13.85 33.36 2.14
C PHE C 485 15.29 33.68 2.48
N ALA C 486 15.79 34.81 1.97
CA ALA C 486 17.21 35.11 2.05
C ALA C 486 17.41 36.57 2.40
N THR C 487 18.66 36.92 2.66
CA THR C 487 19.08 38.29 2.94
C THR C 487 19.99 38.76 1.82
N ALA C 488 19.69 39.93 1.26
CA ALA C 488 20.46 40.46 0.14
C ALA C 488 21.86 40.87 0.59
N PRO C 489 22.83 40.87 -0.31
CA PRO C 489 24.17 41.35 0.04
C PRO C 489 24.14 42.83 0.45
N ALA C 490 24.96 43.17 1.43
CA ALA C 490 24.93 44.49 2.04
C ALA C 490 25.80 45.44 1.24
N ASN C 491 25.17 46.52 0.74
CA ASN C 491 25.79 47.65 0.03
C ASN C 491 26.82 47.22 -1.01
N LEU C 492 26.42 46.28 -1.87
CA LEU C 492 27.28 45.86 -2.96
C LEU C 492 26.72 46.26 -4.33
N THR C 493 25.54 45.75 -4.71
CA THR C 493 24.85 46.26 -5.89
C THR C 493 23.35 46.42 -5.69
N ILE C 494 22.70 45.61 -4.87
CA ILE C 494 21.26 45.64 -4.70
C ILE C 494 20.89 46.77 -3.74
N THR C 495 19.93 47.59 -4.15
CA THR C 495 19.48 48.73 -3.36
C THR C 495 18.16 48.43 -2.68
N LYS C 496 18.05 48.83 -1.42
CA LYS C 496 16.83 48.58 -0.66
C LYS C 496 15.70 49.49 -1.14
N PRO C 497 14.47 49.00 -1.12
CA PRO C 497 13.30 49.86 -1.41
C PRO C 497 13.00 50.75 -0.21
N SER C 498 11.96 51.56 -0.36
CA SER C 498 11.58 52.48 0.71
C SER C 498 10.98 51.73 1.90
N SER C 499 10.12 50.75 1.63
CA SER C 499 9.47 49.97 2.69
C SER C 499 9.00 48.66 2.09
N TYR C 500 8.35 47.84 2.92
CA TYR C 500 7.70 46.63 2.48
C TYR C 500 6.20 46.89 2.39
N SER C 501 5.62 46.63 1.22
CA SER C 501 4.20 46.86 1.01
C SER C 501 3.57 45.63 0.38
N PHE C 502 2.29 45.42 0.70
CA PHE C 502 1.54 44.31 0.15
C PHE C 502 0.07 44.70 0.08
N ILE C 503 -0.67 43.98 -0.75
CA ILE C 503 -2.10 44.22 -0.91
C ILE C 503 -2.84 43.48 0.20
N SER C 504 -3.61 44.22 0.99
CA SER C 504 -4.39 43.64 2.07
C SER C 504 -5.87 43.51 1.73
N LYS C 505 -6.32 44.06 0.61
CA LYS C 505 -7.71 43.97 0.21
C LYS C 505 -7.81 44.18 -1.29
N CYS C 506 -8.62 43.34 -1.95
CA CYS C 506 -8.85 43.47 -3.39
C CYS C 506 -10.21 42.84 -3.67
N SER C 507 -11.23 43.68 -3.86
CA SER C 507 -12.59 43.19 -4.01
C SER C 507 -13.31 44.00 -5.07
N ARG C 508 -14.41 43.43 -5.57
CA ARG C 508 -15.26 44.06 -6.57
C ARG C 508 -16.56 44.51 -5.92
N LEU C 509 -16.94 45.75 -6.16
CA LEU C 509 -18.19 46.31 -5.64
C LEU C 509 -19.20 46.27 -6.78
N THR C 510 -19.88 45.15 -6.93
CA THR C 510 -20.76 44.91 -8.06
C THR C 510 -22.21 45.30 -7.79
N GLY C 511 -22.52 45.76 -6.58
CA GLY C 511 -23.89 46.15 -6.28
C GLY C 511 -24.29 47.45 -6.94
N ASP C 512 -25.60 47.65 -7.06
CA ASP C 512 -26.12 48.91 -7.58
C ASP C 512 -25.82 50.06 -6.64
N ASN C 513 -25.91 49.83 -5.34
CA ASN C 513 -25.49 50.79 -4.33
C ASN C 513 -24.08 50.50 -3.83
N SER C 514 -23.37 49.58 -4.49
CA SER C 514 -22.03 49.12 -4.10
C SER C 514 -22.03 48.57 -2.67
N HIS C 515 -23.11 47.89 -2.31
CA HIS C 515 -23.25 47.28 -0.99
C HIS C 515 -22.83 45.82 -0.96
N ILE C 516 -22.43 45.26 -2.10
CA ILE C 516 -22.00 43.87 -2.19
C ILE C 516 -20.51 43.84 -2.50
N GLU C 517 -19.75 43.16 -1.65
CA GLU C 517 -18.31 43.07 -1.78
C GLU C 517 -17.93 41.62 -2.07
N THR C 518 -17.21 41.41 -3.16
CA THR C 518 -16.75 40.08 -3.55
C THR C 518 -15.24 40.11 -3.73
N PRO C 519 -14.47 39.44 -2.86
CA PRO C 519 -13.01 39.47 -3.00
C PRO C 519 -12.54 38.73 -4.24
N ILE C 520 -11.46 39.24 -4.82
CA ILE C 520 -10.85 38.68 -6.02
C ILE C 520 -9.53 38.07 -5.62
N VAL C 521 -9.51 36.76 -5.41
CA VAL C 521 -8.29 36.06 -5.04
C VAL C 521 -7.54 35.65 -6.30
N ILE C 522 -6.26 35.35 -6.14
CA ILE C 522 -5.39 35.06 -7.27
C ILE C 522 -5.14 33.57 -7.35
N ASN C 523 -4.86 33.10 -8.57
CA ASN C 523 -4.48 31.73 -8.82
C ASN C 523 -3.02 31.53 -8.47
N PRO C 524 -2.60 30.28 -8.23
CA PRO C 524 -1.17 30.02 -7.95
C PRO C 524 -0.27 30.41 -9.10
N GLY C 525 0.69 31.28 -8.81
CA GLY C 525 1.67 31.70 -9.79
C GLY C 525 1.26 32.85 -10.69
N GLU C 526 0.13 33.50 -10.41
CA GLU C 526 -0.35 34.60 -11.22
C GLU C 526 -0.30 35.91 -10.46
N TYR C 527 -0.39 37.00 -11.22
CA TYR C 527 -0.40 38.34 -10.67
C TYR C 527 -1.80 38.73 -10.21
N SER C 528 -1.88 39.83 -9.48
CA SER C 528 -3.14 40.36 -8.99
C SER C 528 -3.65 41.45 -9.92
N ILE C 529 -4.96 41.66 -9.87
CA ILE C 529 -5.56 42.78 -10.61
C ILE C 529 -5.42 44.09 -9.86
N CYS C 530 -5.07 44.05 -8.57
CA CYS C 530 -4.92 45.24 -7.75
C CYS C 530 -3.48 45.74 -7.70
N LYS C 531 -2.56 45.12 -8.43
CA LYS C 531 -1.19 45.58 -8.44
C LYS C 531 -0.99 46.83 -9.29
N ASN C 532 -1.98 47.20 -10.10
CA ASN C 532 -1.88 48.38 -10.93
C ASN C 532 -2.18 49.66 -10.17
N PHE C 533 -2.67 49.56 -8.93
CA PHE C 533 -2.91 50.75 -8.13
C PHE C 533 -1.60 51.40 -7.71
N ALA C 534 -0.66 50.60 -7.21
CA ALA C 534 0.67 51.08 -6.84
C ALA C 534 1.68 50.04 -7.24
N PRO C 535 2.12 50.06 -8.51
CA PRO C 535 3.07 49.04 -8.98
C PRO C 535 4.46 49.17 -8.38
N ASN C 536 4.85 50.35 -7.91
CA ASN C 536 6.17 50.55 -7.33
C ASN C 536 6.17 50.49 -5.81
N GLY C 537 5.02 50.21 -5.19
CA GLY C 537 4.94 50.15 -3.75
C GLY C 537 3.97 51.16 -3.18
N PHE C 538 3.15 50.73 -2.21
CA PHE C 538 2.25 51.64 -1.53
C PHE C 538 3.05 52.60 -0.65
N SER C 539 2.61 53.86 -0.65
CA SER C 539 3.36 54.89 0.08
C SER C 539 3.01 54.92 1.56
N GLN C 540 1.73 54.80 1.89
CA GLN C 540 1.25 54.87 3.25
C GLN C 540 0.47 53.61 3.61
N ASP C 541 0.43 53.32 4.90
CA ASP C 541 -0.36 52.19 5.39
C ASP C 541 -1.84 52.48 5.23
N GLY C 542 -2.58 51.47 4.78
CA GLY C 542 -4.01 51.61 4.55
C GLY C 542 -4.37 52.57 3.43
N ASP C 543 -3.63 52.52 2.32
CA ASP C 543 -3.91 53.40 1.20
C ASP C 543 -5.10 52.85 0.42
N TYR C 544 -6.16 53.64 0.33
CA TYR C 544 -7.41 53.19 -0.27
C TYR C 544 -7.46 53.62 -1.74
N PHE C 545 -7.75 52.66 -2.62
CA PHE C 545 -7.79 52.90 -4.05
C PHE C 545 -9.13 52.43 -4.60
N THR C 546 -9.56 53.06 -5.69
CA THR C 546 -10.84 52.78 -6.33
C THR C 546 -10.69 52.91 -7.84
N ARG C 547 -11.26 51.96 -8.58
CA ARG C 547 -11.23 52.00 -10.03
C ARG C 547 -12.54 51.47 -10.58
N GLN C 548 -12.97 52.04 -11.70
CA GLN C 548 -14.18 51.60 -12.40
C GLN C 548 -13.78 50.57 -13.44
N LEU C 549 -14.22 49.32 -13.23
CA LEU C 549 -13.89 48.25 -14.15
C LEU C 549 -14.72 48.37 -15.43
N SER C 550 -14.19 47.80 -16.51
CA SER C 550 -14.88 47.83 -17.79
C SER C 550 -16.10 46.91 -17.75
N GLN C 551 -16.99 47.11 -18.73
CA GLN C 551 -18.21 46.31 -18.78
C GLN C 551 -17.90 44.86 -19.16
N LEU C 552 -16.96 44.66 -20.08
CA LEU C 552 -16.60 43.30 -20.48
C LEU C 552 -15.63 42.64 -19.51
N GLU C 553 -15.06 43.40 -18.57
CA GLU C 553 -14.15 42.86 -17.57
C GLU C 553 -14.87 42.46 -16.28
N GLY C 554 -16.16 42.14 -16.38
CA GLY C 554 -16.95 41.74 -15.22
C GLY C 554 -17.77 42.86 -14.61
N GLY C 555 -17.51 44.11 -14.97
CA GLY C 555 -18.25 45.21 -14.40
C GLY C 555 -17.84 45.48 -12.96
N GLY C 556 -18.67 46.29 -12.30
CA GLY C 556 -18.44 46.61 -10.91
C GLY C 556 -17.34 47.64 -10.71
N ILE C 557 -17.02 47.85 -9.44
CA ILE C 557 -16.01 48.82 -9.03
C ILE C 557 -14.90 48.07 -8.31
N LEU C 558 -13.66 48.27 -8.75
CA LEU C 558 -12.50 47.62 -8.16
C LEU C 558 -11.92 48.51 -7.07
N VAL C 559 -11.90 47.98 -5.84
CA VAL C 559 -11.34 48.70 -4.70
C VAL C 559 -10.19 47.89 -4.12
N GLY C 560 -9.10 48.57 -3.78
CA GLY C 560 -7.92 47.90 -3.27
C GLY C 560 -7.20 48.67 -2.18
N VAL C 561 -6.86 48.00 -1.10
CA VAL C 561 -6.16 48.61 0.04
C VAL C 561 -4.80 47.95 0.18
N GLY C 562 -3.79 48.75 0.48
CA GLY C 562 -2.43 48.25 0.64
C GLY C 562 -1.90 48.59 2.03
N SER C 563 -1.14 47.66 2.60
CA SER C 563 -0.53 47.82 3.90
C SER C 563 0.98 47.96 3.75
N VAL C 564 1.59 48.75 4.64
CA VAL C 564 3.01 49.10 4.54
C VAL C 564 3.70 48.70 5.84
N THR C 565 4.80 47.93 5.71
CA THR C 565 5.72 47.48 6.74
C THR C 565 7.05 48.22 6.60
N PRO C 566 7.61 48.73 7.69
CA PRO C 566 8.89 49.45 7.60
C PRO C 566 10.04 48.56 7.17
N MET C 567 11.00 49.16 6.48
CA MET C 567 12.18 48.44 6.02
C MET C 567 13.11 48.13 7.19
N THR C 568 13.68 46.92 7.17
CA THR C 568 14.60 46.50 8.22
C THR C 568 15.99 47.09 7.96
N ASP C 569 16.94 46.73 8.83
CA ASP C 569 18.30 47.23 8.71
C ASP C 569 18.97 46.72 7.43
N THR C 570 18.75 45.45 7.09
CA THR C 570 19.27 44.87 5.87
C THR C 570 18.10 44.40 5.01
N LEU C 571 18.34 44.31 3.71
CA LEU C 571 17.29 43.93 2.77
C LEU C 571 17.05 42.43 2.84
N GLN C 572 15.80 42.05 3.08
CA GLN C 572 15.38 40.66 3.09
C GLN C 572 14.43 40.43 1.91
N MET C 573 14.62 39.33 1.21
CA MET C 573 13.83 39.04 0.02
C MET C 573 13.53 37.55 -0.03
N GLY C 574 12.46 37.21 -0.73
CA GLY C 574 12.00 35.83 -0.88
C GLY C 574 12.14 35.37 -2.31
N PHE C 575 12.51 34.10 -2.47
CA PHE C 575 12.71 33.48 -3.78
C PHE C 575 11.81 32.28 -3.91
N ILE C 576 11.08 32.20 -5.02
CA ILE C 576 10.22 31.07 -5.34
C ILE C 576 10.75 30.46 -6.62
N ILE C 577 11.49 29.37 -6.51
CA ILE C 577 12.07 28.72 -7.67
C ILE C 577 11.31 27.44 -7.97
N SER C 578 11.40 27.01 -9.23
CA SER C 578 10.82 25.75 -9.67
C SER C 578 11.61 25.25 -10.87
N VAL C 579 11.62 23.93 -11.04
CA VAL C 579 12.37 23.30 -12.10
C VAL C 579 11.44 22.42 -12.92
N GLN C 580 11.86 22.14 -14.15
CA GLN C 580 11.13 21.28 -15.06
C GLN C 580 12.07 20.25 -15.66
N TYR C 581 11.52 19.07 -15.94
CA TYR C 581 12.30 17.95 -16.45
C TYR C 581 11.67 17.39 -17.72
N GLY C 582 12.52 17.10 -18.70
CA GLY C 582 12.08 16.46 -19.93
C GLY C 582 11.15 17.26 -20.80
N THR C 583 11.40 18.56 -20.97
CA THR C 583 10.55 19.38 -21.82
C THR C 583 11.36 20.29 -22.74
N ASP C 584 12.64 19.99 -22.94
CA ASP C 584 13.48 20.78 -23.84
C ASP C 584 14.64 19.93 -24.32
N THR C 585 15.10 20.22 -25.53
CA THR C 585 16.26 19.51 -26.07
C THR C 585 17.54 19.90 -25.34
N ASN C 586 17.66 21.15 -24.94
CA ASN C 586 18.78 21.64 -24.15
C ASN C 586 18.39 21.74 -22.68
N SER C 587 19.40 21.80 -21.82
CA SER C 587 19.18 21.78 -20.38
C SER C 587 19.97 22.91 -19.72
N VAL C 588 19.53 23.25 -18.51
CA VAL C 588 20.21 24.23 -17.67
C VAL C 588 21.08 23.46 -16.69
N CYS C 589 22.37 23.76 -16.68
CA CYS C 589 23.32 23.05 -15.83
C CYS C 589 24.01 24.03 -14.89
N PRO C 590 24.09 23.72 -13.60
CA PRO C 590 24.74 24.65 -12.66
C PRO C 590 26.26 24.50 -12.60
N MET C 591 26.91 24.43 -13.76
CA MET C 591 28.37 24.28 -13.89
C MET C 591 28.94 23.13 -13.06
N ASN C 596 36.54 17.29 -22.17
CA ASN C 596 35.63 16.71 -21.19
C ASN C 596 34.58 15.82 -21.86
N SER C 597 34.25 16.14 -23.11
CA SER C 597 33.29 15.36 -23.87
C SER C 597 33.95 14.12 -24.46
N THR C 598 33.33 12.97 -24.27
CA THR C 598 33.87 11.70 -24.74
C THR C 598 33.12 11.25 -25.99
N THR C 599 33.48 10.07 -26.48
CA THR C 599 32.92 9.52 -27.70
C THR C 599 32.44 8.10 -27.45
N ILE C 600 31.31 7.74 -28.06
CA ILE C 600 30.73 6.42 -27.90
C ILE C 600 31.22 5.44 -28.97
N THR C 601 32.05 5.88 -29.89
CA THR C 601 32.47 5.01 -30.97
C THR C 601 33.26 3.81 -30.48
N ASP C 602 33.98 3.95 -29.40
CA ASP C 602 34.80 2.89 -28.89
C ASP C 602 34.01 1.99 -28.06
N LYS C 603 33.06 2.56 -27.37
CA LYS C 603 32.21 1.76 -26.49
C LYS C 603 30.82 1.64 -27.13
N LEU C 604 30.64 0.63 -27.98
CA LEU C 604 29.34 0.30 -28.53
C LEU C 604 28.95 -1.10 -28.09
N GLY C 605 27.69 -1.29 -27.76
CA GLY C 605 27.21 -2.57 -27.25
C GLY C 605 27.76 -2.92 -25.88
N VAL C 606 27.89 -1.94 -25.01
CA VAL C 606 28.43 -2.16 -23.66
C VAL C 606 27.78 -1.15 -22.73
N CYS C 607 27.67 -1.51 -21.46
CA CYS C 607 27.03 -0.64 -20.48
C CYS C 607 27.94 0.53 -20.15
N VAL C 608 27.46 1.75 -20.39
CA VAL C 608 28.16 2.97 -20.07
C VAL C 608 27.24 3.84 -19.20
N GLU C 609 27.77 4.97 -18.76
CA GLU C 609 27.00 5.98 -18.05
C GLU C 609 27.02 7.24 -18.90
N TYR C 610 25.84 7.75 -19.24
CA TYR C 610 25.73 8.84 -20.19
C TYR C 610 25.25 10.12 -19.52
N ASN C 611 25.71 11.24 -20.05
CA ASN C 611 25.21 12.57 -19.68
C ASN C 611 25.10 13.35 -20.99
N LEU C 612 23.94 13.25 -21.62
CA LEU C 612 23.73 13.77 -22.98
C LEU C 612 22.86 15.02 -22.89
N TYR C 613 23.51 16.18 -22.98
CA TYR C 613 22.85 17.50 -23.00
C TYR C 613 21.96 17.70 -21.78
N GLY C 614 22.44 17.26 -20.62
CA GLY C 614 21.72 17.38 -19.37
C GLY C 614 20.94 16.16 -18.97
N VAL C 615 20.64 15.26 -19.91
CA VAL C 615 19.93 14.02 -19.60
C VAL C 615 20.97 12.99 -19.16
N SER C 616 20.82 12.48 -17.96
CA SER C 616 21.78 11.54 -17.37
C SER C 616 21.13 10.18 -17.17
N GLY C 617 21.97 9.17 -17.00
CA GLY C 617 21.51 7.82 -16.80
C GLY C 617 22.59 6.83 -17.19
N ARG C 618 22.16 5.58 -17.34
CA ARG C 618 23.02 4.49 -17.78
C ARG C 618 22.31 3.70 -18.86
N GLY C 619 23.08 3.11 -19.76
CA GLY C 619 22.48 2.38 -20.85
C GLY C 619 23.53 1.85 -21.81
N VAL C 620 23.04 1.18 -22.85
CA VAL C 620 23.86 0.56 -23.87
C VAL C 620 23.51 1.21 -25.21
N PHE C 621 24.53 1.70 -25.91
CA PHE C 621 24.33 2.44 -27.15
C PHE C 621 24.68 1.56 -28.34
N ILE C 622 23.73 1.41 -29.26
CA ILE C 622 23.87 0.57 -30.45
C ILE C 622 23.57 1.44 -31.66
N ASN C 623 24.43 1.36 -32.68
CA ASN C 623 24.20 2.13 -33.89
C ASN C 623 22.99 1.58 -34.64
N CYS C 624 22.05 2.47 -34.97
CA CYS C 624 20.80 2.09 -35.61
C CYS C 624 20.51 3.05 -36.75
N THR C 625 19.53 2.68 -37.57
CA THR C 625 19.01 3.60 -38.58
C THR C 625 18.17 4.68 -37.91
N ALA C 626 18.16 5.86 -38.51
CA ALA C 626 17.56 7.03 -37.89
C ALA C 626 16.03 6.94 -37.94
N VAL C 627 15.40 7.13 -36.77
CA VAL C 627 13.95 7.20 -36.66
C VAL C 627 13.61 8.39 -35.77
N GLY C 628 12.39 8.88 -35.93
CA GLY C 628 11.94 10.04 -35.18
C GLY C 628 12.42 11.34 -35.78
N VAL C 629 12.01 12.43 -35.14
CA VAL C 629 12.37 13.77 -35.60
C VAL C 629 13.81 14.06 -35.20
N LYS C 630 14.59 14.61 -36.13
CA LYS C 630 16.00 14.84 -35.87
C LYS C 630 16.22 16.00 -34.92
N GLN C 631 15.44 17.08 -35.06
CA GLN C 631 15.68 18.26 -34.25
C GLN C 631 15.26 18.06 -32.80
N GLN C 632 14.43 17.07 -32.51
CA GLN C 632 14.24 16.59 -31.15
C GLN C 632 15.33 15.58 -30.87
N ARG C 633 16.24 15.92 -29.94
CA ARG C 633 17.48 15.16 -29.80
C ARG C 633 17.23 13.77 -29.23
N PHE C 634 16.14 13.57 -28.50
CA PHE C 634 15.89 12.34 -27.78
C PHE C 634 14.62 11.67 -28.28
N VAL C 635 14.68 10.36 -28.43
CA VAL C 635 13.54 9.54 -28.84
C VAL C 635 13.08 8.74 -27.63
N TYR C 636 11.78 8.80 -27.34
CA TYR C 636 11.21 8.17 -26.16
C TYR C 636 10.20 7.11 -26.58
N ASP C 637 9.99 6.13 -25.70
CA ASP C 637 9.00 5.10 -25.93
C ASP C 637 7.68 5.51 -25.26
N GLY C 638 6.73 4.57 -25.20
CA GLY C 638 5.45 4.86 -24.60
C GLY C 638 5.47 5.01 -23.10
N PHE C 639 6.51 4.50 -22.44
CA PHE C 639 6.63 4.57 -20.99
C PHE C 639 7.54 5.71 -20.54
N ASP C 640 7.81 6.67 -21.42
CA ASP C 640 8.65 7.84 -21.15
C ASP C 640 10.06 7.44 -20.70
N ASN C 641 10.67 6.53 -21.45
CA ASN C 641 12.06 6.15 -21.26
C ASN C 641 12.85 6.42 -22.53
N LEU C 642 14.11 6.79 -22.35
CA LEU C 642 14.97 7.10 -23.48
C LEU C 642 15.31 5.83 -24.25
N ILE C 643 15.00 5.81 -25.53
CA ILE C 643 15.33 4.67 -26.40
C ILE C 643 16.14 5.07 -27.62
N GLY C 644 16.30 6.36 -27.91
CA GLY C 644 17.05 6.78 -29.07
C GLY C 644 17.72 8.10 -28.81
N TYR C 645 18.83 8.34 -29.50
CA TYR C 645 19.60 9.56 -29.30
C TYR C 645 20.30 9.95 -30.59
N TYR C 646 20.13 11.20 -31.00
CA TYR C 646 20.79 11.74 -32.19
C TYR C 646 22.07 12.45 -31.74
N SER C 647 23.21 11.82 -31.98
CA SER C 647 24.47 12.34 -31.48
C SER C 647 24.97 13.48 -32.35
N ASP C 648 26.06 14.12 -31.89
CA ASP C 648 26.63 15.26 -32.59
C ASP C 648 27.50 14.86 -33.77
N ASP C 649 27.90 13.59 -33.87
CA ASP C 649 28.67 13.12 -35.00
C ASP C 649 27.80 12.72 -36.19
N GLY C 650 26.48 12.77 -36.05
CA GLY C 650 25.57 12.43 -37.11
C GLY C 650 25.05 11.02 -37.10
N ASN C 651 25.28 10.26 -36.04
CA ASN C 651 24.85 8.86 -35.96
C ASN C 651 23.70 8.74 -34.97
N TYR C 652 22.64 8.06 -35.39
CA TYR C 652 21.55 7.70 -34.49
C TYR C 652 21.94 6.48 -33.67
N TYR C 653 21.59 6.50 -32.39
CA TYR C 653 21.94 5.42 -31.48
C TYR C 653 20.70 4.93 -30.75
N CYS C 654 20.64 3.63 -30.49
CA CYS C 654 19.58 3.03 -29.71
C CYS C 654 20.06 2.87 -28.27
N VAL C 655 19.33 3.44 -27.33
CA VAL C 655 19.71 3.42 -25.92
C VAL C 655 18.92 2.29 -25.26
N ARG C 656 19.58 1.15 -25.09
CA ARG C 656 18.99 0.04 -24.37
C ARG C 656 19.50 0.02 -22.93
N PRO C 657 18.66 -0.34 -21.96
CA PRO C 657 19.12 -0.37 -20.57
C PRO C 657 20.13 -1.49 -20.35
N CYS C 658 20.99 -1.28 -19.36
CA CYS C 658 22.03 -2.25 -19.06
C CYS C 658 21.43 -3.54 -18.51
N VAL C 659 21.97 -4.67 -18.95
CA VAL C 659 21.41 -5.98 -18.66
C VAL C 659 22.48 -6.86 -18.04
N SER C 660 22.04 -7.86 -17.28
CA SER C 660 22.90 -8.87 -16.70
C SER C 660 22.43 -10.24 -17.15
N VAL C 661 23.37 -11.15 -17.34
CA VAL C 661 23.02 -12.50 -17.82
C VAL C 661 22.25 -13.24 -16.74
N PRO C 662 21.27 -14.07 -17.10
CA PRO C 662 20.58 -14.87 -16.09
C PRO C 662 21.47 -16.00 -15.58
N LEU C 663 21.10 -16.53 -14.43
CA LEU C 663 21.84 -17.62 -13.81
C LEU C 663 20.91 -18.75 -13.43
N SER C 664 21.39 -19.98 -13.63
CA SER C 664 20.75 -21.17 -13.10
C SER C 664 21.84 -22.07 -12.55
N VAL C 665 21.57 -22.73 -11.43
CA VAL C 665 22.52 -23.61 -10.77
C VAL C 665 21.91 -24.99 -10.66
N VAL C 666 22.59 -25.98 -11.22
CA VAL C 666 22.23 -27.38 -11.04
C VAL C 666 22.98 -27.90 -9.81
N TYR C 667 22.24 -28.50 -8.90
CA TYR C 667 22.83 -29.01 -7.66
C TYR C 667 22.45 -30.47 -7.48
N ASP C 668 23.41 -31.28 -7.06
CA ASP C 668 23.19 -32.67 -6.69
C ASP C 668 23.67 -32.84 -5.25
N LYS C 669 22.73 -33.15 -4.35
CA LYS C 669 23.06 -33.18 -2.92
C LYS C 669 23.89 -34.42 -2.58
N THR C 670 23.62 -35.55 -3.24
CA THR C 670 24.27 -36.80 -2.87
C THR C 670 25.75 -36.79 -3.21
N THR C 671 26.10 -36.39 -4.44
CA THR C 671 27.49 -36.36 -4.87
C THR C 671 28.17 -35.02 -4.58
N ASN C 672 27.42 -34.03 -4.09
CA ASN C 672 27.93 -32.69 -3.74
C ASN C 672 28.62 -32.02 -4.93
N SER C 673 28.07 -32.23 -6.12
CA SER C 673 28.60 -31.64 -7.35
C SER C 673 27.59 -30.66 -7.91
N HIS C 674 28.08 -29.54 -8.42
CA HIS C 674 27.23 -28.48 -8.90
C HIS C 674 27.71 -27.96 -10.24
N ALA C 675 26.77 -27.39 -11.01
CA ALA C 675 27.06 -26.80 -12.30
C ALA C 675 26.24 -25.52 -12.44
N THR C 676 26.66 -24.66 -13.36
CA THR C 676 25.99 -23.39 -13.60
C THR C 676 25.51 -23.31 -15.04
N ILE C 677 24.31 -22.75 -15.22
CA ILE C 677 23.69 -22.58 -16.53
C ILE C 677 23.55 -21.10 -16.78
N PHE C 678 24.11 -20.63 -17.90
CA PHE C 678 23.89 -19.27 -18.38
C PHE C 678 22.80 -19.36 -19.44
N GLY C 679 21.58 -19.05 -19.03
CA GLY C 679 20.43 -19.34 -19.87
C GLY C 679 20.35 -18.42 -21.08
N SER C 680 20.16 -19.03 -22.26
CA SER C 680 19.87 -18.33 -23.51
C SER C 680 20.96 -17.34 -23.92
N VAL C 681 22.22 -17.66 -23.64
CA VAL C 681 23.34 -16.82 -24.01
C VAL C 681 24.52 -17.70 -24.40
N ALA C 682 25.17 -17.37 -25.51
CA ALA C 682 26.29 -18.15 -26.01
C ALA C 682 27.52 -17.96 -25.14
N CYS C 683 28.46 -18.90 -25.25
CA CYS C 683 29.68 -18.85 -24.47
C CYS C 683 30.70 -17.83 -24.99
N GLU C 684 30.54 -17.33 -26.21
CA GLU C 684 31.43 -16.28 -26.67
C GLU C 684 31.22 -15.00 -25.86
N HIS C 685 29.97 -14.67 -25.53
CA HIS C 685 29.69 -13.53 -24.68
C HIS C 685 30.17 -13.75 -23.26
N ILE C 686 30.14 -14.99 -22.77
CA ILE C 686 30.65 -15.29 -21.44
C ILE C 686 32.17 -15.13 -21.41
N THR C 687 32.85 -15.59 -22.46
CA THR C 687 34.31 -15.62 -22.43
C THR C 687 34.94 -14.26 -22.75
N THR C 688 34.34 -13.49 -23.67
CA THR C 688 35.04 -12.34 -24.22
C THR C 688 34.52 -11.01 -23.70
N MET C 689 33.23 -10.70 -23.89
CA MET C 689 32.72 -9.37 -23.57
C MET C 689 32.22 -9.22 -22.15
N LEU C 690 32.16 -10.29 -21.36
CA LEU C 690 31.71 -10.20 -19.98
C LEU C 690 32.74 -10.80 -19.04
N HIS C 691 33.01 -10.07 -17.95
CA HIS C 691 33.92 -10.51 -16.90
C HIS C 691 33.39 -10.10 -15.53
N GLN C 692 32.07 -10.04 -15.38
CA GLN C 692 31.42 -9.59 -14.16
C GLN C 692 30.86 -10.74 -13.34
N PHE C 693 31.33 -11.96 -13.56
CA PHE C 693 30.79 -13.13 -12.88
C PHE C 693 31.37 -13.22 -11.47
N SER C 694 31.18 -14.38 -10.83
CA SER C 694 31.64 -14.60 -9.47
C SER C 694 33.14 -14.84 -9.44
N ARG C 695 33.68 -15.18 -8.26
CA ARG C 695 35.11 -15.42 -8.13
C ARG C 695 35.52 -16.72 -8.82
N THR C 696 34.94 -17.84 -8.39
CA THR C 696 35.24 -19.13 -8.99
C THR C 696 34.68 -19.23 -10.40
N THR C 697 33.52 -18.59 -10.65
CA THR C 697 32.87 -18.67 -11.96
C THR C 697 33.72 -18.03 -13.06
N GLN C 698 34.51 -17.01 -12.72
CA GLN C 698 35.48 -16.42 -13.66
C GLN C 698 36.75 -17.27 -13.73
N ALA C 699 36.56 -18.54 -14.09
CA ALA C 699 37.66 -19.49 -14.26
C ALA C 699 37.22 -20.66 -15.11
N SER C 709 35.47 -28.74 -16.18
CA SER C 709 34.77 -28.68 -17.46
C SER C 709 34.60 -27.23 -17.91
N GLY C 710 35.01 -26.94 -19.14
CA GLY C 710 34.94 -25.60 -19.66
C GLY C 710 33.54 -25.22 -20.11
N PRO C 711 33.43 -24.03 -20.69
CA PRO C 711 32.14 -23.62 -21.26
C PRO C 711 31.70 -24.55 -22.38
N LEU C 712 30.39 -24.83 -22.41
CA LEU C 712 29.81 -25.72 -23.40
C LEU C 712 28.48 -25.14 -23.86
N GLN C 713 28.26 -25.13 -25.17
CA GLN C 713 27.06 -24.57 -25.75
C GLN C 713 25.99 -25.65 -25.88
N THR C 714 24.89 -25.47 -25.17
CA THR C 714 23.74 -26.37 -25.22
C THR C 714 22.55 -25.64 -25.80
N ALA C 715 21.42 -26.34 -25.86
CA ALA C 715 20.18 -25.74 -26.36
C ALA C 715 19.51 -24.81 -25.35
N VAL C 716 19.96 -24.83 -24.10
CA VAL C 716 19.40 -23.99 -23.05
C VAL C 716 20.36 -22.86 -22.67
N GLY C 717 21.29 -22.53 -23.55
CA GLY C 717 22.32 -21.55 -23.26
C GLY C 717 23.64 -22.22 -22.95
N CYS C 718 24.62 -21.39 -22.62
CA CYS C 718 25.94 -21.92 -22.32
C CYS C 718 25.96 -22.60 -20.96
N VAL C 719 26.88 -23.54 -20.79
CA VAL C 719 26.95 -24.41 -19.62
C VAL C 719 28.40 -24.54 -19.19
N ILE C 720 28.66 -24.29 -17.91
CA ILE C 720 29.96 -24.55 -17.29
C ILE C 720 29.78 -25.52 -16.14
N GLY C 721 30.68 -26.48 -16.03
CA GLY C 721 30.64 -27.46 -14.97
C GLY C 721 30.14 -28.83 -15.38
N LEU C 722 29.67 -29.00 -16.61
CA LEU C 722 29.14 -30.27 -17.09
C LEU C 722 29.97 -30.78 -18.24
N VAL C 723 30.46 -32.02 -18.11
CA VAL C 723 31.13 -32.69 -19.23
C VAL C 723 30.09 -33.01 -20.30
N ASN C 724 30.53 -33.03 -21.57
CA ASN C 724 29.63 -33.33 -22.66
C ASN C 724 29.07 -34.74 -22.54
N SER C 725 29.93 -35.76 -22.69
CA SER C 725 29.63 -37.15 -22.35
C SER C 725 28.37 -37.66 -23.04
N SER C 726 28.47 -37.80 -24.36
CA SER C 726 27.34 -38.16 -25.21
C SER C 726 26.72 -39.48 -24.78
N MET C 727 25.51 -39.41 -24.22
CA MET C 727 24.84 -40.57 -23.64
C MET C 727 23.35 -40.25 -23.54
N VAL C 728 22.56 -41.32 -23.46
CA VAL C 728 21.10 -41.23 -23.52
C VAL C 728 20.52 -41.91 -22.30
N VAL C 729 19.63 -41.20 -21.59
CA VAL C 729 18.91 -41.74 -20.45
C VAL C 729 17.41 -41.63 -20.72
N ASP C 730 16.67 -42.66 -20.30
CA ASP C 730 15.21 -42.59 -20.40
C ASP C 730 14.62 -41.71 -19.29
N ASN C 731 15.19 -41.77 -18.10
CA ASN C 731 14.72 -40.99 -16.97
C ASN C 731 15.92 -40.41 -16.23
N CYS C 732 15.72 -39.23 -15.65
CA CYS C 732 16.77 -38.55 -14.90
C CYS C 732 16.14 -37.53 -13.96
N GLN C 733 16.92 -37.11 -12.96
CA GLN C 733 16.38 -36.38 -11.82
C GLN C 733 16.60 -34.87 -11.87
N LEU C 734 17.47 -34.38 -12.75
CA LEU C 734 17.77 -32.94 -12.84
C LEU C 734 17.54 -32.46 -14.26
N PRO C 735 16.29 -32.20 -14.64
CA PRO C 735 16.00 -31.77 -16.02
C PRO C 735 16.49 -30.36 -16.29
N LEU C 736 17.44 -30.24 -17.23
CA LEU C 736 18.03 -28.94 -17.54
C LEU C 736 17.13 -28.09 -18.43
N GLY C 737 16.38 -28.71 -19.33
CA GLY C 737 15.60 -27.95 -20.29
C GLY C 737 15.08 -28.80 -21.43
N GLN C 738 15.29 -28.34 -22.66
CA GLN C 738 14.74 -29.00 -23.84
C GLN C 738 15.42 -30.34 -24.11
N SER C 739 14.91 -31.41 -23.49
CA SER C 739 15.40 -32.78 -23.62
C SER C 739 16.87 -32.90 -23.20
N LEU C 740 17.32 -32.01 -22.33
CA LEU C 740 18.67 -32.03 -21.80
C LEU C 740 18.59 -32.14 -20.29
N CYS C 741 19.48 -32.94 -19.69
CA CYS C 741 19.49 -33.05 -18.24
C CYS C 741 20.87 -33.51 -17.79
N ALA C 742 21.10 -33.39 -16.50
CA ALA C 742 22.39 -33.69 -15.88
C ALA C 742 22.29 -34.96 -15.06
N VAL C 743 23.33 -35.78 -15.12
CA VAL C 743 23.40 -37.02 -14.34
C VAL C 743 24.72 -37.06 -13.58
N PRO C 744 24.72 -37.41 -12.31
CA PRO C 744 25.99 -37.57 -11.59
C PRO C 744 26.74 -38.80 -12.05
N SER C 745 28.06 -38.75 -11.92
CA SER C 745 28.91 -39.86 -12.31
C SER C 745 29.32 -40.68 -11.09
N SER C 751 31.15 -38.47 -9.45
CA SER C 751 31.90 -37.25 -9.17
C SER C 751 31.32 -36.05 -9.92
N GLN C 752 31.97 -35.69 -11.02
CA GLN C 752 31.54 -34.53 -11.81
C GLN C 752 30.27 -34.86 -12.59
N LEU C 753 29.31 -33.93 -12.56
CA LEU C 753 28.08 -34.09 -13.32
C LEU C 753 28.36 -34.04 -14.81
N GLN C 754 27.61 -34.83 -15.57
CA GLN C 754 27.80 -34.92 -17.02
C GLN C 754 26.46 -34.68 -17.72
N LEU C 755 26.53 -34.00 -18.87
CA LEU C 755 25.34 -33.68 -19.63
C LEU C 755 24.81 -34.92 -20.33
N ALA C 756 23.48 -35.07 -20.34
CA ALA C 756 22.81 -36.20 -20.94
C ALA C 756 21.63 -35.73 -21.78
N THR C 757 21.11 -36.63 -22.60
CA THR C 757 19.96 -36.36 -23.44
C THR C 757 18.85 -37.35 -23.11
N ILE C 758 17.63 -36.84 -23.00
CA ILE C 758 16.46 -37.67 -22.73
C ILE C 758 15.90 -38.15 -24.05
N ASN C 759 15.74 -39.47 -24.18
CA ASN C 759 15.18 -40.07 -25.37
C ASN C 759 14.44 -41.34 -24.98
N TYR C 760 13.46 -41.72 -25.78
CA TYR C 760 12.65 -42.90 -25.51
C TYR C 760 12.75 -43.86 -26.68
N THR C 761 12.69 -45.15 -26.35
CA THR C 761 12.78 -46.21 -27.35
C THR C 761 11.40 -46.57 -27.87
N GLN C 762 11.34 -46.93 -29.15
CA GLN C 762 10.08 -47.29 -29.79
C GLN C 762 10.04 -48.79 -30.02
N PRO C 763 9.24 -49.56 -29.27
CA PRO C 763 9.13 -51.01 -29.46
C PRO C 763 8.34 -51.37 -30.71
N GLN C 777 0.17 -61.85 -29.86
CA GLN C 777 0.88 -62.89 -29.12
C GLN C 777 0.19 -63.21 -27.80
N VAL C 778 0.27 -62.25 -26.87
CA VAL C 778 -0.26 -62.35 -25.50
C VAL C 778 0.26 -63.61 -24.82
N PRO C 779 1.51 -63.64 -24.39
CA PRO C 779 2.06 -64.84 -23.73
C PRO C 779 1.35 -65.12 -22.41
N THR C 780 1.39 -66.39 -22.02
CA THR C 780 0.63 -66.88 -20.87
C THR C 780 1.43 -66.77 -19.57
N ASN C 781 2.37 -65.83 -19.49
CA ASN C 781 3.01 -65.50 -18.23
C ASN C 781 2.15 -64.49 -17.47
N PHE C 782 2.19 -64.58 -16.15
CA PHE C 782 1.24 -63.89 -15.30
C PHE C 782 2.00 -62.96 -14.36
N SER C 783 1.51 -61.72 -14.23
CA SER C 783 2.06 -60.77 -13.28
C SER C 783 0.98 -59.75 -12.93
N PHE C 784 1.01 -59.29 -11.69
CA PHE C 784 0.07 -58.29 -11.19
C PHE C 784 0.80 -57.01 -10.86
N GLY C 785 0.30 -55.90 -11.40
CA GLY C 785 0.88 -54.58 -11.16
C GLY C 785 -0.08 -53.72 -10.36
N ILE C 786 0.48 -52.90 -9.46
CA ILE C 786 -0.29 -52.00 -8.61
C ILE C 786 0.22 -50.60 -8.83
N THR C 787 -0.68 -49.70 -9.23
CA THR C 787 -0.37 -48.29 -9.38
C THR C 787 -1.04 -47.49 -8.27
N GLN C 788 -0.31 -46.54 -7.71
CA GLN C 788 -0.77 -45.77 -6.56
C GLN C 788 -1.21 -44.38 -7.01
N GLU C 789 -2.37 -43.95 -6.52
CA GLU C 789 -2.94 -42.66 -6.90
C GLU C 789 -3.51 -41.98 -5.67
N TYR C 790 -3.21 -40.69 -5.53
CA TYR C 790 -3.66 -39.89 -4.40
C TYR C 790 -4.54 -38.76 -4.91
N ILE C 791 -5.73 -38.61 -4.33
CA ILE C 791 -6.64 -37.52 -4.63
C ILE C 791 -6.91 -36.75 -3.36
N GLN C 792 -6.68 -35.45 -3.39
CA GLN C 792 -6.96 -34.59 -2.24
C GLN C 792 -8.46 -34.46 -2.03
N THR C 793 -8.86 -34.40 -0.76
CA THR C 793 -10.27 -34.15 -0.44
C THR C 793 -10.48 -32.90 0.40
N THR C 794 -9.64 -32.66 1.41
CA THR C 794 -9.78 -31.53 2.31
C THR C 794 -8.50 -30.70 2.30
N ILE C 795 -8.61 -29.50 2.88
CA ILE C 795 -7.47 -28.68 3.26
C ILE C 795 -7.66 -28.30 4.72
N GLN C 796 -6.60 -27.75 5.32
CA GLN C 796 -6.67 -27.34 6.72
C GLN C 796 -7.57 -26.12 6.86
N LYS C 797 -8.46 -26.16 7.84
CA LYS C 797 -9.39 -25.06 8.10
C LYS C 797 -8.76 -24.08 9.06
N VAL C 798 -8.58 -22.84 8.62
CA VAL C 798 -7.93 -21.79 9.40
C VAL C 798 -8.88 -20.62 9.55
N THR C 799 -9.07 -20.16 10.79
CA THR C 799 -9.78 -18.93 11.08
C THR C 799 -8.81 -17.94 11.72
N VAL C 800 -8.86 -16.69 11.28
CA VAL C 800 -7.94 -15.65 11.75
C VAL C 800 -8.73 -14.61 12.53
N ASP C 801 -8.23 -14.26 13.72
CA ASP C 801 -8.77 -13.17 14.51
C ASP C 801 -8.01 -11.89 14.17
N CYS C 802 -8.73 -10.81 13.89
CA CYS C 802 -8.08 -9.55 13.55
C CYS C 802 -7.35 -8.95 14.74
N LYS C 803 -8.04 -8.72 15.86
CA LYS C 803 -7.49 -7.89 16.93
C LYS C 803 -6.26 -8.52 17.59
N GLN C 804 -6.00 -9.80 17.36
CA GLN C 804 -4.72 -10.39 17.74
C GLN C 804 -3.70 -10.34 16.60
N TYR C 805 -4.14 -10.33 15.35
CA TYR C 805 -3.21 -10.35 14.22
C TYR C 805 -2.70 -8.94 13.89
N VAL C 806 -3.63 -8.04 13.57
CA VAL C 806 -3.26 -6.69 13.15
C VAL C 806 -2.67 -5.90 14.30
N CYS C 807 -3.16 -6.10 15.52
CA CYS C 807 -2.83 -5.21 16.63
C CYS C 807 -2.09 -5.87 17.79
N ASN C 808 -2.20 -7.18 17.95
CA ASN C 808 -1.52 -7.93 19.03
C ASN C 808 -1.89 -7.40 20.41
N GLY C 809 -3.15 -7.00 20.57
CA GLY C 809 -3.63 -6.59 21.88
C GLY C 809 -3.15 -5.23 22.36
N PHE C 810 -2.78 -4.33 21.45
CA PHE C 810 -2.38 -2.98 21.82
C PHE C 810 -3.57 -2.05 21.70
N GLN C 811 -3.80 -1.24 22.75
CA GLN C 811 -5.01 -0.44 22.84
C GLN C 811 -5.05 0.66 21.77
N LYS C 812 -3.91 1.32 21.53
CA LYS C 812 -3.86 2.37 20.52
C LYS C 812 -4.09 1.81 19.12
N CYS C 813 -3.53 0.63 18.83
CA CYS C 813 -3.78 -0.01 17.54
C CYS C 813 -5.24 -0.38 17.39
N GLU C 814 -5.87 -0.88 18.45
CA GLU C 814 -7.28 -1.25 18.34
C GLU C 814 -8.17 -0.03 18.19
N GLN C 815 -7.81 1.08 18.84
CA GLN C 815 -8.53 2.33 18.65
C GLN C 815 -8.41 2.80 17.21
N LEU C 816 -7.22 2.64 16.60
CA LEU C 816 -7.06 2.99 15.19
C LEU C 816 -7.78 2.00 14.28
N LEU C 817 -7.84 0.72 14.67
CA LEU C 817 -8.44 -0.33 13.87
C LEU C 817 -9.96 -0.32 13.90
N ARG C 818 -10.55 0.35 14.89
CA ARG C 818 -12.00 0.40 15.00
C ARG C 818 -12.68 1.12 13.83
N GLU C 819 -11.93 1.79 12.97
CA GLU C 819 -12.44 2.28 11.70
C GLU C 819 -12.43 1.23 10.60
N TYR C 820 -11.89 0.02 10.86
CA TYR C 820 -11.80 -1.04 9.87
C TYR C 820 -12.60 -2.28 10.31
N GLY C 821 -13.60 -2.06 11.16
CA GLY C 821 -14.36 -3.16 11.73
C GLY C 821 -15.18 -3.90 10.70
N GLN C 822 -15.74 -3.18 9.72
CA GLN C 822 -16.50 -3.84 8.67
C GLN C 822 -15.61 -4.70 7.80
N PHE C 823 -14.37 -4.28 7.57
CA PHE C 823 -13.44 -5.07 6.76
C PHE C 823 -13.03 -6.33 7.51
N CYS C 824 -12.82 -6.22 8.81
CA CYS C 824 -12.49 -7.41 9.60
C CYS C 824 -13.68 -8.35 9.72
N ALA C 825 -14.89 -7.81 9.82
CA ALA C 825 -16.08 -8.65 9.80
C ALA C 825 -16.21 -9.40 8.48
N LYS C 826 -15.91 -8.72 7.37
CA LYS C 826 -15.96 -9.39 6.07
C LYS C 826 -14.91 -10.49 5.95
N ILE C 827 -13.71 -10.26 6.49
CA ILE C 827 -12.66 -11.28 6.47
C ILE C 827 -13.08 -12.50 7.28
N ASN C 828 -13.63 -12.26 8.47
CA ASN C 828 -14.08 -13.34 9.35
C ASN C 828 -15.23 -14.12 8.70
N GLN C 829 -16.19 -13.42 8.10
CA GLN C 829 -17.33 -14.09 7.48
C GLN C 829 -16.91 -14.90 6.26
N ALA C 830 -15.95 -14.38 5.48
CA ALA C 830 -15.46 -15.13 4.33
C ALA C 830 -14.75 -16.41 4.74
N LEU C 831 -13.91 -16.34 5.78
CA LEU C 831 -13.25 -17.54 6.27
C LEU C 831 -14.24 -18.55 6.85
N HIS C 832 -15.25 -18.05 7.58
CA HIS C 832 -16.28 -18.93 8.12
C HIS C 832 -17.07 -19.61 7.01
N GLY C 833 -17.40 -18.88 5.94
CA GLY C 833 -18.12 -19.47 4.84
C GLY C 833 -17.30 -20.51 4.09
N ALA C 834 -16.01 -20.26 3.92
CA ALA C 834 -15.14 -21.26 3.29
C ALA C 834 -15.05 -22.52 4.11
N ASN C 835 -14.90 -22.39 5.44
CA ASN C 835 -14.80 -23.58 6.28
C ASN C 835 -16.13 -24.33 6.35
N LEU C 836 -17.25 -23.60 6.34
CA LEU C 836 -18.56 -24.25 6.31
C LEU C 836 -18.77 -25.03 5.02
N MET C 837 -18.36 -24.44 3.89
CA MET C 837 -18.49 -25.14 2.61
C MET C 837 -17.62 -26.39 2.58
N GLN C 838 -16.41 -26.31 3.13
CA GLN C 838 -15.55 -27.50 3.21
C GLN C 838 -16.16 -28.57 4.09
N ASP C 839 -16.74 -28.18 5.23
CA ASP C 839 -17.37 -29.16 6.12
C ASP C 839 -18.57 -29.83 5.46
N GLU C 840 -19.36 -29.06 4.71
CA GLU C 840 -20.48 -29.65 3.98
C GLU C 840 -20.00 -30.60 2.90
N SER C 841 -18.91 -30.26 2.21
CA SER C 841 -18.34 -31.16 1.20
C SER C 841 -17.84 -32.45 1.82
N VAL C 842 -17.20 -32.37 2.98
CA VAL C 842 -16.68 -33.56 3.66
C VAL C 842 -17.82 -34.43 4.16
N ALA C 843 -18.88 -33.81 4.69
CA ALA C 843 -20.04 -34.56 5.14
C ALA C 843 -20.75 -35.24 3.97
N ASN C 844 -20.76 -34.58 2.80
CA ASN C 844 -21.35 -35.21 1.62
C ASN C 844 -20.48 -36.34 1.08
N LEU C 845 -19.16 -36.24 1.24
CA LEU C 845 -18.27 -37.29 0.76
C LEU C 845 -18.46 -38.58 1.54
N PHE C 846 -18.56 -38.49 2.86
CA PHE C 846 -18.83 -39.67 3.70
C PHE C 846 -20.32 -39.83 3.96
N SER C 847 -21.10 -39.82 2.89
CA SER C 847 -22.55 -39.95 3.00
C SER C 847 -23.12 -41.07 2.15
N ASP C 848 -22.55 -41.31 0.97
CA ASP C 848 -22.99 -42.42 0.13
C ASP C 848 -22.56 -43.76 0.69
N ILE C 849 -21.60 -43.78 1.61
CA ILE C 849 -21.14 -45.02 2.23
C ILE C 849 -21.86 -45.30 3.54
N LYS C 850 -22.79 -44.42 3.94
CA LYS C 850 -23.52 -44.63 5.20
C LYS C 850 -24.47 -45.82 5.09
N THR C 851 -25.27 -45.87 4.03
CA THR C 851 -26.18 -46.98 3.77
C THR C 851 -25.52 -47.85 2.71
N HIS C 852 -24.91 -48.96 3.15
CA HIS C 852 -24.02 -49.71 2.28
C HIS C 852 -24.01 -51.14 2.79
N LYS C 853 -24.39 -52.08 1.93
CA LYS C 853 -24.37 -53.50 2.28
C LYS C 853 -22.96 -54.05 2.14
N SER C 854 -22.42 -54.60 3.24
CA SER C 854 -21.06 -55.11 3.24
C SER C 854 -21.01 -56.41 4.03
N GLN C 855 -20.66 -57.49 3.35
CA GLN C 855 -20.47 -58.76 4.03
C GLN C 855 -19.17 -58.75 4.84
N PRO C 856 -19.10 -59.52 5.92
CA PRO C 856 -17.85 -59.55 6.71
C PRO C 856 -16.79 -60.41 6.03
N LEU C 857 -15.56 -60.24 6.50
CA LEU C 857 -14.40 -60.92 5.96
C LEU C 857 -13.59 -61.55 7.09
N ASN C 858 -12.76 -62.52 6.73
CA ASN C 858 -11.89 -63.16 7.70
C ASN C 858 -10.76 -62.21 8.11
N ALA C 859 -10.02 -62.61 9.14
CA ALA C 859 -9.04 -61.73 9.77
C ALA C 859 -7.84 -61.49 8.87
N GLY C 860 -7.09 -62.54 8.56
CA GLY C 860 -5.86 -62.37 7.80
C GLY C 860 -5.81 -63.11 6.48
N LEU C 861 -6.53 -64.22 6.37
CA LEU C 861 -6.49 -65.07 5.17
C LEU C 861 -7.92 -65.31 4.70
N ASN C 862 -8.34 -64.56 3.69
CA ASN C 862 -9.62 -64.79 3.02
C ASN C 862 -9.38 -65.78 1.89
N GLY C 863 -9.65 -67.06 2.16
CA GLY C 863 -9.32 -68.10 1.21
C GLY C 863 -7.83 -68.32 1.15
N ASP C 864 -7.20 -67.91 0.05
CA ASP C 864 -5.76 -67.98 -0.10
C ASP C 864 -5.13 -66.61 -0.35
N PHE C 865 -5.91 -65.54 -0.27
CA PHE C 865 -5.41 -64.19 -0.46
C PHE C 865 -5.09 -63.58 0.90
N ASN C 866 -3.87 -63.06 1.05
CA ASN C 866 -3.42 -62.47 2.30
C ASN C 866 -3.81 -60.99 2.29
N LEU C 867 -4.96 -60.68 2.88
CA LEU C 867 -5.50 -59.33 2.89
C LEU C 867 -5.25 -58.58 4.20
N THR C 868 -4.37 -59.11 5.06
CA THR C 868 -4.17 -58.52 6.38
C THR C 868 -3.46 -57.17 6.33
N LEU C 869 -2.91 -56.77 5.19
CA LEU C 869 -2.26 -55.46 5.10
C LEU C 869 -3.27 -54.33 5.05
N LEU C 870 -4.48 -54.58 4.56
CA LEU C 870 -5.49 -53.56 4.38
C LEU C 870 -6.58 -53.60 5.44
N GLN C 871 -6.52 -54.53 6.38
CA GLN C 871 -7.55 -54.70 7.39
C GLN C 871 -7.07 -54.18 8.73
N VAL C 872 -8.02 -53.65 9.51
CA VAL C 872 -7.74 -53.20 10.86
C VAL C 872 -7.49 -54.41 11.76
N PRO C 873 -6.61 -54.31 12.77
CA PRO C 873 -6.37 -55.41 13.70
C PRO C 873 -7.60 -55.80 14.51
N HIS C 882 -7.22 -49.82 15.03
CA HIS C 882 -8.28 -49.04 14.40
C HIS C 882 -7.84 -48.51 13.04
N ARG C 883 -6.67 -48.94 12.59
CA ARG C 883 -6.12 -48.50 11.32
C ARG C 883 -5.31 -49.64 10.71
N SER C 884 -5.35 -49.73 9.39
CA SER C 884 -4.65 -50.79 8.68
C SER C 884 -3.13 -50.56 8.77
N PRO C 885 -2.34 -51.64 8.70
CA PRO C 885 -0.87 -51.48 8.74
C PRO C 885 -0.30 -50.64 7.62
N ILE C 886 -0.86 -50.73 6.42
CA ILE C 886 -0.36 -49.93 5.31
C ILE C 886 -0.71 -48.45 5.52
N GLU C 887 -1.85 -48.17 6.16
CA GLU C 887 -2.20 -46.80 6.50
C GLU C 887 -1.25 -46.24 7.54
N ASP C 888 -0.87 -47.06 8.54
CA ASP C 888 0.11 -46.64 9.53
C ASP C 888 1.47 -46.39 8.90
N LEU C 889 1.85 -47.23 7.94
CA LEU C 889 3.13 -47.04 7.25
C LEU C 889 3.12 -45.75 6.44
N LEU C 890 2.01 -45.47 5.74
CA LEU C 890 1.88 -44.24 4.98
C LEU C 890 1.92 -43.01 5.89
N PHE C 891 1.25 -43.08 7.04
CA PHE C 891 1.23 -41.95 7.95
C PHE C 891 2.58 -41.73 8.63
N ASN C 892 3.32 -42.81 8.87
CA ASN C 892 4.66 -42.66 9.45
C ASN C 892 5.67 -42.15 8.44
N LYS C 893 5.53 -42.52 7.17
CA LYS C 893 6.47 -42.04 6.16
C LYS C 893 6.21 -40.60 5.74
N VAL C 894 5.07 -40.03 6.10
CA VAL C 894 4.75 -38.64 5.79
C VAL C 894 5.05 -37.81 7.04
N THR C 895 5.96 -36.85 6.91
CA THR C 895 6.20 -35.93 8.01
C THR C 895 5.06 -34.92 8.11
N ILE C 896 4.74 -34.54 9.35
CA ILE C 896 3.59 -33.68 9.62
C ILE C 896 3.80 -33.07 11.00
N ALA C 897 3.11 -31.96 11.25
CA ALA C 897 3.14 -31.30 12.55
C ALA C 897 1.82 -31.55 13.25
N ASP C 898 1.90 -32.02 14.49
CA ASP C 898 0.69 -32.33 15.26
C ASP C 898 0.00 -31.03 15.68
N PRO C 899 -1.25 -30.81 15.29
CA PRO C 899 -1.96 -29.60 15.71
C PRO C 899 -2.26 -29.60 17.20
N GLY C 900 -2.89 -30.66 17.68
CA GLY C 900 -3.23 -30.73 19.08
C GLY C 900 -4.60 -30.12 19.27
N TYR C 901 -5.60 -30.95 19.53
CA TYR C 901 -6.98 -30.48 19.52
C TYR C 901 -7.61 -30.40 20.90
N MET C 902 -7.01 -31.02 21.91
CA MET C 902 -7.51 -30.91 23.27
C MET C 902 -6.55 -30.25 24.24
N GLN C 903 -5.24 -30.32 23.99
CA GLN C 903 -4.28 -29.76 24.94
C GLN C 903 -3.11 -29.05 24.26
N GLY C 904 -3.27 -28.64 23.00
CA GLY C 904 -2.14 -28.05 22.28
C GLY C 904 -1.70 -26.71 22.85
N TYR C 905 -2.66 -25.89 23.31
CA TYR C 905 -2.33 -24.64 23.98
C TYR C 905 -1.53 -24.89 25.25
N ASP C 906 -1.94 -25.88 26.05
CA ASP C 906 -1.20 -26.24 27.25
C ASP C 906 0.13 -26.92 26.91
N ASP C 907 0.19 -27.62 25.78
CA ASP C 907 1.43 -28.30 25.40
C ASP C 907 2.50 -27.31 24.99
N CYS C 908 2.15 -26.33 24.16
CA CYS C 908 3.12 -25.34 23.74
C CYS C 908 3.22 -24.15 24.69
N MET C 909 2.38 -24.09 25.72
CA MET C 909 2.56 -23.05 26.72
C MET C 909 3.76 -23.35 27.62
N LYS C 910 3.98 -24.62 27.93
CA LYS C 910 5.02 -25.03 28.87
C LYS C 910 6.34 -25.39 28.20
N GLN C 911 6.45 -25.21 26.89
CA GLN C 911 7.59 -25.69 26.13
C GLN C 911 8.31 -24.54 25.44
N GLY C 912 9.64 -24.57 25.48
CA GLY C 912 10.45 -23.60 24.79
C GLY C 912 11.65 -24.25 24.11
N PRO C 913 11.79 -24.04 22.80
CA PRO C 913 12.90 -24.63 22.04
C PRO C 913 14.25 -24.03 22.40
N ASP C 918 7.47 -23.40 16.61
CA ASP C 918 6.72 -24.25 15.68
C ASP C 918 5.58 -23.48 15.04
N LEU C 919 5.23 -23.87 13.81
CA LEU C 919 4.13 -23.23 13.10
C LEU C 919 2.78 -23.53 13.71
N ILE C 920 2.67 -24.62 14.49
CA ILE C 920 1.39 -24.99 15.05
C ILE C 920 1.00 -24.06 16.20
N CYS C 921 1.89 -23.92 17.18
CA CYS C 921 1.61 -23.06 18.33
C CYS C 921 2.17 -21.66 18.15
N ALA C 922 2.49 -21.27 16.93
CA ALA C 922 2.57 -19.86 16.58
C ALA C 922 1.19 -19.26 16.36
N GLN C 923 0.14 -20.08 16.35
CA GLN C 923 -1.20 -19.60 16.12
C GLN C 923 -1.72 -18.78 17.29
N TYR C 924 -1.22 -19.03 18.50
CA TYR C 924 -1.66 -18.27 19.66
C TYR C 924 -0.90 -16.96 19.80
N VAL C 925 0.34 -16.90 19.29
CA VAL C 925 1.11 -15.67 19.35
C VAL C 925 0.87 -14.77 18.14
N ALA C 926 0.24 -15.30 17.07
CA ALA C 926 -0.05 -14.51 15.89
C ALA C 926 -1.51 -14.07 15.83
N GLY C 927 -2.44 -15.03 15.92
CA GLY C 927 -3.85 -14.67 15.94
C GLY C 927 -4.77 -15.63 15.21
N TYR C 928 -4.21 -16.51 14.39
CA TYR C 928 -5.03 -17.46 13.66
C TYR C 928 -5.29 -18.71 14.50
N LYS C 929 -6.12 -19.60 13.96
CA LYS C 929 -6.54 -20.80 14.68
C LYS C 929 -6.79 -21.91 13.69
N VAL C 930 -6.24 -23.08 13.95
CA VAL C 930 -6.43 -24.25 13.10
C VAL C 930 -7.61 -25.04 13.64
N LEU C 931 -8.67 -25.15 12.83
CA LEU C 931 -9.87 -25.83 13.26
C LEU C 931 -9.71 -27.35 13.17
N PRO C 932 -10.36 -28.11 14.06
CA PRO C 932 -10.32 -29.56 13.95
C PRO C 932 -11.08 -30.03 12.72
N PRO C 933 -10.70 -31.17 12.15
CA PRO C 933 -11.43 -31.70 11.00
C PRO C 933 -12.81 -32.21 11.42
N LEU C 934 -13.60 -32.57 10.40
CA LEU C 934 -14.99 -32.91 10.65
C LEU C 934 -15.15 -34.22 11.41
N TYR C 935 -14.19 -35.14 11.26
CA TYR C 935 -14.28 -36.44 11.89
C TYR C 935 -12.97 -36.83 12.55
N ASP C 936 -13.06 -37.66 13.59
CA ASP C 936 -11.90 -38.26 14.23
C ASP C 936 -11.31 -39.31 13.27
N PRO C 937 -10.06 -39.77 13.51
CA PRO C 937 -9.49 -40.78 12.60
C PRO C 937 -10.18 -42.14 12.59
N ASN C 938 -10.83 -42.56 13.68
CA ASN C 938 -11.45 -43.89 13.72
C ASN C 938 -12.62 -43.98 12.75
N MET C 939 -13.56 -43.05 12.85
CA MET C 939 -14.54 -42.85 11.80
C MET C 939 -13.79 -42.25 10.61
N GLU C 940 -14.33 -42.48 9.40
CA GLU C 940 -13.75 -42.23 8.07
C GLU C 940 -12.62 -43.22 7.77
N GLY C 941 -12.24 -44.02 8.76
CA GLY C 941 -11.50 -45.24 8.55
C GLY C 941 -12.48 -46.38 8.59
N ALA C 942 -13.58 -46.15 9.31
CA ALA C 942 -14.69 -47.10 9.31
C ALA C 942 -15.28 -47.26 7.90
N TYR C 943 -15.48 -46.17 7.17
CA TYR C 943 -15.98 -46.29 5.81
C TYR C 943 -14.94 -46.88 4.85
N THR C 944 -13.65 -46.70 5.11
CA THR C 944 -12.67 -47.40 4.27
C THR C 944 -12.70 -48.90 4.53
N SER C 945 -12.92 -49.30 5.78
CA SER C 945 -13.11 -50.71 6.09
C SER C 945 -14.36 -51.26 5.42
N SER C 946 -15.44 -50.46 5.40
CA SER C 946 -16.66 -50.89 4.74
C SER C 946 -16.47 -50.99 3.23
N LEU C 947 -15.66 -50.10 2.65
CA LEU C 947 -15.35 -50.18 1.23
C LEU C 947 -14.50 -51.39 0.90
N LEU C 948 -13.62 -51.79 1.83
CA LEU C 948 -12.95 -53.08 1.70
C LEU C 948 -13.96 -54.23 1.74
N GLY C 949 -14.95 -54.12 2.62
CA GLY C 949 -16.00 -55.14 2.69
C GLY C 949 -16.92 -55.15 1.48
N SER C 950 -16.93 -54.08 0.69
CA SER C 950 -17.75 -54.03 -0.51
C SER C 950 -17.26 -55.00 -1.58
N ILE C 951 -15.97 -55.32 -1.58
CA ILE C 951 -15.38 -56.13 -2.63
C ILE C 951 -15.75 -57.61 -2.47
N ALA C 965 -22.46 -61.86 0.54
CA ALA C 965 -22.65 -63.30 0.51
C ALA C 965 -21.46 -63.99 -0.15
N ILE C 966 -21.11 -63.52 -1.34
CA ILE C 966 -19.96 -64.09 -2.06
C ILE C 966 -18.67 -63.60 -1.42
N PRO C 967 -17.74 -64.48 -1.07
CA PRO C 967 -16.50 -64.05 -0.42
C PRO C 967 -15.53 -63.43 -1.42
N PHE C 968 -14.38 -62.99 -0.89
CA PHE C 968 -13.39 -62.29 -1.70
C PHE C 968 -12.77 -63.13 -2.82
N PRO C 969 -12.33 -64.40 -2.62
CA PRO C 969 -11.72 -65.12 -3.75
C PRO C 969 -12.66 -65.38 -4.92
N GLN C 970 -13.92 -65.71 -4.65
CA GLN C 970 -14.87 -65.89 -5.74
C GLN C 970 -15.15 -64.59 -6.46
N SER C 971 -15.18 -63.47 -5.72
CA SER C 971 -15.38 -62.16 -6.35
C SER C 971 -14.22 -61.78 -7.25
N ILE C 972 -12.97 -62.00 -6.79
CA ILE C 972 -11.83 -61.60 -7.61
C ILE C 972 -11.70 -62.54 -8.82
N PHE C 973 -12.06 -63.82 -8.66
CA PHE C 973 -12.12 -64.70 -9.83
C PHE C 973 -13.22 -64.29 -10.81
N TYR C 974 -14.35 -63.79 -10.29
CA TYR C 974 -15.44 -63.33 -11.14
C TYR C 974 -15.00 -62.14 -11.98
N ARG C 975 -14.32 -61.17 -11.36
CA ARG C 975 -13.84 -60.04 -12.16
C ARG C 975 -12.60 -60.38 -12.98
N MET C 976 -11.91 -61.48 -12.65
CA MET C 976 -10.78 -61.94 -13.45
C MET C 976 -11.23 -62.65 -14.71
N ASN C 977 -12.38 -63.32 -14.65
CA ASN C 977 -12.88 -64.04 -15.83
C ASN C 977 -13.24 -63.08 -16.96
N GLY C 978 -13.80 -61.91 -16.62
CA GLY C 978 -14.36 -61.04 -17.63
C GLY C 978 -13.35 -60.32 -18.50
N ILE C 979 -12.08 -60.29 -18.11
CA ILE C 979 -11.08 -59.57 -18.89
C ILE C 979 -10.53 -60.37 -20.05
N GLY C 980 -10.91 -61.63 -20.18
CA GLY C 980 -10.47 -62.44 -21.31
C GLY C 980 -9.67 -63.66 -20.93
N ILE C 981 -9.91 -64.20 -19.74
CA ILE C 981 -9.23 -65.39 -19.25
C ILE C 981 -10.28 -66.48 -19.05
N THR C 982 -10.03 -67.66 -19.62
CA THR C 982 -10.99 -68.75 -19.60
C THR C 982 -11.05 -69.38 -18.22
N GLN C 983 -12.06 -70.24 -18.03
CA GLN C 983 -12.27 -70.89 -16.75
C GLN C 983 -11.20 -71.95 -16.45
N GLN C 984 -10.70 -72.63 -17.49
CA GLN C 984 -9.69 -73.67 -17.29
C GLN C 984 -8.39 -73.09 -16.77
N VAL C 985 -7.95 -71.95 -17.32
CA VAL C 985 -6.71 -71.32 -16.86
C VAL C 985 -6.88 -70.80 -15.44
N LEU C 986 -8.06 -70.29 -15.12
CA LEU C 986 -8.31 -69.77 -13.77
C LEU C 986 -8.34 -70.88 -12.74
N SER C 987 -9.02 -71.99 -13.05
CA SER C 987 -9.14 -73.08 -12.10
C SER C 987 -7.86 -73.89 -11.97
N GLU C 988 -7.07 -73.98 -13.04
CA GLU C 988 -5.85 -74.76 -13.00
C GLU C 988 -4.74 -74.07 -12.23
N ASN C 989 -4.79 -72.74 -12.11
CA ASN C 989 -3.72 -71.96 -11.48
C ASN C 989 -4.27 -71.04 -10.40
N GLN C 990 -5.19 -71.55 -9.56
CA GLN C 990 -5.73 -70.75 -8.48
C GLN C 990 -4.64 -70.38 -7.47
N LYS C 991 -3.73 -71.31 -7.21
CA LYS C 991 -2.59 -71.02 -6.35
C LYS C 991 -1.71 -69.93 -6.95
N LEU C 992 -1.49 -69.98 -8.27
CA LEU C 992 -0.67 -68.95 -8.91
C LEU C 992 -1.32 -67.58 -8.79
N ILE C 993 -2.66 -67.53 -8.89
CA ILE C 993 -3.39 -66.30 -8.61
C ILE C 993 -3.10 -65.81 -7.20
N ALA C 994 -3.11 -66.73 -6.24
CA ALA C 994 -2.93 -66.36 -4.84
C ALA C 994 -1.54 -65.76 -4.58
N ASN C 995 -0.47 -66.47 -4.96
CA ASN C 995 0.87 -65.91 -4.75
C ASN C 995 1.14 -64.67 -5.57
N LYS C 996 0.66 -64.58 -6.82
CA LYS C 996 0.90 -63.34 -7.57
C LYS C 996 0.21 -62.14 -6.93
N PHE C 997 -1.02 -62.34 -6.43
CA PHE C 997 -1.70 -61.26 -5.73
C PHE C 997 -0.99 -60.90 -4.42
N ASN C 998 -0.47 -61.90 -3.70
CA ASN C 998 0.21 -61.60 -2.44
C ASN C 998 1.55 -60.90 -2.65
N GLN C 999 2.30 -61.25 -3.70
CA GLN C 999 3.51 -60.49 -4.02
C GLN C 999 3.17 -59.08 -4.46
N ALA C 1000 2.07 -58.91 -5.21
CA ALA C 1000 1.64 -57.57 -5.58
C ALA C 1000 1.28 -56.73 -4.36
N LEU C 1001 0.61 -57.35 -3.37
CA LEU C 1001 0.29 -56.62 -2.16
C LEU C 1001 1.52 -56.34 -1.32
N GLY C 1002 2.45 -57.29 -1.24
CA GLY C 1002 3.65 -57.12 -0.44
C GLY C 1002 4.66 -56.16 -1.02
N ALA C 1003 4.57 -55.89 -2.33
CA ALA C 1003 5.45 -54.90 -2.94
C ALA C 1003 5.10 -53.47 -2.55
N MET C 1004 3.97 -53.25 -1.87
CA MET C 1004 3.52 -51.90 -1.53
C MET C 1004 4.33 -51.26 -0.40
N GLN C 1005 5.16 -52.03 0.31
CA GLN C 1005 5.95 -51.46 1.40
C GLN C 1005 6.98 -50.46 0.88
N THR C 1006 7.61 -50.76 -0.26
CA THR C 1006 8.61 -49.89 -0.84
C THR C 1006 8.01 -48.85 -1.78
N GLY C 1007 6.68 -48.86 -1.97
CA GLY C 1007 6.05 -47.89 -2.85
C GLY C 1007 5.96 -46.49 -2.29
N PHE C 1008 6.02 -46.34 -0.96
CA PHE C 1008 5.92 -45.04 -0.32
C PHE C 1008 7.30 -44.39 -0.33
N THR C 1009 7.63 -43.81 -1.48
CA THR C 1009 8.94 -43.23 -1.74
C THR C 1009 8.71 -41.93 -2.50
N THR C 1010 9.66 -41.00 -2.40
CA THR C 1010 9.52 -39.71 -3.07
C THR C 1010 9.46 -39.83 -4.59
N THR C 1011 10.12 -40.84 -5.16
CA THR C 1011 10.16 -40.97 -6.61
C THR C 1011 8.83 -41.43 -7.24
N PRO C 1012 7.97 -42.23 -6.58
CA PRO C 1012 6.58 -42.30 -7.04
C PRO C 1012 5.87 -40.96 -6.93
N LEU C 1013 4.91 -40.75 -7.82
CA LEU C 1013 4.22 -39.45 -7.92
C LEU C 1013 3.19 -39.26 -6.81
N ALA C 1014 2.52 -40.33 -6.38
CA ALA C 1014 1.42 -40.18 -5.42
C ALA C 1014 1.91 -39.75 -4.05
N PHE C 1015 3.00 -40.35 -3.57
CA PHE C 1015 3.58 -39.94 -2.30
C PHE C 1015 4.13 -38.51 -2.38
N SER C 1016 4.67 -38.14 -3.53
CA SER C 1016 5.10 -36.76 -3.77
C SER C 1016 3.92 -35.81 -3.70
N LYS C 1017 2.76 -36.23 -4.20
CA LYS C 1017 1.57 -35.38 -4.15
C LYS C 1017 1.04 -35.25 -2.72
N VAL C 1018 1.14 -36.32 -1.94
CA VAL C 1018 0.79 -36.25 -0.51
C VAL C 1018 1.68 -35.25 0.21
N GLN C 1019 2.99 -35.34 -0.05
CA GLN C 1019 3.94 -34.42 0.56
C GLN C 1019 3.70 -32.99 0.10
N ASP C 1020 3.31 -32.81 -1.17
CA ASP C 1020 3.00 -31.47 -1.67
C ASP C 1020 1.75 -30.89 -1.00
N ALA C 1021 0.74 -31.72 -0.76
CA ALA C 1021 -0.45 -31.23 -0.07
C ALA C 1021 -0.14 -30.83 1.37
N VAL C 1022 0.65 -31.66 2.07
CA VAL C 1022 1.05 -31.33 3.44
C VAL C 1022 1.90 -30.05 3.45
N ASN C 1023 2.79 -29.91 2.46
CA ASN C 1023 3.66 -28.75 2.39
C ASN C 1023 2.87 -27.48 2.08
N ALA C 1024 1.81 -27.58 1.27
CA ALA C 1024 0.96 -26.42 1.00
C ALA C 1024 0.17 -26.02 2.23
N ASN C 1025 -0.33 -27.00 2.98
CA ASN C 1025 -1.03 -26.70 4.23
C ASN C 1025 -0.10 -26.05 5.24
N ALA C 1026 1.16 -26.46 5.27
CA ALA C 1026 2.13 -25.80 6.15
C ALA C 1026 2.53 -24.43 5.62
N GLN C 1027 2.58 -24.27 4.29
CA GLN C 1027 3.04 -23.03 3.69
C GLN C 1027 2.04 -21.90 3.88
N ALA C 1028 0.75 -22.22 3.90
CA ALA C 1028 -0.26 -21.19 4.18
C ALA C 1028 -0.05 -20.58 5.56
N LEU C 1029 0.14 -21.44 6.58
CA LEU C 1029 0.40 -20.95 7.92
C LEU C 1029 1.75 -20.26 8.02
N SER C 1030 2.74 -20.73 7.27
CA SER C 1030 4.04 -20.07 7.25
C SER C 1030 3.94 -18.65 6.71
N LYS C 1031 3.21 -18.47 5.62
CA LYS C 1031 3.00 -17.13 5.07
C LYS C 1031 2.23 -16.24 6.04
N LEU C 1032 1.19 -16.80 6.67
CA LEU C 1032 0.40 -16.03 7.62
C LEU C 1032 1.23 -15.58 8.82
N ALA C 1033 2.12 -16.45 9.31
CA ALA C 1033 2.95 -16.08 10.45
C ALA C 1033 4.07 -15.12 10.04
N SER C 1034 4.67 -15.33 8.86
CA SER C 1034 5.82 -14.55 8.45
C SER C 1034 5.45 -13.17 7.93
N GLU C 1035 4.19 -12.96 7.52
CA GLU C 1035 3.82 -11.62 7.08
C GLU C 1035 3.69 -10.63 8.24
N LEU C 1036 3.65 -11.12 9.48
CA LEU C 1036 3.61 -10.24 10.65
C LEU C 1036 4.93 -9.55 10.92
N SER C 1037 6.02 -9.97 10.25
CA SER C 1037 7.32 -9.35 10.43
C SER C 1037 7.61 -8.28 9.39
N ASN C 1038 6.67 -8.00 8.49
CA ASN C 1038 6.86 -6.95 7.51
C ASN C 1038 6.59 -5.59 8.14
N THR C 1039 7.37 -4.59 7.73
CA THR C 1039 7.24 -3.25 8.30
C THR C 1039 6.33 -2.34 7.50
N PHE C 1040 6.14 -2.62 6.20
CA PHE C 1040 5.29 -1.83 5.30
C PHE C 1040 5.74 -0.36 5.26
N GLY C 1041 7.04 -0.14 5.35
CA GLY C 1041 7.59 1.20 5.32
C GLY C 1041 7.71 1.89 6.66
N ALA C 1042 7.23 1.27 7.73
CA ALA C 1042 7.31 1.89 9.05
C ALA C 1042 8.72 1.72 9.62
N ILE C 1043 8.94 2.35 10.79
CA ILE C 1043 10.24 2.25 11.43
C ILE C 1043 10.46 0.87 12.05
N SER C 1044 9.38 0.12 12.30
CA SER C 1044 9.49 -1.21 12.87
C SER C 1044 8.24 -1.99 12.53
N SER C 1045 8.35 -3.31 12.60
CA SER C 1045 7.21 -4.19 12.44
C SER C 1045 6.51 -4.47 13.75
N SER C 1046 7.00 -3.92 14.86
CA SER C 1046 6.42 -4.10 16.18
C SER C 1046 5.72 -2.82 16.61
N ILE C 1047 4.48 -2.95 17.09
CA ILE C 1047 3.76 -1.80 17.59
C ILE C 1047 4.37 -1.30 18.88
N SER C 1048 4.95 -2.21 19.68
CA SER C 1048 5.62 -1.80 20.91
C SER C 1048 6.82 -0.91 20.63
N ASP C 1049 7.57 -1.22 19.56
CA ASP C 1049 8.71 -0.37 19.18
C ASP C 1049 8.24 0.99 18.70
N ILE C 1050 7.13 1.04 17.96
CA ILE C 1050 6.58 2.31 17.48
C ILE C 1050 6.12 3.16 18.66
N LEU C 1051 5.41 2.56 19.62
CA LEU C 1051 4.99 3.30 20.80
C LEU C 1051 6.16 3.69 21.69
N LYS C 1052 7.25 2.93 21.63
CA LYS C 1052 8.44 3.26 22.40
C LYS C 1052 9.25 4.40 21.79
N ARG C 1053 9.29 4.50 20.47
CA ARG C 1053 10.22 5.41 19.81
C ARG C 1053 9.59 6.67 19.25
N LEU C 1054 8.26 6.80 19.24
CA LEU C 1054 7.63 7.86 18.48
C LEU C 1054 6.63 8.65 19.31
N ASP C 1055 6.39 9.88 18.85
CA ASP C 1055 5.37 10.82 19.32
C ASP C 1055 4.01 10.46 18.74
N PRO C 1056 2.92 10.80 19.43
CA PRO C 1056 1.56 10.39 18.99
C PRO C 1056 1.18 10.82 17.57
N PRO C 1057 1.50 12.04 17.08
CA PRO C 1057 1.14 12.34 15.68
C PRO C 1057 1.84 11.44 14.67
N GLU C 1058 3.08 11.04 14.95
CA GLU C 1058 3.77 10.08 14.11
C GLU C 1058 3.46 8.64 14.49
N GLN C 1059 3.09 8.40 15.76
CA GLN C 1059 2.66 7.07 16.16
C GLN C 1059 1.41 6.63 15.39
N GLU C 1060 0.43 7.52 15.29
CA GLU C 1060 -0.80 7.20 14.58
C GLU C 1060 -0.56 7.06 13.09
N ALA C 1061 0.45 7.75 12.55
CA ALA C 1061 0.77 7.63 11.14
C ALA C 1061 1.51 6.33 10.83
N GLN C 1062 2.37 5.88 11.75
CA GLN C 1062 3.18 4.69 11.50
C GLN C 1062 2.48 3.40 11.90
N ILE C 1063 1.52 3.44 12.83
CA ILE C 1063 0.72 2.25 13.11
C ILE C 1063 -0.26 1.98 11.97
N ASP C 1064 -0.72 3.04 11.30
CA ASP C 1064 -1.70 2.89 10.23
C ASP C 1064 -1.13 2.16 9.02
N ARG C 1065 0.16 2.33 8.74
CA ARG C 1065 0.79 1.58 7.66
C ARG C 1065 0.81 0.09 7.96
N LEU C 1066 1.13 -0.27 9.20
CA LEU C 1066 1.08 -1.67 9.62
C LEU C 1066 -0.34 -2.21 9.53
N ILE C 1067 -1.32 -1.40 9.92
CA ILE C 1067 -2.73 -1.82 9.88
C ILE C 1067 -3.16 -2.09 8.46
N ASN C 1068 -2.85 -1.17 7.54
CA ASN C 1068 -3.25 -1.34 6.15
C ASN C 1068 -2.55 -2.51 5.49
N GLY C 1069 -1.25 -2.68 5.76
CA GLY C 1069 -0.52 -3.79 5.19
C GLY C 1069 -1.01 -5.14 5.68
N ARG C 1070 -1.29 -5.25 6.98
CA ARG C 1070 -1.80 -6.51 7.52
C ARG C 1070 -3.22 -6.80 7.04
N LEU C 1071 -4.04 -5.77 6.87
CA LEU C 1071 -5.38 -5.98 6.32
C LEU C 1071 -5.32 -6.45 4.87
N THR C 1072 -4.43 -5.86 4.07
CA THR C 1072 -4.28 -6.29 2.67
C THR C 1072 -3.75 -7.71 2.58
N SER C 1073 -2.78 -8.06 3.45
CA SER C 1073 -2.26 -9.42 3.47
C SER C 1073 -3.32 -10.43 3.92
N LEU C 1074 -4.16 -10.04 4.88
CA LEU C 1074 -5.26 -10.90 5.30
C LEU C 1074 -6.27 -11.09 4.17
N ASN C 1075 -6.54 -10.05 3.38
CA ASN C 1075 -7.44 -10.18 2.24
C ASN C 1075 -6.89 -11.14 1.20
N ALA C 1076 -5.58 -11.03 0.92
CA ALA C 1076 -4.95 -11.97 -0.01
C ALA C 1076 -4.99 -13.40 0.50
N PHE C 1077 -4.77 -13.58 1.81
CA PHE C 1077 -4.86 -14.91 2.41
C PHE C 1077 -6.27 -15.47 2.31
N VAL C 1078 -7.29 -14.62 2.51
CA VAL C 1078 -8.67 -15.06 2.42
C VAL C 1078 -9.01 -15.50 0.99
N ALA C 1079 -8.56 -14.73 0.00
CA ALA C 1079 -8.79 -15.12 -1.39
C ALA C 1079 -8.10 -16.44 -1.73
N GLN C 1080 -6.86 -16.62 -1.25
CA GLN C 1080 -6.14 -17.86 -1.48
C GLN C 1080 -6.84 -19.04 -0.83
N GLN C 1081 -7.38 -18.85 0.39
CA GLN C 1081 -8.10 -19.91 1.06
C GLN C 1081 -9.38 -20.27 0.33
N LEU C 1082 -10.07 -19.27 -0.22
CA LEU C 1082 -11.27 -19.54 -1.01
C LEU C 1082 -10.95 -20.38 -2.25
N VAL C 1083 -9.88 -20.01 -2.95
CA VAL C 1083 -9.47 -20.76 -4.15
C VAL C 1083 -9.09 -22.18 -3.79
N ARG C 1084 -8.32 -22.35 -2.70
CA ARG C 1084 -7.88 -23.68 -2.29
C ARG C 1084 -9.05 -24.55 -1.84
N SER C 1085 -10.02 -23.95 -1.15
CA SER C 1085 -11.19 -24.71 -0.71
C SER C 1085 -12.04 -25.16 -1.90
N GLU C 1086 -12.21 -24.28 -2.89
CA GLU C 1086 -12.96 -24.68 -4.10
C GLU C 1086 -12.24 -25.81 -4.84
N THR C 1087 -10.91 -25.72 -4.95
CA THR C 1087 -10.14 -26.78 -5.61
C THR C 1087 -10.25 -28.09 -4.85
N ALA C 1088 -10.19 -28.03 -3.51
CA ALA C 1088 -10.30 -29.24 -2.71
C ALA C 1088 -11.69 -29.85 -2.79
N ALA C 1089 -12.74 -29.03 -2.90
CA ALA C 1089 -14.08 -29.57 -3.06
C ALA C 1089 -14.25 -30.27 -4.42
N ARG C 1090 -13.72 -29.66 -5.48
CA ARG C 1090 -13.78 -30.32 -6.79
C ARG C 1090 -12.97 -31.62 -6.79
N SER C 1091 -11.81 -31.62 -6.12
CA SER C 1091 -11.02 -32.83 -6.03
C SER C 1091 -11.70 -33.89 -5.17
N ALA C 1092 -12.47 -33.49 -4.17
CA ALA C 1092 -13.23 -34.45 -3.37
C ALA C 1092 -14.35 -35.08 -4.19
N GLN C 1093 -14.99 -34.29 -5.06
CA GLN C 1093 -15.95 -34.85 -5.99
C GLN C 1093 -15.29 -35.85 -6.95
N LEU C 1094 -14.08 -35.52 -7.42
CA LEU C 1094 -13.33 -36.44 -8.27
C LEU C 1094 -12.98 -37.73 -7.52
N ALA C 1095 -12.61 -37.61 -6.25
CA ALA C 1095 -12.29 -38.78 -5.44
C ALA C 1095 -13.51 -39.65 -5.21
N SER C 1096 -14.68 -39.03 -4.99
CA SER C 1096 -15.91 -39.80 -4.83
C SER C 1096 -16.27 -40.54 -6.12
N ASP C 1097 -16.10 -39.88 -7.28
CA ASP C 1097 -16.35 -40.56 -8.54
C ASP C 1097 -15.36 -41.70 -8.77
N LYS C 1098 -14.09 -41.47 -8.40
CA LYS C 1098 -13.06 -42.51 -8.54
C LYS C 1098 -13.36 -43.70 -7.66
N VAL C 1099 -13.84 -43.47 -6.43
CA VAL C 1099 -14.22 -44.56 -5.55
C VAL C 1099 -15.40 -45.34 -6.13
N ASN C 1100 -16.44 -44.61 -6.56
CA ASN C 1100 -17.64 -45.26 -7.09
C ASN C 1100 -17.37 -46.05 -8.37
N GLU C 1101 -16.36 -45.64 -9.15
CA GLU C 1101 -16.05 -46.38 -10.36
C GLU C 1101 -15.04 -47.51 -10.11
N CYS C 1102 -13.85 -47.18 -9.61
CA CYS C 1102 -12.78 -48.17 -9.50
C CYS C 1102 -12.98 -49.12 -8.32
N VAL C 1103 -13.48 -48.63 -7.20
CA VAL C 1103 -13.48 -49.42 -5.97
C VAL C 1103 -14.76 -50.24 -5.82
N LYS C 1104 -15.92 -49.61 -6.03
CA LYS C 1104 -17.19 -50.30 -5.82
C LYS C 1104 -17.54 -51.27 -6.94
N SER C 1105 -16.87 -51.17 -8.08
CA SER C 1105 -17.15 -52.05 -9.21
C SER C 1105 -15.90 -52.13 -10.07
N GLN C 1106 -15.99 -52.86 -11.18
CA GLN C 1106 -14.91 -52.99 -12.14
C GLN C 1106 -15.12 -52.00 -13.27
N SER C 1107 -14.07 -51.28 -13.63
CA SER C 1107 -14.14 -50.25 -14.66
C SER C 1107 -13.57 -50.77 -15.96
N LYS C 1108 -14.33 -50.63 -17.04
CA LYS C 1108 -13.88 -51.01 -18.37
C LYS C 1108 -13.22 -49.87 -19.12
N ARG C 1109 -13.11 -48.69 -18.50
CA ARG C 1109 -12.46 -47.56 -19.16
C ARG C 1109 -10.95 -47.77 -19.23
N ASN C 1110 -10.36 -47.30 -20.32
CA ASN C 1110 -8.93 -47.48 -20.54
C ASN C 1110 -8.15 -46.44 -19.73
N GLY C 1111 -7.37 -46.93 -18.77
CA GLY C 1111 -6.47 -46.05 -18.05
C GLY C 1111 -7.10 -45.14 -17.02
N PHE C 1112 -8.40 -45.31 -16.74
CA PHE C 1112 -9.03 -44.47 -15.73
C PHE C 1112 -8.56 -44.85 -14.33
N CYS C 1113 -8.51 -46.14 -14.03
CA CYS C 1113 -8.03 -46.61 -12.74
C CYS C 1113 -6.53 -46.88 -12.78
N GLY C 1114 -6.06 -47.66 -13.76
CA GLY C 1114 -4.65 -47.96 -13.85
C GLY C 1114 -4.27 -48.36 -15.26
N SER C 1115 -2.98 -48.62 -15.43
CA SER C 1115 -2.46 -49.03 -16.72
C SER C 1115 -2.95 -50.43 -17.08
N GLY C 1116 -3.28 -50.62 -18.36
CA GLY C 1116 -3.81 -51.90 -18.78
C GLY C 1116 -5.24 -52.08 -18.29
N THR C 1117 -5.66 -53.33 -18.28
CA THR C 1117 -6.98 -53.65 -17.73
C THR C 1117 -6.98 -53.52 -16.21
N HIS C 1118 -8.15 -53.27 -15.66
CA HIS C 1118 -8.31 -53.03 -14.24
C HIS C 1118 -9.05 -54.21 -13.62
N ILE C 1119 -8.45 -54.84 -12.62
CA ILE C 1119 -9.08 -55.97 -11.94
C ILE C 1119 -9.83 -55.46 -10.72
N VAL C 1120 -9.10 -54.91 -9.76
CA VAL C 1120 -9.69 -54.48 -8.49
C VAL C 1120 -8.84 -53.33 -7.96
N SER C 1121 -9.40 -52.57 -7.03
CA SER C 1121 -8.68 -51.45 -6.43
C SER C 1121 -9.10 -51.30 -4.98
N PHE C 1122 -8.18 -50.75 -4.17
CA PHE C 1122 -8.41 -50.55 -2.75
C PHE C 1122 -8.11 -49.11 -2.40
N VAL C 1123 -8.89 -48.56 -1.47
CA VAL C 1123 -8.71 -47.19 -1.01
C VAL C 1123 -8.39 -47.18 0.47
N ILE C 1124 -7.49 -46.28 0.88
CA ILE C 1124 -7.12 -46.07 2.27
C ILE C 1124 -7.09 -44.57 2.51
N ASN C 1125 -7.12 -44.20 3.79
CA ASN C 1125 -7.04 -42.79 4.15
C ASN C 1125 -5.62 -42.27 4.00
N ALA C 1126 -5.51 -41.02 3.60
CA ALA C 1126 -4.26 -40.31 3.41
C ALA C 1126 -4.38 -38.97 4.11
N PRO C 1127 -3.25 -38.31 4.45
CA PRO C 1127 -3.33 -36.95 4.97
C PRO C 1127 -3.99 -35.98 3.98
N ASN C 1128 -5.16 -35.47 4.38
CA ASN C 1128 -5.98 -34.56 3.58
C ASN C 1128 -6.34 -35.14 2.21
N GLY C 1129 -6.75 -36.40 2.18
CA GLY C 1129 -7.15 -37.00 0.93
C GLY C 1129 -7.28 -38.50 1.03
N PHE C 1130 -7.50 -39.11 -0.12
CA PHE C 1130 -7.64 -40.56 -0.27
C PHE C 1130 -6.48 -41.11 -1.07
N TYR C 1131 -6.00 -42.29 -0.68
CA TYR C 1131 -4.93 -42.98 -1.38
C TYR C 1131 -5.46 -44.27 -1.98
N PHE C 1132 -5.18 -44.47 -3.27
CA PHE C 1132 -5.72 -45.60 -4.02
C PHE C 1132 -4.61 -46.60 -4.35
N PHE C 1133 -5.01 -47.87 -4.46
CA PHE C 1133 -4.12 -48.96 -4.86
C PHE C 1133 -4.83 -49.73 -5.97
N HIS C 1134 -4.61 -49.31 -7.21
CA HIS C 1134 -5.29 -49.91 -8.36
C HIS C 1134 -4.51 -51.14 -8.82
N VAL C 1135 -5.06 -52.32 -8.56
CA VAL C 1135 -4.46 -53.57 -8.98
C VAL C 1135 -4.90 -53.88 -10.41
N GLY C 1136 -3.93 -54.06 -11.30
CA GLY C 1136 -4.23 -54.34 -12.68
C GLY C 1136 -3.41 -55.51 -13.21
N TYR C 1137 -3.89 -56.07 -14.32
CA TYR C 1137 -3.21 -57.17 -14.98
C TYR C 1137 -2.32 -56.66 -16.10
N VAL C 1138 -1.05 -57.07 -16.07
CA VAL C 1138 -0.07 -56.71 -17.08
C VAL C 1138 0.50 -57.99 -17.69
N PRO C 1139 0.54 -58.12 -19.01
CA PRO C 1139 1.13 -59.32 -19.62
C PRO C 1139 2.64 -59.35 -19.43
N THR C 1140 3.17 -60.58 -19.36
CA THR C 1140 4.61 -60.78 -19.26
C THR C 1140 5.07 -61.91 -20.17
#